data_7FSA
#
_entry.id   7FSA
#
_cell.length_a   208.131
_cell.length_b   112.691
_cell.length_c   189.155
_cell.angle_alpha   90.000
_cell.angle_beta   91.490
_cell.angle_gamma   90.000
#
_symmetry.space_group_name_H-M   'C 1 2 1'
#
loop_
_entity.id
_entity.type
_entity.pdbx_description
1 polymer 'Pyruvate kinase PKLR'
2 non-polymer 1,6-di-O-phosphono-beta-D-fructofuranose
3 non-polymer 'OXALATE ION'
4 non-polymer 'MAGNESIUM ION'
5 non-polymer 'POTASSIUM ION'
6 non-polymer "(1M)-6-[4-(3-aminobenzene-1-sulfonyl)piperazine-1-sulfonyl][1,1'-biphenyl]-3,3',4,4'-tetrol"
7 water water
#
_entity_poly.entity_id   1
_entity_poly.type   'polypeptide(L)'
_entity_poly.pdbx_seq_one_letter_code
;GSMEGPAGYLRRADVAQLTQELGTAFFQQQQLPAAMADTFLEHLCLLDIDSEPVAARSTSIIATIGPASRSVERLKEMIK
AGMNIARLNFSHGSHEYHAESIANVREAVESFAGSPLSYRPVAIALDTKGPGSGPGLSEQDVRDLRFGVEHGVDIVFASF
VRKASDVAAVRAALGPEGHGIKIISKIENHEGVKRFDEILEVSDGIMVARGDLGIEIPAEKVFLAQKMMIGRCNLAGKPV
VCATQMLESMITKPRPTRAETSDVANAVLDGADCIMLSGETAKGNFPVEAVKMQHAIAREAEAAVYHRQLFEELRRAAPL
SRDPTEVTAIGAVEAAFKCCAAAIIVLTTTGRSAQLLSRYRPRAAVIAVTRSAQAARQVHLCRGVFPLLYREPPEAIWAD
DVDRRVQFGIESGKLRGFLRVGDLVIVVTGWRPGSGYTNIMRVLSIS
;
_entity_poly.pdbx_strand_id   A,B,C,D,E,F,G,H
#
# COMPACT_ATOMS: atom_id res chain seq x y z
N ALA A 25 18.01 -3.75 29.33
CA ALA A 25 18.80 -2.53 29.47
C ALA A 25 20.28 -2.80 29.31
N PHE A 26 20.76 -3.95 29.82
CA PHE A 26 22.17 -4.34 29.71
C PHE A 26 22.56 -4.47 28.26
N PHE A 27 21.71 -5.13 27.44
CA PHE A 27 21.98 -5.37 26.02
C PHE A 27 21.72 -4.15 25.11
N GLN A 28 21.31 -3.01 25.66
CA GLN A 28 21.14 -1.79 24.87
C GLN A 28 22.39 -0.88 24.97
N GLN A 29 23.09 -0.94 26.12
CA GLN A 29 24.31 -0.17 26.41
C GLN A 29 25.54 -0.76 25.68
N GLN A 30 26.70 -0.07 25.78
CA GLN A 30 28.01 -0.44 25.22
C GLN A 30 27.95 -1.01 23.79
N GLN A 31 27.07 -0.44 22.94
CA GLN A 31 26.87 -0.85 21.54
C GLN A 31 26.64 -2.35 21.38
N LEU A 32 25.93 -2.98 22.33
CA LEU A 32 25.71 -4.42 22.25
C LEU A 32 24.85 -4.85 21.05
N PRO A 33 23.81 -4.11 20.59
CA PRO A 33 23.13 -4.51 19.33
C PRO A 33 24.12 -4.55 18.14
N ALA A 34 25.04 -3.55 18.04
CA ALA A 34 26.05 -3.52 16.99
C ALA A 34 27.08 -4.65 17.16
N ALA A 35 27.37 -5.03 18.42
CA ALA A 35 28.30 -6.10 18.72
C ALA A 35 27.77 -7.46 18.30
N MET A 36 26.44 -7.66 18.36
CA MET A 36 25.83 -8.94 17.98
C MET A 36 25.58 -9.08 16.46
N ALA A 37 25.92 -8.07 15.65
CA ALA A 37 25.68 -8.13 14.22
C ALA A 37 26.47 -9.21 13.50
N ASP A 38 25.90 -9.76 12.42
CA ASP A 38 26.49 -10.87 11.67
C ASP A 38 27.52 -10.44 10.63
N THR A 39 27.50 -9.17 10.21
CA THR A 39 28.46 -8.64 9.26
C THR A 39 28.99 -7.28 9.78
N PHE A 40 30.15 -6.82 9.29
CA PHE A 40 30.67 -5.53 9.67
C PHE A 40 29.73 -4.40 9.20
N LEU A 41 29.14 -4.55 7.99
CA LEU A 41 28.22 -3.54 7.48
C LEU A 41 27.01 -3.38 8.40
N GLU A 42 26.41 -4.50 8.83
CA GLU A 42 25.28 -4.46 9.76
C GLU A 42 25.70 -3.89 11.13
N HIS A 43 26.94 -4.15 11.56
CA HIS A 43 27.51 -3.61 12.79
C HIS A 43 27.52 -2.09 12.71
N LEU A 44 27.98 -1.51 11.57
CA LEU A 44 27.98 -0.05 11.38
C LEU A 44 26.56 0.50 11.45
N CYS A 45 25.61 -0.13 10.72
CA CYS A 45 24.21 0.29 10.68
C CYS A 45 23.55 0.29 12.07
N LEU A 46 24.03 -0.54 13.00
CA LEU A 46 23.47 -0.63 14.34
C LEU A 46 24.15 0.25 15.39
N LEU A 47 25.19 1.03 15.02
CA LEU A 47 25.84 1.93 15.99
C LEU A 47 24.84 2.99 16.43
N ASP A 48 24.76 3.23 17.75
CA ASP A 48 23.75 4.09 18.33
C ASP A 48 24.37 5.15 19.22
N ILE A 49 24.13 6.44 18.89
CA ILE A 49 24.66 7.53 19.71
C ILE A 49 24.04 7.56 21.14
N ASP A 50 22.88 6.92 21.33
CA ASP A 50 22.22 6.84 22.64
C ASP A 50 22.68 5.63 23.46
N SER A 51 23.52 4.74 22.89
CA SER A 51 24.02 3.58 23.61
C SER A 51 25.26 4.04 24.38
N GLU A 52 25.12 4.18 25.71
CA GLU A 52 26.21 4.71 26.54
C GLU A 52 27.28 3.70 26.88
N PRO A 53 28.55 4.14 26.89
CA PRO A 53 29.62 3.21 27.25
C PRO A 53 29.53 2.86 28.75
N VAL A 54 29.80 1.60 29.09
CA VAL A 54 29.75 1.16 30.48
C VAL A 54 31.11 0.68 30.96
N ALA A 55 31.87 0.02 30.08
CA ALA A 55 33.20 -0.46 30.44
C ALA A 55 34.20 0.67 30.71
N ALA A 56 35.21 0.38 31.51
CA ALA A 56 36.25 1.34 31.82
C ALA A 56 37.08 1.57 30.55
N ARG A 57 37.63 2.79 30.40
CA ARG A 57 38.42 3.14 29.24
C ARG A 57 39.70 2.31 29.20
N SER A 58 39.87 1.54 28.13
CA SER A 58 40.98 0.59 27.97
C SER A 58 42.23 1.14 27.25
N THR A 59 42.09 2.14 26.36
CA THR A 59 43.24 2.68 25.63
C THR A 59 43.95 3.70 26.50
N SER A 60 45.22 3.48 26.84
CA SER A 60 45.95 4.42 27.69
C SER A 60 46.23 5.76 27.04
N ILE A 61 46.27 6.79 27.87
CA ILE A 61 46.56 8.13 27.40
C ILE A 61 47.96 8.53 27.86
N ILE A 62 48.79 8.93 26.90
CA ILE A 62 50.12 9.43 27.19
C ILE A 62 50.06 10.95 27.07
N ALA A 63 50.43 11.68 28.14
CA ALA A 63 50.44 13.13 28.11
C ALA A 63 51.85 13.65 28.22
N THR A 64 52.24 14.57 27.33
CA THR A 64 53.59 15.15 27.38
C THR A 64 53.63 16.23 28.46
N ILE A 65 54.65 16.17 29.33
CA ILE A 65 54.78 17.13 30.41
C ILE A 65 55.61 18.32 29.95
N GLY A 66 55.12 19.52 30.26
CA GLY A 66 55.79 20.76 29.90
C GLY A 66 55.32 21.91 30.78
N PRO A 67 55.60 23.16 30.36
CA PRO A 67 55.17 24.31 31.16
C PRO A 67 53.68 24.36 31.52
N ALA A 68 52.80 23.86 30.64
CA ALA A 68 51.37 23.86 30.91
C ALA A 68 50.90 22.75 31.85
N SER A 69 51.77 21.76 32.13
CA SER A 69 51.36 20.59 32.91
C SER A 69 52.43 20.12 33.90
N ARG A 70 53.25 21.05 34.42
CA ARG A 70 54.33 20.67 35.32
C ARG A 70 54.04 20.79 36.81
N SER A 71 53.12 21.68 37.23
CA SER A 71 52.82 21.82 38.65
C SER A 71 52.13 20.59 39.23
N VAL A 72 52.36 20.32 40.52
CA VAL A 72 51.80 19.17 41.21
C VAL A 72 50.27 19.21 41.18
N GLU A 73 49.69 20.39 41.37
CA GLU A 73 48.23 20.55 41.37
C GLU A 73 47.63 20.28 39.98
N ARG A 74 48.30 20.74 38.92
CA ARG A 74 47.86 20.51 37.54
C ARG A 74 47.97 19.01 37.21
N LEU A 75 49.06 18.37 37.64
CA LEU A 75 49.30 16.94 37.44
C LEU A 75 48.26 16.07 38.15
N LYS A 76 47.76 16.49 39.33
CA LYS A 76 46.71 15.74 40.03
C LYS A 76 45.43 15.75 39.21
N GLU A 77 45.10 16.91 38.60
CA GLU A 77 43.93 17.03 37.75
C GLU A 77 44.07 16.17 36.50
N MET A 78 45.28 16.09 35.93
CA MET A 78 45.52 15.27 34.75
CA MET A 78 45.51 15.27 34.74
C MET A 78 45.42 13.78 35.05
N ILE A 79 45.83 13.36 36.26
CA ILE A 79 45.72 11.97 36.67
C ILE A 79 44.22 11.63 36.80
N LYS A 80 43.43 12.52 37.42
CA LYS A 80 41.99 12.34 37.58
C LYS A 80 41.28 12.33 36.22
N ALA A 81 41.75 13.15 35.27
CA ALA A 81 41.17 13.21 33.93
C ALA A 81 41.47 11.93 33.10
N GLY A 82 42.51 11.18 33.46
CA GLY A 82 42.82 9.93 32.78
C GLY A 82 44.23 9.70 32.29
N MET A 83 45.19 10.59 32.58
CA MET A 83 46.58 10.40 32.14
C MET A 83 47.16 9.13 32.78
N ASN A 84 47.70 8.23 31.95
CA ASN A 84 48.27 6.98 32.45
C ASN A 84 49.79 6.97 32.36
N ILE A 85 50.35 7.68 31.36
CA ILE A 85 51.77 7.73 31.11
C ILE A 85 52.19 9.18 30.91
N ALA A 86 53.23 9.63 31.63
CA ALA A 86 53.76 10.98 31.50
C ALA A 86 54.97 10.91 30.59
N ARG A 87 54.97 11.68 29.50
CA ARG A 87 56.07 11.69 28.54
C ARG A 87 56.98 12.89 28.76
N LEU A 88 58.30 12.66 28.91
CA LEU A 88 59.26 13.77 29.06
C LEU A 88 60.01 13.88 27.76
N ASN A 89 59.83 14.99 27.06
CA ASN A 89 60.47 15.19 25.77
C ASN A 89 61.88 15.75 25.95
N PHE A 90 62.90 14.89 25.80
CA PHE A 90 64.29 15.30 25.98
C PHE A 90 64.85 16.12 24.81
N SER A 91 64.01 16.48 23.81
CA SER A 91 64.44 17.38 22.75
C SER A 91 64.59 18.82 23.30
N HIS A 92 63.92 19.14 24.42
CA HIS A 92 63.96 20.44 25.09
C HIS A 92 64.18 20.25 26.59
N GLY A 93 64.74 21.26 27.24
CA GLY A 93 64.95 21.21 28.69
C GLY A 93 66.20 20.49 29.15
N SER A 94 66.73 20.92 30.29
CA SER A 94 67.91 20.34 30.89
C SER A 94 67.57 19.10 31.74
N HIS A 95 68.59 18.37 32.21
CA HIS A 95 68.40 17.24 33.11
C HIS A 95 67.76 17.70 34.42
N GLU A 96 68.11 18.92 34.89
CA GLU A 96 67.52 19.48 36.12
C GLU A 96 66.02 19.74 35.93
N TYR A 97 65.64 20.24 34.75
CA TYR A 97 64.23 20.52 34.41
C TYR A 97 63.44 19.20 34.43
N HIS A 98 63.95 18.15 33.76
CA HIS A 98 63.28 16.86 33.70
C HIS A 98 63.22 16.14 35.03
N ALA A 99 64.27 16.28 35.88
CA ALA A 99 64.25 15.67 37.21
C ALA A 99 63.15 16.30 38.06
N GLU A 100 62.92 17.61 37.91
CA GLU A 100 61.86 18.29 38.64
C GLU A 100 60.49 17.82 38.14
N SER A 101 60.34 17.61 36.83
CA SER A 101 59.10 17.11 36.23
C SER A 101 58.77 15.72 36.81
N ILE A 102 59.79 14.82 36.87
CA ILE A 102 59.65 13.48 37.42
C ILE A 102 59.21 13.53 38.89
N ALA A 103 59.87 14.38 39.69
CA ALA A 103 59.54 14.54 41.09
C ALA A 103 58.10 15.04 41.28
N ASN A 104 57.67 15.99 40.42
CA ASN A 104 56.30 16.51 40.50
C ASN A 104 55.27 15.46 40.12
N VAL A 105 55.58 14.63 39.10
CA VAL A 105 54.68 13.55 38.69
C VAL A 105 54.53 12.56 39.84
N ARG A 106 55.67 12.12 40.41
CA ARG A 106 55.64 11.18 41.54
C ARG A 106 54.91 11.72 42.76
N GLU A 107 55.07 13.04 43.05
CA GLU A 107 54.36 13.63 44.19
C GLU A 107 52.84 13.62 43.95
N ALA A 108 52.43 13.96 42.72
CA ALA A 108 51.01 13.97 42.36
C ALA A 108 50.43 12.54 42.40
N VAL A 109 51.17 11.55 41.89
CA VAL A 109 50.72 10.15 41.88
C VAL A 109 50.59 9.60 43.30
N GLU A 110 51.61 9.83 44.15
CA GLU A 110 51.59 9.33 45.52
C GLU A 110 50.60 10.05 46.43
N SER A 111 50.06 11.20 46.02
CA SER A 111 49.03 11.87 46.81
C SER A 111 47.73 11.03 46.91
N PHE A 112 47.53 10.05 46.02
CA PHE A 112 46.37 9.16 46.00
C PHE A 112 46.66 7.76 46.60
N ALA A 113 47.89 7.52 47.09
CA ALA A 113 48.30 6.22 47.66
C ALA A 113 47.62 5.84 48.99
N GLY A 114 46.92 6.79 49.61
CA GLY A 114 46.21 6.54 50.86
C GLY A 114 45.07 5.55 50.74
N SER A 115 44.55 5.37 49.53
CA SER A 115 43.48 4.41 49.28
C SER A 115 44.02 3.37 48.28
N PRO A 116 44.62 2.29 48.78
CA PRO A 116 45.22 1.28 47.86
C PRO A 116 44.26 0.61 46.87
N LEU A 117 42.96 0.50 47.22
CA LEU A 117 41.99 -0.10 46.31
C LEU A 117 41.62 0.82 45.12
N SER A 118 42.00 2.11 45.16
CA SER A 118 41.70 3.04 44.06
C SER A 118 42.94 3.73 43.45
N TYR A 119 44.14 3.52 44.07
CA TYR A 119 45.40 4.10 43.61
C TYR A 119 45.69 3.77 42.15
N ARG A 120 46.06 4.81 41.37
CA ARG A 120 46.39 4.62 39.96
C ARG A 120 47.86 4.84 39.67
N PRO A 121 48.57 3.77 39.30
CA PRO A 121 49.98 3.94 38.88
C PRO A 121 50.09 4.80 37.62
N VAL A 122 51.16 5.58 37.48
CA VAL A 122 51.39 6.41 36.30
C VAL A 122 52.81 6.15 35.84
N ALA A 123 52.99 5.68 34.60
CA ALA A 123 54.33 5.42 34.07
C ALA A 123 55.06 6.69 33.67
N ILE A 124 56.38 6.65 33.66
CA ILE A 124 57.19 7.78 33.23
C ILE A 124 58.00 7.33 32.04
N ALA A 125 57.81 8.00 30.91
CA ALA A 125 58.47 7.66 29.66
C ALA A 125 59.44 8.75 29.23
N LEU A 126 60.64 8.37 28.81
CA LEU A 126 61.64 9.32 28.37
C LEU A 126 61.66 9.28 26.84
N ASP A 127 61.38 10.40 26.18
CA ASP A 127 61.41 10.46 24.73
C ASP A 127 62.73 11.11 24.32
N THR A 128 63.60 10.36 23.61
CA THR A 128 64.93 10.85 23.25
C THR A 128 64.94 11.92 22.16
N LYS A 129 66.00 12.75 22.16
CA LYS A 129 66.20 13.81 21.18
C LYS A 129 66.40 13.20 19.79
N GLY A 130 67.15 12.12 19.71
CA GLY A 130 67.37 11.43 18.45
C GLY A 130 68.77 11.54 17.90
N PRO A 131 69.02 10.87 16.77
CA PRO A 131 70.35 10.88 16.18
C PRO A 131 70.75 12.16 15.45
N GLY A 132 69.75 12.95 15.04
CA GLY A 132 69.99 14.16 14.28
C GLY A 132 70.56 13.83 12.91
N SER A 133 71.69 14.45 12.56
CA SER A 133 72.36 14.15 11.29
C SER A 133 73.25 12.88 11.33
N GLY A 134 73.45 12.32 12.52
CA GLY A 134 74.28 11.13 12.71
C GLY A 134 73.66 9.84 12.22
N GLY A 136 73.81 6.85 14.02
CA GLY A 136 73.33 6.03 15.11
C GLY A 136 73.12 6.79 16.39
N LEU A 137 73.32 6.12 17.54
CA LEU A 137 73.11 6.72 18.86
C LEU A 137 74.00 7.93 19.14
N SER A 138 73.38 9.09 19.36
CA SER A 138 74.11 10.32 19.64
C SER A 138 74.69 10.35 21.06
N GLU A 139 75.68 11.23 21.29
CA GLU A 139 76.29 11.35 22.62
C GLU A 139 75.30 11.92 23.63
N GLN A 140 74.40 12.82 23.20
CA GLN A 140 73.40 13.37 24.09
C GLN A 140 72.42 12.28 24.49
N ASP A 141 72.03 11.40 23.55
CA ASP A 141 71.13 10.29 23.86
C ASP A 141 71.74 9.33 24.86
N VAL A 142 73.05 9.07 24.78
CA VAL A 142 73.73 8.20 25.75
C VAL A 142 73.61 8.79 27.16
N ARG A 143 73.81 10.11 27.29
CA ARG A 143 73.70 10.79 28.58
C ARG A 143 72.27 10.85 29.09
N ASP A 144 71.30 11.08 28.20
CA ASP A 144 69.89 11.15 28.58
C ASP A 144 69.36 9.78 28.99
N LEU A 145 69.80 8.72 28.30
CA LEU A 145 69.42 7.34 28.65
C LEU A 145 69.98 6.95 30.00
N ARG A 146 71.22 7.38 30.31
CA ARG A 146 71.82 7.11 31.62
C ARG A 146 71.05 7.88 32.70
N PHE A 147 70.61 9.12 32.41
CA PHE A 147 69.78 9.91 33.33
C PHE A 147 68.47 9.14 33.64
N GLY A 148 67.86 8.57 32.59
CA GLY A 148 66.64 7.79 32.71
C GLY A 148 66.79 6.61 33.65
N VAL A 149 67.88 5.86 33.51
CA VAL A 149 68.16 4.72 34.38
C VAL A 149 68.34 5.19 35.83
N GLU A 150 69.11 6.27 36.03
CA GLU A 150 69.36 6.82 37.37
C GLU A 150 68.09 7.34 38.04
N HIS A 151 67.16 7.87 37.24
CA HIS A 151 65.90 8.38 37.78
C HIS A 151 64.73 7.38 37.75
N GLY A 152 65.00 6.14 37.40
CA GLY A 152 64.01 5.08 37.39
C GLY A 152 62.84 5.21 36.42
N VAL A 153 63.10 5.69 35.19
CA VAL A 153 62.03 5.78 34.19
C VAL A 153 61.56 4.37 33.79
N ASP A 154 60.30 4.24 33.36
CA ASP A 154 59.73 2.94 33.03
C ASP A 154 59.87 2.58 31.56
N ILE A 155 59.81 3.59 30.69
CA ILE A 155 59.79 3.40 29.25
C ILE A 155 60.71 4.39 28.56
N VAL A 156 61.27 4.00 27.43
CA VAL A 156 62.02 4.90 26.56
C VAL A 156 61.30 4.91 25.21
N PHE A 157 60.96 6.10 24.70
CA PHE A 157 60.40 6.26 23.36
C PHE A 157 61.64 6.64 22.55
N ALA A 158 62.22 5.71 21.81
CA ALA A 158 63.45 5.98 21.06
C ALA A 158 63.18 6.64 19.72
N SER A 159 63.63 7.89 19.56
CA SER A 159 63.42 8.65 18.34
C SER A 159 64.19 8.15 17.14
N PHE A 160 63.59 8.29 15.95
CA PHE A 160 64.15 7.95 14.65
C PHE A 160 64.81 6.57 14.56
N VAL A 161 64.10 5.51 14.99
CA VAL A 161 64.64 4.16 14.88
C VAL A 161 64.53 3.75 13.41
N ARG A 162 65.67 3.40 12.79
CA ARG A 162 65.73 3.05 11.37
C ARG A 162 66.02 1.57 11.12
N LYS A 163 66.61 0.87 12.10
CA LYS A 163 67.02 -0.53 11.95
C LYS A 163 67.19 -1.19 13.35
N ALA A 164 67.30 -2.52 13.37
CA ALA A 164 67.45 -3.29 14.60
C ALA A 164 68.66 -2.87 15.45
N SER A 165 69.78 -2.50 14.80
CA SER A 165 70.98 -2.07 15.53
C SER A 165 70.78 -0.76 16.32
N ASP A 166 69.82 0.08 15.90
CA ASP A 166 69.50 1.29 16.66
C ASP A 166 68.90 0.89 18.01
N VAL A 167 68.05 -0.14 18.04
CA VAL A 167 67.42 -0.62 19.26
C VAL A 167 68.47 -1.25 20.18
N ALA A 168 69.39 -2.04 19.60
CA ALA A 168 70.46 -2.68 20.37
C ALA A 168 71.36 -1.62 21.03
N ALA A 169 71.61 -0.50 20.32
CA ALA A 169 72.41 0.59 20.87
C ALA A 169 71.70 1.25 22.04
N VAL A 170 70.38 1.45 21.95
CA VAL A 170 69.61 2.04 23.04
C VAL A 170 69.63 1.11 24.26
N ARG A 171 69.46 -0.19 24.01
CA ARG A 171 69.47 -1.23 25.04
C ARG A 171 70.83 -1.26 25.76
N ALA A 172 71.94 -1.16 25.00
CA ALA A 172 73.28 -1.15 25.56
C ALA A 172 73.52 0.11 26.40
N ALA A 173 73.03 1.26 25.93
CA ALA A 173 73.16 2.53 26.67
C ALA A 173 72.39 2.55 27.98
N LEU A 174 71.34 1.71 28.10
CA LEU A 174 70.59 1.61 29.36
C LEU A 174 71.38 0.79 30.43
N GLY A 175 72.35 -0.03 29.99
CA GLY A 175 73.21 -0.82 30.85
C GLY A 175 72.52 -1.95 31.58
N PRO A 176 73.20 -2.58 32.56
CA PRO A 176 72.57 -3.67 33.31
C PRO A 176 71.49 -3.20 34.30
N GLU A 177 71.61 -1.96 34.80
CA GLU A 177 70.62 -1.40 35.74
C GLU A 177 69.29 -1.00 35.07
N GLY A 178 69.26 -0.95 33.73
CA GLY A 178 68.05 -0.60 32.99
C GLY A 178 67.48 -1.73 32.15
N HIS A 179 67.77 -2.98 32.54
CA HIS A 179 67.31 -4.19 31.85
C HIS A 179 65.77 -4.29 31.75
N GLY A 180 65.09 -3.76 32.77
CA GLY A 180 63.63 -3.80 32.87
C GLY A 180 62.88 -2.69 32.17
N ILE A 181 63.60 -1.68 31.65
CA ILE A 181 62.96 -0.56 30.94
C ILE A 181 62.44 -1.00 29.57
N LYS A 182 61.19 -0.62 29.23
CA LYS A 182 60.61 -0.98 27.94
C LYS A 182 61.10 -0.03 26.86
N ILE A 183 61.51 -0.55 25.71
CA ILE A 183 61.94 0.28 24.60
C ILE A 183 60.84 0.28 23.53
N ILE A 184 60.24 1.45 23.32
CA ILE A 184 59.21 1.64 22.30
C ILE A 184 59.90 2.38 21.16
N SER A 185 60.05 1.73 20.00
CA SER A 185 60.73 2.36 18.87
C SER A 185 59.82 3.32 18.10
N LYS A 186 60.24 4.56 17.93
CA LYS A 186 59.47 5.53 17.15
C LYS A 186 59.82 5.38 15.67
N ILE A 187 58.81 5.12 14.82
CA ILE A 187 59.00 4.99 13.38
C ILE A 187 58.64 6.34 12.79
N GLU A 188 59.65 7.08 12.29
CA GLU A 188 59.47 8.45 11.82
C GLU A 188 59.92 8.71 10.39
N ASN A 189 60.37 7.70 9.66
CA ASN A 189 60.84 7.92 8.29
C ASN A 189 60.63 6.68 7.40
N HIS A 190 60.94 6.81 6.09
CA HIS A 190 60.78 5.74 5.13
C HIS A 190 61.55 4.48 5.51
N GLU A 191 62.81 4.63 5.97
CA GLU A 191 63.62 3.46 6.34
C GLU A 191 63.02 2.69 7.50
N GLY A 192 62.52 3.39 8.50
CA GLY A 192 61.87 2.78 9.65
C GLY A 192 60.65 1.97 9.24
N VAL A 193 59.86 2.49 8.27
CA VAL A 193 58.69 1.78 7.75
C VAL A 193 59.13 0.53 6.97
N LYS A 194 60.11 0.67 6.09
CA LYS A 194 60.59 -0.46 5.28
C LYS A 194 61.26 -1.55 6.09
N ARG A 195 61.98 -1.18 7.14
CA ARG A 195 62.63 -2.15 8.02
C ARG A 195 61.81 -2.42 9.30
N PHE A 196 60.48 -2.19 9.25
CA PHE A 196 59.59 -2.36 10.40
C PHE A 196 59.69 -3.74 11.05
N ASP A 197 59.65 -4.81 10.28
CA ASP A 197 59.69 -6.16 10.84
C ASP A 197 60.92 -6.43 11.70
N GLU A 198 62.11 -6.00 11.25
CA GLU A 198 63.33 -6.22 12.04
C GLU A 198 63.35 -5.34 13.30
N ILE A 199 62.74 -4.15 13.23
CA ILE A 199 62.68 -3.23 14.36
C ILE A 199 61.72 -3.76 15.43
N LEU A 200 60.52 -4.19 15.02
CA LEU A 200 59.51 -4.71 15.94
C LEU A 200 60.03 -5.95 16.67
N GLU A 201 60.73 -6.84 15.95
CA GLU A 201 61.28 -8.07 16.50
C GLU A 201 62.14 -7.84 17.75
N VAL A 202 62.96 -6.77 17.77
CA VAL A 202 63.82 -6.49 18.91
C VAL A 202 63.29 -5.39 19.85
N SER A 203 62.14 -4.79 19.53
CA SER A 203 61.57 -3.74 20.38
C SER A 203 60.49 -4.30 21.28
N ASP A 204 60.17 -3.59 22.36
CA ASP A 204 59.04 -3.98 23.20
C ASP A 204 57.69 -3.52 22.59
N GLY A 205 57.73 -2.49 21.76
CA GLY A 205 56.59 -1.90 21.08
C GLY A 205 56.99 -0.82 20.10
N ILE A 206 55.99 -0.14 19.50
CA ILE A 206 56.21 0.85 18.47
C ILE A 206 55.39 2.12 18.70
N MET A 207 55.91 3.26 18.26
CA MET A 207 55.16 4.50 18.26
C MET A 207 55.09 4.97 16.80
N VAL A 208 53.87 5.24 16.30
CA VAL A 208 53.70 5.78 14.96
C VAL A 208 53.87 7.28 15.18
N ALA A 209 55.09 7.78 14.96
CA ALA A 209 55.41 9.19 15.22
C ALA A 209 55.07 9.97 13.95
N ARG A 210 53.80 10.34 13.83
CA ARG A 210 53.24 10.95 12.63
C ARG A 210 53.76 12.33 12.26
N GLY A 211 54.30 13.09 13.22
CA GLY A 211 54.85 14.41 12.97
C GLY A 211 55.98 14.37 11.96
N ASP A 212 57.08 13.68 12.32
CA ASP A 212 58.20 13.52 11.41
C ASP A 212 57.85 12.61 10.25
N LEU A 213 57.04 11.56 10.48
CA LEU A 213 56.65 10.65 9.39
C LEU A 213 55.94 11.41 8.25
N GLY A 214 55.09 12.36 8.61
CA GLY A 214 54.35 13.18 7.65
C GLY A 214 55.17 14.19 6.88
N ILE A 215 56.44 14.38 7.26
CA ILE A 215 57.41 15.26 6.62
C ILE A 215 58.40 14.40 5.80
N GLU A 216 58.74 13.20 6.30
CA GLU A 216 59.67 12.26 5.66
C GLU A 216 59.04 11.50 4.50
N ILE A 217 57.74 11.22 4.58
CA ILE A 217 57.01 10.56 3.49
C ILE A 217 55.82 11.48 3.10
N PRO A 218 55.20 11.30 1.91
CA PRO A 218 54.05 12.17 1.55
C PRO A 218 52.95 12.12 2.63
N ALA A 219 52.39 13.29 2.99
CA ALA A 219 51.36 13.39 4.03
C ALA A 219 50.17 12.47 3.79
N GLU A 220 49.79 12.30 2.52
CA GLU A 220 48.67 11.45 2.13
C GLU A 220 48.95 9.93 2.28
N LYS A 221 50.17 9.53 2.66
CA LYS A 221 50.51 8.12 2.85
C LYS A 221 50.64 7.74 4.34
N VAL A 222 50.62 8.70 5.26
CA VAL A 222 50.80 8.42 6.68
C VAL A 222 49.75 7.44 7.22
N PHE A 223 48.47 7.58 6.80
CA PHE A 223 47.43 6.68 7.28
C PHE A 223 47.72 5.21 6.92
N LEU A 224 48.37 4.97 5.75
CA LEU A 224 48.72 3.60 5.33
C LEU A 224 49.78 3.02 6.27
N ALA A 225 50.80 3.83 6.60
CA ALA A 225 51.87 3.41 7.50
C ALA A 225 51.29 3.17 8.90
N GLN A 226 50.40 4.06 9.38
CA GLN A 226 49.78 3.90 10.69
C GLN A 226 48.97 2.61 10.77
N LYS A 227 48.08 2.36 9.78
CA LYS A 227 47.23 1.18 9.79
C LYS A 227 48.04 -0.12 9.66
N MET A 228 49.10 -0.09 8.85
CA MET A 228 49.97 -1.26 8.66
C MET A 228 50.70 -1.59 9.97
N MET A 229 51.32 -0.58 10.60
CA MET A 229 52.08 -0.79 11.82
C MET A 229 51.22 -1.21 12.97
N ILE A 230 50.01 -0.65 13.08
CA ILE A 230 49.08 -1.05 14.14
C ILE A 230 48.67 -2.52 13.93
N GLY A 231 48.35 -2.89 12.70
CA GLY A 231 47.98 -4.27 12.37
C GLY A 231 49.10 -5.26 12.70
N ARG A 232 50.35 -4.92 12.33
CA ARG A 232 51.49 -5.80 12.60
C ARG A 232 51.79 -5.90 14.09
N CYS A 233 51.60 -4.81 14.85
CA CYS A 233 51.83 -4.85 16.30
C CYS A 233 50.75 -5.68 16.96
N ASN A 234 49.48 -5.57 16.49
CA ASN A 234 48.38 -6.37 17.02
C ASN A 234 48.66 -7.86 16.74
N LEU A 235 49.18 -8.17 15.55
CA LEU A 235 49.53 -9.53 15.16
CA LEU A 235 49.54 -9.53 15.15
C LEU A 235 50.64 -10.08 16.07
N ALA A 236 51.67 -9.27 16.33
CA ALA A 236 52.79 -9.65 17.19
C ALA A 236 52.48 -9.64 18.69
N GLY A 237 51.36 -9.05 19.09
CA GLY A 237 51.00 -8.94 20.50
C GLY A 237 51.86 -7.95 21.23
N LYS A 238 52.34 -6.90 20.54
CA LYS A 238 53.19 -5.88 21.16
C LYS A 238 52.51 -4.51 21.13
N PRO A 239 52.69 -3.69 22.19
CA PRO A 239 52.02 -2.38 22.21
C PRO A 239 52.36 -1.42 21.07
N VAL A 240 51.35 -0.68 20.60
CA VAL A 240 51.53 0.32 19.56
C VAL A 240 50.86 1.62 19.99
N VAL A 241 51.59 2.73 19.86
CA VAL A 241 51.10 4.05 20.24
C VAL A 241 50.81 4.88 18.98
N CYS A 242 49.65 5.56 18.94
CA CYS A 242 49.39 6.50 17.86
C CYS A 242 49.71 7.88 18.44
N ALA A 243 50.52 8.65 17.72
CA ALA A 243 50.96 9.94 18.25
C ALA A 243 50.91 11.08 17.24
N THR A 244 50.84 12.33 17.78
CA THR A 244 51.02 13.64 17.13
C THR A 244 49.84 14.20 16.37
N GLN A 245 49.46 15.44 16.79
CA GLN A 245 48.41 16.27 16.23
C GLN A 245 47.02 15.65 16.31
N MET A 246 46.80 14.72 17.27
CA MET A 246 45.51 14.08 17.44
C MET A 246 44.42 15.08 17.83
N LEU A 247 44.74 16.05 18.71
CA LEU A 247 43.80 17.10 19.13
C LEU A 247 44.51 18.47 19.03
N GLU A 248 45.34 18.67 18.00
CA GLU A 248 46.17 19.84 17.79
C GLU A 248 45.50 21.20 18.07
N SER A 249 44.30 21.44 17.54
CA SER A 249 43.59 22.71 17.73
C SER A 249 43.30 23.02 19.21
N MET A 250 43.26 22.00 20.08
CA MET A 250 43.04 22.21 21.51
C MET A 250 44.25 22.88 22.21
N ILE A 251 45.34 23.17 21.49
CA ILE A 251 46.46 23.93 22.05
C ILE A 251 45.94 25.37 22.37
N THR A 252 45.05 25.92 21.51
CA THR A 252 44.50 27.26 21.74
C THR A 252 42.98 27.27 21.94
N LYS A 253 42.25 26.23 21.46
CA LYS A 253 40.80 26.21 21.56
C LYS A 253 40.26 25.20 22.57
N PRO A 254 39.15 25.52 23.27
CA PRO A 254 38.62 24.57 24.28
C PRO A 254 37.96 23.29 23.71
N ARG A 255 37.61 23.31 22.42
CA ARG A 255 36.97 22.17 21.77
C ARG A 255 37.76 21.80 20.52
N PRO A 256 37.87 20.49 20.22
CA PRO A 256 38.62 20.08 19.02
C PRO A 256 37.79 20.15 17.74
N THR A 257 38.44 19.97 16.59
CA THR A 257 37.73 19.97 15.31
C THR A 257 37.07 18.57 15.09
N ARG A 258 36.20 18.47 14.07
CA ARG A 258 35.54 17.22 13.73
C ARG A 258 36.55 16.18 13.21
N ALA A 259 37.61 16.63 12.53
CA ALA A 259 38.65 15.70 12.05
C ALA A 259 39.47 15.14 13.23
N GLU A 260 39.69 15.95 14.27
CA GLU A 260 40.45 15.55 15.44
C GLU A 260 39.75 14.48 16.27
N THR A 261 38.44 14.62 16.53
CA THR A 261 37.71 13.60 17.28
C THR A 261 37.67 12.29 16.47
N SER A 262 37.49 12.41 15.15
CA SER A 262 37.48 11.26 14.26
C SER A 262 38.85 10.54 14.29
N ASP A 263 39.94 11.31 14.26
CA ASP A 263 41.29 10.75 14.31
C ASP A 263 41.53 9.93 15.58
N VAL A 264 41.09 10.44 16.74
CA VAL A 264 41.25 9.71 17.99
C VAL A 264 40.43 8.41 17.96
N ALA A 265 39.17 8.52 17.53
CA ALA A 265 38.29 7.35 17.45
C ALA A 265 38.84 6.30 16.50
N ASN A 266 39.35 6.73 15.33
CA ASN A 266 39.89 5.81 14.33
C ASN A 266 41.20 5.18 14.75
N ALA A 267 42.01 5.86 15.58
CA ALA A 267 43.25 5.24 16.07
C ALA A 267 42.87 4.06 16.99
N VAL A 268 41.83 4.22 17.82
CA VAL A 268 41.33 3.15 18.70
C VAL A 268 40.74 2.02 17.85
N LEU A 269 39.90 2.36 16.85
CA LEU A 269 39.31 1.35 15.96
C LEU A 269 40.35 0.62 15.11
N ASP A 270 41.47 1.29 14.78
CA ASP A 270 42.59 0.68 14.05
C ASP A 270 43.23 -0.44 14.89
N GLY A 271 43.26 -0.25 16.21
CA GLY A 271 43.82 -1.21 17.16
C GLY A 271 44.94 -0.67 18.03
N ALA A 272 45.09 0.67 18.12
CA ALA A 272 46.15 1.27 18.94
C ALA A 272 45.97 0.95 20.42
N ASP A 273 47.06 0.60 21.09
CA ASP A 273 47.04 0.34 22.54
C ASP A 273 47.01 1.66 23.31
N CYS A 274 47.73 2.68 22.80
CA CYS A 274 47.84 3.98 23.45
C CYS A 274 47.61 5.09 22.44
N ILE A 275 47.11 6.22 22.95
CA ILE A 275 46.97 7.46 22.19
C ILE A 275 47.77 8.54 22.94
N MET A 276 48.29 9.53 22.21
CA MET A 276 49.18 10.51 22.82
C MET A 276 48.78 11.96 22.58
N LEU A 277 49.19 12.81 23.51
CA LEU A 277 49.07 14.26 23.46
C LEU A 277 50.47 14.84 23.60
N SER A 278 50.83 15.80 22.72
CA SER A 278 52.14 16.44 22.76
C SER A 278 51.98 17.92 23.18
N GLY A 279 51.92 18.86 22.23
CA GLY A 279 51.72 20.27 22.52
C GLY A 279 50.43 20.53 23.28
N GLU A 280 49.39 19.70 23.05
CA GLU A 280 48.09 19.81 23.70
C GLU A 280 48.21 19.82 25.22
N THR A 281 49.16 19.05 25.78
CA THR A 281 49.35 19.01 27.23
C THR A 281 50.64 19.70 27.67
N ALA A 282 51.68 19.71 26.82
CA ALA A 282 52.95 20.29 27.17
C ALA A 282 52.92 21.82 27.22
N LYS A 283 52.27 22.46 26.25
CA LYS A 283 52.28 23.93 26.20
C LYS A 283 50.92 24.60 25.97
N GLY A 284 49.89 23.81 25.71
CA GLY A 284 48.58 24.37 25.40
C GLY A 284 47.80 24.97 26.55
N ASN A 285 46.73 25.71 26.23
CA ASN A 285 45.89 26.35 27.23
C ASN A 285 44.86 25.42 27.87
N PHE A 286 44.66 24.22 27.31
CA PHE A 286 43.65 23.29 27.85
C PHE A 286 44.22 21.87 28.05
N PRO A 287 45.32 21.69 28.83
CA PRO A 287 45.89 20.34 28.98
C PRO A 287 44.94 19.32 29.61
N VAL A 288 44.20 19.72 30.66
CA VAL A 288 43.26 18.82 31.33
C VAL A 288 42.09 18.47 30.41
N GLU A 289 41.57 19.47 29.69
CA GLU A 289 40.45 19.26 28.77
C GLU A 289 40.85 18.34 27.61
N ALA A 290 42.11 18.41 27.15
CA ALA A 290 42.61 17.55 26.08
C ALA A 290 42.64 16.10 26.54
N VAL A 291 43.05 15.86 27.80
CA VAL A 291 43.07 14.51 28.36
C VAL A 291 41.63 14.01 28.51
N LYS A 292 40.71 14.87 28.99
CA LYS A 292 39.30 14.50 29.15
C LYS A 292 38.66 14.16 27.81
N MET A 293 39.02 14.89 26.74
CA MET A 293 38.48 14.65 25.41
C MET A 293 38.96 13.30 24.86
N GLN A 294 40.27 12.97 25.01
CA GLN A 294 40.79 11.68 24.56
C GLN A 294 40.12 10.55 25.35
N HIS A 295 39.89 10.76 26.67
CA HIS A 295 39.23 9.75 27.48
C HIS A 295 37.79 9.50 26.97
N ALA A 296 37.03 10.58 26.73
CA ALA A 296 35.64 10.48 26.30
C ALA A 296 35.52 9.77 24.94
N ILE A 297 36.38 10.14 23.97
CA ILE A 297 36.35 9.52 22.65
C ILE A 297 36.76 8.06 22.71
N ALA A 298 37.88 7.75 23.41
CA ALA A 298 38.35 6.37 23.51
C ALA A 298 37.30 5.42 24.06
N ARG A 299 36.56 5.85 25.10
CA ARG A 299 35.51 5.04 25.69
C ARG A 299 34.41 4.73 24.66
N GLU A 300 33.99 5.75 23.89
CA GLU A 300 32.97 5.57 22.86
C GLU A 300 33.46 4.62 21.77
N ALA A 301 34.72 4.80 21.33
CA ALA A 301 35.30 4.00 20.25
C ALA A 301 35.54 2.57 20.64
N GLU A 302 35.90 2.31 21.90
CA GLU A 302 36.13 0.95 22.38
C GLU A 302 34.84 0.12 22.37
N ALA A 303 33.72 0.74 22.71
CA ALA A 303 32.43 0.06 22.66
C ALA A 303 32.01 -0.25 21.21
N ALA A 304 32.45 0.57 20.25
CA ALA A 304 32.15 0.41 18.82
C ALA A 304 33.07 -0.60 18.12
N VAL A 305 34.01 -1.24 18.84
CA VAL A 305 34.89 -2.25 18.27
C VAL A 305 34.05 -3.49 17.91
N TYR A 306 34.25 -4.06 16.72
CA TYR A 306 33.52 -5.24 16.27
C TYR A 306 34.27 -6.49 16.74
N HIS A 307 34.12 -6.85 18.03
CA HIS A 307 34.82 -7.99 18.63
C HIS A 307 34.57 -9.32 17.94
N ARG A 308 33.38 -9.54 17.38
CA ARG A 308 33.06 -10.79 16.69
C ARG A 308 34.09 -11.14 15.60
N GLN A 309 34.43 -10.17 14.73
CA GLN A 309 35.43 -10.43 13.71
C GLN A 309 36.85 -10.26 14.23
N LEU A 310 37.08 -9.23 15.06
CA LEU A 310 38.41 -8.97 15.60
C LEU A 310 38.98 -10.18 16.38
N PHE A 311 38.20 -10.75 17.32
CA PHE A 311 38.66 -11.90 18.08
C PHE A 311 38.90 -13.09 17.18
N GLU A 312 37.98 -13.35 16.22
CA GLU A 312 38.13 -14.44 15.28
C GLU A 312 39.43 -14.33 14.48
N GLU A 313 39.76 -13.12 14.01
CA GLU A 313 40.97 -12.92 13.24
C GLU A 313 42.23 -12.98 14.08
N LEU A 314 42.21 -12.43 15.30
CA LEU A 314 43.37 -12.48 16.19
C LEU A 314 43.66 -13.93 16.58
N ARG A 315 42.59 -14.69 16.89
CA ARG A 315 42.66 -16.09 17.22
C ARG A 315 43.26 -16.90 16.07
N ARG A 316 42.74 -16.72 14.87
CA ARG A 316 43.17 -17.44 13.68
C ARG A 316 44.61 -17.10 13.26
N ALA A 317 45.00 -15.83 13.39
CA ALA A 317 46.34 -15.40 13.00
C ALA A 317 47.42 -15.73 14.02
N ALA A 318 47.07 -15.83 15.30
CA ALA A 318 48.05 -16.15 16.33
C ALA A 318 48.49 -17.59 16.16
N PRO A 319 49.80 -17.84 16.10
CA PRO A 319 50.26 -19.21 15.85
C PRO A 319 49.99 -20.16 16.99
N LEU A 320 50.03 -21.46 16.68
CA LEU A 320 49.88 -22.50 17.70
C LEU A 320 51.08 -22.39 18.67
N SER A 321 50.84 -22.66 19.95
CA SER A 321 51.90 -22.49 20.94
C SER A 321 51.91 -23.57 21.95
N ARG A 322 53.10 -23.91 22.44
CA ARG A 322 53.22 -24.87 23.53
CA ARG A 322 53.22 -24.88 23.53
C ARG A 322 53.61 -24.19 24.86
N ASP A 323 53.54 -22.84 24.92
CA ASP A 323 53.84 -22.06 26.10
C ASP A 323 52.55 -22.02 26.92
N PRO A 324 52.58 -22.53 28.17
CA PRO A 324 51.33 -22.55 28.96
C PRO A 324 50.70 -21.20 29.26
N THR A 325 51.49 -20.11 29.33
CA THR A 325 50.92 -18.78 29.56
C THR A 325 50.06 -18.39 28.34
N GLU A 326 50.59 -18.63 27.13
CA GLU A 326 49.90 -18.34 25.85
C GLU A 326 48.62 -19.20 25.72
N VAL A 327 48.72 -20.49 26.07
CA VAL A 327 47.59 -21.41 26.00
C VAL A 327 46.49 -21.03 27.01
N THR A 328 46.89 -20.68 28.24
CA THR A 328 45.94 -20.27 29.26
C THR A 328 45.27 -18.97 28.85
N ALA A 329 46.03 -18.02 28.27
CA ALA A 329 45.49 -16.72 27.87
C ALA A 329 44.34 -16.84 26.86
N ILE A 330 44.50 -17.67 25.81
CA ILE A 330 43.44 -17.80 24.81
C ILE A 330 42.23 -18.52 25.42
N GLY A 331 42.48 -19.52 26.27
CA GLY A 331 41.41 -20.22 26.96
C GLY A 331 40.60 -19.30 27.86
N ALA A 332 41.29 -18.38 28.58
CA ALA A 332 40.66 -17.41 29.46
C ALA A 332 39.85 -16.37 28.69
N VAL A 333 40.36 -15.86 27.56
CA VAL A 333 39.63 -14.86 26.77
C VAL A 333 38.37 -15.51 26.14
N GLU A 334 38.50 -16.76 25.68
CA GLU A 334 37.37 -17.49 25.11
C GLU A 334 36.30 -17.70 26.19
N ALA A 335 36.72 -18.10 27.40
CA ALA A 335 35.81 -18.29 28.53
C ALA A 335 35.12 -16.98 28.92
N ALA A 336 35.87 -15.86 28.91
CA ALA A 336 35.31 -14.55 29.23
C ALA A 336 34.19 -14.16 28.24
N PHE A 337 34.40 -14.37 26.93
CA PHE A 337 33.37 -14.05 25.94
C PHE A 337 32.13 -14.96 26.10
N LYS A 338 32.33 -16.23 26.46
CA LYS A 338 31.25 -17.19 26.63
C LYS A 338 30.25 -16.79 27.71
N CYS A 339 30.74 -16.21 28.82
CA CYS A 339 29.86 -15.84 29.92
C CYS A 339 29.65 -14.36 30.09
N CYS A 340 30.15 -13.50 29.16
CA CYS A 340 30.09 -12.04 29.29
C CYS A 340 30.75 -11.63 30.62
N ALA A 341 31.92 -12.22 30.92
CA ALA A 341 32.64 -11.94 32.17
C ALA A 341 32.92 -10.46 32.31
N ALA A 342 32.72 -9.92 33.51
CA ALA A 342 32.97 -8.51 33.76
C ALA A 342 34.48 -8.21 33.73
N ALA A 343 35.31 -9.19 34.14
CA ALA A 343 36.75 -9.00 34.17
C ALA A 343 37.51 -10.33 34.12
N ILE A 344 38.80 -10.25 33.75
CA ILE A 344 39.74 -11.33 33.82
C ILE A 344 40.78 -10.83 34.84
N ILE A 345 40.84 -11.45 36.02
CA ILE A 345 41.79 -11.06 37.04
C ILE A 345 43.02 -11.92 36.88
N VAL A 346 44.18 -11.32 36.68
CA VAL A 346 45.42 -12.06 36.48
C VAL A 346 46.51 -11.63 37.46
N LEU A 347 47.28 -12.61 37.98
CA LEU A 347 48.41 -12.31 38.87
C LEU A 347 49.63 -12.28 37.98
N THR A 348 50.41 -11.21 38.06
CA THR A 348 51.58 -11.07 37.20
C THR A 348 52.76 -10.42 37.92
N THR A 349 53.97 -10.91 37.66
CA THR A 349 55.16 -10.36 38.26
C THR A 349 55.78 -9.33 37.31
N THR A 350 55.91 -9.68 36.02
CA THR A 350 56.51 -8.81 35.01
C THR A 350 55.50 -8.08 34.12
N GLY A 351 54.24 -8.48 34.18
CA GLY A 351 53.20 -7.94 33.31
C GLY A 351 52.91 -8.85 32.12
N ARG A 352 53.79 -9.84 31.83
CA ARG A 352 53.65 -10.72 30.67
C ARG A 352 52.32 -11.50 30.58
N SER A 353 51.82 -12.09 31.68
CA SER A 353 50.54 -12.83 31.63
C SER A 353 49.38 -11.91 31.25
N ALA A 354 49.42 -10.63 31.69
CA ALA A 354 48.39 -9.65 31.33
C ALA A 354 48.50 -9.23 29.85
N GLN A 355 49.74 -9.09 29.35
CA GLN A 355 49.99 -8.73 27.95
C GLN A 355 49.45 -9.81 27.00
N LEU A 356 49.63 -11.10 27.35
CA LEU A 356 49.15 -12.19 26.52
C LEU A 356 47.62 -12.29 26.52
N LEU A 357 46.95 -11.80 27.58
CA LEU A 357 45.49 -11.74 27.60
C LEU A 357 45.05 -10.56 26.70
N SER A 358 45.71 -9.40 26.85
CA SER A 358 45.44 -8.16 26.12
C SER A 358 45.53 -8.32 24.59
N ARG A 359 46.43 -9.18 24.12
CA ARG A 359 46.64 -9.39 22.69
C ARG A 359 45.39 -9.94 21.97
N TYR A 360 44.50 -10.63 22.71
CA TYR A 360 43.27 -11.17 22.13
C TYR A 360 42.09 -10.19 22.19
N ARG A 361 42.33 -8.96 22.68
CA ARG A 361 41.36 -7.90 22.81
C ARG A 361 40.04 -8.32 23.44
N PRO A 362 40.07 -8.87 24.67
CA PRO A 362 38.80 -9.22 25.33
C PRO A 362 37.97 -7.97 25.61
N ARG A 363 36.65 -8.13 25.65
CA ARG A 363 35.77 -7.03 26.07
C ARG A 363 35.91 -6.88 27.61
N ALA A 364 36.11 -8.00 28.33
CA ALA A 364 36.31 -8.01 29.78
C ALA A 364 37.60 -7.25 30.12
N ALA A 365 37.54 -6.41 31.17
CA ALA A 365 38.71 -5.69 31.63
C ALA A 365 39.75 -6.68 32.16
N VAL A 366 41.03 -6.47 31.89
CA VAL A 366 42.07 -7.34 32.42
C VAL A 366 42.63 -6.65 33.66
N ILE A 367 42.24 -7.12 34.85
CA ILE A 367 42.69 -6.54 36.11
C ILE A 367 43.97 -7.27 36.51
N ALA A 368 45.11 -6.59 36.39
CA ALA A 368 46.39 -7.21 36.69
C ALA A 368 46.88 -6.87 38.10
N VAL A 369 46.87 -7.86 39.00
CA VAL A 369 47.35 -7.69 40.38
C VAL A 369 48.85 -7.99 40.42
N THR A 370 49.67 -7.01 40.81
CA THR A 370 51.13 -7.20 40.87
C THR A 370 51.73 -6.53 42.08
N ARG A 371 52.84 -7.08 42.57
CA ARG A 371 53.63 -6.46 43.66
C ARG A 371 54.69 -5.51 43.08
N SER A 372 55.04 -5.65 41.79
CA SER A 372 56.04 -4.81 41.16
C SER A 372 55.46 -3.46 40.77
N ALA A 373 55.93 -2.38 41.41
CA ALA A 373 55.47 -1.02 41.09
C ALA A 373 55.82 -0.68 39.64
N GLN A 374 57.00 -1.12 39.15
CA GLN A 374 57.39 -0.86 37.78
C GLN A 374 56.49 -1.61 36.77
N ALA A 375 56.18 -2.90 37.02
CA ALA A 375 55.29 -3.65 36.12
C ALA A 375 53.90 -3.01 36.10
N ALA A 376 53.42 -2.52 37.24
CA ALA A 376 52.13 -1.85 37.32
C ALA A 376 52.11 -0.60 36.43
N ARG A 377 53.22 0.17 36.40
CA ARG A 377 53.29 1.35 35.55
C ARG A 377 53.41 0.95 34.08
N GLN A 378 54.26 -0.03 33.75
CA GLN A 378 54.50 -0.46 32.38
C GLN A 378 53.32 -1.12 31.67
N VAL A 379 52.43 -1.85 32.38
CA VAL A 379 51.32 -2.51 31.70
C VAL A 379 50.27 -1.55 31.16
N HIS A 380 50.40 -0.24 31.45
CA HIS A 380 49.55 0.77 30.82
C HIS A 380 49.79 0.77 29.29
N LEU A 381 50.94 0.25 28.81
CA LEU A 381 51.21 0.16 27.39
C LEU A 381 50.25 -0.82 26.67
N CYS A 382 49.67 -1.80 27.41
CA CYS A 382 48.81 -2.83 26.83
C CYS A 382 47.34 -2.50 26.99
N ARG A 383 46.60 -2.43 25.85
CA ARG A 383 45.18 -2.08 25.93
C ARG A 383 44.37 -2.98 26.82
N GLY A 384 43.51 -2.39 27.63
CA GLY A 384 42.59 -3.13 28.47
C GLY A 384 43.18 -3.71 29.73
N VAL A 385 44.42 -3.36 30.08
CA VAL A 385 45.03 -3.83 31.31
C VAL A 385 44.95 -2.73 32.35
N PHE A 386 44.31 -3.04 33.48
CA PHE A 386 44.11 -2.15 34.62
C PHE A 386 45.00 -2.64 35.76
N PRO A 387 46.15 -1.97 35.97
CA PRO A 387 47.08 -2.43 37.00
C PRO A 387 46.67 -2.08 38.42
N LEU A 388 46.82 -3.04 39.32
CA LEU A 388 46.54 -2.86 40.73
C LEU A 388 47.82 -3.20 41.47
N LEU A 389 48.38 -2.21 42.20
CA LEU A 389 49.61 -2.45 42.95
C LEU A 389 49.28 -3.05 44.32
N TYR A 390 49.65 -4.33 44.53
CA TYR A 390 49.38 -5.07 45.74
C TYR A 390 50.33 -4.68 46.88
N ARG A 391 49.77 -4.05 47.93
CA ARG A 391 50.56 -3.62 49.09
C ARG A 391 50.00 -4.16 50.43
N GLU A 392 49.22 -5.24 50.38
CA GLU A 392 48.66 -5.83 51.59
CA GLU A 392 48.66 -5.85 51.58
C GLU A 392 49.67 -6.79 52.22
N PRO A 393 49.56 -7.04 53.56
CA PRO A 393 50.52 -7.95 54.20
C PRO A 393 50.55 -9.34 53.56
N PRO A 394 51.72 -9.98 53.56
CA PRO A 394 51.80 -11.32 52.97
C PRO A 394 51.13 -12.40 53.83
N GLU A 395 50.82 -13.53 53.20
CA GLU A 395 50.28 -14.72 53.85
C GLU A 395 51.42 -15.74 53.93
N ALA A 396 51.43 -16.56 54.99
CA ALA A 396 52.48 -17.56 55.19
C ALA A 396 52.38 -18.70 54.17
N ILE A 397 51.15 -19.14 53.87
CA ILE A 397 50.95 -20.21 52.88
C ILE A 397 50.77 -19.58 51.50
N TRP A 398 51.64 -19.94 50.53
CA TRP A 398 51.57 -19.38 49.17
C TRP A 398 50.18 -19.46 48.53
N ALA A 399 49.48 -20.60 48.63
CA ALA A 399 48.14 -20.74 48.07
C ALA A 399 47.15 -19.73 48.70
N ASP A 400 47.31 -19.41 49.99
CA ASP A 400 46.49 -18.39 50.67
C ASP A 400 46.86 -16.98 50.17
N ASP A 401 48.14 -16.76 49.87
CA ASP A 401 48.63 -15.46 49.42
C ASP A 401 48.07 -15.15 48.02
N VAL A 402 48.00 -16.19 47.15
CA VAL A 402 47.47 -16.11 45.79
C VAL A 402 45.99 -15.76 45.88
N ASP A 403 45.24 -16.47 46.75
CA ASP A 403 43.80 -16.26 46.95
CA ASP A 403 43.80 -16.25 46.95
C ASP A 403 43.51 -14.85 47.45
N ARG A 404 44.37 -14.35 48.34
CA ARG A 404 44.20 -13.00 48.89
C ARG A 404 44.43 -11.95 47.78
N ARG A 405 45.40 -12.20 46.89
CA ARG A 405 45.64 -11.28 45.77
C ARG A 405 44.43 -11.27 44.81
N VAL A 406 43.79 -12.43 44.61
CA VAL A 406 42.60 -12.55 43.78
C VAL A 406 41.43 -11.77 44.44
N GLN A 407 41.24 -11.95 45.77
CA GLN A 407 40.21 -11.21 46.51
C GLN A 407 40.47 -9.71 46.48
N PHE A 408 41.74 -9.29 46.46
CA PHE A 408 42.09 -7.89 46.37
C PHE A 408 41.63 -7.34 44.99
N GLY A 409 41.82 -8.13 43.92
CA GLY A 409 41.41 -7.76 42.56
C GLY A 409 39.90 -7.55 42.51
N ILE A 410 39.16 -8.45 43.17
CA ILE A 410 37.70 -8.39 43.27
C ILE A 410 37.22 -7.16 44.07
N GLU A 411 37.78 -6.92 45.26
CA GLU A 411 37.38 -5.74 46.06
C GLU A 411 37.72 -4.43 45.34
N SER A 412 38.92 -4.32 44.73
CA SER A 412 39.27 -3.13 43.96
C SER A 412 38.31 -2.95 42.76
N GLY A 413 37.93 -4.06 42.13
CA GLY A 413 37.00 -4.06 41.01
C GLY A 413 35.61 -3.60 41.41
N LYS A 414 35.15 -4.00 42.61
CA LYS A 414 33.84 -3.58 43.11
C LYS A 414 33.86 -2.08 43.40
N LEU A 415 34.91 -1.60 44.10
CA LEU A 415 35.05 -0.19 44.43
C LEU A 415 35.11 0.70 43.18
N ARG A 416 35.84 0.26 42.15
CA ARG A 416 36.01 1.05 40.93
C ARG A 416 34.87 0.92 39.92
N GLY A 417 33.88 0.07 40.18
CA GLY A 417 32.74 -0.08 39.29
C GLY A 417 32.86 -1.17 38.23
N PHE A 418 33.97 -1.91 38.21
CA PHE A 418 34.19 -2.99 37.25
C PHE A 418 33.29 -4.18 37.53
N LEU A 419 33.08 -4.49 38.81
CA LEU A 419 32.38 -5.70 39.24
C LEU A 419 31.26 -5.44 40.20
N ARG A 420 30.28 -6.34 40.18
CA ARG A 420 29.13 -6.32 41.06
C ARG A 420 28.85 -7.76 41.47
N VAL A 421 28.14 -7.94 42.59
CA VAL A 421 27.73 -9.26 43.09
C VAL A 421 26.86 -9.94 42.01
N GLY A 422 27.15 -11.19 41.71
CA GLY A 422 26.43 -11.89 40.65
C GLY A 422 27.20 -11.98 39.36
N ASP A 423 28.21 -11.12 39.16
CA ASP A 423 29.04 -11.16 37.94
C ASP A 423 29.90 -12.42 37.91
N LEU A 424 30.34 -12.82 36.72
CA LEU A 424 31.29 -13.91 36.58
C LEU A 424 32.64 -13.27 36.23
N VAL A 425 33.71 -13.82 36.76
CA VAL A 425 35.06 -13.38 36.45
C VAL A 425 35.89 -14.60 36.09
N ILE A 426 36.90 -14.39 35.27
CA ILE A 426 37.85 -15.41 34.93
C ILE A 426 39.11 -15.05 35.72
N VAL A 427 39.70 -16.02 36.42
CA VAL A 427 40.89 -15.77 37.23
C VAL A 427 42.05 -16.57 36.66
N VAL A 428 43.16 -15.88 36.36
CA VAL A 428 44.34 -16.48 35.77
C VAL A 428 45.51 -16.45 36.76
N THR A 429 45.99 -17.63 37.15
CA THR A 429 47.11 -17.81 38.11
C THR A 429 48.12 -18.89 37.57
N GLY A 430 49.17 -19.17 38.34
CA GLY A 430 50.18 -20.17 38.06
C GLY A 430 50.27 -21.24 39.12
N TRP A 431 51.08 -22.27 38.87
CA TRP A 431 51.19 -23.41 39.76
C TRP A 431 52.31 -23.28 40.83
N ARG A 432 53.21 -22.31 40.68
CA ARG A 432 54.31 -22.08 41.62
C ARG A 432 54.75 -20.60 41.61
N PRO A 433 55.44 -20.09 42.65
CA PRO A 433 55.86 -18.67 42.63
C PRO A 433 56.91 -18.33 41.57
N GLY A 434 57.05 -17.04 41.28
CA GLY A 434 57.98 -16.57 40.27
C GLY A 434 57.32 -16.47 38.91
N SER A 435 57.86 -15.60 38.06
CA SER A 435 57.36 -15.36 36.71
C SER A 435 57.51 -16.58 35.79
N GLY A 436 56.61 -16.70 34.81
CA GLY A 436 56.70 -17.75 33.80
C GLY A 436 55.92 -19.03 34.03
N TYR A 437 55.17 -19.12 35.13
CA TYR A 437 54.45 -20.35 35.44
C TYR A 437 52.94 -20.24 35.37
N THR A 438 52.38 -19.20 34.71
CA THR A 438 50.91 -19.09 34.56
C THR A 438 50.40 -20.31 33.77
N ASN A 439 49.41 -21.01 34.32
CA ASN A 439 48.87 -22.20 33.66
C ASN A 439 47.44 -22.54 34.10
N ILE A 440 46.78 -21.67 34.87
CA ILE A 440 45.45 -21.98 35.41
C ILE A 440 44.43 -20.90 35.09
N MET A 441 43.24 -21.33 34.68
CA MET A 441 42.14 -20.43 34.45
CA MET A 441 42.11 -20.47 34.39
C MET A 441 40.94 -20.97 35.25
N ARG A 442 40.28 -20.08 36.00
CA ARG A 442 39.17 -20.47 36.87
C ARG A 442 37.96 -19.57 36.62
N VAL A 443 36.76 -20.13 36.72
CA VAL A 443 35.53 -19.37 36.57
C VAL A 443 34.97 -19.13 37.96
N LEU A 444 34.86 -17.86 38.35
CA LEU A 444 34.41 -17.50 39.70
C LEU A 444 33.18 -16.61 39.66
N SER A 445 32.24 -16.87 40.57
CA SER A 445 31.04 -16.04 40.73
C SER A 445 31.35 -15.00 41.81
N ILE A 446 31.06 -13.73 41.55
CA ILE A 446 31.32 -12.66 42.52
C ILE A 446 30.31 -12.65 43.65
N SER A 447 30.86 -12.79 44.88
CA SER A 447 30.25 -12.78 46.20
C SER A 447 29.32 -13.96 46.46
N ARG B 12 51.06 -20.46 6.83
CA ARG B 12 52.32 -21.09 7.23
C ARG B 12 52.87 -20.49 8.52
N ALA B 13 52.71 -19.17 8.72
CA ALA B 13 53.21 -18.49 9.92
C ALA B 13 52.49 -18.95 11.20
N ASP B 14 51.21 -19.33 11.08
CA ASP B 14 50.43 -19.82 12.22
C ASP B 14 50.84 -21.25 12.67
N VAL B 15 51.63 -21.98 11.85
CA VAL B 15 52.08 -23.32 12.22
C VAL B 15 53.61 -23.49 12.12
N ALA B 16 54.36 -22.44 11.74
CA ALA B 16 55.81 -22.52 11.52
C ALA B 16 56.64 -22.91 12.75
N GLN B 17 56.39 -22.28 13.91
CA GLN B 17 57.13 -22.60 15.11
C GLN B 17 56.79 -24.03 15.56
N LEU B 18 55.51 -24.40 15.52
CA LEU B 18 55.11 -25.75 15.90
C LEU B 18 55.58 -26.83 14.93
N THR B 19 55.81 -26.47 13.64
CA THR B 19 56.32 -27.41 12.64
C THR B 19 57.79 -27.71 12.92
N GLN B 20 58.56 -26.69 13.32
CA GLN B 20 59.97 -26.89 13.64
C GLN B 20 60.10 -27.75 14.90
N GLU B 21 59.24 -27.50 15.90
CA GLU B 21 59.25 -28.24 17.16
C GLU B 21 58.75 -29.70 17.05
N LEU B 22 57.54 -29.90 16.51
CA LEU B 22 56.94 -31.24 16.40
C LEU B 22 57.39 -32.02 15.14
N GLY B 23 57.88 -31.31 14.14
CA GLY B 23 58.38 -31.93 12.91
C GLY B 23 57.37 -31.99 11.79
N THR B 24 57.85 -32.13 10.54
CA THR B 24 56.99 -32.21 9.37
C THR B 24 56.23 -33.53 9.35
N ALA B 25 56.82 -34.63 9.84
CA ALA B 25 56.12 -35.92 9.87
C ALA B 25 54.86 -35.85 10.71
N PHE B 26 54.89 -35.10 11.83
CA PHE B 26 53.74 -34.92 12.70
C PHE B 26 52.59 -34.26 11.93
N PHE B 27 52.91 -33.20 11.16
CA PHE B 27 51.92 -32.43 10.42
C PHE B 27 51.50 -33.07 9.10
N GLN B 28 52.02 -34.26 8.75
CA GLN B 28 51.57 -34.96 7.56
C GLN B 28 50.49 -36.00 7.92
N GLN B 29 50.53 -36.55 9.17
CA GLN B 29 49.60 -37.55 9.68
C GLN B 29 48.26 -36.93 10.07
N GLN B 30 47.28 -37.77 10.44
CA GLN B 30 45.92 -37.41 10.91
C GLN B 30 45.25 -36.29 10.07
N GLN B 31 45.46 -36.29 8.76
CA GLN B 31 44.91 -35.31 7.83
C GLN B 31 45.17 -33.86 8.26
N LEU B 32 46.34 -33.59 8.86
CA LEU B 32 46.65 -32.25 9.33
C LEU B 32 46.76 -31.23 8.19
N PRO B 33 47.30 -31.51 6.98
CA PRO B 33 47.25 -30.50 5.92
C PRO B 33 45.80 -30.13 5.57
N ALA B 34 44.88 -31.11 5.52
CA ALA B 34 43.47 -30.85 5.26
C ALA B 34 42.81 -30.08 6.41
N ALA B 35 43.27 -30.33 7.65
CA ALA B 35 42.74 -29.66 8.83
C ALA B 35 43.13 -28.18 8.85
N MET B 36 44.30 -27.83 8.31
CA MET B 36 44.74 -26.44 8.30
C MET B 36 44.22 -25.62 7.12
N ALA B 37 43.39 -26.21 6.25
CA ALA B 37 42.87 -25.52 5.09
C ALA B 37 41.95 -24.37 5.45
N ASP B 38 41.94 -23.32 4.62
CA ASP B 38 41.14 -22.12 4.86
C ASP B 38 39.70 -22.22 4.41
N THR B 39 39.38 -23.16 3.52
CA THR B 39 38.00 -23.39 3.06
C THR B 39 37.68 -24.90 3.09
N PHE B 40 36.39 -25.26 3.12
CA PHE B 40 35.98 -26.67 3.11
C PHE B 40 36.41 -27.32 1.78
N LEU B 41 36.30 -26.58 0.64
CA LEU B 41 36.71 -27.10 -0.66
C LEU B 41 38.21 -27.46 -0.65
N GLU B 42 39.06 -26.57 -0.13
CA GLU B 42 40.50 -26.83 -0.04
C GLU B 42 40.77 -27.99 0.93
N HIS B 43 39.97 -28.12 2.00
CA HIS B 43 40.06 -29.22 2.95
C HIS B 43 39.86 -30.55 2.21
N LEU B 44 38.83 -30.64 1.34
CA LEU B 44 38.58 -31.85 0.56
C LEU B 44 39.76 -32.16 -0.36
N CYS B 45 40.24 -31.13 -1.10
CA CYS B 45 41.37 -31.27 -2.03
C CYS B 45 42.64 -31.76 -1.34
N LEU B 46 42.80 -31.50 -0.04
CA LEU B 46 43.99 -31.90 0.70
C LEU B 46 43.86 -33.23 1.43
N LEU B 47 42.70 -33.92 1.36
CA LEU B 47 42.56 -35.24 2.00
C LEU B 47 43.53 -36.22 1.33
N ASP B 48 44.24 -37.00 2.13
CA ASP B 48 45.31 -37.85 1.63
C ASP B 48 45.17 -39.28 2.14
N ILE B 49 45.07 -40.26 1.23
CA ILE B 49 44.99 -41.67 1.61
C ILE B 49 46.28 -42.17 2.33
N ASP B 50 47.42 -41.48 2.11
CA ASP B 50 48.68 -41.84 2.77
C ASP B 50 48.85 -41.17 4.16
N SER B 51 47.91 -40.29 4.56
CA SER B 51 47.98 -39.64 5.85
C SER B 51 47.29 -40.55 6.87
N GLU B 52 48.07 -41.23 7.69
CA GLU B 52 47.57 -42.22 8.63
C GLU B 52 46.94 -41.64 9.90
N PRO B 53 45.85 -42.24 10.36
CA PRO B 53 45.24 -41.77 11.63
C PRO B 53 46.16 -42.07 12.82
N VAL B 54 46.26 -41.17 13.77
CA VAL B 54 47.12 -41.33 14.95
C VAL B 54 46.26 -41.40 16.23
N ALA B 55 45.20 -40.58 16.30
CA ALA B 55 44.34 -40.53 17.48
C ALA B 55 43.55 -41.80 17.70
N ALA B 56 43.21 -42.09 18.99
CA ALA B 56 42.35 -43.20 19.37
C ALA B 56 40.94 -42.94 18.79
N ARG B 57 40.24 -44.02 18.48
CA ARG B 57 38.93 -43.94 17.86
C ARG B 57 37.93 -43.35 18.83
N SER B 58 37.31 -42.25 18.43
CA SER B 58 36.40 -41.52 19.30
C SER B 58 34.91 -41.86 19.16
N THR B 59 34.45 -42.34 18.00
CA THR B 59 33.03 -42.70 17.82
C THR B 59 32.79 -44.08 18.38
N SER B 60 31.91 -44.23 19.37
CA SER B 60 31.65 -45.52 19.98
C SER B 60 30.94 -46.50 19.06
N ILE B 61 31.23 -47.78 19.24
CA ILE B 61 30.60 -48.84 18.47
C ILE B 61 29.63 -49.59 19.32
N ILE B 62 28.38 -49.66 18.87
CA ILE B 62 27.35 -50.42 19.55
C ILE B 62 27.19 -51.73 18.77
N ALA B 63 27.36 -52.87 19.45
CA ALA B 63 27.19 -54.16 18.79
C ALA B 63 25.99 -54.87 19.38
N THR B 64 25.09 -55.38 18.53
CA THR B 64 23.93 -56.12 18.99
C THR B 64 24.37 -57.55 19.34
N ILE B 65 23.96 -58.02 20.52
CA ILE B 65 24.34 -59.35 20.97
C ILE B 65 23.29 -60.36 20.52
N GLY B 66 23.77 -61.48 19.99
CA GLY B 66 22.90 -62.56 19.55
C GLY B 66 23.65 -63.88 19.48
N PRO B 67 23.10 -64.87 18.77
CA PRO B 67 23.78 -66.17 18.65
C PRO B 67 25.22 -66.13 18.13
N ALA B 68 25.55 -65.17 17.24
CA ALA B 68 26.91 -65.08 16.72
C ALA B 68 27.88 -64.37 17.66
N SER B 69 27.39 -63.74 18.72
CA SER B 69 28.26 -62.94 19.60
C SER B 69 27.91 -63.10 21.09
N ARG B 70 27.43 -64.27 21.48
CA ARG B 70 26.96 -64.49 22.85
C ARG B 70 27.96 -65.14 23.77
N SER B 71 28.85 -66.00 23.25
CA SER B 71 29.82 -66.69 24.08
C SER B 71 30.83 -65.73 24.70
N VAL B 72 31.33 -66.08 25.88
CA VAL B 72 32.28 -65.26 26.62
C VAL B 72 33.56 -65.05 25.82
N GLU B 73 34.04 -66.10 25.15
CA GLU B 73 35.27 -66.03 24.35
C GLU B 73 35.09 -65.10 23.13
N ARG B 74 33.92 -65.15 22.47
CA ARG B 74 33.62 -64.32 21.32
C ARG B 74 33.49 -62.85 21.79
N LEU B 75 32.84 -62.63 22.94
CA LEU B 75 32.68 -61.30 23.52
C LEU B 75 34.02 -60.66 23.90
N LYS B 76 35.01 -61.46 24.35
CA LYS B 76 36.33 -60.92 24.66
C LYS B 76 37.00 -60.40 23.39
N GLU B 77 36.83 -61.13 22.26
CA GLU B 77 37.39 -60.70 20.99
C GLU B 77 36.69 -59.42 20.49
N MET B 78 35.37 -59.30 20.72
CA MET B 78 34.63 -58.11 20.30
CA MET B 78 34.63 -58.11 20.30
C MET B 78 35.02 -56.89 21.13
N ILE B 79 35.34 -57.08 22.43
CA ILE B 79 35.79 -55.99 23.27
C ILE B 79 37.17 -55.52 22.76
N LYS B 80 38.06 -56.47 22.44
CA LYS B 80 39.39 -56.17 21.90
C LYS B 80 39.31 -55.48 20.52
N ALA B 81 38.32 -55.86 19.70
CA ALA B 81 38.09 -55.27 18.38
C ALA B 81 37.54 -53.82 18.46
N GLY B 82 36.96 -53.45 19.61
CA GLY B 82 36.45 -52.10 19.80
C GLY B 82 35.00 -51.90 20.24
N MET B 83 34.25 -52.97 20.54
CA MET B 83 32.87 -52.82 21.01
C MET B 83 32.83 -52.04 22.34
N ASN B 84 32.05 -50.96 22.39
CA ASN B 84 31.94 -50.14 23.60
C ASN B 84 30.60 -50.31 24.30
N ILE B 85 29.54 -50.62 23.53
CA ILE B 85 28.17 -50.78 24.04
C ILE B 85 27.58 -52.06 23.48
N ALA B 86 27.01 -52.91 24.36
CA ALA B 86 26.37 -54.16 23.94
C ALA B 86 24.88 -53.90 23.92
N ARG B 87 24.23 -54.15 22.78
CA ARG B 87 22.80 -53.92 22.63
C ARG B 87 22.02 -55.22 22.75
N LEU B 88 21.01 -55.25 23.62
CA LEU B 88 20.14 -56.42 23.78
C LEU B 88 18.82 -56.08 23.11
N ASN B 89 18.47 -56.79 22.04
CA ASN B 89 17.23 -56.49 21.32
C ASN B 89 16.07 -57.27 21.93
N PHE B 90 15.22 -56.60 22.71
CA PHE B 90 14.10 -57.26 23.36
C PHE B 90 12.92 -57.57 22.43
N SER B 91 13.07 -57.33 21.11
CA SER B 91 12.05 -57.76 20.14
C SER B 91 12.08 -59.29 20.00
N HIS B 92 13.20 -59.95 20.36
CA HIS B 92 13.38 -61.40 20.29
C HIS B 92 14.00 -61.91 21.60
N GLY B 93 13.81 -63.19 21.91
CA GLY B 93 14.40 -63.79 23.10
C GLY B 93 13.65 -63.54 24.40
N SER B 94 13.76 -64.48 25.32
CA SER B 94 13.11 -64.39 26.62
C SER B 94 13.98 -63.59 27.62
N HIS B 95 13.42 -63.29 28.80
CA HIS B 95 14.16 -62.64 29.87
C HIS B 95 15.35 -63.52 30.30
N GLU B 96 15.18 -64.85 30.29
CA GLU B 96 16.25 -65.77 30.66
C GLU B 96 17.40 -65.70 29.64
N TYR B 97 17.07 -65.59 28.36
CA TYR B 97 18.05 -65.49 27.28
C TYR B 97 18.87 -64.20 27.46
N HIS B 98 18.19 -63.07 27.68
CA HIS B 98 18.86 -61.77 27.86
C HIS B 98 19.67 -61.69 29.14
N ALA B 99 19.22 -62.33 30.24
CA ALA B 99 19.98 -62.35 31.49
C ALA B 99 21.29 -63.11 31.29
N GLU B 100 21.27 -64.18 30.49
CA GLU B 100 22.48 -64.94 30.20
C GLU B 100 23.44 -64.12 29.33
N SER B 101 22.90 -63.35 28.36
CA SER B 101 23.71 -62.47 27.52
C SER B 101 24.42 -61.42 28.37
N ILE B 102 23.68 -60.79 29.32
CA ILE B 102 24.22 -59.80 30.25
C ILE B 102 25.34 -60.41 31.08
N ALA B 103 25.11 -61.61 31.65
CA ALA B 103 26.12 -62.29 32.47
C ALA B 103 27.37 -62.61 31.66
N ASN B 104 27.21 -63.03 30.40
CA ASN B 104 28.35 -63.32 29.53
C ASN B 104 29.14 -62.06 29.17
N VAL B 105 28.43 -60.93 28.94
CA VAL B 105 29.10 -59.65 28.65
C VAL B 105 29.90 -59.24 29.87
N ARG B 106 29.28 -59.25 31.07
CA ARG B 106 29.98 -58.90 32.31
C ARG B 106 31.17 -59.80 32.60
N GLU B 107 31.06 -61.11 32.33
CA GLU B 107 32.20 -62.01 32.55
C GLU B 107 33.36 -61.66 31.61
N ALA B 108 33.05 -61.38 30.33
CA ALA B 108 34.07 -60.99 29.35
C ALA B 108 34.71 -59.64 29.73
N VAL B 109 33.90 -58.66 30.15
CA VAL B 109 34.39 -57.34 30.55
C VAL B 109 35.29 -57.43 31.79
N GLU B 110 34.85 -58.17 32.82
CA GLU B 110 35.63 -58.29 34.05
C GLU B 110 36.88 -59.14 33.90
N SER B 111 37.03 -59.89 32.80
CA SER B 111 38.26 -60.65 32.57
C SER B 111 39.48 -59.73 32.36
N PHE B 112 39.26 -58.44 32.03
CA PHE B 112 40.33 -57.47 31.82
C PHE B 112 40.52 -56.50 33.03
N ALA B 113 39.74 -56.67 34.12
CA ALA B 113 39.74 -55.77 35.29
C ALA B 113 41.00 -55.76 36.13
N GLY B 114 41.88 -56.74 35.91
CA GLY B 114 43.11 -56.88 36.67
C GLY B 114 44.04 -55.70 36.56
N SER B 115 43.97 -55.00 35.42
CA SER B 115 44.79 -53.82 35.23
C SER B 115 43.89 -52.61 35.08
N PRO B 116 43.67 -51.91 36.21
CA PRO B 116 42.82 -50.70 36.19
C PRO B 116 43.30 -49.60 35.22
N LEU B 117 44.59 -49.59 34.89
CA LEU B 117 45.12 -48.62 33.95
C LEU B 117 44.68 -48.91 32.50
N SER B 118 44.26 -50.15 32.18
CA SER B 118 43.85 -50.52 30.82
C SER B 118 42.39 -51.02 30.64
N TYR B 119 41.77 -51.69 31.66
CA TYR B 119 40.37 -52.21 31.70
C TYR B 119 39.44 -51.39 30.79
N ARG B 120 38.49 -52.02 30.13
CA ARG B 120 37.58 -51.28 29.25
C ARG B 120 36.16 -51.41 29.66
N PRO B 121 35.55 -50.36 30.22
CA PRO B 121 34.11 -50.46 30.57
C PRO B 121 33.26 -50.68 29.32
N VAL B 122 32.20 -51.48 29.41
CA VAL B 122 31.31 -51.74 28.28
C VAL B 122 29.90 -51.52 28.79
N ALA B 123 29.16 -50.59 28.16
CA ALA B 123 27.79 -50.32 28.57
C ALA B 123 26.83 -51.41 28.08
N ILE B 124 25.72 -51.58 28.77
CA ILE B 124 24.69 -52.54 28.37
C ILE B 124 23.43 -51.76 28.11
N ALA B 125 22.92 -51.86 26.87
CA ALA B 125 21.75 -51.12 26.44
C ALA B 125 20.59 -52.06 26.13
N LEU B 126 19.40 -51.73 26.60
CA LEU B 126 18.22 -52.54 26.37
C LEU B 126 17.40 -51.86 25.29
N ASP B 127 17.18 -52.54 24.17
CA ASP B 127 16.39 -51.97 23.08
C ASP B 127 14.97 -52.57 23.17
N THR B 128 13.96 -51.74 23.43
CA THR B 128 12.60 -52.23 23.63
C THR B 128 11.90 -52.72 22.35
N LYS B 129 10.92 -53.61 22.54
CA LYS B 129 10.11 -54.18 21.46
C LYS B 129 9.27 -53.08 20.80
N GLY B 130 8.71 -52.19 21.61
CA GLY B 130 7.94 -51.07 21.09
C GLY B 130 6.45 -51.16 21.34
N PRO B 131 5.73 -50.11 20.93
CA PRO B 131 4.28 -50.07 21.18
C PRO B 131 3.42 -50.97 20.30
N GLY B 132 3.94 -51.36 19.14
CA GLY B 132 3.19 -52.16 18.18
C GLY B 132 2.05 -51.34 17.62
N SER B 133 0.83 -51.90 17.64
CA SER B 133 -0.35 -51.16 17.17
C SER B 133 -0.94 -50.21 18.24
N GLY B 134 -0.42 -50.27 19.48
CA GLY B 134 -0.90 -49.45 20.58
C GLY B 134 -0.49 -47.99 20.51
N PRO B 135 -1.19 -47.14 21.28
CA PRO B 135 -0.87 -45.70 21.26
C PRO B 135 0.32 -45.27 22.12
N GLY B 136 0.67 -46.06 23.12
CA GLY B 136 1.76 -45.73 24.02
C GLY B 136 2.52 -46.93 24.54
N LEU B 137 3.02 -46.85 25.78
CA LEU B 137 3.81 -47.92 26.39
C LEU B 137 3.05 -49.24 26.52
N SER B 138 3.58 -50.28 25.87
CA SER B 138 2.97 -51.61 25.90
C SER B 138 3.23 -52.33 27.23
N GLU B 139 2.42 -53.36 27.54
CA GLU B 139 2.58 -54.12 28.78
C GLU B 139 3.88 -54.92 28.76
N GLN B 140 4.31 -55.41 27.59
CA GLN B 140 5.57 -56.13 27.48
C GLN B 140 6.74 -55.18 27.75
N ASP B 141 6.66 -53.93 27.24
CA ASP B 141 7.71 -52.94 27.50
C ASP B 141 7.81 -52.61 28.97
N VAL B 142 6.69 -52.54 29.70
CA VAL B 142 6.72 -52.28 31.15
C VAL B 142 7.51 -53.39 31.87
N ARG B 143 7.26 -54.65 31.48
CA ARG B 143 7.96 -55.78 32.07
C ARG B 143 9.44 -55.84 31.70
N ASP B 144 9.77 -55.52 30.43
CA ASP B 144 11.15 -55.52 29.95
C ASP B 144 11.94 -54.38 30.59
N LEU B 145 11.31 -53.22 30.79
CA LEU B 145 11.96 -52.08 31.44
C LEU B 145 12.23 -52.39 32.91
N ARG B 146 11.30 -53.10 33.59
CA ARG B 146 11.53 -53.51 34.97
C ARG B 146 12.67 -54.52 35.04
N PHE B 147 12.78 -55.43 34.04
CA PHE B 147 13.88 -56.40 33.95
C PHE B 147 15.21 -55.63 33.83
N GLY B 148 15.23 -54.58 33.02
CA GLY B 148 16.41 -53.74 32.82
C GLY B 148 16.90 -53.10 34.10
N VAL B 149 15.98 -52.55 34.90
CA VAL B 149 16.32 -51.95 36.18
C VAL B 149 16.87 -53.00 37.14
N GLU B 150 16.22 -54.17 37.20
CA GLU B 150 16.66 -55.27 38.08
C GLU B 150 18.02 -55.82 37.68
N HIS B 151 18.33 -55.81 36.38
CA HIS B 151 19.62 -56.31 35.91
C HIS B 151 20.70 -55.23 35.72
N GLY B 152 20.42 -54.01 36.17
CA GLY B 152 21.37 -52.90 36.14
C GLY B 152 21.83 -52.43 34.76
N VAL B 153 20.93 -52.38 33.78
CA VAL B 153 21.30 -51.87 32.44
C VAL B 153 21.64 -50.38 32.53
N ASP B 154 22.51 -49.91 31.64
CA ASP B 154 22.95 -48.52 31.65
C ASP B 154 22.10 -47.61 30.81
N ILE B 155 21.57 -48.15 29.70
CA ILE B 155 20.85 -47.36 28.69
C ILE B 155 19.61 -48.09 28.22
N VAL B 156 18.59 -47.33 27.83
CA VAL B 156 17.42 -47.89 27.19
C VAL B 156 17.32 -47.21 25.81
N PHE B 157 17.23 -48.01 24.74
CA PHE B 157 16.98 -47.50 23.40
C PHE B 157 15.46 -47.69 23.28
N ALA B 158 14.68 -46.62 23.42
CA ALA B 158 13.21 -46.73 23.40
C ALA B 158 12.67 -46.70 21.98
N SER B 159 12.07 -47.82 21.55
CA SER B 159 11.51 -47.95 20.20
C SER B 159 10.29 -47.09 19.95
N PHE B 160 10.16 -46.62 18.70
CA PHE B 160 9.03 -45.84 18.19
C PHE B 160 8.58 -44.67 19.08
N VAL B 161 9.52 -43.80 19.49
CA VAL B 161 9.16 -42.63 20.27
C VAL B 161 8.51 -41.62 19.31
N ARG B 162 7.28 -41.21 19.60
CA ARG B 162 6.52 -40.29 18.73
C ARG B 162 6.26 -38.93 19.34
N LYS B 163 6.40 -38.80 20.67
CA LYS B 163 6.12 -37.56 21.39
C LYS B 163 6.78 -37.58 22.79
N ALA B 164 6.84 -36.41 23.45
CA ALA B 164 7.45 -36.28 24.78
C ALA B 164 6.82 -37.21 25.83
N SER B 165 5.50 -37.43 25.76
CA SER B 165 4.83 -38.29 26.73
C SER B 165 5.26 -39.75 26.64
N ASP B 166 5.76 -40.19 25.47
CA ASP B 166 6.27 -41.56 25.33
C ASP B 166 7.52 -41.72 26.18
N VAL B 167 8.41 -40.71 26.21
CA VAL B 167 9.64 -40.83 26.99
C VAL B 167 9.29 -40.70 28.51
N ALA B 168 8.30 -39.86 28.88
CA ALA B 168 7.87 -39.78 30.28
C ALA B 168 7.31 -41.13 30.76
N ALA B 169 6.62 -41.87 29.88
CA ALA B 169 6.09 -43.18 30.22
C ALA B 169 7.23 -44.18 30.44
N VAL B 170 8.28 -44.13 29.61
CA VAL B 170 9.45 -45.00 29.76
C VAL B 170 10.14 -44.69 31.09
N ARG B 171 10.30 -43.39 31.39
CA ARG B 171 10.93 -42.93 32.62
CA ARG B 171 10.93 -42.93 32.63
C ARG B 171 10.14 -43.41 33.85
N ALA B 172 8.80 -43.34 33.81
CA ALA B 172 7.95 -43.79 34.90
C ALA B 172 8.05 -45.32 35.08
N ALA B 173 8.10 -46.07 33.96
CA ALA B 173 8.24 -47.53 34.02
C ALA B 173 9.58 -47.98 34.59
N LEU B 174 10.63 -47.13 34.51
CA LEU B 174 11.91 -47.46 35.11
C LEU B 174 11.89 -47.32 36.66
N GLY B 175 10.91 -46.56 37.19
CA GLY B 175 10.72 -46.37 38.62
C GLY B 175 11.76 -45.52 39.29
N PRO B 176 11.70 -45.46 40.63
CA PRO B 176 12.67 -44.63 41.37
C PRO B 176 14.08 -45.21 41.37
N GLU B 177 14.24 -46.54 41.23
CA GLU B 177 15.56 -47.16 41.20
C GLU B 177 16.28 -47.04 39.85
N GLY B 178 15.57 -46.63 38.80
CA GLY B 178 16.16 -46.49 37.47
C GLY B 178 16.34 -45.05 37.02
N HIS B 179 16.49 -44.13 37.96
CA HIS B 179 16.67 -42.71 37.66
C HIS B 179 17.98 -42.41 36.91
N GLY B 180 19.00 -43.22 37.13
CA GLY B 180 20.30 -43.04 36.50
C GLY B 180 20.44 -43.62 35.10
N ILE B 181 19.45 -44.40 34.64
CA ILE B 181 19.48 -45.01 33.32
C ILE B 181 19.28 -43.95 32.23
N LYS B 182 20.11 -43.98 31.17
CA LYS B 182 19.96 -43.02 30.07
C LYS B 182 18.87 -43.47 29.13
N ILE B 183 18.00 -42.57 28.69
CA ILE B 183 16.95 -42.91 27.74
C ILE B 183 17.33 -42.30 26.39
N ILE B 184 17.60 -43.16 25.41
CA ILE B 184 17.91 -42.75 24.04
C ILE B 184 16.65 -43.04 23.23
N SER B 185 15.99 -41.99 22.75
CA SER B 185 14.75 -42.17 21.99
C SER B 185 15.02 -42.54 20.54
N LYS B 186 14.42 -43.66 20.06
CA LYS B 186 14.57 -44.07 18.67
C LYS B 186 13.51 -43.35 17.84
N ILE B 187 13.94 -42.61 16.80
CA ILE B 187 13.04 -41.90 15.90
C ILE B 187 12.88 -42.80 14.69
N GLU B 188 11.67 -43.36 14.51
CA GLU B 188 11.43 -44.38 13.47
C GLU B 188 10.28 -44.07 12.54
N ASN B 189 9.60 -42.93 12.68
CA ASN B 189 8.47 -42.60 11.81
C ASN B 189 8.31 -41.09 11.59
N HIS B 190 7.37 -40.70 10.72
CA HIS B 190 7.12 -39.30 10.41
C HIS B 190 6.78 -38.45 11.64
N GLU B 191 5.94 -38.96 12.55
CA GLU B 191 5.56 -38.20 13.74
C GLU B 191 6.77 -37.92 14.64
N GLY B 192 7.64 -38.92 14.82
CA GLY B 192 8.87 -38.76 15.59
C GLY B 192 9.76 -37.68 15.03
N VAL B 193 9.87 -37.60 13.68
CA VAL B 193 10.68 -36.58 13.02
C VAL B 193 10.05 -35.20 13.20
N LYS B 194 8.72 -35.11 12.99
CA LYS B 194 8.03 -33.81 13.14
C LYS B 194 8.02 -33.28 14.57
N ARG B 195 7.92 -34.18 15.54
CA ARG B 195 7.94 -33.78 16.95
C ARG B 195 9.32 -33.96 17.59
N PHE B 196 10.39 -33.98 16.77
CA PHE B 196 11.76 -34.18 17.22
C PHE B 196 12.17 -33.25 18.38
N ASP B 197 11.92 -31.94 18.25
CA ASP B 197 12.34 -30.99 19.28
C ASP B 197 11.78 -31.30 20.66
N GLU B 198 10.48 -31.65 20.76
CA GLU B 198 9.91 -31.96 22.07
C GLU B 198 10.44 -33.29 22.61
N ILE B 199 10.79 -34.24 21.73
CA ILE B 199 11.34 -35.53 22.14
C ILE B 199 12.78 -35.36 22.65
N LEU B 200 13.61 -34.62 21.92
CA LEU B 200 15.01 -34.42 22.30
C LEU B 200 15.10 -33.69 23.64
N GLU B 201 14.22 -32.71 23.87
CA GLU B 201 14.21 -31.93 25.10
C GLU B 201 14.12 -32.80 26.36
N VAL B 202 13.31 -33.86 26.32
CA VAL B 202 13.14 -34.75 27.47
C VAL B 202 13.96 -36.05 27.40
N SER B 203 14.70 -36.28 26.31
CA SER B 203 15.50 -37.49 26.18
C SER B 203 16.95 -37.21 26.54
N ASP B 204 17.72 -38.26 26.86
CA ASP B 204 19.15 -38.09 27.08
C ASP B 204 19.93 -38.05 25.73
N GLY B 205 19.32 -38.62 24.68
CA GLY B 205 19.89 -38.69 23.34
C GLY B 205 18.92 -39.28 22.36
N ILE B 206 19.36 -39.50 21.11
CA ILE B 206 18.52 -39.99 20.03
C ILE B 206 19.20 -41.10 19.23
N MET B 207 18.40 -42.00 18.66
CA MET B 207 18.89 -42.99 17.73
C MET B 207 18.14 -42.76 16.41
N VAL B 208 18.88 -42.61 15.30
CA VAL B 208 18.26 -42.51 13.98
C VAL B 208 18.07 -43.98 13.56
N ALA B 209 16.87 -44.51 13.81
CA ALA B 209 16.58 -45.92 13.56
C ALA B 209 16.12 -46.04 12.12
N ARG B 210 17.09 -46.13 11.20
CA ARG B 210 16.86 -46.07 9.76
C ARG B 210 16.06 -47.21 9.16
N GLY B 211 16.04 -48.37 9.79
CA GLY B 211 15.28 -49.51 9.29
C GLY B 211 13.81 -49.21 9.17
N ASP B 212 13.15 -48.91 10.31
CA ASP B 212 11.74 -48.56 10.30
C ASP B 212 11.52 -47.20 9.67
N LEU B 213 12.44 -46.24 9.89
CA LEU B 213 12.31 -44.91 9.27
C LEU B 213 12.20 -44.98 7.74
N GLY B 214 13.01 -45.86 7.13
CA GLY B 214 13.02 -46.06 5.68
C GLY B 214 11.81 -46.76 5.10
N ILE B 215 10.94 -47.28 5.96
CA ILE B 215 9.67 -47.93 5.60
C ILE B 215 8.51 -46.95 5.88
N GLU B 216 8.63 -46.14 6.96
CA GLU B 216 7.61 -45.17 7.38
C GLU B 216 7.59 -43.92 6.54
N ILE B 217 8.78 -43.48 6.06
CA ILE B 217 8.89 -42.33 5.17
C ILE B 217 9.56 -42.81 3.85
N PRO B 218 9.49 -42.02 2.75
CA PRO B 218 10.16 -42.46 1.50
C PRO B 218 11.65 -42.73 1.72
N ALA B 219 12.16 -43.84 1.19
CA ALA B 219 13.57 -44.22 1.37
C ALA B 219 14.56 -43.13 0.98
N GLU B 220 14.21 -42.35 -0.06
CA GLU B 220 15.06 -41.27 -0.54
C GLU B 220 15.09 -40.03 0.37
N LYS B 221 14.32 -40.02 1.46
CA LYS B 221 14.31 -38.90 2.40
C LYS B 221 15.02 -39.24 3.71
N VAL B 222 15.40 -40.51 3.96
CA VAL B 222 16.03 -40.89 5.22
C VAL B 222 17.30 -40.10 5.52
N PHE B 223 18.14 -39.84 4.49
CA PHE B 223 19.37 -39.09 4.71
C PHE B 223 19.11 -37.68 5.23
N LEU B 224 17.97 -37.05 4.84
CA LEU B 224 17.63 -35.69 5.31
C LEU B 224 17.29 -35.76 6.79
N ALA B 225 16.50 -36.76 7.21
CA ALA B 225 16.13 -36.96 8.60
C ALA B 225 17.38 -37.25 9.43
N GLN B 226 18.27 -38.12 8.94
CA GLN B 226 19.52 -38.44 9.64
C GLN B 226 20.38 -37.19 9.84
N LYS B 227 20.64 -36.43 8.77
CA LYS B 227 21.49 -35.24 8.87
C LYS B 227 20.88 -34.15 9.75
N MET B 228 19.55 -33.98 9.68
CA MET B 228 18.85 -33.01 10.51
C MET B 228 18.95 -33.39 12.00
N MET B 229 18.65 -34.64 12.34
CA MET B 229 18.67 -35.07 13.73
C MET B 229 20.05 -35.08 14.32
N ILE B 230 21.07 -35.44 13.52
CA ILE B 230 22.44 -35.39 14.00
C ILE B 230 22.84 -33.92 14.29
N GLY B 231 22.51 -33.02 13.38
CA GLY B 231 22.79 -31.60 13.53
C GLY B 231 22.13 -31.01 14.77
N ARG B 232 20.83 -31.33 15.00
CA ARG B 232 20.14 -30.83 16.18
C ARG B 232 20.70 -31.41 17.48
N CYS B 233 21.10 -32.69 17.46
CA CYS B 233 21.70 -33.31 18.65
C CYS B 233 23.05 -32.69 18.95
N ASN B 234 23.86 -32.40 17.90
CA ASN B 234 25.15 -31.73 18.05
C ASN B 234 24.95 -30.35 18.65
N LEU B 235 23.94 -29.62 18.16
CA LEU B 235 23.62 -28.27 18.65
C LEU B 235 23.20 -28.34 20.13
N ALA B 236 22.38 -29.33 20.51
CA ALA B 236 21.92 -29.52 21.89
C ALA B 236 22.98 -30.12 22.83
N GLY B 237 24.05 -30.67 22.27
CA GLY B 237 25.08 -31.31 23.06
C GLY B 237 24.62 -32.65 23.64
N LYS B 238 23.74 -33.36 22.93
CA LYS B 238 23.24 -34.65 23.39
C LYS B 238 23.63 -35.78 22.42
N PRO B 239 23.95 -36.98 22.93
CA PRO B 239 24.39 -38.06 22.03
C PRO B 239 23.40 -38.50 20.96
N VAL B 240 23.92 -38.81 19.77
CA VAL B 240 23.10 -39.28 18.66
C VAL B 240 23.76 -40.53 18.07
N VAL B 241 22.95 -41.57 17.84
CA VAL B 241 23.40 -42.84 17.30
C VAL B 241 22.91 -42.99 15.86
N CYS B 242 23.80 -43.42 14.93
CA CYS B 242 23.35 -43.76 13.59
C CYS B 242 23.23 -45.29 13.58
N ALA B 243 22.09 -45.80 13.12
CA ALA B 243 21.86 -47.24 13.18
C ALA B 243 21.27 -47.82 11.90
N THR B 244 21.47 -49.15 11.70
CA THR B 244 20.83 -50.07 10.76
C THR B 244 21.40 -50.09 9.34
N GLN B 245 21.81 -51.28 8.92
CA GLN B 245 22.33 -51.63 7.59
C GLN B 245 23.61 -50.90 7.24
N MET B 246 24.39 -50.46 8.24
CA MET B 246 25.63 -49.76 7.97
C MET B 246 26.63 -50.64 7.26
N LEU B 247 26.74 -51.93 7.65
CA LEU B 247 27.67 -52.88 7.02
C LEU B 247 26.90 -54.18 6.73
N GLU B 248 25.64 -54.07 6.33
CA GLU B 248 24.71 -55.18 6.09
C GLU B 248 25.31 -56.39 5.37
N SER B 249 26.02 -56.19 4.26
CA SER B 249 26.59 -57.30 3.49
C SER B 249 27.59 -58.14 4.27
N MET B 250 28.18 -57.57 5.34
CA MET B 250 29.12 -58.31 6.18
C MET B 250 28.43 -59.40 7.03
N ILE B 251 27.09 -59.54 6.95
CA ILE B 251 26.38 -60.64 7.59
C ILE B 251 26.87 -61.97 6.94
N THR B 252 27.13 -61.97 5.60
CA THR B 252 27.59 -63.17 4.91
C THR B 252 28.97 -63.00 4.26
N LYS B 253 29.42 -61.75 4.00
CA LYS B 253 30.70 -61.55 3.34
C LYS B 253 31.78 -60.98 4.26
N PRO B 254 33.06 -61.36 4.08
CA PRO B 254 34.12 -60.83 4.95
C PRO B 254 34.47 -59.36 4.72
N ARG B 255 34.09 -58.79 3.56
CA ARG B 255 34.37 -57.40 3.22
C ARG B 255 33.04 -56.69 2.86
N PRO B 256 32.90 -55.42 3.26
CA PRO B 256 31.66 -54.68 2.95
C PRO B 256 31.64 -54.09 1.53
N THR B 257 30.49 -53.58 1.11
CA THR B 257 30.37 -52.92 -0.19
C THR B 257 30.95 -51.48 -0.11
N ARG B 258 31.13 -50.83 -1.27
CA ARG B 258 31.63 -49.45 -1.31
C ARG B 258 30.64 -48.47 -0.72
N ALA B 259 29.33 -48.75 -0.84
CA ALA B 259 28.30 -47.90 -0.26
C ALA B 259 28.29 -48.01 1.26
N GLU B 260 28.56 -49.20 1.79
CA GLU B 260 28.61 -49.45 3.23
C GLU B 260 29.77 -48.74 3.94
N THR B 261 30.98 -48.77 3.36
CA THR B 261 32.11 -48.05 4.00
C THR B 261 31.85 -46.54 3.96
N SER B 262 31.28 -46.07 2.84
CA SER B 262 30.95 -44.67 2.66
C SER B 262 29.90 -44.25 3.72
N ASP B 263 28.88 -45.08 3.93
CA ASP B 263 27.82 -44.80 4.91
C ASP B 263 28.39 -44.65 6.35
N VAL B 264 29.30 -45.53 6.76
CA VAL B 264 29.92 -45.43 8.08
C VAL B 264 30.74 -44.14 8.17
N ALA B 265 31.56 -43.85 7.16
CA ALA B 265 32.38 -42.65 7.17
C ALA B 265 31.52 -41.38 7.21
N ASN B 266 30.43 -41.36 6.42
CA ASN B 266 29.56 -40.20 6.37
C ASN B 266 28.74 -40.02 7.63
N ALA B 267 28.42 -41.10 8.36
CA ALA B 267 27.70 -40.95 9.64
C ALA B 267 28.62 -40.22 10.65
N VAL B 268 29.92 -40.56 10.64
CA VAL B 268 30.91 -39.90 11.50
C VAL B 268 31.07 -38.44 11.07
N LEU B 269 31.22 -38.19 9.76
CA LEU B 269 31.36 -36.82 9.24
C LEU B 269 30.10 -35.98 9.48
N ASP B 270 28.91 -36.62 9.50
CA ASP B 270 27.65 -35.93 9.80
C ASP B 270 27.67 -35.39 11.24
N GLY B 271 28.33 -36.11 12.15
CA GLY B 271 28.48 -35.74 13.56
C GLY B 271 27.96 -36.76 14.55
N ALA B 272 27.73 -38.01 14.11
CA ALA B 272 27.20 -39.05 15.01
C ALA B 272 28.16 -39.37 16.15
N ASP B 273 27.64 -39.51 17.38
CA ASP B 273 28.46 -39.89 18.51
C ASP B 273 28.74 -41.38 18.50
N CYS B 274 27.75 -42.19 18.07
CA CYS B 274 27.85 -43.64 18.03
C CYS B 274 27.41 -44.16 16.68
N ILE B 275 27.98 -45.30 16.30
CA ILE B 275 27.56 -46.07 15.12
C ILE B 275 27.18 -47.48 15.62
N MET B 276 26.26 -48.13 14.90
CA MET B 276 25.72 -49.40 15.38
C MET B 276 25.79 -50.52 14.36
N LEU B 277 25.85 -51.75 14.89
CA LEU B 277 25.80 -52.99 14.14
C LEU B 277 24.63 -53.80 14.70
N SER B 278 23.78 -54.35 13.83
CA SER B 278 22.62 -55.15 14.24
C SER B 278 22.86 -56.63 13.84
N GLY B 279 22.35 -57.08 12.69
CA GLY B 279 22.57 -58.44 12.22
C GLY B 279 24.04 -58.76 12.00
N GLU B 280 24.83 -57.74 11.65
CA GLU B 280 26.27 -57.91 11.42
C GLU B 280 26.98 -58.58 12.61
N THR B 281 26.52 -58.31 13.83
CA THR B 281 27.12 -58.90 15.02
C THR B 281 26.19 -59.88 15.74
N ALA B 282 24.88 -59.70 15.62
CA ALA B 282 23.93 -60.57 16.27
C ALA B 282 23.85 -61.95 15.63
N LYS B 283 23.85 -62.04 14.28
CA LYS B 283 23.69 -63.32 13.61
C LYS B 283 24.68 -63.61 12.48
N GLY B 284 25.49 -62.63 12.09
CA GLY B 284 26.39 -62.78 10.96
C GLY B 284 27.56 -63.73 11.15
N ASN B 285 28.22 -64.04 10.04
CA ASN B 285 29.39 -64.92 10.05
C ASN B 285 30.68 -64.19 10.41
N PHE B 286 30.66 -62.83 10.41
CA PHE B 286 31.87 -62.08 10.71
C PHE B 286 31.63 -60.98 11.79
N PRO B 287 31.13 -61.34 13.00
CA PRO B 287 30.86 -60.28 14.00
C PRO B 287 32.09 -59.48 14.42
N VAL B 288 33.22 -60.16 14.62
CA VAL B 288 34.43 -59.48 15.05
C VAL B 288 34.98 -58.60 13.91
N GLU B 289 34.96 -59.11 12.66
CA GLU B 289 35.45 -58.36 11.51
C GLU B 289 34.56 -57.13 11.23
N ALA B 290 33.26 -57.20 11.51
CA ALA B 290 32.34 -56.07 11.34
C ALA B 290 32.68 -54.96 12.34
N VAL B 291 33.06 -55.33 13.60
CA VAL B 291 33.46 -54.37 14.60
C VAL B 291 34.79 -53.75 14.17
N LYS B 292 35.74 -54.58 13.71
CA LYS B 292 37.05 -54.10 13.25
C LYS B 292 36.91 -53.13 12.06
N MET B 293 35.95 -53.39 11.15
CA MET B 293 35.73 -52.53 9.99
C MET B 293 35.15 -51.19 10.42
N GLN B 294 34.17 -51.18 11.33
CA GLN B 294 33.63 -49.90 11.84
C GLN B 294 34.72 -49.12 12.57
N HIS B 295 35.59 -49.81 13.33
CA HIS B 295 36.68 -49.16 14.02
C HIS B 295 37.65 -48.49 13.01
N ALA B 296 38.06 -49.23 11.97
CA ALA B 296 39.00 -48.71 10.97
C ALA B 296 38.42 -47.52 10.20
N ILE B 297 37.14 -47.59 9.79
CA ILE B 297 36.52 -46.48 9.05
C ILE B 297 36.34 -45.25 9.95
N ALA B 298 35.82 -45.44 11.19
CA ALA B 298 35.63 -44.33 12.13
C ALA B 298 36.90 -43.58 12.40
N ARG B 299 38.07 -44.27 12.57
CA ARG B 299 39.33 -43.56 12.79
C ARG B 299 39.76 -42.73 11.59
N GLU B 300 39.53 -43.24 10.37
CA GLU B 300 39.87 -42.49 9.17
C GLU B 300 38.96 -41.27 9.04
N ALA B 301 37.65 -41.45 9.28
CA ALA B 301 36.68 -40.37 9.15
C ALA B 301 36.83 -39.30 10.20
N GLU B 302 37.24 -39.68 11.44
CA GLU B 302 37.44 -38.70 12.51
C GLU B 302 38.59 -37.76 12.20
N ALA B 303 39.65 -38.26 11.59
CA ALA B 303 40.78 -37.43 11.19
C ALA B 303 40.38 -36.49 10.03
N ALA B 304 39.42 -36.89 9.19
CA ALA B 304 38.95 -36.09 8.05
C ALA B 304 37.92 -35.03 8.44
N VAL B 305 37.52 -34.93 9.72
CA VAL B 305 36.58 -33.93 10.17
C VAL B 305 37.25 -32.52 10.03
N TYR B 306 36.50 -31.53 9.52
CA TYR B 306 37.02 -30.18 9.31
C TYR B 306 36.76 -29.39 10.59
N HIS B 307 37.60 -29.61 11.62
CA HIS B 307 37.46 -28.98 12.93
C HIS B 307 37.45 -27.46 12.89
N ARG B 308 38.20 -26.85 11.97
CA ARG B 308 38.26 -25.39 11.86
C ARG B 308 36.87 -24.77 11.73
N GLN B 309 36.01 -25.29 10.82
CA GLN B 309 34.68 -24.74 10.69
C GLN B 309 33.73 -25.33 11.71
N LEU B 310 33.84 -26.62 12.01
CA LEU B 310 32.96 -27.28 12.98
C LEU B 310 33.04 -26.59 14.36
N PHE B 311 34.25 -26.38 14.89
CA PHE B 311 34.42 -25.71 16.20
C PHE B 311 33.89 -24.29 16.17
N GLU B 312 34.20 -23.53 15.09
CA GLU B 312 33.72 -22.16 14.93
C GLU B 312 32.19 -22.11 14.94
N GLU B 313 31.53 -23.04 14.25
CA GLU B 313 30.08 -23.07 14.20
C GLU B 313 29.45 -23.55 15.51
N LEU B 314 30.05 -24.53 16.18
CA LEU B 314 29.52 -25.02 17.48
C LEU B 314 29.64 -23.89 18.50
N ARG B 315 30.78 -23.20 18.49
CA ARG B 315 31.05 -22.06 19.35
C ARG B 315 30.04 -20.93 19.10
N ARG B 316 29.85 -20.54 17.84
CA ARG B 316 28.93 -19.46 17.45
C ARG B 316 27.45 -19.79 17.70
N ALA B 317 27.04 -21.06 17.51
CA ALA B 317 25.65 -21.45 17.69
C ALA B 317 25.28 -21.69 19.14
N ALA B 318 26.26 -22.11 19.98
CA ALA B 318 25.99 -22.37 21.39
C ALA B 318 25.72 -21.03 22.06
N PRO B 319 24.58 -20.91 22.78
CA PRO B 319 24.26 -19.64 23.43
C PRO B 319 25.23 -19.30 24.56
N LEU B 320 25.26 -18.03 24.97
CA LEU B 320 26.09 -17.60 26.09
C LEU B 320 25.65 -18.34 27.35
N SER B 321 26.60 -18.65 28.22
CA SER B 321 26.27 -19.43 29.41
C SER B 321 26.87 -18.89 30.65
N ARG B 322 26.14 -18.98 31.74
CA ARG B 322 26.66 -18.59 33.04
C ARG B 322 26.95 -19.84 33.91
N ASP B 323 26.89 -21.05 33.33
CA ASP B 323 27.17 -22.29 34.02
C ASP B 323 28.69 -22.49 33.96
N PRO B 324 29.36 -22.54 35.11
CA PRO B 324 30.83 -22.67 35.09
C PRO B 324 31.37 -23.94 34.41
N THR B 325 30.62 -25.07 34.42
CA THR B 325 31.07 -26.28 33.74
C THR B 325 31.13 -26.02 32.23
N GLU B 326 30.09 -25.36 31.69
CA GLU B 326 29.97 -25.01 30.28
C GLU B 326 31.08 -24.01 29.89
N VAL B 327 31.34 -22.99 30.73
CA VAL B 327 32.36 -21.99 30.47
C VAL B 327 33.77 -22.60 30.51
N THR B 328 34.03 -23.48 31.47
CA THR B 328 35.33 -24.15 31.58
C THR B 328 35.53 -25.07 30.38
N ALA B 329 34.47 -25.80 29.96
CA ALA B 329 34.58 -26.71 28.83
C ALA B 329 35.02 -26.02 27.54
N ILE B 330 34.44 -24.85 27.19
CA ILE B 330 34.82 -24.16 25.96
C ILE B 330 36.24 -23.61 26.07
N GLY B 331 36.62 -23.12 27.24
CA GLY B 331 37.97 -22.63 27.46
C GLY B 331 38.99 -23.75 27.34
N ALA B 332 38.66 -24.94 27.85
CA ALA B 332 39.55 -26.11 27.77
C ALA B 332 39.72 -26.61 26.33
N VAL B 333 38.62 -26.66 25.55
CA VAL B 333 38.69 -27.11 24.17
C VAL B 333 39.49 -26.11 23.32
N GLU B 334 39.31 -24.81 23.57
CA GLU B 334 40.05 -23.75 22.86
C GLU B 334 41.54 -23.89 23.20
N ALA B 335 41.87 -24.11 24.48
CA ALA B 335 43.25 -24.30 24.91
C ALA B 335 43.86 -25.54 24.25
N ALA B 336 43.10 -26.65 24.19
CA ALA B 336 43.57 -27.87 23.58
C ALA B 336 43.93 -27.67 22.08
N PHE B 337 43.09 -26.93 21.32
CA PHE B 337 43.38 -26.67 19.91
C PHE B 337 44.62 -25.76 19.75
N LYS B 338 44.81 -24.79 20.66
CA LYS B 338 45.94 -23.86 20.61
C LYS B 338 47.29 -24.54 20.69
N CYS B 339 47.39 -25.59 21.50
CA CYS B 339 48.66 -26.27 21.70
C CYS B 339 48.73 -27.66 21.11
N CYS B 340 47.70 -28.11 20.35
CA CYS B 340 47.64 -29.47 19.81
C CYS B 340 47.74 -30.48 20.97
N ALA B 341 47.00 -30.22 22.08
CA ALA B 341 47.03 -31.08 23.28
C ALA B 341 46.71 -32.50 22.93
N ALA B 342 47.45 -33.43 23.52
CA ALA B 342 47.22 -34.83 23.26
C ALA B 342 45.90 -35.30 23.91
N ALA B 343 45.54 -34.71 25.07
CA ALA B 343 44.34 -35.10 25.79
C ALA B 343 43.83 -33.99 26.71
N ILE B 344 42.55 -34.08 27.08
CA ILE B 344 41.91 -33.25 28.07
C ILE B 344 41.50 -34.26 29.16
N ILE B 345 42.13 -34.17 30.33
CA ILE B 345 41.80 -35.07 31.44
C ILE B 345 40.76 -34.38 32.31
N VAL B 346 39.62 -35.01 32.54
CA VAL B 346 38.54 -34.41 33.31
C VAL B 346 38.07 -35.32 34.43
N LEU B 347 37.82 -34.75 35.61
CA LEU B 347 37.26 -35.50 36.73
C LEU B 347 35.76 -35.33 36.64
N THR B 348 35.03 -36.44 36.75
CA THR B 348 33.57 -36.39 36.62
C THR B 348 32.89 -37.44 37.47
N THR B 349 31.76 -37.08 38.07
CA THR B 349 30.99 -37.99 38.91
C THR B 349 29.87 -38.63 38.07
N THR B 350 29.13 -37.82 37.31
CA THR B 350 28.01 -38.29 36.50
C THR B 350 28.34 -38.45 35.00
N GLY B 351 29.49 -37.92 34.58
CA GLY B 351 29.85 -37.90 33.17
C GLY B 351 29.58 -36.54 32.53
N ARG B 352 28.80 -35.65 33.20
CA ARG B 352 28.39 -34.35 32.63
C ARG B 352 29.55 -33.44 32.20
N SER B 353 30.62 -33.29 33.01
CA SER B 353 31.74 -32.43 32.63
C SER B 353 32.44 -32.95 31.34
N ALA B 354 32.48 -34.28 31.16
CA ALA B 354 33.08 -34.87 29.95
C ALA B 354 32.14 -34.66 28.74
N GLN B 355 30.82 -34.73 28.95
CA GLN B 355 29.83 -34.51 27.90
C GLN B 355 29.91 -33.08 27.37
N LEU B 356 30.10 -32.10 28.25
CA LEU B 356 30.21 -30.71 27.84
C LEU B 356 31.51 -30.41 27.09
N LEU B 357 32.57 -31.20 27.33
CA LEU B 357 33.81 -31.06 26.57
C LEU B 357 33.58 -31.68 25.17
N SER B 358 32.96 -32.87 25.14
CA SER B 358 32.64 -33.64 23.94
C SER B 358 31.77 -32.85 22.94
N ARG B 359 30.85 -32.01 23.43
CA ARG B 359 29.96 -31.22 22.55
C ARG B 359 30.71 -30.23 21.63
N TYR B 360 31.92 -29.81 22.01
CA TYR B 360 32.72 -28.90 21.17
C TYR B 360 33.63 -29.64 20.18
N ARG B 361 33.56 -30.98 20.17
CA ARG B 361 34.29 -31.85 19.27
C ARG B 361 35.79 -31.56 19.24
N PRO B 362 36.48 -31.62 20.40
CA PRO B 362 37.93 -31.43 20.37
C PRO B 362 38.61 -32.57 19.62
N ARG B 363 39.76 -32.28 19.04
CA ARG B 363 40.58 -33.31 18.42
C ARG B 363 41.28 -34.12 19.58
N ALA B 364 41.61 -33.45 20.71
CA ALA B 364 42.22 -34.09 21.87
C ALA B 364 41.25 -35.10 22.49
N ALA B 365 41.76 -36.26 22.88
CA ALA B 365 40.96 -37.29 23.54
C ALA B 365 40.49 -36.75 24.90
N VAL B 366 39.25 -37.01 25.29
CA VAL B 366 38.75 -36.58 26.60
C VAL B 366 38.86 -37.79 27.52
N ILE B 367 39.87 -37.79 28.40
CA ILE B 367 40.07 -38.89 29.34
C ILE B 367 39.28 -38.56 30.61
N ALA B 368 38.20 -39.30 30.84
CA ALA B 368 37.31 -39.01 31.98
C ALA B 368 37.57 -39.94 33.15
N VAL B 369 38.08 -39.39 34.27
CA VAL B 369 38.38 -40.17 35.47
C VAL B 369 37.19 -40.11 36.41
N THR B 370 36.60 -41.28 36.70
CA THR B 370 35.41 -41.34 37.53
C THR B 370 35.46 -42.52 38.48
N ARG B 371 34.79 -42.38 39.63
CA ARG B 371 34.62 -43.48 40.59
C ARG B 371 33.31 -44.27 40.28
N SER B 372 32.39 -43.68 39.50
CA SER B 372 31.13 -44.33 39.16
C SER B 372 31.31 -45.32 38.02
N ALA B 373 31.13 -46.63 38.28
CA ALA B 373 31.22 -47.65 37.26
C ALA B 373 30.13 -47.44 36.18
N GLN B 374 28.93 -47.02 36.59
CA GLN B 374 27.85 -46.73 35.66
C GLN B 374 28.16 -45.51 34.77
N ALA B 375 28.70 -44.42 35.34
CA ALA B 375 29.06 -43.24 34.53
C ALA B 375 30.16 -43.61 33.53
N ALA B 376 31.12 -44.47 33.95
CA ALA B 376 32.20 -44.92 33.07
C ALA B 376 31.61 -45.67 31.86
N ARG B 377 30.57 -46.49 32.06
CA ARG B 377 29.92 -47.20 30.96
C ARG B 377 29.11 -46.25 30.08
N GLN B 378 28.32 -45.36 30.71
CA GLN B 378 27.44 -44.45 29.99
C GLN B 378 28.15 -43.38 29.14
N VAL B 379 29.35 -42.90 29.55
CA VAL B 379 30.03 -41.85 28.78
C VAL B 379 30.49 -42.33 27.39
N HIS B 380 30.42 -43.65 27.10
CA HIS B 380 30.68 -44.15 25.76
C HIS B 380 29.65 -43.56 24.75
N LEU B 381 28.50 -43.05 25.21
CA LEU B 381 27.52 -42.42 24.34
C LEU B 381 28.07 -41.09 23.75
N CYS B 382 29.06 -40.45 24.39
CA CYS B 382 29.60 -39.16 23.99
C CYS B 382 30.87 -39.31 23.21
N ARG B 383 30.89 -38.78 21.95
CA ARG B 383 32.08 -38.89 21.12
C ARG B 383 33.35 -38.38 21.76
N GLY B 384 34.40 -39.17 21.72
CA GLY B 384 35.71 -38.75 22.17
C GLY B 384 35.97 -38.86 23.66
N VAL B 385 35.07 -39.51 24.39
CA VAL B 385 35.25 -39.69 25.83
C VAL B 385 35.77 -41.08 26.12
N PHE B 386 36.93 -41.17 26.77
CA PHE B 386 37.59 -42.42 27.14
C PHE B 386 37.52 -42.57 28.66
N PRO B 387 36.63 -43.44 29.13
CA PRO B 387 36.44 -43.59 30.59
C PRO B 387 37.50 -44.39 31.33
N LEU B 388 37.94 -43.86 32.47
CA LEU B 388 38.90 -44.53 33.35
C LEU B 388 38.23 -44.70 34.70
N LEU B 389 38.00 -45.94 35.12
CA LEU B 389 37.38 -46.20 36.40
C LEU B 389 38.45 -46.20 37.51
N TYR B 390 38.34 -45.24 38.44
CA TYR B 390 39.26 -45.09 39.57
C TYR B 390 38.71 -45.89 40.74
N ARG B 391 39.47 -46.82 41.29
CA ARG B 391 38.97 -47.68 42.37
C ARG B 391 39.56 -47.40 43.76
N GLU B 392 40.56 -46.51 43.88
CA GLU B 392 41.19 -46.22 45.16
C GLU B 392 40.28 -45.52 46.16
N PRO B 393 40.42 -45.86 47.46
CA PRO B 393 39.62 -45.17 48.48
C PRO B 393 40.06 -43.70 48.61
N PRO B 394 39.15 -42.83 49.04
CA PRO B 394 39.50 -41.40 49.14
C PRO B 394 40.62 -41.06 50.10
N GLU B 395 41.49 -40.12 49.69
CA GLU B 395 42.56 -39.57 50.52
C GLU B 395 41.93 -38.72 51.61
N ALA B 396 42.65 -38.51 52.73
CA ALA B 396 42.13 -37.69 53.83
C ALA B 396 41.92 -36.23 53.40
N ILE B 397 42.88 -35.68 52.65
CA ILE B 397 42.77 -34.30 52.17
C ILE B 397 42.17 -34.34 50.75
N TRP B 398 41.02 -33.69 50.55
CA TRP B 398 40.33 -33.66 49.26
C TRP B 398 41.23 -33.21 48.09
N ALA B 399 42.02 -32.15 48.28
CA ALA B 399 42.94 -31.67 47.24
C ALA B 399 43.93 -32.74 46.81
N ASP B 400 44.42 -33.56 47.76
CA ASP B 400 45.34 -34.66 47.44
C ASP B 400 44.62 -35.77 46.65
N ASP B 401 43.34 -36.01 46.96
CA ASP B 401 42.55 -37.00 46.27
C ASP B 401 42.33 -36.59 44.80
N VAL B 402 42.08 -35.30 44.57
CA VAL B 402 41.89 -34.72 43.24
C VAL B 402 43.20 -34.90 42.46
N ASP B 403 44.34 -34.54 43.06
CA ASP B 403 45.66 -34.69 42.44
C ASP B 403 45.98 -36.13 42.09
N ARG B 404 45.62 -37.07 42.97
CA ARG B 404 45.87 -38.49 42.70
C ARG B 404 45.08 -38.98 41.49
N ARG B 405 43.85 -38.50 41.33
CA ARG B 405 43.02 -38.89 40.20
C ARG B 405 43.56 -38.31 38.89
N VAL B 406 44.08 -37.07 38.94
CA VAL B 406 44.66 -36.43 37.76
C VAL B 406 45.92 -37.19 37.36
N GLN B 407 46.77 -37.55 38.35
CA GLN B 407 47.99 -38.32 38.08
C GLN B 407 47.67 -39.71 37.56
N PHE B 408 46.58 -40.34 38.04
CA PHE B 408 46.10 -41.65 37.55
C PHE B 408 45.76 -41.53 36.05
N GLY B 409 45.10 -40.44 35.66
CA GLY B 409 44.75 -40.19 34.27
C GLY B 409 45.99 -40.01 33.40
N ILE B 410 46.99 -39.28 33.92
CA ILE B 410 48.27 -39.02 33.22
C ILE B 410 49.06 -40.29 33.05
N GLU B 411 49.23 -41.05 34.13
CA GLU B 411 49.99 -42.30 34.10
C GLU B 411 49.32 -43.35 33.24
N SER B 412 48.00 -43.46 33.35
CA SER B 412 47.26 -44.41 32.49
C SER B 412 47.37 -43.95 31.02
N GLY B 413 47.29 -42.65 30.78
CA GLY B 413 47.43 -42.07 29.45
C GLY B 413 48.79 -42.33 28.83
N LYS B 414 49.88 -42.20 29.59
CA LYS B 414 51.24 -42.45 29.08
C LYS B 414 51.45 -43.94 28.78
N LEU B 415 51.03 -44.81 29.70
CA LEU B 415 51.14 -46.26 29.56
C LEU B 415 50.32 -46.82 28.40
N ARG B 416 49.32 -46.05 27.91
CA ARG B 416 48.43 -46.41 26.80
C ARG B 416 48.77 -45.71 25.48
N GLY B 417 49.82 -44.89 25.44
CA GLY B 417 50.20 -44.20 24.21
C GLY B 417 49.38 -42.97 23.88
N PHE B 418 48.42 -42.60 24.76
CA PHE B 418 47.62 -41.39 24.57
C PHE B 418 48.50 -40.15 24.78
N LEU B 419 49.43 -40.23 25.74
CA LEU B 419 50.32 -39.15 26.08
C LEU B 419 51.76 -39.61 25.99
N ARG B 420 52.62 -38.69 25.59
CA ARG B 420 54.04 -38.87 25.45
C ARG B 420 54.74 -37.77 26.26
N VAL B 421 55.99 -38.01 26.70
CA VAL B 421 56.79 -36.98 27.36
C VAL B 421 56.96 -35.80 26.38
N GLY B 422 56.73 -34.59 26.84
CA GLY B 422 56.79 -33.40 25.98
C GLY B 422 55.42 -32.91 25.55
N ASP B 423 54.39 -33.77 25.64
CA ASP B 423 53.02 -33.39 25.27
C ASP B 423 52.45 -32.41 26.28
N LEU B 424 51.44 -31.65 25.83
CA LEU B 424 50.70 -30.79 26.71
C LEU B 424 49.33 -31.45 26.90
N VAL B 425 48.82 -31.35 28.12
CA VAL B 425 47.48 -31.87 28.45
C VAL B 425 46.72 -30.75 29.14
N ILE B 426 45.41 -30.73 28.94
CA ILE B 426 44.55 -29.78 29.60
C ILE B 426 43.84 -30.57 30.69
N VAL B 427 43.82 -30.06 31.93
CA VAL B 427 43.19 -30.77 33.06
C VAL B 427 41.99 -29.97 33.56
N VAL B 428 40.82 -30.60 33.63
CA VAL B 428 39.57 -29.98 34.04
C VAL B 428 39.07 -30.57 35.37
N THR B 429 38.97 -29.72 36.39
CA THR B 429 38.55 -30.09 37.76
C THR B 429 37.54 -29.04 38.33
N GLY B 430 37.06 -29.26 39.57
CA GLY B 430 36.15 -28.35 40.24
C GLY B 430 36.70 -27.84 41.57
N TRP B 431 36.01 -26.87 42.18
CA TRP B 431 36.46 -26.20 43.41
C TRP B 431 36.00 -26.88 44.70
N ARG B 432 35.05 -27.84 44.62
CA ARG B 432 34.57 -28.56 45.81
C ARG B 432 34.08 -29.97 45.43
N PRO B 433 33.97 -30.90 46.41
CA PRO B 433 33.46 -32.24 46.05
C PRO B 433 32.01 -32.23 45.58
N GLY B 434 31.60 -33.31 44.93
CA GLY B 434 30.25 -33.43 44.42
C GLY B 434 30.12 -32.97 42.97
N SER B 435 29.08 -33.48 42.30
CA SER B 435 28.76 -33.13 40.92
C SER B 435 28.30 -31.68 40.76
N GLY B 436 28.60 -31.07 39.60
CA GLY B 436 28.14 -29.72 39.28
C GLY B 436 29.05 -28.55 39.59
N TYR B 437 30.27 -28.80 40.10
CA TYR B 437 31.15 -27.70 40.49
C TYR B 437 32.43 -27.57 39.68
N THR B 438 32.48 -28.17 38.47
CA THR B 438 33.66 -28.01 37.58
C THR B 438 33.84 -26.55 37.23
N ASN B 439 35.03 -26.00 37.43
CA ASN B 439 35.27 -24.58 37.11
C ASN B 439 36.75 -24.25 36.86
N ILE B 440 37.61 -25.27 36.74
CA ILE B 440 39.05 -25.03 36.61
C ILE B 440 39.64 -25.74 35.38
N MET B 441 40.51 -25.03 34.68
CA MET B 441 41.22 -25.61 33.55
CA MET B 441 41.22 -25.54 33.51
C MET B 441 42.71 -25.30 33.76
N ARG B 442 43.55 -26.32 33.62
CA ARG B 442 44.99 -26.17 33.81
C ARG B 442 45.77 -26.72 32.65
N VAL B 443 46.89 -26.08 32.30
CA VAL B 443 47.76 -26.53 31.22
C VAL B 443 48.97 -27.22 31.87
N LEU B 444 49.15 -28.52 31.61
CA LEU B 444 50.26 -29.28 32.19
CA LEU B 444 50.24 -29.30 32.20
C LEU B 444 51.17 -29.89 31.13
N SER B 445 52.49 -29.87 31.39
CA SER B 445 53.47 -30.44 30.48
C SER B 445 53.78 -31.86 30.97
N ILE B 446 53.76 -32.85 30.07
CA ILE B 446 54.02 -34.24 30.46
C ILE B 446 55.53 -34.50 30.61
N SER B 447 55.94 -34.97 31.79
CA SER B 447 57.36 -35.27 32.02
C SER B 447 57.61 -36.77 32.20
N GLU C 21 50.80 -12.27 -18.34
CA GLU C 21 49.75 -11.57 -19.07
C GLU C 21 49.65 -10.11 -18.62
N LEU C 22 49.71 -9.86 -17.30
CA LEU C 22 49.67 -8.50 -16.76
C LEU C 22 51.01 -8.09 -16.12
N GLY C 23 51.75 -9.06 -15.61
CA GLY C 23 53.06 -8.81 -15.01
C GLY C 23 53.04 -8.66 -13.50
N THR C 24 54.20 -8.87 -12.86
CA THR C 24 54.34 -8.73 -11.40
C THR C 24 54.24 -7.27 -10.97
N ALA C 25 54.70 -6.32 -11.83
CA ALA C 25 54.61 -4.90 -11.53
C ALA C 25 53.17 -4.46 -11.36
N PHE C 26 52.24 -5.01 -12.17
CA PHE C 26 50.82 -4.71 -12.10
C PHE C 26 50.27 -5.09 -10.72
N PHE C 27 50.63 -6.30 -10.23
CA PHE C 27 50.14 -6.80 -8.95
C PHE C 27 50.86 -6.23 -7.72
N GLN C 28 51.81 -5.30 -7.90
CA GLN C 28 52.48 -4.64 -6.77
C GLN C 28 51.82 -3.26 -6.49
N GLN C 29 51.28 -2.60 -7.54
CA GLN C 29 50.60 -1.31 -7.48
C GLN C 29 49.18 -1.44 -6.88
N GLN C 30 48.50 -0.28 -6.67
CA GLN C 30 47.14 -0.14 -6.16
C GLN C 30 46.80 -1.08 -4.98
N GLN C 31 47.77 -1.29 -4.06
CA GLN C 31 47.64 -2.15 -2.89
C GLN C 31 47.09 -3.55 -3.23
N LEU C 32 47.49 -4.12 -4.38
CA LEU C 32 46.99 -5.43 -4.79
C LEU C 32 47.43 -6.56 -3.83
N PRO C 33 48.65 -6.59 -3.25
CA PRO C 33 48.94 -7.63 -2.23
C PRO C 33 47.96 -7.55 -1.04
N ALA C 34 47.63 -6.33 -0.56
CA ALA C 34 46.67 -6.14 0.53
C ALA C 34 45.24 -6.52 0.09
N ALA C 35 44.92 -6.31 -1.19
CA ALA C 35 43.61 -6.64 -1.74
C ALA C 35 43.39 -8.15 -1.81
N MET C 36 44.46 -8.92 -2.05
CA MET C 36 44.33 -10.38 -2.14
C MET C 36 44.38 -11.08 -0.78
N ALA C 37 44.49 -10.36 0.34
CA ALA C 37 44.56 -10.97 1.66
C ALA C 37 43.30 -11.71 2.05
N ASP C 38 43.44 -12.78 2.84
CA ASP C 38 42.32 -13.62 3.26
C ASP C 38 41.58 -13.10 4.48
N THR C 39 42.20 -12.21 5.27
CA THR C 39 41.52 -11.61 6.42
C THR C 39 41.75 -10.08 6.40
N PHE C 40 40.90 -9.31 7.12
CA PHE C 40 41.09 -7.86 7.21
C PHE C 40 42.41 -7.53 7.92
N LEU C 41 42.77 -8.30 8.96
CA LEU C 41 44.01 -8.09 9.69
C LEU C 41 45.23 -8.26 8.77
N GLU C 42 45.25 -9.31 7.96
CA GLU C 42 46.33 -9.53 7.00
C GLU C 42 46.34 -8.43 5.93
N HIS C 43 45.16 -7.93 5.53
CA HIS C 43 45.01 -6.82 4.59
C HIS C 43 45.73 -5.59 5.14
N LEU C 44 45.51 -5.25 6.43
CA LEU C 44 46.18 -4.11 7.07
C LEU C 44 47.69 -4.31 7.07
N CYS C 45 48.16 -5.52 7.47
CA CYS C 45 49.59 -5.85 7.54
C CYS C 45 50.28 -5.73 6.17
N LEU C 46 49.54 -5.89 5.08
CA LEU C 46 50.09 -5.82 3.73
C LEU C 46 50.00 -4.45 3.07
N LEU C 47 49.45 -3.42 3.76
CA LEU C 47 49.37 -2.07 3.17
C LEU C 47 50.78 -1.53 2.99
N ASP C 48 51.08 -0.99 1.82
CA ASP C 48 52.42 -0.57 1.47
C ASP C 48 52.47 0.88 1.00
N ILE C 49 53.26 1.72 1.68
CA ILE C 49 53.41 3.12 1.29
C ILE C 49 54.08 3.28 -0.10
N ASP C 50 54.82 2.25 -0.56
CA ASP C 50 55.47 2.28 -1.87
C ASP C 50 54.55 1.77 -2.99
N SER C 51 53.35 1.25 -2.68
CA SER C 51 52.42 0.75 -3.67
C SER C 51 51.61 1.97 -4.16
N GLU C 52 51.90 2.43 -5.39
CA GLU C 52 51.28 3.63 -5.93
C GLU C 52 49.89 3.42 -6.49
N PRO C 53 48.98 4.39 -6.26
CA PRO C 53 47.63 4.27 -6.82
C PRO C 53 47.68 4.41 -8.34
N VAL C 54 46.84 3.63 -9.04
CA VAL C 54 46.81 3.69 -10.50
C VAL C 54 45.43 4.12 -11.01
N ALA C 55 44.38 3.65 -10.34
CA ALA C 55 43.02 4.01 -10.74
C ALA C 55 42.71 5.50 -10.58
N ALA C 56 41.76 6.00 -11.38
CA ALA C 56 41.30 7.36 -11.29
C ALA C 56 40.57 7.55 -9.94
N ARG C 57 40.64 8.75 -9.36
CA ARG C 57 40.02 9.03 -8.08
C ARG C 57 38.50 8.93 -8.19
N SER C 58 37.91 8.05 -7.39
CA SER C 58 36.48 7.74 -7.46
C SER C 58 35.59 8.54 -6.48
N THR C 59 36.11 9.03 -5.35
CA THR C 59 35.31 9.79 -4.38
C THR C 59 35.23 11.24 -4.85
N SER C 60 34.03 11.75 -5.14
CA SER C 60 33.91 13.14 -5.59
C SER C 60 34.23 14.18 -4.53
N ILE C 61 34.77 15.30 -4.98
CA ILE C 61 35.11 16.40 -4.10
C ILE C 61 34.11 17.53 -4.29
N ILE C 62 33.50 17.95 -3.19
CA ILE C 62 32.59 19.08 -3.21
C ILE C 62 33.36 20.28 -2.62
N ALA C 63 33.43 21.37 -3.37
CA ALA C 63 34.12 22.56 -2.87
C ALA C 63 33.11 23.70 -2.72
N THR C 64 33.14 24.36 -1.56
CA THR C 64 32.25 25.48 -1.32
C THR C 64 32.81 26.73 -2.00
N ILE C 65 31.97 27.42 -2.78
CA ILE C 65 32.38 28.62 -3.49
C ILE C 65 32.16 29.85 -2.61
N GLY C 66 33.17 30.71 -2.55
CA GLY C 66 33.14 31.93 -1.77
C GLY C 66 34.14 32.94 -2.29
N PRO C 67 34.44 33.99 -1.51
CA PRO C 67 35.42 35.00 -1.97
C PRO C 67 36.78 34.44 -2.41
N ALA C 68 37.27 33.37 -1.74
CA ALA C 68 38.56 32.77 -2.11
C ALA C 68 38.52 31.89 -3.35
N SER C 69 37.33 31.58 -3.89
CA SER C 69 37.21 30.65 -5.01
C SER C 69 36.14 31.04 -6.01
N ARG C 70 35.89 32.32 -6.16
CA ARG C 70 34.80 32.80 -7.03
C ARG C 70 35.19 33.19 -8.43
N SER C 71 36.41 33.70 -8.60
CA SER C 71 36.87 34.14 -9.91
C SER C 71 36.96 32.98 -10.89
N VAL C 72 36.73 33.26 -12.18
CA VAL C 72 36.77 32.26 -13.24
C VAL C 72 38.14 31.59 -13.30
N GLU C 73 39.22 32.36 -13.14
CA GLU C 73 40.57 31.81 -13.19
C GLU C 73 40.86 30.88 -12.01
N ARG C 74 40.39 31.23 -10.82
CA ARG C 74 40.58 30.40 -9.63
C ARG C 74 39.74 29.11 -9.78
N LEU C 75 38.52 29.22 -10.32
CA LEU C 75 37.64 28.09 -10.57
C LEU C 75 38.22 27.10 -11.58
N LYS C 76 38.96 27.60 -12.60
CA LYS C 76 39.61 26.71 -13.57
C LYS C 76 40.70 25.88 -12.88
N GLU C 77 41.43 26.49 -11.96
CA GLU C 77 42.46 25.78 -11.20
C GLU C 77 41.82 24.74 -10.27
N MET C 78 40.65 25.05 -9.68
CA MET C 78 39.96 24.11 -8.80
CA MET C 78 39.97 24.11 -8.81
C MET C 78 39.40 22.93 -9.57
N ILE C 79 38.95 23.16 -10.82
CA ILE C 79 38.45 22.08 -11.66
C ILE C 79 39.62 21.15 -11.99
N LYS C 80 40.79 21.73 -12.35
CA LYS C 80 42.01 20.98 -12.66
C LYS C 80 42.50 20.19 -11.45
N ALA C 81 42.37 20.77 -10.26
CA ALA C 81 42.79 20.11 -9.03
C ALA C 81 41.86 18.93 -8.65
N GLY C 82 40.62 18.91 -9.16
CA GLY C 82 39.70 17.82 -8.90
C GLY C 82 38.30 18.11 -8.40
N MET C 83 37.90 19.40 -8.31
CA MET C 83 36.54 19.75 -7.85
C MET C 83 35.49 19.18 -8.82
N ASN C 84 34.52 18.40 -8.29
CA ASN C 84 33.47 17.79 -9.13
C ASN C 84 32.10 18.46 -8.92
N ILE C 85 31.88 19.02 -7.70
CA ILE C 85 30.63 19.65 -7.31
C ILE C 85 30.94 20.98 -6.64
N ALA C 86 30.28 22.04 -7.10
CA ALA C 86 30.44 23.37 -6.50
C ALA C 86 29.27 23.61 -5.56
N ARG C 87 29.56 23.90 -4.29
CA ARG C 87 28.53 24.14 -3.29
C ARG C 87 28.33 25.62 -3.06
N LEU C 88 27.07 26.08 -3.17
CA LEU C 88 26.73 27.48 -2.91
C LEU C 88 26.06 27.52 -1.55
N ASN C 89 26.68 28.17 -0.55
CA ASN C 89 26.13 28.23 0.79
C ASN C 89 25.17 29.41 0.91
N PHE C 90 23.87 29.14 0.88
CA PHE C 90 22.87 30.20 0.95
C PHE C 90 22.68 30.78 2.37
N SER C 91 23.51 30.37 3.34
CA SER C 91 23.51 30.97 4.67
C SER C 91 24.10 32.40 4.60
N HIS C 92 24.88 32.71 3.55
CA HIS C 92 25.50 34.03 3.33
C HIS C 92 25.31 34.42 1.85
N GLY C 93 25.33 35.72 1.57
CA GLY C 93 25.23 36.21 0.21
C GLY C 93 23.83 36.33 -0.36
N SER C 94 23.66 37.26 -1.27
CA SER C 94 22.38 37.52 -1.91
C SER C 94 22.16 36.59 -3.10
N HIS C 95 20.95 36.61 -3.69
CA HIS C 95 20.65 35.85 -4.90
C HIS C 95 21.55 36.32 -6.04
N GLU C 96 21.84 37.64 -6.12
CA GLU C 96 22.70 38.21 -7.16
C GLU C 96 24.14 37.68 -7.01
N TYR C 97 24.63 37.58 -5.78
CA TYR C 97 25.97 37.07 -5.50
C TYR C 97 26.07 35.59 -5.96
N HIS C 98 25.08 34.74 -5.59
CA HIS C 98 25.06 33.34 -5.98
C HIS C 98 24.86 33.13 -7.48
N ALA C 99 24.06 33.98 -8.14
CA ALA C 99 23.87 33.86 -9.60
C ALA C 99 25.19 34.13 -10.31
N GLU C 100 26.01 35.08 -9.79
CA GLU C 100 27.30 35.37 -10.38
C GLU C 100 28.26 34.20 -10.14
N SER C 101 28.21 33.57 -8.95
CA SER C 101 29.04 32.39 -8.66
C SER C 101 28.69 31.25 -9.63
N ILE C 102 27.39 31.01 -9.90
CA ILE C 102 26.92 29.98 -10.83
C ILE C 102 27.43 30.28 -12.24
N ALA C 103 27.31 31.53 -12.68
CA ALA C 103 27.79 31.94 -14.01
C ALA C 103 29.30 31.73 -14.13
N ASN C 104 30.06 32.05 -13.07
CA ASN C 104 31.52 31.88 -13.08
C ASN C 104 31.90 30.41 -13.11
N VAL C 105 31.15 29.54 -12.39
CA VAL C 105 31.42 28.10 -12.41
C VAL C 105 31.17 27.58 -13.83
N ARG C 106 30.02 27.92 -14.43
CA ARG C 106 29.70 27.48 -15.78
C ARG C 106 30.69 27.99 -16.83
N GLU C 107 31.18 29.24 -16.67
CA GLU C 107 32.18 29.77 -17.60
C GLU C 107 33.49 29.01 -17.46
N ALA C 108 33.92 28.71 -16.23
CA ALA C 108 35.15 27.95 -16.00
C ALA C 108 35.03 26.52 -16.54
N VAL C 109 33.87 25.86 -16.34
CA VAL C 109 33.64 24.50 -16.83
C VAL C 109 33.64 24.45 -18.37
N GLU C 110 32.92 25.39 -19.01
CA GLU C 110 32.85 25.41 -20.47
C GLU C 110 34.14 25.88 -21.15
N SER C 111 35.09 26.44 -20.40
CA SER C 111 36.39 26.82 -20.98
C SER C 111 37.21 25.60 -21.44
N PHE C 112 36.86 24.39 -20.96
CA PHE C 112 37.54 23.16 -21.32
C PHE C 112 36.79 22.36 -22.40
N ALA C 113 35.76 22.94 -23.03
CA ALA C 113 35.01 22.21 -24.08
C ALA C 113 35.85 21.89 -25.33
N GLY C 114 36.93 22.64 -25.55
CA GLY C 114 37.82 22.45 -26.70
C GLY C 114 38.72 21.23 -26.61
N SER C 115 38.99 20.77 -25.37
CA SER C 115 39.85 19.60 -25.15
C SER C 115 39.07 18.42 -24.52
N PRO C 116 38.87 17.34 -25.29
CA PRO C 116 38.13 16.18 -24.74
C PRO C 116 38.76 15.55 -23.49
N LEU C 117 40.09 15.65 -23.38
CA LEU C 117 40.87 15.13 -22.26
C LEU C 117 40.65 15.95 -20.98
N SER C 118 40.34 17.25 -21.10
CA SER C 118 40.15 18.11 -19.93
C SER C 118 38.70 18.49 -19.61
N TYR C 119 37.78 18.42 -20.60
CA TYR C 119 36.37 18.77 -20.33
C TYR C 119 35.73 17.78 -19.37
N ARG C 120 35.20 18.30 -18.27
CA ARG C 120 34.51 17.49 -17.29
C ARG C 120 33.29 18.23 -16.73
N PRO C 121 32.15 17.53 -16.63
CA PRO C 121 30.97 18.16 -16.02
C PRO C 121 31.20 18.49 -14.55
N VAL C 122 30.59 19.59 -14.06
CA VAL C 122 30.71 19.99 -12.67
C VAL C 122 29.28 20.28 -12.19
N ALA C 123 28.83 19.59 -11.14
CA ALA C 123 27.49 19.80 -10.63
C ALA C 123 27.43 21.08 -9.78
N ILE C 124 26.23 21.67 -9.68
CA ILE C 124 26.03 22.84 -8.84
C ILE C 124 25.02 22.48 -7.76
N ALA C 125 25.43 22.61 -6.51
CA ALA C 125 24.60 22.24 -5.38
C ALA C 125 24.24 23.50 -4.54
N LEU C 126 22.97 23.60 -4.16
CA LEU C 126 22.50 24.72 -3.35
C LEU C 126 22.35 24.24 -1.92
N ASP C 127 23.09 24.84 -0.98
CA ASP C 127 22.99 24.45 0.43
C ASP C 127 22.11 25.49 1.13
N THR C 128 20.94 25.05 1.63
CA THR C 128 20.00 25.99 2.25
C THR C 128 20.42 26.54 3.62
N LYS C 129 19.88 27.73 3.95
CA LYS C 129 20.13 28.40 5.22
C LYS C 129 19.58 27.57 6.37
N GLY C 130 18.39 27.02 6.20
CA GLY C 130 17.79 26.16 7.21
C GLY C 130 16.59 26.77 7.89
N PRO C 131 15.96 25.99 8.78
CA PRO C 131 14.73 26.47 9.45
C PRO C 131 14.97 27.52 10.53
N GLY C 134 12.46 28.08 13.58
CA GLY C 134 11.16 27.67 13.05
C GLY C 134 10.95 26.18 13.05
N PRO C 135 9.68 25.74 12.92
CA PRO C 135 9.40 24.29 12.96
C PRO C 135 9.67 23.52 11.68
N GLY C 136 9.60 24.19 10.54
CA GLY C 136 9.79 23.54 9.25
C GLY C 136 10.40 24.47 8.22
N LEU C 137 9.96 24.35 6.96
CA LEU C 137 10.53 25.13 5.86
C LEU C 137 10.38 26.65 6.03
N SER C 138 11.50 27.37 6.10
CA SER C 138 11.48 28.81 6.28
C SER C 138 11.12 29.52 4.99
N GLU C 139 10.70 30.79 5.08
CA GLU C 139 10.32 31.61 3.93
C GLU C 139 11.53 31.86 3.03
N GLN C 140 12.71 32.07 3.65
CA GLN C 140 13.90 32.30 2.88
C GLN C 140 14.27 31.02 2.10
N ASP C 141 14.11 29.84 2.71
CA ASP C 141 14.39 28.57 2.02
C ASP C 141 13.47 28.36 0.83
N VAL C 142 12.17 28.73 0.94
CA VAL C 142 11.24 28.63 -0.18
C VAL C 142 11.73 29.46 -1.36
N ARG C 143 12.19 30.69 -1.07
CA ARG C 143 12.68 31.59 -2.10
C ARG C 143 14.01 31.13 -2.70
N ASP C 144 14.91 30.60 -1.86
CA ASP C 144 16.21 30.11 -2.31
C ASP C 144 16.05 28.83 -3.15
N LEU C 145 15.11 27.96 -2.78
CA LEU C 145 14.82 26.74 -3.56
C LEU C 145 14.23 27.11 -4.92
N ARG C 146 13.39 28.15 -4.98
CA ARG C 146 12.81 28.66 -6.23
C ARG C 146 13.94 29.24 -7.11
N PHE C 147 14.89 29.94 -6.50
CA PHE C 147 16.06 30.47 -7.21
C PHE C 147 16.85 29.31 -7.84
N GLY C 148 17.03 28.23 -7.08
CA GLY C 148 17.73 27.03 -7.55
C GLY C 148 17.09 26.42 -8.78
N VAL C 149 15.76 26.29 -8.78
CA VAL C 149 15.02 25.77 -9.93
C VAL C 149 15.21 26.68 -11.13
N GLU C 150 15.07 27.99 -10.94
CA GLU C 150 15.21 28.96 -12.03
C GLU C 150 16.62 28.99 -12.60
N HIS C 151 17.63 28.75 -11.77
CA HIS C 151 19.02 28.76 -12.24
C HIS C 151 19.56 27.37 -12.63
N GLY C 152 18.70 26.35 -12.65
CA GLY C 152 19.07 25.00 -13.05
C GLY C 152 20.06 24.27 -12.18
N VAL C 153 19.98 24.41 -10.85
CA VAL C 153 20.89 23.69 -9.96
C VAL C 153 20.60 22.17 -10.04
N ASP C 154 21.61 21.37 -9.77
CA ASP C 154 21.48 19.91 -9.87
C ASP C 154 21.09 19.25 -8.57
N ILE C 155 21.54 19.82 -7.45
CA ILE C 155 21.39 19.22 -6.13
C ILE C 155 21.01 20.26 -5.09
N VAL C 156 20.27 19.83 -4.08
CA VAL C 156 19.97 20.67 -2.93
C VAL C 156 20.53 19.94 -1.71
N PHE C 157 21.36 20.61 -0.90
CA PHE C 157 21.81 20.08 0.37
C PHE C 157 20.85 20.75 1.36
N ALA C 158 19.84 20.02 1.84
CA ALA C 158 18.82 20.59 2.73
C ALA C 158 19.26 20.60 4.18
N SER C 159 19.47 21.80 4.73
CA SER C 159 19.90 21.96 6.12
C SER C 159 18.88 21.53 7.16
N PHE C 160 19.38 21.00 8.28
CA PHE C 160 18.62 20.59 9.45
C PHE C 160 17.38 19.76 9.17
N VAL C 161 17.53 18.66 8.39
CA VAL C 161 16.41 17.77 8.13
C VAL C 161 16.23 16.95 9.41
N ARG C 162 15.03 16.96 9.98
CA ARG C 162 14.76 16.27 11.23
C ARG C 162 13.79 15.13 11.11
N LYS C 163 12.98 15.09 10.03
CA LYS C 163 11.96 14.10 9.80
C LYS C 163 11.58 14.04 8.30
N ALA C 164 10.85 13.00 7.88
CA ALA C 164 10.41 12.82 6.49
C ALA C 164 9.60 13.98 5.96
N SER C 165 8.77 14.63 6.80
CA SER C 165 7.96 15.76 6.34
C SER C 165 8.80 16.99 5.96
N ASP C 166 10.00 17.12 6.53
CA ASP C 166 10.91 18.20 6.13
C ASP C 166 11.35 17.99 4.68
N VAL C 167 11.62 16.73 4.28
CA VAL C 167 12.03 16.40 2.91
C VAL C 167 10.87 16.64 1.97
N ALA C 168 9.65 16.24 2.35
CA ALA C 168 8.46 16.45 1.52
C ALA C 168 8.23 17.94 1.29
N ALA C 169 8.50 18.80 2.30
CA ALA C 169 8.34 20.24 2.15
C ALA C 169 9.38 20.79 1.15
N VAL C 170 10.63 20.30 1.21
CA VAL C 170 11.66 20.72 0.25
C VAL C 170 11.28 20.27 -1.16
N ARG C 171 10.81 19.03 -1.30
CA ARG C 171 10.37 18.44 -2.57
C ARG C 171 9.21 19.27 -3.16
N ALA C 172 8.24 19.67 -2.33
CA ALA C 172 7.12 20.50 -2.78
C ALA C 172 7.60 21.89 -3.23
N ALA C 173 8.57 22.48 -2.49
CA ALA C 173 9.13 23.80 -2.83
C ALA C 173 9.94 23.78 -4.15
N LEU C 174 10.36 22.59 -4.63
CA LEU C 174 11.06 22.50 -5.90
C LEU C 174 10.08 22.62 -7.12
N GLY C 175 8.93 23.26 -6.86
CA GLY C 175 7.87 23.69 -7.79
C GLY C 175 7.50 22.63 -8.77
N PRO C 176 6.86 23.03 -9.88
CA PRO C 176 6.56 22.04 -10.91
C PRO C 176 7.78 21.69 -11.80
N GLU C 177 8.80 22.56 -11.86
CA GLU C 177 9.93 22.37 -12.76
C GLU C 177 11.18 21.66 -12.21
N GLY C 178 11.27 21.46 -10.90
CA GLY C 178 12.50 20.91 -10.31
C GLY C 178 12.42 19.56 -9.65
N HIS C 179 11.52 18.68 -10.10
CA HIS C 179 11.43 17.33 -9.55
C HIS C 179 12.64 16.44 -9.83
N GLY C 180 13.46 16.81 -10.81
CA GLY C 180 14.67 16.05 -11.13
C GLY C 180 15.89 16.45 -10.32
N ILE C 181 15.76 17.51 -9.51
CA ILE C 181 16.84 17.94 -8.63
C ILE C 181 17.01 16.92 -7.51
N LYS C 182 18.25 16.54 -7.18
CA LYS C 182 18.51 15.57 -6.13
C LYS C 182 18.45 16.26 -4.77
N ILE C 183 17.76 15.66 -3.79
CA ILE C 183 17.72 16.22 -2.45
C ILE C 183 18.61 15.40 -1.56
N ILE C 184 19.66 16.00 -1.06
CA ILE C 184 20.59 15.39 -0.13
C ILE C 184 20.26 15.98 1.24
N SER C 185 19.71 15.16 2.17
CA SER C 185 19.31 15.66 3.48
C SER C 185 20.50 15.78 4.42
N LYS C 186 20.71 16.96 5.02
CA LYS C 186 21.79 17.16 5.97
C LYS C 186 21.30 16.75 7.35
N ILE C 187 21.99 15.81 7.99
CA ILE C 187 21.66 15.35 9.34
C ILE C 187 22.56 16.11 10.27
N GLU C 188 21.97 17.04 11.06
CA GLU C 188 22.75 17.96 11.90
C GLU C 188 22.37 17.96 13.37
N ASN C 189 21.43 17.10 13.81
CA ASN C 189 21.03 17.09 15.21
C ASN C 189 20.57 15.72 15.68
N HIS C 190 20.25 15.57 16.98
CA HIS C 190 19.82 14.31 17.56
C HIS C 190 18.59 13.74 16.88
N GLU C 191 17.59 14.58 16.59
CA GLU C 191 16.35 14.11 15.95
C GLU C 191 16.60 13.54 14.55
N GLY C 192 17.43 14.19 13.74
CA GLY C 192 17.76 13.66 12.42
C GLY C 192 18.45 12.31 12.50
N VAL C 193 19.35 12.13 13.49
CA VAL C 193 20.02 10.84 13.68
C VAL C 193 19.00 9.77 14.08
N LYS C 194 18.12 10.09 15.05
CA LYS C 194 17.12 9.12 15.52
C LYS C 194 16.08 8.78 14.48
N ARG C 195 15.70 9.75 13.65
CA ARG C 195 14.72 9.50 12.58
C ARG C 195 15.39 9.28 11.22
N PHE C 196 16.68 8.87 11.21
CA PHE C 196 17.45 8.64 9.99
C PHE C 196 16.76 7.74 8.97
N ASP C 197 16.24 6.58 9.37
CA ASP C 197 15.62 5.66 8.42
C ASP C 197 14.48 6.28 7.63
N GLU C 198 13.58 7.03 8.29
CA GLU C 198 12.47 7.66 7.58
C GLU C 198 12.95 8.80 6.67
N ILE C 199 14.04 9.47 7.03
CA ILE C 199 14.59 10.56 6.23
C ILE C 199 15.28 9.98 4.97
N LEU C 200 16.11 8.95 5.13
CA LEU C 200 16.81 8.33 4.00
C LEU C 200 15.81 7.76 2.99
N GLU C 201 14.73 7.14 3.47
CA GLU C 201 13.71 6.56 2.61
C GLU C 201 13.15 7.54 1.56
N VAL C 202 12.94 8.79 1.95
CA VAL C 202 12.39 9.81 1.04
C VAL C 202 13.45 10.75 0.43
N SER C 203 14.72 10.63 0.83
CA SER C 203 15.78 11.48 0.31
C SER C 203 16.53 10.78 -0.82
N ASP C 204 17.24 11.54 -1.66
CA ASP C 204 18.11 10.93 -2.68
C ASP C 204 19.46 10.51 -2.07
N GLY C 205 19.85 11.12 -0.97
CA GLY C 205 21.10 10.86 -0.28
C GLY C 205 21.19 11.65 1.02
N ILE C 206 22.34 11.56 1.69
CA ILE C 206 22.55 12.18 2.99
C ILE C 206 23.88 12.91 3.09
N MET C 207 23.92 13.98 3.89
CA MET C 207 25.17 14.64 4.20
C MET C 207 25.34 14.54 5.72
N VAL C 208 26.49 14.06 6.18
CA VAL C 208 26.80 14.01 7.60
C VAL C 208 27.37 15.39 7.87
N ALA C 209 26.52 16.32 8.34
CA ALA C 209 26.92 17.71 8.55
C ALA C 209 27.49 17.82 9.95
N ARG C 210 28.78 17.48 10.08
CA ARG C 210 29.48 17.36 11.35
C ARG C 210 29.63 18.62 12.16
N GLY C 211 29.59 19.78 11.53
CA GLY C 211 29.71 21.06 12.24
C GLY C 211 28.63 21.25 13.27
N ASP C 212 27.38 21.32 12.81
CA ASP C 212 26.23 21.44 13.72
C ASP C 212 26.03 20.17 14.51
N LEU C 213 26.25 18.98 13.90
CA LEU C 213 26.09 17.73 14.62
C LEU C 213 26.97 17.67 15.88
N GLY C 214 28.20 18.16 15.77
CA GLY C 214 29.15 18.19 16.87
C GLY C 214 28.85 19.20 17.98
N ILE C 215 27.85 20.07 17.76
CA ILE C 215 27.36 21.06 18.73
C ILE C 215 26.04 20.54 19.33
N GLU C 216 25.20 19.87 18.51
CA GLU C 216 23.90 19.34 18.90
C GLU C 216 23.99 18.07 19.73
N ILE C 217 24.99 17.22 19.43
CA ILE C 217 25.24 16.01 20.21
C ILE C 217 26.67 16.09 20.78
N PRO C 218 27.03 15.29 21.81
CA PRO C 218 28.42 15.35 22.32
C PRO C 218 29.46 15.13 21.21
N ALA C 219 30.52 15.93 21.18
CA ALA C 219 31.54 15.86 20.14
C ALA C 219 32.15 14.46 19.98
N GLU C 220 32.30 13.73 21.09
CA GLU C 220 32.85 12.39 21.10
C GLU C 220 31.92 11.32 20.53
N LYS C 221 30.68 11.68 20.15
CA LYS C 221 29.74 10.73 19.56
C LYS C 221 29.56 10.93 18.03
N VAL C 222 30.10 12.00 17.46
CA VAL C 222 29.94 12.29 16.03
C VAL C 222 30.43 11.16 15.14
N PHE C 223 31.59 10.55 15.45
CA PHE C 223 32.09 9.44 14.64
C PHE C 223 31.11 8.25 14.56
N LEU C 224 30.33 8.01 15.64
CA LEU C 224 29.35 6.92 15.64
C LEU C 224 28.23 7.24 14.67
N ALA C 225 27.75 8.49 14.68
CA ALA C 225 26.69 8.94 13.78
C ALA C 225 27.19 8.89 12.33
N GLN C 226 28.43 9.35 12.08
CA GLN C 226 29.00 9.32 10.73
C GLN C 226 29.11 7.88 10.19
N LYS C 227 29.69 6.97 10.97
CA LYS C 227 29.88 5.60 10.54
C LYS C 227 28.56 4.86 10.34
N MET C 228 27.56 5.16 11.20
CA MET C 228 26.25 4.53 11.08
C MET C 228 25.55 5.00 9.80
N MET C 229 25.52 6.31 9.57
CA MET C 229 24.84 6.87 8.41
C MET C 229 25.49 6.47 7.11
N ILE C 230 26.82 6.39 7.08
CA ILE C 230 27.53 5.94 5.88
C ILE C 230 27.18 4.48 5.59
N GLY C 231 27.19 3.63 6.62
CA GLY C 231 26.84 2.22 6.49
C GLY C 231 25.42 2.02 5.98
N ARG C 232 24.45 2.76 6.56
CA ARG C 232 23.06 2.64 6.10
C ARG C 232 22.86 3.16 4.68
N CYS C 233 23.57 4.23 4.30
CA CYS C 233 23.48 4.74 2.91
C CYS C 233 24.08 3.74 1.94
N ASN C 234 25.20 3.09 2.30
CA ASN C 234 25.84 2.07 1.46
C ASN C 234 24.86 0.89 1.30
N LEU C 235 24.18 0.49 2.38
CA LEU C 235 23.20 -0.60 2.36
C LEU C 235 22.01 -0.24 1.45
N ALA C 236 21.53 1.01 1.53
CA ALA C 236 20.42 1.47 0.69
C ALA C 236 20.83 1.79 -0.77
N GLY C 237 22.10 1.90 -1.05
CA GLY C 237 22.58 2.24 -2.38
C GLY C 237 22.35 3.71 -2.71
N LYS C 238 22.39 4.59 -1.70
CA LYS C 238 22.16 6.01 -1.91
C LYS C 238 23.41 6.81 -1.52
N PRO C 239 23.71 7.92 -2.26
CA PRO C 239 24.93 8.67 -1.94
C PRO C 239 25.02 9.29 -0.54
N VAL C 240 26.22 9.28 0.03
CA VAL C 240 26.45 9.87 1.34
C VAL C 240 27.68 10.78 1.27
N VAL C 241 27.57 11.99 1.82
CA VAL C 241 28.64 12.97 1.83
C VAL C 241 29.20 13.12 3.24
N CYS C 242 30.54 13.12 3.39
CA CYS C 242 31.14 13.44 4.69
C CYS C 242 31.54 14.91 4.58
N ALA C 243 31.14 15.71 5.58
CA ALA C 243 31.40 17.15 5.51
C ALA C 243 31.92 17.74 6.80
N THR C 244 32.60 18.90 6.68
CA THR C 244 33.01 19.88 7.69
C THR C 244 34.26 19.55 8.48
N GLN C 245 35.20 20.51 8.46
CA GLN C 245 36.48 20.51 9.17
C GLN C 245 37.42 19.37 8.78
N MET C 246 37.23 18.81 7.55
CA MET C 246 38.08 17.72 7.10
C MET C 246 39.54 18.16 6.96
N LEU C 247 39.78 19.37 6.45
CA LEU C 247 41.14 19.93 6.33
C LEU C 247 41.14 21.36 6.89
N GLU C 248 40.43 21.60 8.01
CA GLU C 248 40.23 22.89 8.63
C GLU C 248 41.48 23.77 8.76
N SER C 249 42.60 23.23 9.24
CA SER C 249 43.83 24.00 9.41
C SER C 249 44.35 24.59 8.09
N MET C 250 43.96 24.02 6.94
CA MET C 250 44.37 24.55 5.63
C MET C 250 43.68 25.88 5.28
N ILE C 251 42.79 26.41 6.16
CA ILE C 251 42.21 27.73 5.96
C ILE C 251 43.37 28.77 6.07
N THR C 252 44.34 28.55 7.00
CA THR C 252 45.47 29.46 7.16
C THR C 252 46.83 28.81 6.86
N LYS C 253 46.94 27.48 6.91
CA LYS C 253 48.23 26.80 6.70
C LYS C 253 48.31 26.03 5.37
N PRO C 254 49.48 25.99 4.71
CA PRO C 254 49.57 25.30 3.41
C PRO C 254 49.52 23.76 3.48
N ARG C 255 49.74 23.18 4.68
CA ARG C 255 49.72 21.74 4.90
C ARG C 255 48.76 21.40 6.03
N PRO C 256 48.04 20.28 5.91
CA PRO C 256 47.08 19.90 6.96
C PRO C 256 47.74 19.17 8.13
N THR C 257 47.00 18.98 9.22
CA THR C 257 47.51 18.22 10.36
C THR C 257 47.41 16.71 10.07
N ARG C 258 48.05 15.89 10.92
CA ARG C 258 48.00 14.44 10.81
C ARG C 258 46.58 13.90 11.05
N ALA C 259 45.80 14.57 11.91
CA ALA C 259 44.42 14.15 12.16
C ALA C 259 43.53 14.44 10.96
N GLU C 260 43.81 15.52 10.24
CA GLU C 260 43.05 15.92 9.06
C GLU C 260 43.23 14.96 7.88
N THR C 261 44.46 14.55 7.57
CA THR C 261 44.67 13.58 6.48
C THR C 261 44.02 12.24 6.84
N SER C 262 44.13 11.86 8.12
CA SER C 262 43.54 10.62 8.62
C SER C 262 42.01 10.68 8.47
N ASP C 263 41.40 11.82 8.81
CA ASP C 263 39.95 12.01 8.71
C ASP C 263 39.45 11.84 7.25
N VAL C 264 40.16 12.43 6.29
CA VAL C 264 39.78 12.29 4.88
C VAL C 264 39.89 10.81 4.43
N ALA C 265 41.01 10.16 4.77
CA ALA C 265 41.21 8.76 4.40
C ALA C 265 40.17 7.86 5.04
N ASN C 266 39.84 8.10 6.32
CA ASN C 266 38.87 7.29 7.04
C ASN C 266 37.45 7.52 6.55
N ALA C 267 37.12 8.72 6.03
CA ALA C 267 35.77 8.95 5.48
C ALA C 267 35.61 8.07 4.22
N VAL C 268 36.67 7.96 3.40
CA VAL C 268 36.66 7.11 2.20
C VAL C 268 36.57 5.63 2.62
N LEU C 269 37.39 5.20 3.59
CA LEU C 269 37.36 3.83 4.08
C LEU C 269 36.02 3.47 4.76
N ASP C 270 35.35 4.45 5.38
CA ASP C 270 34.02 4.25 5.98
C ASP C 270 32.99 3.91 4.90
N GLY C 271 33.14 4.49 3.70
CA GLY C 271 32.27 4.25 2.56
C GLY C 271 31.62 5.49 1.98
N ALA C 272 32.14 6.67 2.27
CA ALA C 272 31.56 7.92 1.76
C ALA C 272 31.68 8.04 0.27
N ASP C 273 30.62 8.46 -0.40
CA ASP C 273 30.64 8.70 -1.84
C ASP C 273 31.34 10.01 -2.17
N CYS C 274 31.15 11.02 -1.32
CA CYS C 274 31.73 12.36 -1.53
C CYS C 274 32.37 12.84 -0.26
N ILE C 275 33.37 13.70 -0.42
CA ILE C 275 34.02 14.41 0.67
C ILE C 275 33.87 15.91 0.35
N MET C 276 33.85 16.76 1.40
CA MET C 276 33.59 18.17 1.19
C MET C 276 34.61 19.10 1.84
N LEU C 277 34.71 20.30 1.28
CA LEU C 277 35.52 21.40 1.78
C LEU C 277 34.57 22.60 1.92
N SER C 278 34.62 23.29 3.06
CA SER C 278 33.77 24.46 3.34
C SER C 278 34.64 25.73 3.42
N GLY C 279 35.05 26.18 4.60
CA GLY C 279 35.92 27.34 4.76
C GLY C 279 37.23 27.20 4.03
N GLU C 280 37.73 25.94 3.90
CA GLU C 280 38.98 25.63 3.21
C GLU C 280 39.01 26.16 1.80
N THR C 281 37.88 26.14 1.10
CA THR C 281 37.80 26.62 -0.27
C THR C 281 36.99 27.91 -0.43
N ALA C 282 36.05 28.19 0.51
CA ALA C 282 35.21 29.39 0.43
C ALA C 282 35.95 30.66 0.87
N LYS C 283 36.74 30.59 1.94
CA LYS C 283 37.39 31.78 2.47
C LYS C 283 38.87 31.64 2.82
N GLY C 284 39.42 30.43 2.80
CA GLY C 284 40.81 30.21 3.17
C GLY C 284 41.86 30.69 2.19
N ASN C 285 43.13 30.66 2.61
CA ASN C 285 44.25 31.11 1.79
C ASN C 285 44.78 30.08 0.80
N PHE C 286 44.36 28.80 0.94
CA PHE C 286 44.85 27.73 0.06
C PHE C 286 43.70 26.87 -0.52
N PRO C 287 42.71 27.48 -1.21
CA PRO C 287 41.59 26.66 -1.75
C PRO C 287 41.99 25.57 -2.72
N VAL C 288 42.92 25.88 -3.65
CA VAL C 288 43.37 24.91 -4.64
C VAL C 288 44.17 23.79 -3.98
N GLU C 289 45.04 24.13 -3.04
CA GLU C 289 45.86 23.15 -2.33
C GLU C 289 44.98 22.21 -1.48
N ALA C 290 43.87 22.72 -0.93
CA ALA C 290 42.94 21.91 -0.15
C ALA C 290 42.27 20.87 -1.05
N VAL C 291 41.90 21.24 -2.28
CA VAL C 291 41.29 20.32 -3.23
C VAL C 291 42.34 19.27 -3.65
N LYS C 292 43.58 19.71 -3.91
CA LYS C 292 44.67 18.80 -4.29
C LYS C 292 44.96 17.78 -3.20
N MET C 293 44.91 18.21 -1.94
CA MET C 293 45.15 17.33 -0.81
C MET C 293 44.04 16.28 -0.68
N GLN C 294 42.77 16.68 -0.82
CA GLN C 294 41.65 15.72 -0.77
C GLN C 294 41.77 14.72 -1.91
N HIS C 295 42.16 15.19 -3.10
CA HIS C 295 42.34 14.31 -4.26
C HIS C 295 43.43 13.25 -3.97
N ALA C 296 44.60 13.69 -3.48
CA ALA C 296 45.72 12.80 -3.20
C ALA C 296 45.37 11.75 -2.14
N ILE C 297 44.72 12.16 -1.04
CA ILE C 297 44.35 11.24 0.02
C ILE C 297 43.30 10.25 -0.46
N ALA C 298 42.22 10.73 -1.13
CA ALA C 298 41.16 9.86 -1.61
C ALA C 298 41.67 8.75 -2.52
N ARG C 299 42.60 9.07 -3.43
CA ARG C 299 43.20 8.08 -4.33
C ARG C 299 43.92 6.99 -3.53
N GLU C 300 44.71 7.38 -2.53
CA GLU C 300 45.43 6.42 -1.69
C GLU C 300 44.46 5.54 -0.90
N ALA C 301 43.40 6.16 -0.33
CA ALA C 301 42.44 5.44 0.50
C ALA C 301 41.58 4.50 -0.29
N GLU C 302 41.25 4.85 -1.55
CA GLU C 302 40.42 4.00 -2.40
C GLU C 302 41.15 2.69 -2.74
N ALA C 303 42.47 2.76 -2.96
CA ALA C 303 43.26 1.56 -3.24
C ALA C 303 43.37 0.66 -2.00
N ALA C 304 43.29 1.26 -0.78
CA ALA C 304 43.36 0.53 0.49
C ALA C 304 42.01 -0.08 0.91
N VAL C 305 40.95 0.09 0.11
CA VAL C 305 39.65 -0.50 0.43
C VAL C 305 39.76 -2.05 0.31
N TYR C 306 39.21 -2.79 1.27
CA TYR C 306 39.24 -4.24 1.28
C TYR C 306 38.03 -4.77 0.53
N HIS C 307 38.08 -4.72 -0.80
CA HIS C 307 36.97 -5.12 -1.67
C HIS C 307 36.50 -6.54 -1.44
N ARG C 308 37.39 -7.46 -1.10
CA ARG C 308 37.02 -8.86 -0.87
C ARG C 308 35.89 -9.01 0.15
N GLN C 309 35.99 -8.32 1.30
CA GLN C 309 34.92 -8.41 2.30
C GLN C 309 33.79 -7.44 1.99
N LEU C 310 34.12 -6.21 1.53
CA LEU C 310 33.12 -5.19 1.20
C LEU C 310 32.11 -5.70 0.17
N PHE C 311 32.60 -6.26 -0.96
CA PHE C 311 31.71 -6.78 -1.99
C PHE C 311 30.87 -7.93 -1.47
N GLU C 312 31.48 -8.85 -0.72
CA GLU C 312 30.79 -9.99 -0.13
C GLU C 312 29.65 -9.54 0.78
N GLU C 313 29.89 -8.52 1.61
CA GLU C 313 28.87 -8.01 2.52
C GLU C 313 27.79 -7.20 1.82
N LEU C 314 28.16 -6.40 0.80
CA LEU C 314 27.16 -5.62 0.05
C LEU C 314 26.25 -6.60 -0.70
N ARG C 315 26.85 -7.64 -1.30
CA ARG C 315 26.17 -8.69 -2.02
C ARG C 315 25.19 -9.43 -1.10
N ARG C 316 25.67 -9.88 0.06
CA ARG C 316 24.88 -10.62 1.04
C ARG C 316 23.76 -9.80 1.69
N ALA C 317 24.02 -8.50 1.95
CA ALA C 317 23.02 -7.65 2.59
C ALA C 317 21.95 -7.15 1.63
N ALA C 318 22.30 -6.96 0.34
CA ALA C 318 21.35 -6.48 -0.66
C ALA C 318 20.30 -7.55 -0.87
N PRO C 319 19.02 -7.20 -0.76
CA PRO C 319 17.98 -8.22 -0.92
C PRO C 319 17.90 -8.76 -2.35
N LEU C 320 17.26 -9.92 -2.52
CA LEU C 320 17.05 -10.49 -3.84
C LEU C 320 16.16 -9.54 -4.64
N SER C 321 16.36 -9.48 -5.95
CA SER C 321 15.63 -8.55 -6.76
C SER C 321 15.17 -9.14 -8.06
N ARG C 322 14.01 -8.73 -8.52
CA ARG C 322 13.52 -9.10 -9.83
C ARG C 322 13.62 -7.91 -10.83
N ASP C 323 14.29 -6.81 -10.43
CA ASP C 323 14.50 -5.65 -11.30
C ASP C 323 15.73 -5.96 -12.16
N PRO C 324 15.56 -5.99 -13.49
CA PRO C 324 16.69 -6.32 -14.37
C PRO C 324 17.90 -5.41 -14.26
N THR C 325 17.74 -4.12 -13.91
CA THR C 325 18.89 -3.23 -13.76
C THR C 325 19.72 -3.63 -12.56
N GLU C 326 19.05 -4.00 -11.46
CA GLU C 326 19.73 -4.44 -10.25
CA GLU C 326 19.72 -4.44 -10.24
C GLU C 326 20.43 -5.79 -10.50
N VAL C 327 19.79 -6.71 -11.20
CA VAL C 327 20.35 -8.03 -11.53
C VAL C 327 21.56 -7.90 -12.46
N THR C 328 21.45 -7.04 -13.49
CA THR C 328 22.54 -6.81 -14.44
C THR C 328 23.71 -6.17 -13.73
N ALA C 329 23.44 -5.20 -12.82
CA ALA C 329 24.50 -4.51 -12.12
C ALA C 329 25.39 -5.45 -11.29
N ILE C 330 24.79 -6.38 -10.53
CA ILE C 330 25.59 -7.29 -9.71
C ILE C 330 26.38 -8.27 -10.59
N GLY C 331 25.78 -8.71 -11.68
CA GLY C 331 26.44 -9.59 -12.63
C GLY C 331 27.62 -8.89 -13.28
N ALA C 332 27.47 -7.60 -13.62
CA ALA C 332 28.53 -6.82 -14.25
C ALA C 332 29.69 -6.55 -13.30
N VAL C 333 29.40 -6.24 -12.03
CA VAL C 333 30.44 -5.98 -11.03
C VAL C 333 31.21 -7.29 -10.74
N GLU C 334 30.51 -8.41 -10.66
CA GLU C 334 31.13 -9.72 -10.44
CA GLU C 334 31.12 -9.73 -10.44
C GLU C 334 32.05 -10.04 -11.63
N ALA C 335 31.57 -9.80 -12.87
CA ALA C 335 32.36 -10.02 -14.07
C ALA C 335 33.61 -9.12 -14.08
N ALA C 336 33.46 -7.85 -13.67
CA ALA C 336 34.59 -6.91 -13.63
C ALA C 336 35.69 -7.40 -12.66
N PHE C 337 35.31 -7.89 -11.48
CA PHE C 337 36.28 -8.41 -10.52
C PHE C 337 36.99 -9.67 -11.07
N LYS C 338 36.26 -10.54 -11.76
CA LYS C 338 36.80 -11.78 -12.32
C LYS C 338 37.94 -11.57 -13.30
N CYS C 339 37.85 -10.52 -14.14
CA CYS C 339 38.86 -10.27 -15.16
C CYS C 339 39.73 -9.06 -14.90
N CYS C 340 39.61 -8.40 -13.73
CA CYS C 340 40.32 -7.15 -13.42
C CYS C 340 40.01 -6.10 -14.50
N ALA C 341 38.71 -5.99 -14.90
CA ALA C 341 38.31 -5.07 -15.97
C ALA C 341 38.75 -3.65 -15.66
N ALA C 342 39.23 -2.98 -16.68
CA ALA C 342 39.70 -1.61 -16.53
C ALA C 342 38.52 -0.66 -16.29
N ALA C 343 37.32 -1.00 -16.79
CA ALA C 343 36.14 -0.17 -16.62
C ALA C 343 34.85 -0.95 -16.90
N ILE C 344 33.73 -0.40 -16.41
CA ILE C 344 32.39 -0.84 -16.72
C ILE C 344 31.77 0.33 -17.45
N ILE C 345 31.49 0.20 -18.74
CA ILE C 345 30.89 1.26 -19.51
C ILE C 345 29.38 1.05 -19.49
N VAL C 346 28.62 2.04 -19.02
CA VAL C 346 27.17 1.92 -18.93
C VAL C 346 26.47 3.06 -19.66
N LEU C 347 25.40 2.74 -20.40
CA LEU C 347 24.56 3.72 -21.06
C LEU C 347 23.42 4.05 -20.07
N THR C 348 23.22 5.34 -19.77
CA THR C 348 22.21 5.75 -18.80
C THR C 348 21.61 7.08 -19.16
N THR C 349 20.29 7.24 -19.01
CA THR C 349 19.63 8.50 -19.30
C THR C 349 19.43 9.29 -18.01
N THR C 350 19.05 8.61 -16.91
CA THR C 350 18.83 9.27 -15.64
C THR C 350 19.99 9.15 -14.66
N GLY C 351 20.95 8.26 -14.95
CA GLY C 351 22.04 7.99 -14.02
C GLY C 351 21.80 6.74 -13.18
N ARG C 352 20.56 6.21 -13.17
CA ARG C 352 20.19 5.07 -12.31
C ARG C 352 21.00 3.78 -12.55
N SER C 353 21.23 3.41 -13.81
CA SER C 353 22.01 2.18 -14.09
C SER C 353 23.45 2.31 -13.56
N ALA C 354 24.03 3.53 -13.59
CA ALA C 354 25.37 3.77 -13.05
C ALA C 354 25.37 3.73 -11.51
N GLN C 355 24.30 4.24 -10.89
CA GLN C 355 24.15 4.25 -9.43
C GLN C 355 24.07 2.83 -8.89
N LEU C 356 23.33 1.94 -9.58
CA LEU C 356 23.20 0.55 -9.17
C LEU C 356 24.51 -0.23 -9.33
N LEU C 357 25.40 0.18 -10.24
CA LEU C 357 26.72 -0.43 -10.38
C LEU C 357 27.58 0.06 -9.21
N SER C 358 27.54 1.38 -8.94
CA SER C 358 28.30 2.07 -7.88
C SER C 358 28.01 1.49 -6.49
N ARG C 359 26.79 1.06 -6.23
CA ARG C 359 26.41 0.53 -4.91
C ARG C 359 27.19 -0.74 -4.53
N TYR C 360 27.71 -1.51 -5.52
CA TYR C 360 28.51 -2.70 -5.23
C TYR C 360 30.00 -2.42 -5.11
N ARG C 361 30.40 -1.14 -5.18
CA ARG C 361 31.76 -0.66 -5.05
C ARG C 361 32.78 -1.43 -5.91
N PRO C 362 32.60 -1.46 -7.23
CA PRO C 362 33.59 -2.12 -8.07
C PRO C 362 34.92 -1.38 -8.01
N ARG C 363 36.02 -2.11 -8.22
CA ARG C 363 37.32 -1.49 -8.36
C ARG C 363 37.39 -0.84 -9.78
N ALA C 364 36.75 -1.45 -10.79
CA ALA C 364 36.70 -0.91 -12.15
C ALA C 364 35.95 0.44 -12.14
N ALA C 365 36.42 1.41 -12.88
CA ALA C 365 35.78 2.71 -13.03
C ALA C 365 34.44 2.51 -13.76
N VAL C 366 33.39 3.20 -13.33
CA VAL C 366 32.09 3.11 -14.00
C VAL C 366 32.00 4.31 -14.93
N ILE C 367 32.20 4.11 -16.23
CA ILE C 367 32.15 5.16 -17.21
C ILE C 367 30.70 5.26 -17.69
N ALA C 368 30.02 6.34 -17.34
CA ALA C 368 28.60 6.49 -17.66
C ALA C 368 28.40 7.40 -18.85
N VAL C 369 27.91 6.87 -19.95
CA VAL C 369 27.69 7.64 -21.16
C VAL C 369 26.22 8.05 -21.20
N THR C 370 25.97 9.35 -21.26
CA THR C 370 24.62 9.87 -21.24
C THR C 370 24.43 11.05 -22.17
N ARG C 371 23.21 11.23 -22.68
CA ARG C 371 22.86 12.43 -23.45
C ARG C 371 22.34 13.56 -22.51
N SER C 372 22.00 13.24 -21.23
CA SER C 372 21.47 14.23 -20.30
C SER C 372 22.56 14.96 -19.60
N ALA C 373 22.70 16.28 -19.85
CA ALA C 373 23.72 17.09 -19.19
C ALA C 373 23.52 17.11 -17.66
N GLN C 374 22.26 17.08 -17.22
CA GLN C 374 21.94 17.08 -15.79
C GLN C 374 22.34 15.76 -15.13
N ALA C 375 22.01 14.64 -15.77
CA ALA C 375 22.41 13.32 -15.24
C ALA C 375 23.92 13.20 -15.16
N ALA C 376 24.64 13.77 -16.15
CA ALA C 376 26.10 13.75 -16.15
C ALA C 376 26.68 14.51 -14.95
N ARG C 377 26.06 15.65 -14.58
CA ARG C 377 26.53 16.39 -13.42
C ARG C 377 26.16 15.67 -12.12
N GLN C 378 24.90 15.16 -12.04
CA GLN C 378 24.39 14.52 -10.82
C GLN C 378 25.06 13.21 -10.44
N VAL C 379 25.55 12.42 -11.42
CA VAL C 379 26.19 11.14 -11.09
C VAL C 379 27.50 11.30 -10.35
N HIS C 380 28.05 12.53 -10.24
CA HIS C 380 29.22 12.79 -9.40
C HIS C 380 28.91 12.45 -7.92
N LEU C 381 27.62 12.40 -7.51
CA LEU C 381 27.25 12.00 -6.15
C LEU C 381 27.58 10.53 -5.87
N CYS C 382 27.69 9.68 -6.91
CA CYS C 382 27.93 8.25 -6.77
C CYS C 382 29.38 7.88 -6.93
N ARG C 383 29.97 7.26 -5.88
CA ARG C 383 31.39 6.87 -5.94
C ARG C 383 31.74 6.01 -7.16
N GLY C 384 32.81 6.40 -7.83
CA GLY C 384 33.34 5.63 -8.95
C GLY C 384 32.66 5.82 -10.27
N VAL C 385 31.76 6.80 -10.37
CA VAL C 385 31.08 7.07 -11.65
C VAL C 385 31.75 8.26 -12.34
N PHE C 386 32.24 8.03 -13.57
CA PHE C 386 32.93 9.01 -14.41
C PHE C 386 31.98 9.35 -15.58
N PRO C 387 31.27 10.49 -15.49
CA PRO C 387 30.27 10.81 -16.54
C PRO C 387 30.84 11.29 -17.85
N LEU C 388 30.26 10.91 -18.97
CA LEU C 388 30.67 11.40 -20.28
C LEU C 388 29.43 11.88 -20.95
N LEU C 389 29.37 13.16 -21.27
CA LEU C 389 28.21 13.73 -21.95
C LEU C 389 28.34 13.55 -23.46
N TYR C 390 27.36 12.88 -24.07
CA TYR C 390 27.33 12.54 -25.49
C TYR C 390 26.39 13.48 -26.23
N ARG C 391 26.91 14.19 -27.23
CA ARG C 391 26.13 15.19 -27.96
C ARG C 391 25.96 14.93 -29.45
N GLU C 392 26.33 13.76 -29.93
CA GLU C 392 26.22 13.43 -31.35
C GLU C 392 24.77 13.31 -31.80
N PRO C 393 24.48 13.58 -33.08
CA PRO C 393 23.11 13.38 -33.57
C PRO C 393 22.74 11.88 -33.56
N PRO C 394 21.50 11.56 -33.11
CA PRO C 394 21.10 10.15 -33.03
C PRO C 394 21.05 9.42 -34.35
N GLU C 395 21.50 8.15 -34.37
CA GLU C 395 21.46 7.32 -35.57
C GLU C 395 20.03 6.86 -35.81
N ALA C 396 19.70 6.56 -37.06
CA ALA C 396 18.37 6.04 -37.44
C ALA C 396 18.16 4.64 -36.87
N ILE C 397 19.19 3.79 -36.88
CA ILE C 397 19.08 2.43 -36.35
C ILE C 397 19.54 2.47 -34.89
N TRP C 398 18.64 2.16 -33.97
CA TRP C 398 18.91 2.24 -32.54
C TRP C 398 20.12 1.41 -32.10
N ALA C 399 20.27 0.16 -32.57
CA ALA C 399 21.44 -0.66 -32.25
C ALA C 399 22.75 0.01 -32.66
N ASP C 400 22.76 0.76 -33.78
CA ASP C 400 23.95 1.50 -34.22
C ASP C 400 24.26 2.66 -33.30
N ASP C 401 23.23 3.35 -32.81
CA ASP C 401 23.37 4.46 -31.89
C ASP C 401 23.94 3.99 -30.54
N VAL C 402 23.53 2.78 -30.10
CA VAL C 402 24.03 2.17 -28.89
C VAL C 402 25.52 1.87 -29.10
N ASP C 403 25.87 1.26 -30.25
CA ASP C 403 27.26 0.95 -30.55
C ASP C 403 28.12 2.17 -30.62
N ARG C 404 27.63 3.28 -31.20
CA ARG C 404 28.40 4.54 -31.22
C ARG C 404 28.68 5.08 -29.82
N ARG C 405 27.69 4.98 -28.89
CA ARG C 405 27.90 5.46 -27.54
C ARG C 405 28.89 4.60 -26.78
N VAL C 406 28.85 3.28 -26.98
CA VAL C 406 29.78 2.35 -26.34
C VAL C 406 31.20 2.67 -26.82
N GLN C 407 31.39 2.85 -28.15
CA GLN C 407 32.73 3.20 -28.66
C GLN C 407 33.17 4.56 -28.21
N PHE C 408 32.24 5.49 -28.01
CA PHE C 408 32.57 6.81 -27.46
C PHE C 408 33.14 6.66 -26.01
N GLY C 409 32.57 5.76 -25.23
CA GLY C 409 33.07 5.48 -23.91
C GLY C 409 34.45 4.84 -23.96
N ILE C 410 34.66 3.89 -24.89
CA ILE C 410 35.95 3.24 -25.04
C ILE C 410 37.01 4.27 -25.47
N GLU C 411 36.70 5.10 -26.46
CA GLU C 411 37.67 6.08 -26.97
C GLU C 411 37.96 7.18 -25.98
N SER C 412 36.96 7.63 -25.19
CA SER C 412 37.26 8.61 -24.13
C SER C 412 38.15 7.94 -23.04
N GLY C 413 37.88 6.66 -22.75
CA GLY C 413 38.67 5.91 -21.80
C GLY C 413 40.12 5.79 -22.21
N LYS C 414 40.38 5.52 -23.53
CA LYS C 414 41.75 5.40 -24.06
C LYS C 414 42.42 6.77 -23.91
N LEU C 415 41.75 7.83 -24.35
CA LEU C 415 42.29 9.18 -24.27
C LEU C 415 42.62 9.63 -22.81
N ARG C 416 41.77 9.27 -21.83
CA ARG C 416 42.00 9.68 -20.45
C ARG C 416 42.90 8.76 -19.63
N GLY C 417 43.32 7.64 -20.18
CA GLY C 417 44.23 6.73 -19.48
C GLY C 417 43.56 5.60 -18.72
N PHE C 418 42.22 5.49 -18.79
CA PHE C 418 41.48 4.41 -18.13
C PHE C 418 41.72 3.06 -18.87
N LEU C 419 41.82 3.10 -20.23
CA LEU C 419 41.86 1.92 -21.09
C LEU C 419 42.99 1.88 -22.12
N ARG C 420 43.38 0.67 -22.49
CA ARG C 420 44.40 0.43 -23.53
C ARG C 420 43.95 -0.78 -24.36
N VAL C 421 44.47 -0.91 -25.58
CA VAL C 421 44.21 -2.05 -26.45
C VAL C 421 44.64 -3.35 -25.73
N GLY C 422 43.80 -4.36 -25.74
CA GLY C 422 44.06 -5.60 -25.01
C GLY C 422 43.35 -5.67 -23.66
N ASP C 423 42.89 -4.55 -23.12
CA ASP C 423 42.13 -4.54 -21.86
C ASP C 423 40.75 -5.17 -22.04
N LEU C 424 40.14 -5.64 -20.93
CA LEU C 424 38.78 -6.12 -20.95
C LEU C 424 37.92 -5.04 -20.29
N VAL C 425 36.73 -4.83 -20.85
CA VAL C 425 35.73 -3.93 -20.29
C VAL C 425 34.40 -4.64 -20.22
N ILE C 426 33.59 -4.27 -19.25
CA ILE C 426 32.24 -4.79 -19.13
C ILE C 426 31.33 -3.69 -19.64
N VAL C 427 30.37 -4.02 -20.46
CA VAL C 427 29.49 -3.03 -21.05
C VAL C 427 28.06 -3.35 -20.63
N VAL C 428 27.38 -2.38 -20.07
CA VAL C 428 26.02 -2.49 -19.60
C VAL C 428 25.04 -1.63 -20.42
N THR C 429 24.05 -2.29 -21.03
CA THR C 429 23.05 -1.63 -21.87
C THR C 429 21.68 -2.30 -21.60
N GLY C 430 20.62 -1.85 -22.28
CA GLY C 430 19.29 -2.43 -22.23
C GLY C 430 18.84 -2.93 -23.57
N TRP C 431 17.68 -3.58 -23.62
CA TRP C 431 17.18 -4.21 -24.85
C TRP C 431 16.37 -3.29 -25.77
N ARG C 432 15.99 -2.11 -25.28
CA ARG C 432 15.22 -1.14 -26.06
C ARG C 432 15.51 0.29 -25.57
N PRO C 433 15.21 1.33 -26.37
CA PRO C 433 15.48 2.69 -25.92
C PRO C 433 14.54 3.11 -24.79
N GLY C 434 14.95 4.12 -24.07
CA GLY C 434 14.20 4.63 -22.95
C GLY C 434 14.82 4.16 -21.66
N SER C 435 14.71 4.98 -20.66
CA SER C 435 15.16 4.70 -19.34
C SER C 435 14.36 3.50 -18.74
N GLY C 436 15.00 2.73 -17.87
CA GLY C 436 14.32 1.65 -17.16
C GLY C 436 14.42 0.24 -17.72
N TYR C 437 15.14 0.02 -18.82
CA TYR C 437 15.23 -1.31 -19.44
C TYR C 437 16.61 -1.97 -19.40
N THR C 438 17.57 -1.50 -18.58
CA THR C 438 18.88 -2.14 -18.48
C THR C 438 18.73 -3.63 -18.13
N ASN C 439 19.24 -4.50 -19.00
CA ASN C 439 19.14 -5.93 -18.75
C ASN C 439 20.30 -6.71 -19.43
N ILE C 440 21.33 -6.02 -19.97
CA ILE C 440 22.39 -6.68 -20.72
C ILE C 440 23.77 -6.37 -20.17
N MET C 441 24.61 -7.39 -20.07
CA MET C 441 26.00 -7.23 -19.70
C MET C 441 26.84 -7.96 -20.74
N ARG C 442 27.84 -7.28 -21.30
CA ARG C 442 28.70 -7.86 -22.30
C ARG C 442 30.15 -7.70 -21.88
N VAL C 443 30.99 -8.66 -22.27
CA VAL C 443 32.44 -8.65 -21.99
C VAL C 443 33.10 -8.34 -23.32
N LEU C 444 33.79 -7.21 -23.38
CA LEU C 444 34.45 -6.77 -24.61
C LEU C 444 35.96 -6.63 -24.46
N SER C 445 36.71 -7.03 -25.48
CA SER C 445 38.14 -6.83 -25.51
CA SER C 445 38.15 -6.85 -25.55
C SER C 445 38.38 -5.52 -26.27
N ILE C 446 39.19 -4.63 -25.73
CA ILE C 446 39.46 -3.34 -26.35
C ILE C 446 40.38 -3.51 -27.56
N SER C 447 39.94 -3.07 -28.74
CA SER C 447 40.75 -3.13 -29.96
C SER C 447 41.14 -1.72 -30.44
N GLY D 23 5.61 -15.74 -2.88
CA GLY D 23 4.76 -16.43 -1.93
C GLY D 23 5.52 -17.23 -0.89
N THR D 24 4.86 -17.48 0.26
CA THR D 24 5.47 -18.26 1.35
C THR D 24 5.64 -19.73 0.97
N ALA D 25 4.70 -20.27 0.16
CA ALA D 25 4.77 -21.66 -0.28
C ALA D 25 6.04 -21.91 -1.09
N PHE D 26 6.46 -20.93 -1.91
CA PHE D 26 7.69 -21.03 -2.70
C PHE D 26 8.89 -21.19 -1.80
N PHE D 27 8.97 -20.39 -0.73
CA PHE D 27 10.10 -20.42 0.19
C PHE D 27 10.07 -21.57 1.23
N GLN D 28 9.07 -22.45 1.17
CA GLN D 28 9.02 -23.62 2.05
C GLN D 28 9.57 -24.87 1.31
N GLN D 29 9.40 -24.93 -0.04
CA GLN D 29 9.86 -26.02 -0.90
C GLN D 29 11.37 -25.95 -1.13
N GLN D 30 11.94 -26.96 -1.85
CA GLN D 30 13.35 -27.10 -2.23
C GLN D 30 14.35 -26.72 -1.13
N GLN D 31 14.03 -27.07 0.13
CA GLN D 31 14.86 -26.82 1.32
C GLN D 31 15.29 -25.35 1.41
N LEU D 32 14.40 -24.41 1.04
CA LEU D 32 14.77 -22.98 1.07
C LEU D 32 15.01 -22.46 2.50
N PRO D 33 14.31 -22.88 3.58
CA PRO D 33 14.71 -22.45 4.93
C PRO D 33 16.15 -22.88 5.26
N ALA D 34 16.54 -24.12 4.90
CA ALA D 34 17.90 -24.62 5.11
C ALA D 34 18.92 -23.87 4.23
N ALA D 35 18.50 -23.46 3.04
CA ALA D 35 19.35 -22.73 2.11
C ALA D 35 19.68 -21.33 2.60
N MET D 36 18.76 -20.71 3.34
CA MET D 36 18.96 -19.36 3.87
C MET D 36 19.73 -19.31 5.19
N ALA D 37 20.12 -20.47 5.74
CA ALA D 37 20.83 -20.52 7.02
C ALA D 37 22.19 -19.84 6.97
N ASP D 38 22.61 -19.27 8.11
CA ASP D 38 23.86 -18.53 8.22
C ASP D 38 25.09 -19.40 8.47
N THR D 39 24.90 -20.62 8.96
CA THR D 39 26.00 -21.57 9.17
C THR D 39 25.59 -22.94 8.58
N PHE D 40 26.57 -23.81 8.31
CA PHE D 40 26.29 -25.16 7.82
C PHE D 40 25.53 -25.97 8.89
N LEU D 41 25.88 -25.79 10.18
CA LEU D 41 25.20 -26.50 11.27
C LEU D 41 23.70 -26.13 11.31
N GLU D 42 23.38 -24.85 11.20
CA GLU D 42 21.99 -24.40 11.18
C GLU D 42 21.28 -24.90 9.91
N HIS D 43 22.01 -24.99 8.78
CA HIS D 43 21.50 -25.52 7.51
C HIS D 43 21.03 -26.98 7.74
N LEU D 44 21.85 -27.81 8.42
CA LEU D 44 21.51 -29.19 8.72
C LEU D 44 20.25 -29.25 9.59
N CYS D 45 20.21 -28.44 10.69
CA CYS D 45 19.09 -28.39 11.61
C CYS D 45 17.77 -28.01 10.92
N LEU D 46 17.83 -27.26 9.81
CA LEU D 46 16.65 -26.82 9.08
C LEU D 46 16.21 -27.74 7.94
N LEU D 47 16.93 -28.86 7.68
CA LEU D 47 16.53 -29.78 6.61
C LEU D 47 15.18 -30.40 6.96
N ASP D 48 14.27 -30.45 6.00
CA ASP D 48 12.90 -30.87 6.25
C ASP D 48 12.46 -31.96 5.28
N ILE D 49 12.07 -33.13 5.79
CA ILE D 49 11.58 -34.22 4.94
C ILE D 49 10.27 -33.84 4.20
N ASP D 50 9.52 -32.85 4.71
CA ASP D 50 8.28 -32.40 4.06
C ASP D 50 8.52 -31.31 3.00
N SER D 51 9.76 -30.81 2.86
CA SER D 51 10.08 -29.79 1.87
C SER D 51 10.37 -30.54 0.54
N GLU D 52 9.43 -30.46 -0.40
CA GLU D 52 9.53 -31.19 -1.66
C GLU D 52 10.45 -30.53 -2.69
N PRO D 53 11.22 -31.36 -3.42
CA PRO D 53 12.10 -30.79 -4.44
C PRO D 53 11.27 -30.21 -5.60
N VAL D 54 11.72 -29.10 -6.17
CA VAL D 54 11.00 -28.44 -7.27
C VAL D 54 11.87 -28.44 -8.54
N ALA D 55 13.16 -28.18 -8.39
CA ALA D 55 14.08 -28.14 -9.53
C ALA D 55 14.21 -29.50 -10.24
N ALA D 56 14.56 -29.46 -11.52
CA ALA D 56 14.81 -30.67 -12.27
C ALA D 56 16.11 -31.33 -11.73
N ARG D 57 16.19 -32.66 -11.80
CA ARG D 57 17.35 -33.40 -11.31
C ARG D 57 18.57 -33.06 -12.14
N SER D 58 19.60 -32.56 -11.49
CA SER D 58 20.80 -32.07 -12.15
C SER D 58 21.97 -33.06 -12.25
N THR D 59 22.09 -34.05 -11.34
CA THR D 59 23.17 -35.04 -11.41
C THR D 59 22.82 -36.11 -12.45
N SER D 60 23.64 -36.29 -13.50
CA SER D 60 23.36 -37.29 -14.54
CA SER D 60 23.38 -37.28 -14.55
C SER D 60 23.48 -38.71 -14.06
N ILE D 61 22.67 -39.58 -14.64
CA ILE D 61 22.70 -40.99 -14.30
C ILE D 61 23.32 -41.77 -15.46
N ILE D 62 24.38 -42.52 -15.17
CA ILE D 62 24.99 -43.39 -16.15
C ILE D 62 24.49 -44.83 -15.87
N ALA D 63 23.86 -45.47 -16.85
CA ALA D 63 23.40 -46.85 -16.70
C ALA D 63 24.23 -47.76 -17.60
N THR D 64 24.76 -48.86 -17.04
CA THR D 64 25.54 -49.84 -17.81
C THR D 64 24.57 -50.73 -18.55
N ILE D 65 24.81 -50.94 -19.84
CA ILE D 65 23.97 -51.76 -20.70
C ILE D 65 24.40 -53.22 -20.64
N GLY D 66 23.44 -54.09 -20.55
CA GLY D 66 23.69 -55.53 -20.53
C GLY D 66 22.44 -56.29 -20.85
N PRO D 67 22.44 -57.61 -20.59
CA PRO D 67 21.23 -58.41 -20.86
C PRO D 67 19.93 -57.92 -20.21
N ALA D 68 20.00 -57.28 -19.04
CA ALA D 68 18.79 -56.73 -18.38
C ALA D 68 18.30 -55.41 -19.00
N SER D 69 19.11 -54.79 -19.86
CA SER D 69 18.80 -53.46 -20.39
C SER D 69 19.06 -53.28 -21.87
N ARG D 70 19.02 -54.35 -22.66
CA ARG D 70 19.28 -54.25 -24.09
C ARG D 70 18.08 -54.11 -24.95
N SER D 71 16.92 -54.56 -24.49
CA SER D 71 15.70 -54.47 -25.26
C SER D 71 15.37 -53.02 -25.60
N VAL D 72 15.04 -52.71 -26.86
CA VAL D 72 14.63 -51.37 -27.26
C VAL D 72 13.47 -50.83 -26.37
N GLU D 73 12.49 -51.70 -26.05
CA GLU D 73 11.37 -51.30 -25.20
C GLU D 73 11.80 -51.02 -23.75
N ARG D 74 12.72 -51.80 -23.23
CA ARG D 74 13.26 -51.61 -21.87
C ARG D 74 14.09 -50.28 -21.85
N LEU D 75 14.87 -50.03 -22.90
CA LEU D 75 15.67 -48.82 -23.04
C LEU D 75 14.81 -47.55 -23.09
N LYS D 76 13.61 -47.61 -23.70
CA LYS D 76 12.69 -46.47 -23.72
C LYS D 76 12.22 -46.15 -22.31
N GLU D 77 11.94 -47.20 -21.50
CA GLU D 77 11.53 -47.01 -20.11
C GLU D 77 12.68 -46.41 -19.28
N MET D 78 13.92 -46.81 -19.55
CA MET D 78 15.08 -46.30 -18.82
CA MET D 78 15.08 -46.30 -18.82
C MET D 78 15.34 -44.83 -19.17
N ILE D 79 15.08 -44.43 -20.41
CA ILE D 79 15.23 -43.04 -20.82
C ILE D 79 14.19 -42.21 -20.08
N LYS D 80 12.93 -42.69 -20.02
CA LYS D 80 11.87 -42.00 -19.30
C LYS D 80 12.14 -41.93 -17.79
N ALA D 81 12.77 -42.98 -17.21
CA ALA D 81 13.12 -43.01 -15.78
C ALA D 81 14.26 -42.04 -15.43
N GLY D 82 15.05 -41.63 -16.42
CA GLY D 82 16.12 -40.67 -16.18
C GLY D 82 17.53 -41.02 -16.63
N MET D 83 17.74 -42.14 -17.35
CA MET D 83 19.08 -42.49 -17.83
C MET D 83 19.58 -41.42 -18.81
N ASN D 84 20.79 -40.89 -18.58
CA ASN D 84 21.34 -39.86 -19.46
C ASN D 84 22.50 -40.36 -20.28
N ILE D 85 23.26 -41.34 -19.76
CA ILE D 85 24.43 -41.89 -20.41
C ILE D 85 24.35 -43.41 -20.35
N ALA D 86 24.55 -44.07 -21.48
CA ALA D 86 24.57 -45.53 -21.55
C ALA D 86 26.04 -45.96 -21.58
N ARG D 87 26.46 -46.78 -20.63
CA ARG D 87 27.82 -47.27 -20.55
C ARG D 87 27.94 -48.69 -21.16
N LEU D 88 28.91 -48.87 -22.07
CA LEU D 88 29.19 -50.17 -22.68
C LEU D 88 30.45 -50.68 -22.02
N ASN D 89 30.37 -51.78 -21.26
CA ASN D 89 31.55 -52.29 -20.57
C ASN D 89 32.28 -53.25 -21.47
N PHE D 90 33.40 -52.82 -22.06
CA PHE D 90 34.17 -53.66 -22.98
C PHE D 90 34.99 -54.76 -22.27
N SER D 91 34.86 -54.91 -20.94
CA SER D 91 35.47 -56.04 -20.24
C SER D 91 34.72 -57.34 -20.57
N HIS D 92 33.45 -57.25 -21.03
CA HIS D 92 32.59 -58.38 -21.40
C HIS D 92 31.97 -58.14 -22.77
N GLY D 93 31.68 -59.19 -23.52
CA GLY D 93 31.05 -59.09 -24.82
C GLY D 93 31.98 -58.80 -25.99
N SER D 94 31.60 -59.23 -27.17
CA SER D 94 32.37 -58.99 -28.40
C SER D 94 32.01 -57.61 -29.01
N HIS D 95 32.70 -57.22 -30.10
CA HIS D 95 32.39 -56.01 -30.84
C HIS D 95 30.99 -56.10 -31.43
N GLU D 96 30.57 -57.29 -31.88
CA GLU D 96 29.23 -57.50 -32.42
C GLU D 96 28.16 -57.26 -31.34
N TYR D 97 28.44 -57.69 -30.11
CA TYR D 97 27.50 -57.51 -28.99
C TYR D 97 27.35 -56.01 -28.71
N HIS D 98 28.45 -55.29 -28.61
CA HIS D 98 28.42 -53.85 -28.34
C HIS D 98 27.82 -53.03 -29.47
N ALA D 99 28.03 -53.44 -30.75
CA ALA D 99 27.41 -52.73 -31.88
C ALA D 99 25.89 -52.88 -31.82
N GLU D 100 25.39 -54.04 -31.39
CA GLU D 100 23.94 -54.25 -31.23
C GLU D 100 23.40 -53.38 -30.10
N SER D 101 24.15 -53.26 -28.98
CA SER D 101 23.75 -52.42 -27.84
C SER D 101 23.63 -50.96 -28.28
N ILE D 102 24.62 -50.48 -29.06
CA ILE D 102 24.62 -49.11 -29.61
C ILE D 102 23.41 -48.87 -30.48
N ALA D 103 23.14 -49.82 -31.40
CA ALA D 103 22.00 -49.71 -32.31
C ALA D 103 20.68 -49.68 -31.52
N ASN D 104 20.56 -50.51 -30.48
CA ASN D 104 19.32 -50.51 -29.66
C ASN D 104 19.14 -49.24 -28.85
N VAL D 105 20.24 -48.70 -28.33
CA VAL D 105 20.18 -47.43 -27.59
C VAL D 105 19.73 -46.33 -28.54
N ARG D 106 20.37 -46.23 -29.72
CA ARG D 106 20.00 -45.21 -30.69
C ARG D 106 18.58 -45.35 -31.17
N GLU D 107 18.09 -46.59 -31.39
CA GLU D 107 16.70 -46.78 -31.79
C GLU D 107 15.74 -46.29 -30.71
N ALA D 108 16.02 -46.61 -29.44
CA ALA D 108 15.19 -46.15 -28.33
C ALA D 108 15.23 -44.62 -28.18
N VAL D 109 16.41 -44.01 -28.27
CA VAL D 109 16.57 -42.56 -28.18
C VAL D 109 15.85 -41.85 -29.33
N GLU D 110 16.05 -42.31 -30.57
CA GLU D 110 15.42 -41.67 -31.73
C GLU D 110 13.92 -41.92 -31.84
N SER D 111 13.35 -42.84 -31.04
CA SER D 111 11.89 -43.03 -31.04
C SER D 111 11.15 -41.82 -30.48
N PHE D 112 11.85 -40.95 -29.73
CA PHE D 112 11.27 -39.73 -29.17
C PHE D 112 11.61 -38.48 -30.01
N ALA D 113 12.35 -38.61 -31.10
CA ALA D 113 12.76 -37.47 -31.91
C ALA D 113 11.61 -36.75 -32.65
N GLY D 114 10.44 -37.38 -32.73
CA GLY D 114 9.27 -36.78 -33.37
C GLY D 114 8.70 -35.60 -32.62
N SER D 115 9.04 -35.46 -31.33
CA SER D 115 8.65 -34.31 -30.52
C SER D 115 9.93 -33.60 -30.07
N PRO D 116 10.43 -32.66 -30.89
CA PRO D 116 11.70 -32.00 -30.54
C PRO D 116 11.73 -31.22 -29.24
N LEU D 117 10.57 -30.72 -28.75
CA LEU D 117 10.55 -29.98 -27.48
C LEU D 117 10.74 -30.88 -26.25
N SER D 118 10.59 -32.21 -26.41
CA SER D 118 10.75 -33.13 -25.28
C SER D 118 11.88 -34.18 -25.50
N TYR D 119 12.46 -34.24 -26.69
CA TYR D 119 13.51 -35.19 -27.03
C TYR D 119 14.70 -35.09 -26.03
N ARG D 120 15.15 -36.25 -25.53
CA ARG D 120 16.26 -36.30 -24.60
C ARG D 120 17.46 -36.99 -25.22
N PRO D 121 18.54 -36.24 -25.48
CA PRO D 121 19.78 -36.88 -25.94
C PRO D 121 20.29 -37.86 -24.89
N VAL D 122 20.93 -38.95 -25.33
CA VAL D 122 21.53 -39.94 -24.44
C VAL D 122 22.91 -40.23 -24.97
N ALA D 123 23.94 -39.99 -24.14
CA ALA D 123 25.32 -40.23 -24.56
C ALA D 123 25.67 -41.71 -24.53
N ILE D 124 26.66 -42.11 -25.32
CA ILE D 124 27.15 -43.49 -25.35
C ILE D 124 28.61 -43.45 -24.93
N ALA D 125 28.93 -44.14 -23.85
CA ALA D 125 30.27 -44.17 -23.29
C ALA D 125 30.87 -45.57 -23.41
N LEU D 126 32.13 -45.66 -23.84
CA LEU D 126 32.82 -46.92 -23.97
C LEU D 126 33.76 -47.06 -22.80
N ASP D 127 33.57 -48.11 -21.97
CA ASP D 127 34.43 -48.32 -20.82
C ASP D 127 35.44 -49.41 -21.21
N THR D 128 36.73 -49.09 -21.25
CA THR D 128 37.74 -50.04 -21.72
C THR D 128 38.05 -51.18 -20.75
N LYS D 129 38.54 -52.30 -21.29
CA LYS D 129 38.94 -53.46 -20.51
C LYS D 129 40.13 -53.13 -19.61
N GLY D 130 41.09 -52.37 -20.13
CA GLY D 130 42.23 -51.94 -19.34
C GLY D 130 43.55 -52.58 -19.72
N PRO D 131 44.62 -52.16 -19.03
CA PRO D 131 45.96 -52.66 -19.36
C PRO D 131 46.27 -54.07 -18.89
N GLY D 132 45.53 -54.56 -17.89
CA GLY D 132 45.78 -55.87 -17.29
C GLY D 132 47.14 -55.89 -16.61
N SER D 133 47.97 -56.88 -16.95
CA SER D 133 49.32 -56.97 -16.40
C SER D 133 50.35 -56.08 -17.13
N GLY D 134 49.94 -55.44 -18.22
CA GLY D 134 50.82 -54.60 -19.02
C GLY D 134 51.08 -53.22 -18.44
N PRO D 135 52.13 -52.56 -18.95
CA PRO D 135 52.49 -51.24 -18.41
C PRO D 135 51.67 -50.06 -18.95
N GLY D 136 51.09 -50.22 -20.13
CA GLY D 136 50.32 -49.16 -20.76
C GLY D 136 49.16 -49.65 -21.60
N LEU D 137 48.86 -48.96 -22.71
CA LEU D 137 47.74 -49.32 -23.58
C LEU D 137 47.85 -50.71 -24.20
N SER D 138 46.89 -51.58 -23.89
CA SER D 138 46.87 -52.94 -24.40
C SER D 138 46.43 -52.99 -25.86
N GLU D 139 46.72 -54.10 -26.55
CA GLU D 139 46.33 -54.27 -27.94
C GLU D 139 44.83 -54.38 -28.10
N GLN D 140 44.14 -54.99 -27.11
CA GLN D 140 42.68 -55.09 -27.17
C GLN D 140 42.06 -53.69 -27.02
N ASP D 141 42.64 -52.85 -26.14
CA ASP D 141 42.16 -51.47 -25.97
C ASP D 141 42.32 -50.68 -27.24
N VAL D 142 43.43 -50.86 -27.99
CA VAL D 142 43.61 -50.17 -29.27
C VAL D 142 42.49 -50.53 -30.25
N ARG D 143 42.14 -51.81 -30.32
CA ARG D 143 41.06 -52.26 -31.20
C ARG D 143 39.68 -51.78 -30.74
N ASP D 144 39.42 -51.79 -29.44
CA ASP D 144 38.15 -51.33 -28.88
C ASP D 144 37.98 -49.84 -29.06
N LEU D 145 39.06 -49.07 -28.90
CA LEU D 145 39.02 -47.62 -29.11
C LEU D 145 38.76 -47.28 -30.56
N ARG D 146 39.34 -48.07 -31.50
CA ARG D 146 39.07 -47.85 -32.93
CA ARG D 146 39.07 -47.83 -32.93
C ARG D 146 37.62 -48.17 -33.24
N PHE D 147 37.07 -49.23 -32.60
CA PHE D 147 35.66 -49.60 -32.76
C PHE D 147 34.78 -48.41 -32.30
N GLY D 148 35.13 -47.80 -31.16
CA GLY D 148 34.40 -46.67 -30.61
C GLY D 148 34.34 -45.50 -31.57
N VAL D 149 35.47 -45.16 -32.18
CA VAL D 149 35.51 -44.07 -33.18
C VAL D 149 34.65 -44.41 -34.38
N GLU D 150 34.74 -45.65 -34.89
CA GLU D 150 33.96 -46.08 -36.04
C GLU D 150 32.46 -46.10 -35.77
N HIS D 151 32.07 -46.37 -34.51
CA HIS D 151 30.65 -46.37 -34.15
C HIS D 151 30.15 -45.07 -33.54
N GLY D 152 30.97 -44.03 -33.53
CA GLY D 152 30.57 -42.71 -33.04
C GLY D 152 30.26 -42.59 -31.56
N VAL D 153 31.02 -43.27 -30.68
CA VAL D 153 30.80 -43.12 -29.23
C VAL D 153 31.16 -41.67 -28.80
N ASP D 154 30.55 -41.20 -27.72
CA ASP D 154 30.75 -39.83 -27.26
C ASP D 154 31.85 -39.70 -26.22
N ILE D 155 32.00 -40.73 -25.41
CA ILE D 155 32.91 -40.69 -24.27
C ILE D 155 33.67 -42.00 -24.16
N VAL D 156 34.88 -41.93 -23.60
CA VAL D 156 35.63 -43.11 -23.25
C VAL D 156 35.88 -43.04 -21.74
N PHE D 157 35.54 -44.09 -21.00
CA PHE D 157 35.90 -44.22 -19.59
C PHE D 157 37.15 -45.11 -19.67
N ALA D 158 38.35 -44.51 -19.53
CA ALA D 158 39.60 -45.26 -19.65
C ALA D 158 39.99 -45.94 -18.35
N SER D 159 40.00 -47.28 -18.36
CA SER D 159 40.32 -48.07 -17.20
C SER D 159 41.79 -47.97 -16.76
N PHE D 160 42.00 -48.03 -15.44
CA PHE D 160 43.30 -48.05 -14.78
C PHE D 160 44.29 -46.98 -15.27
N VAL D 161 43.85 -45.71 -15.31
CA VAL D 161 44.75 -44.63 -15.72
C VAL D 161 45.69 -44.37 -14.53
N ARG D 162 46.99 -44.49 -14.75
CA ARG D 162 48.00 -44.35 -13.69
C ARG D 162 48.88 -43.11 -13.84
N LYS D 163 48.91 -42.50 -15.04
CA LYS D 163 49.75 -41.35 -15.32
C LYS D 163 49.27 -40.62 -16.58
N ALA D 164 49.78 -39.39 -16.83
CA ALA D 164 49.39 -38.60 -17.97
C ALA D 164 49.62 -39.28 -19.31
N SER D 165 50.72 -40.06 -19.45
CA SER D 165 51.03 -40.75 -20.70
C SER D 165 49.99 -41.83 -21.06
N ASP D 166 49.26 -42.37 -20.07
CA ASP D 166 48.18 -43.32 -20.34
C ASP D 166 47.06 -42.59 -21.10
N VAL D 167 46.76 -41.34 -20.71
CA VAL D 167 45.72 -40.54 -21.37
C VAL D 167 46.14 -40.20 -22.80
N ALA D 168 47.42 -39.80 -22.97
CA ALA D 168 47.94 -39.48 -24.30
C ALA D 168 47.86 -40.70 -25.23
N ALA D 169 48.12 -41.89 -24.70
CA ALA D 169 48.04 -43.12 -25.50
C ALA D 169 46.59 -43.39 -25.94
N VAL D 170 45.60 -43.15 -25.04
CA VAL D 170 44.20 -43.33 -25.38
C VAL D 170 43.81 -42.34 -26.48
N ARG D 171 44.24 -41.08 -26.33
CA ARG D 171 43.98 -40.02 -27.28
C ARG D 171 44.58 -40.35 -28.67
N ALA D 172 45.81 -40.89 -28.70
CA ALA D 172 46.46 -41.26 -29.96
C ALA D 172 45.72 -42.44 -30.61
N ALA D 173 45.27 -43.43 -29.79
CA ALA D 173 44.50 -44.58 -30.32
C ALA D 173 43.14 -44.19 -30.90
N LEU D 174 42.57 -43.05 -30.47
CA LEU D 174 41.32 -42.57 -31.03
C LEU D 174 41.53 -41.94 -32.45
N GLY D 175 42.77 -41.57 -32.78
CA GLY D 175 43.15 -41.04 -34.09
C GLY D 175 42.61 -39.65 -34.38
N PRO D 176 42.76 -39.20 -35.63
CA PRO D 176 42.29 -37.86 -35.99
C PRO D 176 40.77 -37.73 -36.05
N GLU D 177 40.06 -38.81 -36.34
CA GLU D 177 38.59 -38.78 -36.38
C GLU D 177 37.92 -38.79 -35.00
N GLY D 178 38.67 -39.09 -33.94
CA GLY D 178 38.11 -39.13 -32.59
C GLY D 178 38.53 -37.99 -31.70
N HIS D 179 38.90 -36.82 -32.27
CA HIS D 179 39.35 -35.64 -31.50
CA HIS D 179 39.35 -35.66 -31.47
C HIS D 179 38.27 -35.07 -30.58
N GLY D 180 37.01 -35.21 -30.99
CA GLY D 180 35.88 -34.70 -30.21
C GLY D 180 35.39 -35.60 -29.09
N ILE D 181 35.89 -36.86 -29.00
CA ILE D 181 35.50 -37.79 -27.95
C ILE D 181 36.07 -37.35 -26.59
N LYS D 182 35.24 -37.36 -25.53
CA LYS D 182 35.71 -36.99 -24.20
C LYS D 182 36.39 -38.16 -23.54
N ILE D 183 37.55 -37.93 -22.92
CA ILE D 183 38.25 -38.98 -22.20
C ILE D 183 38.09 -38.76 -20.70
N ILE D 184 37.40 -39.67 -20.03
CA ILE D 184 37.19 -39.64 -18.59
C ILE D 184 38.13 -40.70 -18.02
N SER D 185 39.14 -40.27 -17.25
CA SER D 185 40.11 -41.22 -16.70
C SER D 185 39.58 -41.90 -15.44
N LYS D 186 39.58 -43.23 -15.41
CA LYS D 186 39.17 -43.99 -14.23
C LYS D 186 40.36 -44.12 -13.30
N ILE D 187 40.21 -43.66 -12.04
CA ILE D 187 41.25 -43.78 -11.02
C ILE D 187 40.88 -44.99 -10.19
N GLU D 188 41.70 -46.05 -10.29
CA GLU D 188 41.39 -47.33 -9.68
C GLU D 188 42.48 -47.92 -8.79
N ASN D 189 43.59 -47.20 -8.59
CA ASN D 189 44.67 -47.72 -7.76
C ASN D 189 45.46 -46.60 -7.07
N HIS D 190 46.42 -46.98 -6.20
CA HIS D 190 47.26 -46.03 -5.49
C HIS D 190 48.01 -45.07 -6.40
N GLU D 191 48.62 -45.55 -7.48
CA GLU D 191 49.36 -44.69 -8.39
C GLU D 191 48.46 -43.61 -9.05
N GLY D 192 47.27 -44.01 -9.46
CA GLY D 192 46.31 -43.08 -10.04
C GLY D 192 45.93 -41.97 -9.07
N VAL D 193 45.75 -42.33 -7.78
CA VAL D 193 45.43 -41.34 -6.73
C VAL D 193 46.62 -40.39 -6.51
N LYS D 194 47.84 -40.95 -6.41
CA LYS D 194 49.04 -40.13 -6.18
C LYS D 194 49.40 -39.22 -7.35
N ARG D 195 49.16 -39.68 -8.57
CA ARG D 195 49.43 -38.88 -9.76
C ARG D 195 48.16 -38.20 -10.30
N PHE D 196 47.13 -38.03 -9.45
CA PHE D 196 45.85 -37.43 -9.83
C PHE D 196 45.98 -36.10 -10.56
N ASP D 197 46.77 -35.16 -10.02
CA ASP D 197 46.89 -33.84 -10.63
C ASP D 197 47.37 -33.89 -12.08
N GLU D 198 48.38 -34.71 -12.40
CA GLU D 198 48.87 -34.79 -13.78
C GLU D 198 47.85 -35.49 -14.70
N ILE D 199 47.07 -36.42 -14.16
CA ILE D 199 46.03 -37.13 -14.93
C ILE D 199 44.87 -36.18 -15.25
N LEU D 200 44.37 -35.46 -14.25
CA LEU D 200 43.24 -34.52 -14.43
C LEU D 200 43.60 -33.44 -15.44
N GLU D 201 44.83 -32.93 -15.39
CA GLU D 201 45.29 -31.88 -16.30
C GLU D 201 45.11 -32.23 -17.78
N VAL D 202 45.35 -33.48 -18.16
CA VAL D 202 45.21 -33.90 -19.57
C VAL D 202 43.89 -34.65 -19.88
N SER D 203 43.06 -34.90 -18.86
CA SER D 203 41.80 -35.61 -19.08
C SER D 203 40.65 -34.60 -19.20
N ASP D 204 39.53 -35.04 -19.77
CA ASP D 204 38.33 -34.20 -19.79
C ASP D 204 37.57 -34.29 -18.44
N GLY D 205 37.79 -35.37 -17.69
CA GLY D 205 37.15 -35.61 -16.42
C GLY D 205 37.66 -36.89 -15.77
N ILE D 206 37.04 -37.28 -14.63
CA ILE D 206 37.50 -38.42 -13.83
C ILE D 206 36.35 -39.31 -13.41
N MET D 207 36.62 -40.59 -13.25
CA MET D 207 35.68 -41.52 -12.65
C MET D 207 36.35 -42.10 -11.38
N VAL D 208 35.67 -42.01 -10.25
CA VAL D 208 36.16 -42.63 -9.02
C VAL D 208 35.65 -44.08 -9.13
N ALA D 209 36.50 -44.97 -9.62
CA ALA D 209 36.12 -46.36 -9.88
C ALA D 209 36.36 -47.13 -8.60
N ARG D 210 35.37 -47.09 -7.71
CA ARG D 210 35.48 -47.61 -6.34
C ARG D 210 35.64 -49.12 -6.20
N GLY D 211 35.21 -49.88 -7.19
CA GLY D 211 35.35 -51.34 -7.17
C GLY D 211 36.81 -51.77 -7.05
N ASP D 212 37.60 -51.45 -8.08
CA ASP D 212 39.02 -51.75 -8.05
C ASP D 212 39.75 -50.92 -7.02
N LEU D 213 39.38 -49.64 -6.84
CA LEU D 213 40.03 -48.80 -5.84
C LEU D 213 39.96 -49.41 -4.42
N GLY D 214 38.82 -49.99 -4.08
CA GLY D 214 38.59 -50.64 -2.79
C GLY D 214 39.31 -51.96 -2.57
N ILE D 215 39.95 -52.49 -3.62
CA ILE D 215 40.77 -53.70 -3.61
C ILE D 215 42.26 -53.31 -3.64
N GLU D 216 42.61 -52.22 -4.36
CA GLU D 216 43.96 -51.72 -4.53
C GLU D 216 44.45 -50.95 -3.32
N ILE D 217 43.55 -50.22 -2.63
CA ILE D 217 43.87 -49.50 -1.40
C ILE D 217 42.94 -50.02 -0.28
N PRO D 218 43.26 -49.81 1.01
CA PRO D 218 42.36 -50.30 2.07
C PRO D 218 40.93 -49.77 1.89
N ALA D 219 39.93 -50.63 2.05
CA ALA D 219 38.52 -50.28 1.86
C ALA D 219 38.09 -49.06 2.67
N GLU D 220 38.63 -48.92 3.88
CA GLU D 220 38.32 -47.82 4.79
C GLU D 220 38.89 -46.47 4.35
N LYS D 221 39.73 -46.43 3.30
CA LYS D 221 40.31 -45.20 2.79
C LYS D 221 39.62 -44.71 1.48
N VAL D 222 38.76 -45.51 0.86
CA VAL D 222 38.10 -45.14 -0.40
C VAL D 222 37.34 -43.83 -0.31
N PHE D 223 36.59 -43.60 0.79
CA PHE D 223 35.84 -42.34 0.93
C PHE D 223 36.76 -41.10 0.88
N LEU D 224 38.01 -41.22 1.38
CA LEU D 224 38.95 -40.09 1.37
C LEU D 224 39.36 -39.80 -0.07
N ALA D 225 39.66 -40.86 -0.86
CA ALA D 225 40.05 -40.70 -2.25
C ALA D 225 38.86 -40.13 -3.06
N GLN D 226 37.63 -40.62 -2.82
CA GLN D 226 36.45 -40.13 -3.50
C GLN D 226 36.23 -38.62 -3.21
N LYS D 227 36.24 -38.24 -1.92
CA LYS D 227 36.00 -36.84 -1.55
C LYS D 227 37.08 -35.91 -2.06
N MET D 228 38.35 -36.37 -2.05
CA MET D 228 39.48 -35.58 -2.57
C MET D 228 39.34 -35.36 -4.08
N MET D 229 39.08 -36.43 -4.83
CA MET D 229 38.99 -36.32 -6.29
C MET D 229 37.82 -35.50 -6.72
N ILE D 230 36.67 -35.62 -6.01
CA ILE D 230 35.50 -34.83 -6.34
C ILE D 230 35.80 -33.32 -6.11
N GLY D 231 36.43 -33.01 -4.97
CA GLY D 231 36.84 -31.64 -4.63
C GLY D 231 37.77 -31.05 -5.67
N ARG D 232 38.80 -31.81 -6.09
CA ARG D 232 39.75 -31.32 -7.10
C ARG D 232 39.12 -31.15 -8.48
N CYS D 233 38.16 -32.04 -8.84
CA CYS D 233 37.46 -31.89 -10.11
C CYS D 233 36.53 -30.68 -10.07
N ASN D 234 35.87 -30.43 -8.94
CA ASN D 234 35.01 -29.26 -8.78
C ASN D 234 35.86 -27.98 -8.89
N LEU D 235 37.05 -27.98 -8.26
CA LEU D 235 37.97 -26.83 -8.32
C LEU D 235 38.43 -26.59 -9.79
N ALA D 236 38.75 -27.66 -10.51
CA ALA D 236 39.19 -27.56 -11.91
C ALA D 236 38.05 -27.30 -12.90
N GLY D 237 36.81 -27.45 -12.49
CA GLY D 237 35.67 -27.29 -13.39
C GLY D 237 35.55 -28.41 -14.41
N LYS D 238 35.96 -29.63 -14.01
CA LYS D 238 35.88 -30.78 -14.91
C LYS D 238 34.97 -31.86 -14.32
N PRO D 239 34.22 -32.58 -15.16
CA PRO D 239 33.27 -33.59 -14.63
C PRO D 239 33.89 -34.73 -13.84
N VAL D 240 33.18 -35.15 -12.77
CA VAL D 240 33.60 -36.27 -11.96
C VAL D 240 32.44 -37.22 -11.77
N VAL D 241 32.69 -38.51 -11.98
CA VAL D 241 31.69 -39.55 -11.85
C VAL D 241 31.93 -40.39 -10.58
N CYS D 242 30.88 -40.64 -9.76
CA CYS D 242 31.03 -41.55 -8.65
C CYS D 242 30.46 -42.89 -9.14
N ALA D 243 31.22 -43.99 -8.99
CA ALA D 243 30.80 -45.26 -9.54
C ALA D 243 30.97 -46.42 -8.57
N THR D 244 30.18 -47.51 -8.82
CA THR D 244 30.28 -48.88 -8.28
C THR D 244 29.67 -49.11 -6.88
N GLN D 245 28.74 -50.07 -6.86
CA GLN D 245 28.02 -50.59 -5.71
C GLN D 245 27.16 -49.54 -5.02
N MET D 246 26.74 -48.49 -5.74
CA MET D 246 25.92 -47.44 -5.16
C MET D 246 24.56 -47.96 -4.71
N LEU D 247 23.94 -48.86 -5.53
CA LEU D 247 22.65 -49.48 -5.18
C LEU D 247 22.76 -51.00 -5.40
N GLU D 248 23.90 -51.60 -5.06
CA GLU D 248 24.23 -53.01 -5.28
C GLU D 248 23.11 -54.02 -4.97
N SER D 249 22.47 -53.87 -3.80
CA SER D 249 21.43 -54.80 -3.40
C SER D 249 20.23 -54.79 -4.35
N MET D 250 20.04 -53.71 -5.18
CA MET D 250 18.95 -53.68 -6.14
C MET D 250 19.19 -54.57 -7.37
N ILE D 251 20.33 -55.27 -7.44
CA ILE D 251 20.55 -56.26 -8.49
C ILE D 251 19.49 -57.42 -8.28
N THR D 252 19.16 -57.73 -7.01
CA THR D 252 18.21 -58.80 -6.70
C THR D 252 17.02 -58.37 -5.87
N LYS D 253 17.10 -57.25 -5.14
CA LYS D 253 15.99 -56.77 -4.30
C LYS D 253 15.29 -55.52 -4.82
N PRO D 254 13.99 -55.38 -4.57
CA PRO D 254 13.25 -54.24 -5.13
C PRO D 254 13.59 -52.90 -4.47
N ARG D 255 14.12 -52.92 -3.23
CA ARG D 255 14.44 -51.70 -2.52
C ARG D 255 15.88 -51.76 -2.05
N PRO D 256 16.58 -50.60 -2.06
CA PRO D 256 17.97 -50.60 -1.61
C PRO D 256 18.13 -50.56 -0.09
N THR D 257 19.35 -50.77 0.41
CA THR D 257 19.63 -50.68 1.83
C THR D 257 19.74 -49.20 2.26
N ARG D 258 19.75 -48.94 3.59
CA ARG D 258 19.90 -47.59 4.12
C ARG D 258 21.27 -47.01 3.79
N ALA D 259 22.31 -47.85 3.73
CA ALA D 259 23.66 -47.40 3.38
C ALA D 259 23.73 -47.00 1.91
N GLU D 260 23.00 -47.70 1.03
CA GLU D 260 22.97 -47.42 -0.39
C GLU D 260 22.31 -46.08 -0.72
N THR D 261 21.15 -45.76 -0.12
CA THR D 261 20.52 -44.46 -0.38
C THR D 261 21.41 -43.33 0.14
N SER D 262 22.03 -43.54 1.30
CA SER D 262 22.93 -42.58 1.91
C SER D 262 24.15 -42.36 1.00
N ASP D 263 24.72 -43.42 0.44
CA ASP D 263 25.87 -43.33 -0.47
C ASP D 263 25.54 -42.47 -1.72
N VAL D 264 24.35 -42.67 -2.33
CA VAL D 264 23.95 -41.88 -3.49
C VAL D 264 23.80 -40.41 -3.09
N ALA D 265 23.10 -40.14 -1.96
CA ALA D 265 22.90 -38.77 -1.52
C ALA D 265 24.22 -38.08 -1.18
N ASN D 266 25.14 -38.80 -0.53
CA ASN D 266 26.43 -38.25 -0.16
C ASN D 266 27.34 -38.04 -1.37
N ALA D 267 27.23 -38.82 -2.44
CA ALA D 267 28.02 -38.59 -3.65
C ALA D 267 27.58 -37.25 -4.28
N VAL D 268 26.25 -36.96 -4.29
CA VAL D 268 25.73 -35.69 -4.78
C VAL D 268 26.19 -34.52 -3.87
N LEU D 269 26.08 -34.69 -2.54
CA LEU D 269 26.51 -33.67 -1.60
C LEU D 269 28.03 -33.45 -1.65
N ASP D 270 28.81 -34.48 -1.99
CA ASP D 270 30.26 -34.35 -2.14
C ASP D 270 30.59 -33.41 -3.33
N GLY D 271 29.75 -33.43 -4.38
CA GLY D 271 29.90 -32.61 -5.58
C GLY D 271 30.01 -33.38 -6.88
N ALA D 272 29.62 -34.68 -6.88
CA ALA D 272 29.72 -35.48 -8.11
C ALA D 272 28.83 -34.96 -9.21
N ASP D 273 29.35 -34.88 -10.42
CA ASP D 273 28.54 -34.46 -11.58
C ASP D 273 27.63 -35.61 -12.01
N CYS D 274 28.14 -36.85 -11.94
CA CYS D 274 27.40 -38.03 -12.41
C CYS D 274 27.45 -39.12 -11.34
N ILE D 275 26.42 -39.94 -11.34
CA ILE D 275 26.36 -41.15 -10.52
C ILE D 275 26.14 -42.33 -11.47
N MET D 276 26.59 -43.53 -11.09
CA MET D 276 26.56 -44.65 -12.00
C MET D 276 25.92 -45.91 -11.42
N LEU D 277 25.37 -46.72 -12.32
CA LEU D 277 24.81 -48.04 -12.06
C LEU D 277 25.56 -49.02 -12.96
N SER D 278 25.99 -50.15 -12.42
CA SER D 278 26.72 -51.19 -13.15
C SER D 278 25.85 -52.45 -13.24
N GLY D 279 26.01 -53.45 -12.34
CA GLY D 279 25.17 -54.64 -12.34
C GLY D 279 23.71 -54.33 -12.12
N GLU D 280 23.41 -53.21 -11.40
CA GLU D 280 22.05 -52.76 -11.14
C GLU D 280 21.25 -52.58 -12.43
N THR D 281 21.90 -52.16 -13.52
CA THR D 281 21.18 -52.01 -14.80
C THR D 281 21.66 -53.01 -15.84
N ALA D 282 22.91 -53.52 -15.75
CA ALA D 282 23.43 -54.44 -16.76
C ALA D 282 22.83 -55.83 -16.64
N LYS D 283 22.69 -56.35 -15.41
CA LYS D 283 22.28 -57.74 -15.24
C LYS D 283 21.21 -58.01 -14.19
N GLY D 284 20.85 -56.99 -13.40
CA GLY D 284 19.89 -57.17 -12.33
C GLY D 284 18.44 -57.31 -12.75
N ASN D 285 17.57 -57.52 -11.78
CA ASN D 285 16.15 -57.67 -12.03
C ASN D 285 15.36 -56.35 -11.91
N PHE D 286 16.03 -55.26 -11.48
CA PHE D 286 15.34 -53.99 -11.32
C PHE D 286 16.09 -52.83 -12.03
N PRO D 287 16.42 -52.94 -13.34
CA PRO D 287 17.15 -51.85 -13.98
C PRO D 287 16.41 -50.53 -13.99
N VAL D 288 15.10 -50.52 -14.34
CA VAL D 288 14.34 -49.29 -14.40
C VAL D 288 14.14 -48.70 -13.01
N GLU D 289 13.85 -49.55 -12.01
CA GLU D 289 13.67 -49.09 -10.63
C GLU D 289 14.97 -48.56 -10.04
N ALA D 290 16.13 -49.09 -10.44
CA ALA D 290 17.42 -48.60 -9.96
C ALA D 290 17.66 -47.17 -10.50
N VAL D 291 17.29 -46.92 -11.77
CA VAL D 291 17.42 -45.59 -12.36
C VAL D 291 16.46 -44.64 -11.65
N LYS D 292 15.20 -45.08 -11.40
CA LYS D 292 14.21 -44.26 -10.70
C LYS D 292 14.68 -43.91 -9.28
N MET D 293 15.34 -44.86 -8.59
CA MET D 293 15.84 -44.64 -7.22
C MET D 293 16.97 -43.60 -7.21
N GLN D 294 17.93 -43.72 -8.13
CA GLN D 294 19.00 -42.72 -8.23
C GLN D 294 18.41 -41.34 -8.56
N HIS D 295 17.39 -41.30 -9.44
CA HIS D 295 16.74 -40.03 -9.77
C HIS D 295 16.09 -39.40 -8.54
N ALA D 296 15.32 -40.17 -7.79
CA ALA D 296 14.62 -39.68 -6.60
C ALA D 296 15.60 -39.18 -5.53
N ILE D 297 16.67 -39.95 -5.24
CA ILE D 297 17.66 -39.54 -4.23
C ILE D 297 18.40 -38.28 -4.66
N ALA D 298 18.89 -38.25 -5.92
CA ALA D 298 19.66 -37.11 -6.43
C ALA D 298 18.87 -35.82 -6.34
N ARG D 299 17.58 -35.85 -6.68
CA ARG D 299 16.72 -34.65 -6.59
C ARG D 299 16.64 -34.14 -5.15
N GLU D 300 16.45 -35.05 -4.17
CA GLU D 300 16.38 -34.67 -2.76
C GLU D 300 17.71 -34.08 -2.30
N ALA D 301 18.82 -34.72 -2.68
CA ALA D 301 20.16 -34.29 -2.24
C ALA D 301 20.57 -32.96 -2.86
N GLU D 302 20.17 -32.70 -4.10
CA GLU D 302 20.51 -31.43 -4.76
C GLU D 302 19.84 -30.24 -4.08
N ALA D 303 18.60 -30.40 -3.58
CA ALA D 303 17.93 -29.33 -2.86
C ALA D 303 18.60 -29.08 -1.49
N ALA D 304 19.23 -30.13 -0.90
CA ALA D 304 19.93 -30.05 0.38
C ALA D 304 21.35 -29.48 0.26
N VAL D 305 21.81 -29.12 -0.94
CA VAL D 305 23.14 -28.53 -1.13
C VAL D 305 23.14 -27.11 -0.50
N TYR D 306 24.19 -26.79 0.26
CA TYR D 306 24.31 -25.48 0.92
C TYR D 306 25.00 -24.50 -0.05
N HIS D 307 24.24 -23.99 -1.03
CA HIS D 307 24.76 -23.09 -2.08
C HIS D 307 25.42 -21.85 -1.52
N ARG D 308 24.95 -21.32 -0.39
CA ARG D 308 25.56 -20.12 0.22
C ARG D 308 27.08 -20.26 0.39
N GLN D 309 27.53 -21.38 0.99
CA GLN D 309 28.96 -21.58 1.15
C GLN D 309 29.62 -22.13 -0.12
N LEU D 310 28.95 -23.08 -0.79
CA LEU D 310 29.50 -23.69 -1.99
C LEU D 310 29.82 -22.66 -3.09
N PHE D 311 28.87 -21.76 -3.41
CA PHE D 311 29.12 -20.74 -4.44
C PHE D 311 30.23 -19.81 -4.04
N GLU D 312 30.24 -19.38 -2.76
CA GLU D 312 31.27 -18.50 -2.22
C GLU D 312 32.66 -19.11 -2.37
N GLU D 313 32.78 -20.42 -2.04
CA GLU D 313 34.07 -21.09 -2.15
C GLU D 313 34.50 -21.35 -3.58
N LEU D 314 33.55 -21.73 -4.47
CA LEU D 314 33.90 -21.96 -5.88
C LEU D 314 34.35 -20.63 -6.52
N ARG D 315 33.65 -19.56 -6.20
CA ARG D 315 33.97 -18.22 -6.67
C ARG D 315 35.34 -17.77 -6.19
N ARG D 316 35.63 -17.92 -4.90
CA ARG D 316 36.89 -17.52 -4.29
C ARG D 316 38.07 -18.35 -4.79
N ALA D 317 37.87 -19.66 -5.00
CA ALA D 317 38.94 -20.54 -5.45
C ALA D 317 39.25 -20.44 -6.93
N ALA D 318 38.25 -20.10 -7.75
CA ALA D 318 38.46 -19.98 -9.20
C ALA D 318 39.37 -18.81 -9.47
N PRO D 319 40.45 -19.03 -10.24
CA PRO D 319 41.38 -17.92 -10.51
C PRO D 319 40.79 -16.84 -11.41
N LEU D 320 41.45 -15.68 -11.43
CA LEU D 320 41.07 -14.58 -12.30
C LEU D 320 41.23 -15.03 -13.76
N SER D 321 40.36 -14.56 -14.64
CA SER D 321 40.42 -14.99 -16.03
C SER D 321 40.22 -13.85 -16.98
N ARG D 322 40.90 -13.90 -18.11
CA ARG D 322 40.69 -12.94 -19.18
C ARG D 322 39.90 -13.56 -20.36
N ASP D 323 39.36 -14.78 -20.19
CA ASP D 323 38.57 -15.44 -21.21
C ASP D 323 37.13 -14.94 -21.07
N PRO D 324 36.56 -14.34 -22.11
CA PRO D 324 35.19 -13.80 -22.00
C PRO D 324 34.10 -14.81 -21.70
N THR D 325 34.26 -16.09 -22.11
CA THR D 325 33.27 -17.11 -21.78
C THR D 325 33.25 -17.35 -20.27
N GLU D 326 34.43 -17.43 -19.65
CA GLU D 326 34.60 -17.63 -18.22
C GLU D 326 34.03 -16.42 -17.44
N VAL D 327 34.33 -15.20 -17.92
CA VAL D 327 33.86 -13.98 -17.28
C VAL D 327 32.32 -13.85 -17.37
N THR D 328 31.76 -14.18 -18.54
CA THR D 328 30.30 -14.12 -18.73
C THR D 328 29.64 -15.17 -17.84
N ALA D 329 30.23 -16.38 -17.76
CA ALA D 329 29.67 -17.45 -16.93
C ALA D 329 29.51 -17.06 -15.44
N ILE D 330 30.53 -16.47 -14.82
CA ILE D 330 30.42 -16.08 -13.40
C ILE D 330 29.41 -14.94 -13.22
N GLY D 331 29.37 -14.01 -14.18
CA GLY D 331 28.41 -12.92 -14.14
C GLY D 331 26.99 -13.43 -14.24
N ALA D 332 26.77 -14.44 -15.12
CA ALA D 332 25.45 -15.03 -15.33
C ALA D 332 24.99 -15.82 -14.11
N VAL D 333 25.90 -16.57 -13.47
CA VAL D 333 25.52 -17.36 -12.26
C VAL D 333 25.19 -16.42 -11.11
N GLU D 334 25.95 -15.34 -10.96
CA GLU D 334 25.71 -14.34 -9.93
CA GLU D 334 25.72 -14.33 -9.93
C GLU D 334 24.36 -13.67 -10.16
N ALA D 335 24.06 -13.31 -11.42
CA ALA D 335 22.77 -12.71 -11.80
C ALA D 335 21.63 -13.70 -11.51
N ALA D 336 21.80 -14.99 -11.84
CA ALA D 336 20.78 -15.99 -11.61
C ALA D 336 20.44 -16.12 -10.10
N PHE D 337 21.45 -16.12 -9.23
CA PHE D 337 21.20 -16.19 -7.79
C PHE D 337 20.50 -14.91 -7.27
N LYS D 338 20.81 -13.75 -7.82
CA LYS D 338 20.24 -12.48 -7.41
C LYS D 338 18.74 -12.40 -7.62
N CYS D 339 18.24 -12.97 -8.72
CA CYS D 339 16.82 -12.91 -9.04
C CYS D 339 16.09 -14.23 -8.88
N CYS D 340 16.74 -15.30 -8.33
CA CYS D 340 16.12 -16.64 -8.22
C CYS D 340 15.67 -17.10 -9.61
N ALA D 341 16.57 -16.92 -10.63
CA ALA D 341 16.21 -17.29 -11.99
C ALA D 341 15.85 -18.78 -12.09
N ALA D 342 14.80 -19.11 -12.84
CA ALA D 342 14.38 -20.50 -13.02
C ALA D 342 15.41 -21.25 -13.86
N ALA D 343 16.07 -20.55 -14.82
CA ALA D 343 17.04 -21.18 -15.70
C ALA D 343 18.05 -20.17 -16.29
N ILE D 344 19.19 -20.69 -16.75
CA ILE D 344 20.18 -19.98 -17.53
C ILE D 344 20.13 -20.67 -18.90
N ILE D 345 19.65 -19.98 -19.95
CA ILE D 345 19.59 -20.57 -21.27
C ILE D 345 20.86 -20.17 -22.00
N VAL D 346 21.64 -21.14 -22.47
CA VAL D 346 22.91 -20.87 -23.10
C VAL D 346 22.98 -21.52 -24.48
N LEU D 347 23.49 -20.79 -25.47
CA LEU D 347 23.70 -21.36 -26.79
C LEU D 347 25.15 -21.88 -26.76
N THR D 348 25.37 -23.09 -27.27
CA THR D 348 26.69 -23.69 -27.26
C THR D 348 26.91 -24.61 -28.45
N THR D 349 28.11 -24.59 -29.02
CA THR D 349 28.46 -25.42 -30.18
C THR D 349 29.16 -26.67 -29.67
N THR D 350 30.13 -26.53 -28.74
CA THR D 350 30.90 -27.66 -28.25
C THR D 350 30.45 -28.13 -26.85
N GLY D 351 29.60 -27.35 -26.17
CA GLY D 351 29.22 -27.59 -24.79
C GLY D 351 30.02 -26.76 -23.79
N ARG D 352 31.12 -26.15 -24.22
CA ARG D 352 32.01 -25.42 -23.30
C ARG D 352 31.34 -24.27 -22.51
N SER D 353 30.50 -23.44 -23.15
CA SER D 353 29.84 -22.33 -22.43
C SER D 353 28.94 -22.86 -21.31
N ALA D 354 28.29 -24.04 -21.54
CA ALA D 354 27.44 -24.65 -20.51
C ALA D 354 28.29 -25.23 -19.38
N GLN D 355 29.45 -25.81 -19.70
CA GLN D 355 30.36 -26.38 -18.72
C GLN D 355 30.89 -25.29 -17.77
N LEU D 356 31.22 -24.10 -18.32
CA LEU D 356 31.72 -23.01 -17.49
C LEU D 356 30.63 -22.42 -16.57
N LEU D 357 29.36 -22.54 -16.95
CA LEU D 357 28.27 -22.11 -16.09
C LEU D 357 28.11 -23.16 -14.95
N SER D 358 28.12 -24.45 -15.32
CA SER D 358 27.97 -25.62 -14.45
C SER D 358 29.03 -25.65 -13.33
N ARG D 359 30.26 -25.20 -13.61
CA ARG D 359 31.32 -25.24 -12.61
C ARG D 359 31.03 -24.37 -11.36
N TYR D 360 30.17 -23.35 -11.49
CA TYR D 360 29.80 -22.50 -10.35
C TYR D 360 28.59 -23.02 -9.60
N ARG D 361 28.05 -24.19 -9.99
CA ARG D 361 26.93 -24.86 -9.35
C ARG D 361 25.74 -23.94 -9.11
N PRO D 362 25.19 -23.32 -10.17
CA PRO D 362 23.98 -22.51 -9.97
C PRO D 362 22.81 -23.40 -9.53
N ARG D 363 21.86 -22.82 -8.79
CA ARG D 363 20.62 -23.50 -8.46
C ARG D 363 19.75 -23.51 -9.75
N ALA D 364 19.83 -22.45 -10.59
CA ALA D 364 19.08 -22.39 -11.85
C ALA D 364 19.55 -23.48 -12.80
N ALA D 365 18.62 -24.13 -13.49
CA ALA D 365 18.94 -25.17 -14.48
C ALA D 365 19.69 -24.51 -15.65
N VAL D 366 20.71 -25.14 -16.17
CA VAL D 366 21.43 -24.61 -17.34
C VAL D 366 20.86 -25.32 -18.58
N ILE D 367 19.99 -24.64 -19.33
CA ILE D 367 19.38 -25.19 -20.52
C ILE D 367 20.29 -24.87 -21.69
N ALA D 368 20.98 -25.89 -22.22
CA ALA D 368 21.95 -25.68 -23.28
C ALA D 368 21.37 -26.04 -24.64
N VAL D 369 21.24 -25.06 -25.52
CA VAL D 369 20.67 -25.29 -26.85
C VAL D 369 21.81 -25.42 -27.83
N THR D 370 21.86 -26.55 -28.54
CA THR D 370 22.93 -26.80 -29.49
C THR D 370 22.43 -27.50 -30.74
N ARG D 371 23.15 -27.32 -31.85
CA ARG D 371 22.89 -28.07 -33.09
C ARG D 371 23.75 -29.32 -33.16
N SER D 372 24.81 -29.43 -32.36
CA SER D 372 25.67 -30.58 -32.37
C SER D 372 25.03 -31.71 -31.55
N ALA D 373 24.68 -32.81 -32.19
CA ALA D 373 24.09 -33.96 -31.52
C ALA D 373 25.11 -34.56 -30.53
N GLN D 374 26.40 -34.54 -30.89
CA GLN D 374 27.44 -35.03 -30.02
C GLN D 374 27.62 -34.14 -28.77
N ALA D 375 27.62 -32.81 -28.93
CA ALA D 375 27.75 -31.92 -27.77
C ALA D 375 26.53 -32.06 -26.86
N ALA D 376 25.34 -32.25 -27.43
CA ALA D 376 24.12 -32.43 -26.64
C ALA D 376 24.23 -33.69 -25.77
N ARG D 377 24.81 -34.78 -26.31
CA ARG D 377 25.02 -35.99 -25.56
C ARG D 377 26.12 -35.80 -24.48
N GLN D 378 27.25 -35.22 -24.86
CA GLN D 378 28.38 -35.04 -23.96
C GLN D 378 28.16 -34.10 -22.77
N VAL D 379 27.32 -33.06 -22.92
CA VAL D 379 27.11 -32.13 -21.79
C VAL D 379 26.40 -32.76 -20.60
N HIS D 380 25.85 -33.99 -20.76
CA HIS D 380 25.30 -34.72 -19.62
C HIS D 380 26.39 -34.99 -18.57
N LEU D 381 27.68 -34.93 -18.94
CA LEU D 381 28.76 -35.09 -17.97
C LEU D 381 28.80 -33.96 -16.94
N CYS D 382 28.23 -32.77 -17.26
CA CYS D 382 28.28 -31.59 -16.41
C CYS D 382 27.03 -31.39 -15.61
N ARG D 383 27.15 -31.33 -14.27
CA ARG D 383 25.96 -31.20 -13.43
C ARG D 383 25.11 -30.00 -13.75
N GLY D 384 23.80 -30.21 -13.82
CA GLY D 384 22.86 -29.13 -14.02
C GLY D 384 22.71 -28.65 -15.43
N VAL D 385 23.29 -29.37 -16.41
CA VAL D 385 23.15 -29.01 -17.81
C VAL D 385 22.09 -29.90 -18.45
N PHE D 386 21.05 -29.29 -19.01
CA PHE D 386 19.94 -29.94 -19.69
C PHE D 386 20.05 -29.62 -21.17
N PRO D 387 20.55 -30.59 -21.96
CA PRO D 387 20.75 -30.34 -23.38
C PRO D 387 19.51 -30.44 -24.25
N LEU D 388 19.36 -29.48 -25.15
CA LEU D 388 18.28 -29.45 -26.10
C LEU D 388 18.90 -29.46 -27.49
N LEU D 389 18.56 -30.46 -28.30
CA LEU D 389 19.09 -30.56 -29.66
C LEU D 389 18.19 -29.79 -30.62
N TYR D 390 18.72 -28.74 -31.24
CA TYR D 390 18.00 -27.90 -32.19
C TYR D 390 18.24 -28.45 -33.60
N ARG D 391 17.17 -28.75 -34.35
CA ARG D 391 17.34 -29.39 -35.66
C ARG D 391 17.07 -28.50 -36.87
N GLU D 392 16.52 -27.31 -36.67
CA GLU D 392 16.19 -26.40 -37.77
C GLU D 392 17.41 -25.88 -38.51
N PRO D 393 17.33 -25.75 -39.83
CA PRO D 393 18.48 -25.18 -40.57
C PRO D 393 18.66 -23.70 -40.20
N PRO D 394 19.88 -23.17 -40.33
CA PRO D 394 20.11 -21.76 -39.95
C PRO D 394 19.27 -20.72 -40.67
N GLU D 395 18.80 -19.72 -39.94
CA GLU D 395 18.08 -18.58 -40.51
C GLU D 395 19.10 -17.74 -41.28
N ALA D 396 18.63 -16.97 -42.28
CA ALA D 396 19.51 -16.11 -43.07
C ALA D 396 20.10 -14.99 -42.21
N ILE D 397 19.31 -14.42 -41.29
CA ILE D 397 19.79 -13.38 -40.40
C ILE D 397 20.28 -14.04 -39.09
N TRP D 398 21.57 -13.92 -38.78
CA TRP D 398 22.16 -14.58 -37.61
C TRP D 398 21.46 -14.23 -36.31
N ALA D 399 21.12 -12.94 -36.08
CA ALA D 399 20.39 -12.52 -34.89
C ALA D 399 19.04 -13.23 -34.77
N ASP D 400 18.33 -13.47 -35.89
CA ASP D 400 17.06 -14.20 -35.84
C ASP D 400 17.28 -15.67 -35.49
N ASP D 401 18.36 -16.27 -35.99
CA ASP D 401 18.69 -17.65 -35.71
C ASP D 401 18.99 -17.84 -34.21
N VAL D 402 19.70 -16.88 -33.60
CA VAL D 402 20.01 -16.86 -32.19
C VAL D 402 18.69 -16.75 -31.40
N ASP D 403 17.81 -15.80 -31.76
CA ASP D 403 16.51 -15.64 -31.10
C ASP D 403 15.61 -16.87 -31.20
N ARG D 404 15.60 -17.53 -32.36
CA ARG D 404 14.80 -18.76 -32.54
C ARG D 404 15.28 -19.87 -31.61
N ARG D 405 16.61 -19.96 -31.41
CA ARG D 405 17.16 -20.97 -30.53
C ARG D 405 16.83 -20.68 -29.07
N VAL D 406 16.83 -19.41 -28.67
CA VAL D 406 16.49 -18.99 -27.33
C VAL D 406 15.00 -19.30 -27.08
N GLN D 407 14.13 -19.01 -28.07
CA GLN D 407 12.71 -19.33 -27.96
C GLN D 407 12.45 -20.84 -27.89
N PHE D 408 13.25 -21.62 -28.59
CA PHE D 408 13.18 -23.07 -28.53
C PHE D 408 13.52 -23.57 -27.10
N GLY D 409 14.52 -22.94 -26.45
CA GLY D 409 14.89 -23.23 -25.08
C GLY D 409 13.76 -22.93 -24.12
N ILE D 410 13.10 -21.77 -24.30
CA ILE D 410 11.97 -21.34 -23.49
C ILE D 410 10.76 -22.27 -23.65
N GLU D 411 10.38 -22.59 -24.89
CA GLU D 411 9.25 -23.47 -25.17
C GLU D 411 9.49 -24.90 -24.69
N SER D 412 10.73 -25.41 -24.80
CA SER D 412 11.07 -26.73 -24.23
C SER D 412 10.99 -26.66 -22.71
N GLY D 413 11.50 -25.57 -22.12
CA GLY D 413 11.50 -25.35 -20.69
C GLY D 413 10.11 -25.30 -20.11
N LYS D 414 9.16 -24.68 -20.83
CA LYS D 414 7.77 -24.61 -20.41
C LYS D 414 7.14 -25.99 -20.45
N LEU D 415 7.32 -26.71 -21.57
CA LEU D 415 6.76 -28.04 -21.72
C LEU D 415 7.30 -29.02 -20.68
N ARG D 416 8.59 -28.91 -20.34
CA ARG D 416 9.19 -29.83 -19.38
C ARG D 416 8.99 -29.45 -17.91
N GLY D 417 8.42 -28.28 -17.63
CA GLY D 417 8.18 -27.85 -16.27
C GLY D 417 9.24 -26.98 -15.64
N PHE D 418 10.31 -26.65 -16.38
CA PHE D 418 11.38 -25.79 -15.86
C PHE D 418 10.94 -24.36 -15.71
N LEU D 419 10.08 -23.88 -16.63
CA LEU D 419 9.71 -22.48 -16.69
C LEU D 419 8.23 -22.28 -16.75
N ARG D 420 7.82 -21.14 -16.23
CA ARG D 420 6.44 -20.68 -16.28
C ARG D 420 6.44 -19.20 -16.61
N VAL D 421 5.32 -18.67 -17.10
CA VAL D 421 5.13 -17.25 -17.36
C VAL D 421 5.36 -16.46 -16.07
N GLY D 422 6.15 -15.40 -16.14
CA GLY D 422 6.49 -14.62 -14.95
C GLY D 422 7.86 -14.93 -14.40
N ASP D 423 8.45 -16.08 -14.76
CA ASP D 423 9.79 -16.43 -14.30
C ASP D 423 10.84 -15.51 -14.94
N LEU D 424 11.99 -15.37 -14.28
CA LEU D 424 13.11 -14.66 -14.86
C LEU D 424 14.11 -15.71 -15.32
N VAL D 425 14.77 -15.46 -16.41
CA VAL D 425 15.74 -16.35 -17.00
C VAL D 425 17.00 -15.49 -17.41
N ILE D 426 18.18 -16.09 -17.33
CA ILE D 426 19.41 -15.43 -17.76
C ILE D 426 19.73 -16.09 -19.11
N VAL D 427 19.98 -15.28 -20.15
CA VAL D 427 20.30 -15.82 -21.49
C VAL D 427 21.77 -15.50 -21.82
N VAL D 428 22.54 -16.55 -22.15
CA VAL D 428 23.96 -16.45 -22.44
C VAL D 428 24.22 -16.77 -23.91
N THR D 429 24.73 -15.79 -24.65
CA THR D 429 25.04 -15.89 -26.07
C THR D 429 26.45 -15.27 -26.36
N GLY D 430 26.84 -15.22 -27.65
CA GLY D 430 28.08 -14.65 -28.12
C GLY D 430 27.88 -13.58 -29.18
N TRP D 431 28.94 -12.90 -29.55
CA TRP D 431 28.88 -11.76 -30.47
C TRP D 431 29.01 -12.14 -31.95
N ARG D 432 29.43 -13.38 -32.24
CA ARG D 432 29.55 -13.84 -33.62
C ARG D 432 29.30 -15.36 -33.71
N PRO D 433 28.98 -15.88 -34.91
CA PRO D 433 28.83 -17.35 -35.06
C PRO D 433 30.13 -18.11 -34.79
N GLY D 434 30.02 -19.40 -34.49
CA GLY D 434 31.18 -20.22 -34.20
C GLY D 434 31.51 -20.32 -32.72
N SER D 435 32.17 -21.41 -32.32
CA SER D 435 32.58 -21.71 -30.96
CA SER D 435 32.56 -21.67 -30.93
C SER D 435 33.60 -20.69 -30.41
N GLY D 436 33.58 -20.43 -29.10
CA GLY D 436 34.59 -19.60 -28.43
C GLY D 436 34.32 -18.13 -28.27
N TYR D 437 33.16 -17.66 -28.71
CA TYR D 437 32.85 -16.23 -28.64
C TYR D 437 31.71 -15.84 -27.72
N THR D 438 31.36 -16.69 -26.73
CA THR D 438 30.34 -16.29 -25.73
C THR D 438 30.85 -15.05 -24.95
N ASN D 439 30.00 -14.06 -24.81
CA ASN D 439 30.40 -12.83 -24.11
C ASN D 439 29.21 -12.01 -23.64
N ILE D 440 27.97 -12.50 -23.78
CA ILE D 440 26.79 -11.72 -23.43
C ILE D 440 25.89 -12.44 -22.45
N MET D 441 25.42 -11.71 -21.46
CA MET D 441 24.47 -12.20 -20.49
C MET D 441 23.26 -11.20 -20.50
N ARG D 442 22.03 -11.73 -20.57
CA ARG D 442 20.85 -10.86 -20.58
C ARG D 442 19.70 -11.39 -19.67
N VAL D 443 19.05 -10.49 -18.94
CA VAL D 443 17.96 -10.82 -18.01
C VAL D 443 16.65 -10.76 -18.78
N LEU D 444 15.93 -11.86 -18.86
CA LEU D 444 14.70 -11.96 -19.63
C LEU D 444 13.51 -12.43 -18.78
N SER D 445 12.36 -11.81 -18.98
CA SER D 445 11.13 -12.20 -18.31
C SER D 445 10.39 -13.18 -19.21
N ILE D 446 9.93 -14.31 -18.68
CA ILE D 446 9.19 -15.30 -19.47
C ILE D 446 7.75 -14.84 -19.73
N SER D 447 7.36 -14.72 -21.00
CA SER D 447 5.99 -14.31 -21.35
C SER D 447 5.18 -15.47 -21.95
N ALA E 25 -26.49 -10.57 -21.26
CA ALA E 25 -27.49 -10.21 -20.24
C ALA E 25 -28.43 -9.09 -20.71
N PHE E 26 -29.70 -9.20 -20.30
CA PHE E 26 -30.73 -8.21 -20.63
C PHE E 26 -30.34 -6.84 -20.07
N PHE E 27 -29.88 -6.81 -18.80
CA PHE E 27 -29.52 -5.58 -18.12
C PHE E 27 -28.15 -5.02 -18.50
N GLN E 28 -27.41 -5.67 -19.43
CA GLN E 28 -26.13 -5.14 -19.90
C GLN E 28 -26.32 -4.38 -21.23
N GLN E 29 -27.31 -4.79 -22.05
CA GLN E 29 -27.67 -4.18 -23.33
C GLN E 29 -28.42 -2.84 -23.15
N GLN E 30 -28.70 -2.13 -24.28
CA GLN E 30 -29.42 -0.86 -24.37
C GLN E 30 -29.05 0.16 -23.28
N GLN E 31 -27.75 0.23 -22.91
CA GLN E 31 -27.21 1.14 -21.88
C GLN E 31 -27.99 1.07 -20.56
N LEU E 32 -28.46 -0.13 -20.17
CA LEU E 32 -29.23 -0.26 -18.94
C LEU E 32 -28.43 0.08 -17.67
N PRO E 33 -27.12 -0.24 -17.53
CA PRO E 33 -26.38 0.24 -16.33
C PRO E 33 -26.40 1.78 -16.25
N ALA E 34 -26.22 2.47 -17.40
CA ALA E 34 -26.27 3.95 -17.44
C ALA E 34 -27.68 4.47 -17.15
N ALA E 35 -28.71 3.72 -17.57
CA ALA E 35 -30.10 4.09 -17.34
C ALA E 35 -30.49 4.01 -15.86
N MET E 36 -29.88 3.09 -15.11
CA MET E 36 -30.17 2.93 -13.68
C MET E 36 -29.37 3.88 -12.77
N ALA E 37 -28.51 4.75 -13.34
CA ALA E 37 -27.70 5.65 -12.53
C ALA E 37 -28.53 6.68 -11.76
N ASP E 38 -28.03 7.10 -10.59
CA ASP E 38 -28.73 8.05 -9.72
C ASP E 38 -28.52 9.51 -10.08
N THR E 39 -27.45 9.82 -10.82
CA THR E 39 -27.20 11.20 -11.27
C THR E 39 -26.86 11.18 -12.77
N PHE E 40 -26.99 12.34 -13.45
CA PHE E 40 -26.62 12.44 -14.86
C PHE E 40 -25.12 12.19 -15.04
N LEU E 41 -24.28 12.69 -14.11
CA LEU E 41 -22.83 12.49 -14.19
C LEU E 41 -22.49 10.99 -14.13
N GLU E 42 -23.11 10.25 -13.20
CA GLU E 42 -22.90 8.80 -13.09
CA GLU E 42 -22.88 8.80 -13.11
C GLU E 42 -23.39 8.09 -14.36
N HIS E 43 -24.51 8.58 -14.94
CA HIS E 43 -25.09 8.04 -16.18
C HIS E 43 -24.04 8.15 -17.31
N LEU E 44 -23.38 9.31 -17.45
CA LEU E 44 -22.33 9.50 -18.45
C LEU E 44 -21.19 8.51 -18.23
N CYS E 45 -20.70 8.40 -16.97
CA CYS E 45 -19.61 7.51 -16.61
C CYS E 45 -19.91 6.04 -16.93
N LEU E 46 -21.18 5.66 -16.93
CA LEU E 46 -21.59 4.27 -17.20
C LEU E 46 -21.92 3.98 -18.67
N LEU E 47 -21.85 4.96 -19.58
CA LEU E 47 -22.11 4.69 -21.01
C LEU E 47 -21.06 3.74 -21.55
N ASP E 48 -21.50 2.71 -22.28
CA ASP E 48 -20.63 1.64 -22.71
C ASP E 48 -20.73 1.39 -24.20
N ILE E 49 -19.58 1.50 -24.92
CA ILE E 49 -19.56 1.25 -26.36
C ILE E 49 -19.89 -0.23 -26.71
N ASP E 50 -19.72 -1.15 -25.76
CA ASP E 50 -20.03 -2.56 -25.96
C ASP E 50 -21.50 -2.90 -25.63
N SER E 51 -22.28 -1.95 -25.14
CA SER E 51 -23.69 -2.18 -24.81
C SER E 51 -24.49 -1.93 -26.09
N GLU E 52 -24.97 -3.01 -26.72
CA GLU E 52 -25.67 -2.91 -28.00
C GLU E 52 -27.12 -2.49 -27.91
N PRO E 53 -27.56 -1.63 -28.85
CA PRO E 53 -28.96 -1.21 -28.82
C PRO E 53 -29.89 -2.39 -29.18
N VAL E 54 -31.03 -2.50 -28.52
CA VAL E 54 -31.96 -3.59 -28.79
C VAL E 54 -33.30 -3.07 -29.29
N ALA E 55 -33.76 -1.93 -28.76
CA ALA E 55 -35.01 -1.33 -29.20
C ALA E 55 -34.99 -0.84 -30.65
N ALA E 56 -36.17 -0.78 -31.26
CA ALA E 56 -36.31 -0.28 -32.62
C ALA E 56 -36.01 1.23 -32.64
N ARG E 57 -35.47 1.73 -33.75
CA ARG E 57 -35.12 3.14 -33.88
C ARG E 57 -36.38 3.99 -33.82
N SER E 58 -36.44 4.91 -32.86
CA SER E 58 -37.62 5.73 -32.61
C SER E 58 -37.62 7.12 -33.27
N THR E 59 -36.46 7.71 -33.58
CA THR E 59 -36.40 9.03 -34.19
C THR E 59 -36.58 8.87 -35.71
N SER E 60 -37.61 9.49 -36.29
CA SER E 60 -37.85 9.34 -37.73
C SER E 60 -36.83 10.05 -38.60
N ILE E 61 -36.59 9.47 -39.78
CA ILE E 61 -35.66 10.06 -40.73
C ILE E 61 -36.43 10.65 -41.90
N ILE E 62 -36.18 11.93 -42.18
CA ILE E 62 -36.77 12.60 -43.31
C ILE E 62 -35.68 12.70 -44.38
N ALA E 63 -35.95 12.17 -45.59
CA ALA E 63 -35.00 12.24 -46.68
C ALA E 63 -35.53 13.11 -47.81
N THR E 64 -34.74 14.06 -48.29
CA THR E 64 -35.16 14.93 -49.37
C THR E 64 -35.01 14.19 -50.71
N ILE E 65 -36.06 14.21 -51.53
CA ILE E 65 -36.05 13.51 -52.80
C ILE E 65 -35.52 14.44 -53.90
N GLY E 66 -34.61 13.92 -54.70
CA GLY E 66 -34.02 14.66 -55.81
C GLY E 66 -33.42 13.72 -56.84
N PRO E 67 -32.57 14.24 -57.74
CA PRO E 67 -31.95 13.37 -58.76
C PRO E 67 -31.23 12.12 -58.23
N ALA E 68 -30.62 12.20 -57.04
CA ALA E 68 -29.91 11.06 -56.47
C ALA E 68 -30.82 10.03 -55.80
N SER E 69 -32.11 10.35 -55.61
CA SER E 69 -33.00 9.47 -54.87
C SER E 69 -34.41 9.41 -55.46
N ARG E 70 -34.52 9.58 -56.77
CA ARG E 70 -35.83 9.63 -57.43
C ARG E 70 -36.34 8.34 -58.01
N SER E 71 -35.45 7.45 -58.44
CA SER E 71 -35.88 6.19 -59.05
C SER E 71 -36.56 5.28 -58.05
N VAL E 72 -37.50 4.45 -58.53
CA VAL E 72 -38.26 3.53 -57.71
C VAL E 72 -37.35 2.52 -57.01
N GLU E 73 -36.32 2.02 -57.71
CA GLU E 73 -35.37 1.06 -57.17
C GLU E 73 -34.53 1.69 -56.04
N ARG E 74 -34.08 2.95 -56.23
CA ARG E 74 -33.30 3.68 -55.23
C ARG E 74 -34.18 3.95 -54.00
N LEU E 75 -35.44 4.34 -54.22
CA LEU E 75 -36.41 4.61 -53.17
C LEU E 75 -36.71 3.37 -52.33
N LYS E 76 -36.75 2.17 -52.93
CA LYS E 76 -36.97 0.94 -52.18
C LYS E 76 -35.80 0.69 -51.23
N GLU E 77 -34.56 0.97 -51.68
CA GLU E 77 -33.38 0.82 -50.84
C GLU E 77 -33.40 1.83 -49.69
N MET E 78 -33.88 3.06 -49.95
CA MET E 78 -33.97 4.08 -48.92
CA MET E 78 -33.97 4.08 -48.92
C MET E 78 -35.03 3.75 -47.88
N ILE E 79 -36.13 3.10 -48.29
CA ILE E 79 -37.18 2.68 -47.35
C ILE E 79 -36.59 1.58 -46.47
N LYS E 80 -35.86 0.63 -47.04
CA LYS E 80 -35.24 -0.45 -46.29
C LYS E 80 -34.15 0.09 -45.33
N ALA E 81 -33.42 1.14 -45.75
CA ALA E 81 -32.39 1.75 -44.92
C ALA E 81 -32.99 2.54 -43.72
N GLY E 82 -34.26 2.94 -43.81
CA GLY E 82 -34.92 3.61 -42.71
C GLY E 82 -35.67 4.90 -42.97
N MET E 83 -35.78 5.34 -44.24
CA MET E 83 -36.51 6.58 -44.55
C MET E 83 -37.99 6.45 -44.14
N ASN E 84 -38.50 7.40 -43.34
CA ASN E 84 -39.89 7.38 -42.89
C ASN E 84 -40.73 8.46 -43.55
N ILE E 85 -40.09 9.59 -43.92
CA ILE E 85 -40.75 10.74 -44.52
C ILE E 85 -39.96 11.20 -45.75
N ALA E 86 -40.63 11.36 -46.90
CA ALA E 86 -39.99 11.84 -48.11
C ALA E 86 -40.29 13.33 -48.24
N ARG E 87 -39.25 14.16 -48.34
CA ARG E 87 -39.42 15.60 -48.44
C ARG E 87 -39.28 16.08 -49.90
N LEU E 88 -40.25 16.85 -50.39
CA LEU E 88 -40.20 17.42 -51.74
C LEU E 88 -39.88 18.88 -51.58
N ASN E 89 -38.72 19.32 -52.07
CA ASN E 89 -38.32 20.71 -51.94
C ASN E 89 -38.85 21.53 -53.12
N PHE E 90 -39.92 22.29 -52.88
CA PHE E 90 -40.53 23.10 -53.94
C PHE E 90 -39.74 24.36 -54.29
N SER E 91 -38.54 24.56 -53.71
CA SER E 91 -37.67 25.66 -54.12
C SER E 91 -37.07 25.38 -55.53
N HIS E 92 -37.05 24.10 -55.96
CA HIS E 92 -36.54 23.67 -57.26
C HIS E 92 -37.54 22.70 -57.89
N GLY E 93 -37.53 22.61 -59.22
CA GLY E 93 -38.39 21.68 -59.94
C GLY E 93 -39.80 22.14 -60.18
N SER E 94 -40.39 21.66 -61.26
CA SER E 94 -41.75 21.98 -61.65
C SER E 94 -42.77 21.09 -60.93
N HIS E 95 -44.07 21.39 -61.08
CA HIS E 95 -45.14 20.57 -60.53
C HIS E 95 -45.10 19.17 -61.17
N GLU E 96 -44.74 19.07 -62.46
CA GLU E 96 -44.64 17.79 -63.15
C GLU E 96 -43.51 16.95 -62.56
N TYR E 97 -42.39 17.58 -62.24
CA TYR E 97 -41.24 16.90 -61.64
C TYR E 97 -41.63 16.33 -60.26
N HIS E 98 -42.28 17.15 -59.42
CA HIS E 98 -42.71 16.71 -58.08
C HIS E 98 -43.81 15.66 -58.11
N ALA E 99 -44.74 15.73 -59.09
CA ALA E 99 -45.78 14.71 -59.21
C ALA E 99 -45.15 13.36 -59.54
N GLU E 100 -44.09 13.35 -60.37
CA GLU E 100 -43.40 12.12 -60.72
C GLU E 100 -42.66 11.57 -59.49
N SER E 101 -42.06 12.45 -58.68
CA SER E 101 -41.37 12.05 -57.45
C SER E 101 -42.37 11.37 -56.49
N ILE E 102 -43.57 11.98 -56.32
CA ILE E 102 -44.63 11.44 -55.47
C ILE E 102 -45.06 10.06 -55.96
N ALA E 103 -45.28 9.92 -57.28
CA ALA E 103 -45.69 8.65 -57.86
C ALA E 103 -44.61 7.58 -57.64
N ASN E 104 -43.33 7.94 -57.77
CA ASN E 104 -42.24 6.99 -57.56
C ASN E 104 -42.12 6.58 -56.10
N VAL E 105 -42.35 7.52 -55.15
CA VAL E 105 -42.33 7.21 -53.72
C VAL E 105 -43.46 6.23 -53.42
N ARG E 106 -44.68 6.54 -53.88
CA ARG E 106 -45.84 5.67 -53.67
C ARG E 106 -45.66 4.29 -54.28
N GLU E 107 -45.03 4.21 -55.47
CA GLU E 107 -44.79 2.90 -56.10
C GLU E 107 -43.81 2.07 -55.25
N ALA E 108 -42.74 2.72 -54.76
CA ALA E 108 -41.76 2.04 -53.91
C ALA E 108 -42.38 1.60 -52.58
N VAL E 109 -43.21 2.46 -51.94
CA VAL E 109 -43.88 2.14 -50.68
C VAL E 109 -44.87 1.00 -50.83
N GLU E 110 -45.71 1.07 -51.88
CA GLU E 110 -46.71 0.03 -52.11
C GLU E 110 -46.14 -1.30 -52.58
N SER E 111 -44.86 -1.34 -52.98
CA SER E 111 -44.24 -2.61 -53.36
C SER E 111 -44.11 -3.56 -52.14
N PHE E 112 -44.21 -3.04 -50.90
CA PHE E 112 -44.13 -3.82 -49.68
C PHE E 112 -45.53 -4.07 -49.03
N ALA E 113 -46.63 -3.60 -49.66
CA ALA E 113 -48.01 -3.75 -49.15
C ALA E 113 -48.57 -5.17 -49.12
N GLY E 114 -47.90 -6.09 -49.81
CA GLY E 114 -48.30 -7.49 -49.86
C GLY E 114 -48.26 -8.20 -48.52
N SER E 115 -47.46 -7.68 -47.59
CA SER E 115 -47.37 -8.25 -46.25
C SER E 115 -47.82 -7.17 -45.26
N PRO E 116 -49.12 -7.13 -44.93
CA PRO E 116 -49.63 -6.09 -43.99
C PRO E 116 -48.99 -6.07 -42.60
N LEU E 117 -48.47 -7.23 -42.14
CA LEU E 117 -47.80 -7.38 -40.85
C LEU E 117 -46.39 -6.75 -40.81
N SER E 118 -45.86 -6.28 -41.96
CA SER E 118 -44.54 -5.66 -42.05
C SER E 118 -44.51 -4.37 -42.90
N TYR E 119 -45.65 -4.00 -43.52
CA TYR E 119 -45.78 -2.80 -44.36
C TYR E 119 -45.39 -1.53 -43.59
N ARG E 120 -44.53 -0.71 -44.20
CA ARG E 120 -44.12 0.53 -43.58
C ARG E 120 -44.66 1.74 -44.30
N PRO E 121 -45.58 2.48 -43.65
CA PRO E 121 -46.06 3.72 -44.25
C PRO E 121 -44.93 4.74 -44.38
N VAL E 122 -44.95 5.56 -45.44
CA VAL E 122 -43.96 6.61 -45.63
C VAL E 122 -44.73 7.89 -45.90
N ALA E 123 -44.53 8.92 -45.08
CA ALA E 123 -45.22 10.19 -45.27
C ALA E 123 -44.60 10.99 -46.42
N ILE E 124 -45.39 11.89 -47.02
CA ILE E 124 -44.91 12.76 -48.07
C ILE E 124 -45.08 14.19 -47.58
N ALA E 125 -43.97 14.93 -47.52
CA ALA E 125 -43.98 16.29 -47.02
C ALA E 125 -43.61 17.28 -48.11
N LEU E 126 -44.33 18.39 -48.20
CA LEU E 126 -44.08 19.42 -49.20
C LEU E 126 -43.38 20.57 -48.50
N ASP E 127 -42.16 20.90 -48.92
CA ASP E 127 -41.42 22.01 -48.34
C ASP E 127 -41.57 23.21 -49.27
N THR E 128 -42.22 24.28 -48.82
CA THR E 128 -42.48 25.45 -49.67
C THR E 128 -41.25 26.29 -50.00
N LYS E 129 -41.32 27.02 -51.12
CA LYS E 129 -40.26 27.92 -51.58
C LYS E 129 -40.09 29.08 -50.59
N GLY E 130 -41.19 29.60 -50.09
CA GLY E 130 -41.15 30.68 -49.12
C GLY E 130 -41.60 32.03 -49.64
N PRO E 131 -41.61 33.04 -48.75
CA PRO E 131 -42.08 34.37 -49.15
C PRO E 131 -41.14 35.16 -50.08
N GLY E 136 -45.57 38.16 -46.72
CA GLY E 136 -46.37 37.00 -46.34
C GLY E 136 -46.40 35.93 -47.41
N LEU E 137 -47.52 35.17 -47.48
CA LEU E 137 -47.68 34.08 -48.44
C LEU E 137 -47.56 34.51 -49.91
N SER E 138 -46.57 33.96 -50.61
CA SER E 138 -46.33 34.27 -52.01
C SER E 138 -47.34 33.60 -52.94
N GLU E 139 -47.47 34.08 -54.18
CA GLU E 139 -48.39 33.53 -55.17
C GLU E 139 -47.96 32.12 -55.57
N GLN E 140 -46.64 31.87 -55.66
CA GLN E 140 -46.14 30.54 -56.00
C GLN E 140 -46.48 29.55 -54.88
N ASP E 141 -46.35 29.98 -53.61
CA ASP E 141 -46.70 29.13 -52.47
C ASP E 141 -48.17 28.76 -52.49
N VAL E 142 -49.07 29.69 -52.87
CA VAL E 142 -50.51 29.39 -52.95
C VAL E 142 -50.75 28.27 -53.97
N ARG E 143 -50.08 28.34 -55.13
CA ARG E 143 -50.20 27.32 -56.16
C ARG E 143 -49.58 25.98 -55.75
N ASP E 144 -48.42 26.01 -55.08
CA ASP E 144 -47.74 24.80 -54.63
C ASP E 144 -48.53 24.11 -53.52
N LEU E 145 -49.14 24.90 -52.61
CA LEU E 145 -49.98 24.35 -51.55
C LEU E 145 -51.23 23.69 -52.12
N ARG E 146 -51.80 24.28 -53.17
CA ARG E 146 -52.95 23.72 -53.87
C ARG E 146 -52.56 22.39 -54.53
N PHE E 147 -51.36 22.35 -55.13
CA PHE E 147 -50.82 21.12 -55.73
C PHE E 147 -50.71 20.02 -54.66
N GLY E 148 -50.21 20.39 -53.47
CA GLY E 148 -50.07 19.46 -52.36
C GLY E 148 -51.38 18.82 -51.93
N VAL E 149 -52.44 19.64 -51.83
CA VAL E 149 -53.77 19.15 -51.48
C VAL E 149 -54.28 18.20 -52.58
N GLU E 150 -54.12 18.59 -53.84
CA GLU E 150 -54.57 17.76 -54.98
C GLU E 150 -53.82 16.44 -55.07
N HIS E 151 -52.55 16.42 -54.67
CA HIS E 151 -51.75 15.20 -54.70
C HIS E 151 -51.71 14.42 -53.38
N GLY E 152 -52.52 14.82 -52.39
CA GLY E 152 -52.64 14.13 -51.12
C GLY E 152 -51.40 14.09 -50.24
N VAL E 153 -50.63 15.19 -50.17
CA VAL E 153 -49.47 15.23 -49.27
C VAL E 153 -49.92 15.17 -47.80
N ASP E 154 -49.07 14.65 -46.93
CA ASP E 154 -49.42 14.50 -45.52
C ASP E 154 -49.01 15.68 -44.66
N ILE E 155 -47.90 16.32 -45.02
CA ILE E 155 -47.31 17.38 -44.23
C ILE E 155 -46.85 18.53 -45.10
N VAL E 156 -46.88 19.75 -44.57
CA VAL E 156 -46.30 20.90 -45.21
C VAL E 156 -45.20 21.44 -44.28
N PHE E 157 -43.98 21.62 -44.80
CA PHE E 157 -42.90 22.26 -44.06
C PHE E 157 -42.97 23.69 -44.60
N ALA E 158 -43.55 24.61 -43.82
CA ALA E 158 -43.72 25.99 -44.28
C ALA E 158 -42.47 26.84 -44.06
N SER E 159 -41.84 27.27 -45.16
CA SER E 159 -40.62 28.07 -45.09
C SER E 159 -40.80 29.47 -44.54
N PHE E 160 -39.78 29.96 -43.84
CA PHE E 160 -39.69 31.29 -43.26
C PHE E 160 -40.93 31.77 -42.50
N VAL E 161 -41.42 30.94 -41.55
CA VAL E 161 -42.57 31.36 -40.73
C VAL E 161 -42.03 32.38 -39.72
N ARG E 162 -42.62 33.57 -39.70
CA ARG E 162 -42.19 34.65 -38.84
C ARG E 162 -43.19 35.04 -37.75
N LYS E 163 -44.46 34.65 -37.91
CA LYS E 163 -45.54 34.99 -36.99
C LYS E 163 -46.74 34.04 -37.18
N ALA E 164 -47.70 34.06 -36.23
CA ALA E 164 -48.89 33.22 -36.27
C ALA E 164 -49.73 33.42 -37.55
N SER E 165 -49.82 34.65 -38.07
CA SER E 165 -50.59 34.91 -39.29
C SER E 165 -50.02 34.23 -40.52
N ASP E 166 -48.70 33.93 -40.53
CA ASP E 166 -48.10 33.18 -41.64
C ASP E 166 -48.66 31.76 -41.66
N VAL E 167 -48.87 31.15 -40.47
CA VAL E 167 -49.41 29.80 -40.36
C VAL E 167 -50.87 29.80 -40.80
N ALA E 168 -51.64 30.80 -40.37
CA ALA E 168 -53.05 30.93 -40.75
C ALA E 168 -53.20 31.07 -42.27
N ALA E 169 -52.26 31.79 -42.92
CA ALA E 169 -52.29 31.96 -44.37
C ALA E 169 -52.04 30.62 -45.07
N VAL E 170 -51.09 29.82 -44.55
CA VAL E 170 -50.80 28.49 -45.12
C VAL E 170 -52.03 27.59 -44.96
N ARG E 171 -52.65 27.62 -43.79
CA ARG E 171 -53.85 26.85 -43.49
C ARG E 171 -55.01 27.22 -44.43
N ALA E 172 -55.20 28.53 -44.68
CA ALA E 172 -56.24 29.01 -45.59
C ALA E 172 -55.97 28.57 -47.03
N ALA E 173 -54.70 28.64 -47.46
CA ALA E 173 -54.30 28.20 -48.80
C ALA E 173 -54.49 26.70 -49.03
N LEU E 174 -54.50 25.89 -47.97
CA LEU E 174 -54.76 24.46 -48.10
C LEU E 174 -56.27 24.17 -48.35
N GLY E 175 -57.14 25.12 -48.02
CA GLY E 175 -58.58 25.03 -48.26
C GLY E 175 -59.30 24.04 -47.36
N PRO E 176 -60.59 23.80 -47.65
CA PRO E 176 -61.36 22.86 -46.82
C PRO E 176 -60.96 21.40 -47.01
N GLU E 177 -60.42 21.04 -48.18
CA GLU E 177 -59.99 19.67 -48.43
C GLU E 177 -58.63 19.31 -47.80
N GLY E 178 -57.87 20.30 -47.34
CA GLY E 178 -56.57 20.07 -46.74
C GLY E 178 -56.52 20.28 -45.23
N HIS E 179 -57.67 20.12 -44.57
CA HIS E 179 -57.79 20.31 -43.12
C HIS E 179 -56.95 19.30 -42.31
N GLY E 180 -56.74 18.10 -42.86
CA GLY E 180 -56.00 17.04 -42.20
C GLY E 180 -54.49 17.10 -42.36
N ILE E 181 -53.99 17.99 -43.23
CA ILE E 181 -52.56 18.13 -43.47
C ILE E 181 -51.86 18.79 -42.27
N LYS E 182 -50.72 18.23 -41.82
CA LYS E 182 -49.99 18.80 -40.70
C LYS E 182 -49.13 19.95 -41.17
N ILE E 183 -49.14 21.07 -40.45
CA ILE E 183 -48.30 22.20 -40.79
C ILE E 183 -47.14 22.27 -39.81
N ILE E 184 -45.93 22.06 -40.31
CA ILE E 184 -44.70 22.13 -39.51
C ILE E 184 -44.06 23.46 -39.90
N SER E 185 -43.99 24.41 -38.97
CA SER E 185 -43.42 25.72 -39.27
C SER E 185 -41.89 25.70 -39.22
N LYS E 186 -41.24 26.16 -40.29
CA LYS E 186 -39.79 26.24 -40.33
C LYS E 186 -39.36 27.58 -39.72
N ILE E 187 -38.52 27.53 -38.65
CA ILE E 187 -38.01 28.74 -38.01
C ILE E 187 -36.63 28.99 -38.61
N GLU E 188 -36.49 30.05 -39.40
CA GLU E 188 -35.27 30.31 -40.17
C GLU E 188 -34.64 31.68 -39.96
N ASN E 189 -35.22 32.51 -39.07
CA ASN E 189 -34.66 33.85 -38.84
C ASN E 189 -34.91 34.35 -37.42
N HIS E 190 -34.34 35.54 -37.09
CA HIS E 190 -34.49 36.14 -35.75
C HIS E 190 -35.94 36.33 -35.34
N GLU E 191 -36.79 36.85 -36.25
CA GLU E 191 -38.21 37.06 -35.93
C GLU E 191 -38.93 35.77 -35.57
N GLY E 192 -38.69 34.70 -36.33
CA GLY E 192 -39.28 33.40 -36.06
C GLY E 192 -38.90 32.87 -34.69
N VAL E 193 -37.63 33.08 -34.28
CA VAL E 193 -37.15 32.66 -32.96
C VAL E 193 -37.83 33.49 -31.87
N LYS E 194 -37.87 34.83 -32.04
CA LYS E 194 -38.48 35.71 -31.04
C LYS E 194 -39.99 35.51 -30.89
N ARG E 195 -40.68 35.21 -31.99
CA ARG E 195 -42.11 34.96 -31.95
C ARG E 195 -42.45 33.47 -31.92
N PHE E 196 -41.49 32.61 -31.47
CA PHE E 196 -41.66 31.16 -31.41
C PHE E 196 -42.93 30.71 -30.71
N ASP E 197 -43.22 31.23 -29.51
CA ASP E 197 -44.39 30.80 -28.76
C ASP E 197 -45.70 30.97 -29.51
N GLU E 198 -45.91 32.12 -30.19
CA GLU E 198 -47.15 32.31 -30.96
C GLU E 198 -47.20 31.42 -32.19
N ILE E 199 -46.04 31.10 -32.79
CA ILE E 199 -45.98 30.23 -33.96
C ILE E 199 -46.28 28.78 -33.57
N LEU E 200 -45.66 28.29 -32.49
CA LEU E 200 -45.88 26.91 -32.03
C LEU E 200 -47.34 26.69 -31.64
N GLU E 201 -47.97 27.67 -31.00
CA GLU E 201 -49.36 27.58 -30.56
C GLU E 201 -50.32 27.21 -31.69
N VAL E 202 -50.12 27.78 -32.88
CA VAL E 202 -50.99 27.51 -34.03
C VAL E 202 -50.44 26.49 -35.03
N SER E 203 -49.20 25.98 -34.81
CA SER E 203 -48.61 24.99 -35.71
C SER E 203 -48.79 23.59 -35.16
N ASP E 204 -48.67 22.58 -36.01
CA ASP E 204 -48.69 21.20 -35.56
C ASP E 204 -47.30 20.76 -35.02
N GLY E 205 -46.25 21.44 -35.44
CA GLY E 205 -44.87 21.18 -35.06
C GLY E 205 -43.92 22.22 -35.63
N ILE E 206 -42.61 22.01 -35.40
CA ILE E 206 -41.58 22.96 -35.81
C ILE E 206 -40.40 22.27 -36.50
N MET E 207 -39.74 22.98 -37.42
CA MET E 207 -38.50 22.51 -37.99
C MET E 207 -37.44 23.57 -37.68
N VAL E 208 -36.32 23.14 -37.08
CA VAL E 208 -35.21 24.05 -36.82
C VAL E 208 -34.43 24.02 -38.13
N ALA E 209 -34.70 25.00 -39.01
CA ALA E 209 -34.11 25.07 -40.34
C ALA E 209 -32.78 25.80 -40.21
N ARG E 210 -31.73 25.05 -39.83
CA ARG E 210 -30.42 25.59 -39.49
C ARG E 210 -29.65 26.25 -40.63
N GLY E 211 -29.94 25.90 -41.88
CA GLY E 211 -29.26 26.50 -43.02
C GLY E 211 -29.45 28.00 -43.08
N ASP E 212 -30.71 28.45 -43.23
CA ASP E 212 -31.02 29.87 -43.24
C ASP E 212 -30.84 30.48 -41.87
N LEU E 213 -31.19 29.75 -40.80
CA LEU E 213 -31.01 30.27 -39.43
C LEU E 213 -29.54 30.67 -39.16
N GLY E 214 -28.61 29.87 -39.64
CA GLY E 214 -27.17 30.11 -39.49
C GLY E 214 -26.60 31.27 -40.31
N ILE E 215 -27.41 31.82 -41.22
CA ILE E 215 -27.09 32.98 -42.05
C ILE E 215 -27.80 34.22 -41.49
N GLU E 216 -29.04 34.05 -40.98
CA GLU E 216 -29.87 35.11 -40.42
C GLU E 216 -29.43 35.56 -39.03
N ILE E 217 -28.93 34.61 -38.23
CA ILE E 217 -28.40 34.92 -36.90
C ILE E 217 -26.92 34.46 -36.87
N PRO E 218 -26.07 34.94 -35.93
CA PRO E 218 -24.66 34.46 -35.89
C PRO E 218 -24.59 32.93 -35.81
N ALA E 219 -23.69 32.32 -36.59
CA ALA E 219 -23.54 30.86 -36.65
C ALA E 219 -23.33 30.22 -35.27
N GLU E 220 -22.60 30.91 -34.39
CA GLU E 220 -22.31 30.43 -33.05
C GLU E 220 -23.52 30.45 -32.10
N LYS E 221 -24.68 31.00 -32.53
CA LYS E 221 -25.88 31.03 -31.71
C LYS E 221 -26.93 30.00 -32.14
N VAL E 222 -26.75 29.33 -33.27
CA VAL E 222 -27.75 28.37 -33.76
C VAL E 222 -28.03 27.25 -32.78
N PHE E 223 -26.99 26.71 -32.10
CA PHE E 223 -27.22 25.64 -31.12
C PHE E 223 -28.16 26.08 -29.98
N LEU E 224 -28.13 27.36 -29.59
CA LEU E 224 -29.00 27.87 -28.53
C LEU E 224 -30.45 27.87 -29.01
N ALA E 225 -30.67 28.32 -30.26
CA ALA E 225 -32.00 28.34 -30.86
C ALA E 225 -32.53 26.91 -31.01
N GLN E 226 -31.68 25.97 -31.48
CA GLN E 226 -32.05 24.57 -31.64
C GLN E 226 -32.46 23.94 -30.30
N LYS E 227 -31.62 24.08 -29.26
CA LYS E 227 -31.91 23.49 -27.96
C LYS E 227 -33.14 24.12 -27.29
N MET E 228 -33.34 25.43 -27.46
CA MET E 228 -34.52 26.12 -26.91
C MET E 228 -35.80 25.62 -27.60
N MET E 229 -35.82 25.58 -28.94
CA MET E 229 -37.00 25.16 -29.68
C MET E 229 -37.34 23.71 -29.45
N ILE E 230 -36.32 22.85 -29.35
CA ILE E 230 -36.56 21.43 -29.07
C ILE E 230 -37.18 21.28 -27.67
N GLY E 231 -36.63 21.98 -26.68
CA GLY E 231 -37.14 21.96 -25.32
C GLY E 231 -38.59 22.43 -25.24
N ARG E 232 -38.92 23.56 -25.90
CA ARG E 232 -40.29 24.07 -25.90
C ARG E 232 -41.26 23.15 -26.62
N CYS E 233 -40.83 22.49 -27.71
CA CYS E 233 -41.69 21.53 -28.41
C CYS E 233 -41.93 20.30 -27.56
N ASN E 234 -40.88 19.83 -26.84
CA ASN E 234 -41.02 18.68 -25.95
C ASN E 234 -42.02 19.03 -24.81
N LEU E 235 -41.93 20.26 -24.29
CA LEU E 235 -42.82 20.74 -23.23
C LEU E 235 -44.28 20.80 -23.75
N ALA E 236 -44.48 21.30 -24.99
CA ALA E 236 -45.80 21.38 -25.62
C ALA E 236 -46.35 20.03 -26.12
N GLY E 237 -45.50 19.02 -26.22
CA GLY E 237 -45.89 17.72 -26.74
C GLY E 237 -46.13 17.77 -28.24
N LYS E 238 -45.39 18.62 -28.97
CA LYS E 238 -45.54 18.76 -30.43
C LYS E 238 -44.24 18.38 -31.14
N PRO E 239 -44.33 17.73 -32.32
CA PRO E 239 -43.10 17.30 -33.00
C PRO E 239 -42.12 18.39 -33.41
N VAL E 240 -40.82 18.09 -33.27
CA VAL E 240 -39.77 19.02 -33.66
C VAL E 240 -38.75 18.28 -34.53
N VAL E 241 -38.35 18.90 -35.63
CA VAL E 241 -37.42 18.33 -36.59
C VAL E 241 -36.10 19.09 -36.53
N CYS E 242 -34.96 18.36 -36.47
CA CYS E 242 -33.67 19.01 -36.59
C CYS E 242 -33.24 18.84 -38.05
N ALA E 243 -32.84 19.94 -38.71
CA ALA E 243 -32.52 19.87 -40.13
C ALA E 243 -31.25 20.59 -40.52
N THR E 244 -30.66 20.18 -41.68
CA THR E 244 -29.61 20.82 -42.47
C THR E 244 -28.17 20.62 -42.00
N GLN E 245 -27.36 20.10 -42.93
CA GLN E 245 -25.93 19.84 -42.82
C GLN E 245 -25.58 18.83 -41.71
N MET E 246 -26.52 17.94 -41.35
CA MET E 246 -26.28 16.94 -40.33
C MET E 246 -25.18 15.97 -40.73
N LEU E 247 -25.17 15.54 -42.01
CA LEU E 247 -24.14 14.63 -42.55
C LEU E 247 -23.62 15.20 -43.88
N GLU E 248 -23.46 16.53 -43.97
CA GLU E 248 -23.06 17.26 -45.17
C GLU E 248 -21.92 16.64 -45.99
N SER E 249 -20.80 16.26 -45.33
CA SER E 249 -19.66 15.69 -46.05
C SER E 249 -20.00 14.40 -46.80
N MET E 250 -21.08 13.69 -46.41
CA MET E 250 -21.52 12.49 -47.12
C MET E 250 -22.11 12.78 -48.51
N ILE E 251 -22.19 14.05 -48.93
CA ILE E 251 -22.62 14.40 -50.29
C ILE E 251 -21.52 13.86 -51.27
N THR E 252 -20.23 13.94 -50.87
CA THR E 252 -19.14 13.43 -51.69
C THR E 252 -18.33 12.28 -51.06
N LYS E 253 -18.39 12.11 -49.73
CA LYS E 253 -17.62 11.05 -49.07
C LYS E 253 -18.47 9.91 -48.51
N PRO E 254 -17.98 8.67 -48.54
CA PRO E 254 -18.79 7.55 -48.04
C PRO E 254 -18.95 7.48 -46.51
N ARG E 255 -18.10 8.21 -45.76
CA ARG E 255 -18.14 8.25 -44.30
C ARG E 255 -18.24 9.68 -43.82
N PRO E 256 -19.00 9.93 -42.75
CA PRO E 256 -19.13 11.31 -42.27
C PRO E 256 -17.97 11.74 -41.35
N THR E 257 -17.91 13.03 -41.03
CA THR E 257 -16.88 13.52 -40.11
C THR E 257 -17.29 13.20 -38.66
N ARG E 258 -16.35 13.38 -37.71
CA ARG E 258 -16.63 13.16 -36.29
C ARG E 258 -17.63 14.19 -35.76
N ALA E 259 -17.63 15.41 -36.30
CA ALA E 259 -18.59 16.43 -35.89
C ALA E 259 -20.00 16.09 -36.38
N GLU E 260 -20.11 15.48 -37.55
CA GLU E 260 -21.41 15.10 -38.13
C GLU E 260 -22.09 13.98 -37.36
N THR E 261 -21.37 12.92 -36.96
CA THR E 261 -21.99 11.86 -36.16
C THR E 261 -22.42 12.40 -34.78
N SER E 262 -21.59 13.27 -34.21
CA SER E 262 -21.87 13.91 -32.93
C SER E 262 -23.13 14.78 -33.06
N ASP E 263 -23.27 15.54 -34.14
CA ASP E 263 -24.44 16.39 -34.39
C ASP E 263 -25.74 15.58 -34.44
N VAL E 264 -25.74 14.44 -35.13
CA VAL E 264 -26.91 13.59 -35.22
C VAL E 264 -27.26 13.03 -33.82
N ALA E 265 -26.25 12.52 -33.11
CA ALA E 265 -26.47 11.96 -31.78
C ALA E 265 -27.00 13.02 -30.81
N ASN E 266 -26.43 14.24 -30.87
CA ASN E 266 -26.85 15.31 -29.97
C ASN E 266 -28.24 15.86 -30.32
N ALA E 267 -28.67 15.79 -31.59
CA ALA E 267 -30.03 16.22 -31.93
C ALA E 267 -31.03 15.26 -31.26
N VAL E 268 -30.73 13.96 -31.25
CA VAL E 268 -31.57 12.96 -30.59
C VAL E 268 -31.55 13.19 -29.07
N LEU E 269 -30.35 13.38 -28.49
CA LEU E 269 -30.23 13.63 -27.05
C LEU E 269 -30.90 14.93 -26.63
N ASP E 270 -30.93 15.95 -27.50
CA ASP E 270 -31.63 17.22 -27.26
C ASP E 270 -33.13 16.98 -27.08
N GLY E 271 -33.69 16.04 -27.84
CA GLY E 271 -35.09 15.69 -27.77
C GLY E 271 -35.83 15.77 -29.11
N ALA E 272 -35.09 15.83 -30.23
CA ALA E 272 -35.72 15.93 -31.55
C ALA E 272 -36.55 14.70 -31.88
N ASP E 273 -37.75 14.92 -32.43
CA ASP E 273 -38.60 13.82 -32.85
C ASP E 273 -38.11 13.26 -34.19
N CYS E 274 -37.62 14.14 -35.08
CA CYS E 274 -37.14 13.76 -36.41
C CYS E 274 -35.80 14.38 -36.69
N ILE E 275 -35.02 13.70 -37.53
CA ILE E 275 -33.77 14.20 -38.08
C ILE E 275 -33.91 14.20 -39.62
N MET E 276 -33.20 15.11 -40.30
CA MET E 276 -33.37 15.27 -41.73
C MET E 276 -32.09 15.23 -42.54
N LEU E 277 -32.22 14.84 -43.80
CA LEU E 277 -31.16 14.84 -44.81
C LEU E 277 -31.67 15.68 -45.99
N SER E 278 -30.83 16.61 -46.47
CA SER E 278 -31.19 17.47 -47.60
C SER E 278 -30.35 17.09 -48.84
N GLY E 279 -29.22 17.77 -49.08
CA GLY E 279 -28.33 17.46 -50.20
C GLY E 279 -27.78 16.06 -50.13
N GLU E 280 -27.61 15.52 -48.90
CA GLU E 280 -27.11 14.16 -48.68
C GLU E 280 -27.91 13.11 -49.42
N THR E 281 -29.23 13.33 -49.57
CA THR E 281 -30.10 12.39 -50.28
C THR E 281 -30.60 12.93 -51.61
N ALA E 282 -30.80 14.23 -51.69
CA ALA E 282 -31.33 14.85 -52.90
C ALA E 282 -30.35 14.84 -54.06
N LYS E 283 -29.08 15.14 -53.81
CA LYS E 283 -28.08 15.22 -54.88
C LYS E 283 -26.76 14.50 -54.61
N GLY E 284 -26.60 13.93 -53.42
CA GLY E 284 -25.36 13.30 -53.02
C GLY E 284 -25.01 12.00 -53.70
N ASN E 285 -23.75 11.60 -53.54
CA ASN E 285 -23.25 10.36 -54.11
C ASN E 285 -23.53 9.14 -53.25
N PHE E 286 -23.98 9.33 -51.98
CA PHE E 286 -24.26 8.22 -51.06
C PHE E 286 -25.62 8.41 -50.32
N PRO E 287 -26.75 8.57 -51.04
CA PRO E 287 -28.04 8.78 -50.36
C PRO E 287 -28.45 7.66 -49.42
N VAL E 288 -28.28 6.39 -49.84
CA VAL E 288 -28.67 5.26 -49.01
C VAL E 288 -27.76 5.15 -47.79
N GLU E 289 -26.45 5.36 -47.96
CA GLU E 289 -25.50 5.30 -46.87
C GLU E 289 -25.75 6.41 -45.83
N ALA E 290 -26.22 7.59 -46.28
CA ALA E 290 -26.53 8.69 -45.38
C ALA E 290 -27.74 8.32 -44.50
N VAL E 291 -28.75 7.65 -45.08
CA VAL E 291 -29.91 7.19 -44.32
C VAL E 291 -29.48 6.12 -43.32
N LYS E 292 -28.63 5.18 -43.76
CA LYS E 292 -28.12 4.11 -42.90
C LYS E 292 -27.34 4.66 -41.71
N MET E 293 -26.55 5.72 -41.95
CA MET E 293 -25.74 6.33 -40.91
C MET E 293 -26.64 7.03 -39.88
N GLN E 294 -27.68 7.79 -40.32
CA GLN E 294 -28.61 8.42 -39.39
C GLN E 294 -29.34 7.37 -38.57
N HIS E 295 -29.71 6.24 -39.19
CA HIS E 295 -30.38 5.14 -38.49
C HIS E 295 -29.48 4.57 -37.40
N ALA E 296 -28.23 4.26 -37.74
CA ALA E 296 -27.26 3.68 -36.80
C ALA E 296 -26.97 4.59 -35.60
N ILE E 297 -26.76 5.90 -35.87
CA ILE E 297 -26.48 6.86 -34.80
C ILE E 297 -27.70 7.05 -33.91
N ALA E 298 -28.90 7.26 -34.50
CA ALA E 298 -30.13 7.46 -33.73
C ALA E 298 -30.41 6.33 -32.77
N ARG E 299 -30.22 5.07 -33.20
CA ARG E 299 -30.41 3.91 -32.34
C ARG E 299 -29.48 3.97 -31.11
N GLU E 300 -28.19 4.29 -31.35
CA GLU E 300 -27.21 4.38 -30.26
C GLU E 300 -27.57 5.51 -29.29
N ALA E 301 -27.95 6.67 -29.82
CA ALA E 301 -28.29 7.84 -29.01
C ALA E 301 -29.56 7.66 -28.21
N GLU E 302 -30.56 6.95 -28.77
CA GLU E 302 -31.82 6.70 -28.05
C GLU E 302 -31.61 5.82 -26.82
N ALA E 303 -30.71 4.84 -26.91
CA ALA E 303 -30.39 4.01 -25.74
C ALA E 303 -29.62 4.81 -24.66
N ALA E 304 -28.87 5.85 -25.07
CA ALA E 304 -28.10 6.72 -24.16
C ALA E 304 -28.95 7.83 -23.51
N VAL E 305 -30.26 7.89 -23.79
CA VAL E 305 -31.13 8.89 -23.20
C VAL E 305 -31.28 8.57 -21.69
N TYR E 306 -31.19 9.60 -20.82
CA TYR E 306 -31.32 9.42 -19.38
C TYR E 306 -32.79 9.53 -18.99
N HIS E 307 -33.57 8.47 -19.23
CA HIS E 307 -35.01 8.44 -18.97
C HIS E 307 -35.40 8.78 -17.55
N ARG E 308 -34.60 8.37 -16.56
CA ARG E 308 -34.90 8.66 -15.15
C ARG E 308 -35.17 10.14 -14.89
N GLN E 309 -34.30 11.04 -15.39
CA GLN E 309 -34.55 12.47 -15.21
C GLN E 309 -35.50 13.03 -16.25
N LEU E 310 -35.37 12.60 -17.51
CA LEU E 310 -36.24 13.07 -18.57
C LEU E 310 -37.73 12.83 -18.27
N PHE E 311 -38.11 11.61 -17.87
CA PHE E 311 -39.50 11.30 -17.54
C PHE E 311 -39.97 12.12 -16.38
N GLU E 312 -39.14 12.23 -15.33
CA GLU E 312 -39.47 13.02 -14.14
C GLU E 312 -39.75 14.48 -14.50
N GLU E 313 -38.92 15.06 -15.36
CA GLU E 313 -39.12 16.46 -15.75
C GLU E 313 -40.32 16.65 -16.69
N LEU E 314 -40.53 15.71 -17.63
CA LEU E 314 -41.67 15.82 -18.56
C LEU E 314 -42.97 15.66 -17.80
N ARG E 315 -43.03 14.67 -16.92
CA ARG E 315 -44.16 14.37 -16.08
C ARG E 315 -44.48 15.57 -15.14
N ARG E 316 -43.46 16.19 -14.53
CA ARG E 316 -43.66 17.33 -13.64
C ARG E 316 -44.10 18.59 -14.40
N ALA E 317 -43.54 18.81 -15.59
CA ALA E 317 -43.85 20.01 -16.37
C ALA E 317 -45.19 19.95 -17.10
N ALA E 318 -45.68 18.75 -17.46
CA ALA E 318 -46.97 18.60 -18.16
C ALA E 318 -48.07 18.99 -17.18
N PRO E 319 -48.95 19.94 -17.53
CA PRO E 319 -49.95 20.41 -16.56
C PRO E 319 -50.93 19.34 -16.16
N LEU E 320 -51.63 19.58 -15.04
CA LEU E 320 -52.70 18.68 -14.59
C LEU E 320 -53.82 18.74 -15.65
N SER E 321 -54.49 17.61 -15.87
CA SER E 321 -55.48 17.53 -16.91
C SER E 321 -56.67 16.73 -16.50
N ARG E 322 -57.84 17.12 -16.98
CA ARG E 322 -59.05 16.34 -16.79
C ARG E 322 -59.48 15.63 -18.10
N ASP E 323 -58.62 15.63 -19.13
CA ASP E 323 -58.85 14.94 -20.39
C ASP E 323 -58.46 13.48 -20.18
N PRO E 324 -59.40 12.54 -20.36
CA PRO E 324 -59.07 11.12 -20.12
C PRO E 324 -57.98 10.55 -21.00
N THR E 325 -57.78 11.05 -22.23
CA THR E 325 -56.68 10.57 -23.09
C THR E 325 -55.34 10.93 -22.45
N GLU E 326 -55.21 12.18 -21.98
CA GLU E 326 -54.01 12.68 -21.32
C GLU E 326 -53.72 11.89 -20.01
N VAL E 327 -54.78 11.64 -19.23
CA VAL E 327 -54.67 10.91 -17.96
C VAL E 327 -54.26 9.46 -18.19
N THR E 328 -54.86 8.81 -19.20
CA THR E 328 -54.55 7.43 -19.53
C THR E 328 -53.12 7.33 -20.04
N ALA E 329 -52.68 8.31 -20.87
CA ALA E 329 -51.33 8.30 -21.43
C ALA E 329 -50.24 8.30 -20.35
N ILE E 330 -50.35 9.16 -19.33
CA ILE E 330 -49.33 9.19 -18.27
C ILE E 330 -49.36 7.91 -17.43
N GLY E 331 -50.56 7.39 -17.17
CA GLY E 331 -50.71 6.15 -16.43
C GLY E 331 -50.10 4.97 -17.17
N ALA E 332 -50.25 4.95 -18.52
CA ALA E 332 -49.71 3.90 -19.36
C ALA E 332 -48.18 3.97 -19.43
N VAL E 333 -47.61 5.17 -19.56
CA VAL E 333 -46.15 5.32 -19.62
C VAL E 333 -45.50 4.93 -18.27
N GLU E 334 -46.16 5.31 -17.16
CA GLU E 334 -45.69 4.94 -15.81
C GLU E 334 -45.73 3.42 -15.65
N ALA E 335 -46.82 2.79 -16.10
CA ALA E 335 -46.96 1.34 -16.04
C ALA E 335 -45.87 0.65 -16.89
N ALA E 336 -45.61 1.18 -18.10
CA ALA E 336 -44.60 0.62 -19.00
C ALA E 336 -43.20 0.65 -18.34
N PHE E 337 -42.83 1.75 -17.68
CA PHE E 337 -41.52 1.83 -17.00
C PHE E 337 -41.44 0.86 -15.82
N LYS E 338 -42.54 0.67 -15.09
CA LYS E 338 -42.57 -0.21 -13.94
C LYS E 338 -42.25 -1.66 -14.27
N CYS E 339 -42.74 -2.15 -15.42
CA CYS E 339 -42.54 -3.54 -15.79
C CYS E 339 -41.57 -3.75 -16.94
N CYS E 340 -40.87 -2.69 -17.42
CA CYS E 340 -39.96 -2.78 -18.58
C CYS E 340 -40.75 -3.31 -19.77
N ALA E 341 -41.98 -2.79 -19.99
CA ALA E 341 -42.84 -3.26 -21.08
C ALA E 341 -42.14 -3.14 -22.42
N ALA E 342 -42.27 -4.16 -23.27
CA ALA E 342 -41.65 -4.14 -24.58
C ALA E 342 -42.33 -3.10 -25.47
N ALA E 343 -43.65 -2.89 -25.29
CA ALA E 343 -44.40 -1.94 -26.12
C ALA E 343 -45.67 -1.45 -25.43
N ILE E 344 -46.19 -0.31 -25.91
CA ILE E 344 -47.48 0.22 -25.55
C ILE E 344 -48.27 0.16 -26.88
N ILE E 345 -49.29 -0.69 -26.94
CA ILE E 345 -50.11 -0.81 -28.15
C ILE E 345 -51.30 0.12 -27.98
N VAL E 346 -51.46 1.08 -28.89
CA VAL E 346 -52.55 2.04 -28.80
C VAL E 346 -53.41 2.06 -30.07
N LEU E 347 -54.73 2.13 -29.89
CA LEU E 347 -55.63 2.27 -31.03
C LEU E 347 -55.86 3.77 -31.21
N THR E 348 -55.71 4.27 -32.43
CA THR E 348 -55.88 5.69 -32.70
C THR E 348 -56.50 5.97 -34.06
N THR E 349 -57.35 7.00 -34.13
CA THR E 349 -58.01 7.38 -35.38
C THR E 349 -57.22 8.49 -36.05
N THR E 350 -56.88 9.53 -35.28
CA THR E 350 -56.16 10.69 -35.80
C THR E 350 -54.66 10.68 -35.50
N GLY E 351 -54.21 9.78 -34.62
CA GLY E 351 -52.84 9.74 -34.15
C GLY E 351 -52.67 10.41 -32.77
N ARG E 352 -53.69 11.17 -32.30
CA ARG E 352 -53.60 11.91 -31.05
C ARG E 352 -53.28 11.05 -29.78
N SER E 353 -53.91 9.88 -29.60
CA SER E 353 -53.62 9.05 -28.43
C SER E 353 -52.16 8.59 -28.43
N ALA E 354 -51.58 8.34 -29.61
CA ALA E 354 -50.18 7.93 -29.72
C ALA E 354 -49.24 9.12 -29.44
N GLN E 355 -49.62 10.32 -29.89
CA GLN E 355 -48.85 11.54 -29.67
C GLN E 355 -48.77 11.85 -28.17
N LEU E 356 -49.88 11.68 -27.43
CA LEU E 356 -49.89 11.93 -25.99
C LEU E 356 -49.05 10.91 -25.21
N LEU E 357 -48.86 9.69 -25.76
CA LEU E 357 -47.99 8.70 -25.11
C LEU E 357 -46.53 9.10 -25.41
N SER E 358 -46.24 9.46 -26.69
CA SER E 358 -44.92 9.85 -27.17
CA SER E 358 -44.91 9.83 -27.13
C SER E 358 -44.33 11.05 -26.41
N ARG E 359 -45.18 11.99 -25.98
CA ARG E 359 -44.72 13.19 -25.29
C ARG E 359 -44.00 12.87 -23.95
N TYR E 360 -44.31 11.71 -23.33
CA TYR E 360 -43.64 11.32 -22.08
C TYR E 360 -42.35 10.52 -22.29
N ARG E 361 -41.93 10.35 -23.56
CA ARG E 361 -40.74 9.63 -23.98
C ARG E 361 -40.56 8.28 -23.31
N PRO E 362 -41.55 7.36 -23.47
CA PRO E 362 -41.36 6.01 -22.90
C PRO E 362 -40.22 5.29 -23.61
N ARG E 363 -39.60 4.36 -22.90
CA ARG E 363 -38.59 3.50 -23.50
C ARG E 363 -39.33 2.46 -24.38
N ALA E 364 -40.53 2.03 -23.96
CA ALA E 364 -41.34 1.07 -24.70
C ALA E 364 -41.77 1.69 -26.03
N ALA E 365 -41.73 0.90 -27.10
CA ALA E 365 -42.17 1.35 -28.42
C ALA E 365 -43.67 1.60 -28.37
N VAL E 366 -44.15 2.69 -29.01
CA VAL E 366 -45.59 2.94 -29.06
C VAL E 366 -46.09 2.41 -30.40
N ILE E 367 -46.73 1.25 -30.39
CA ILE E 367 -47.25 0.63 -31.60
C ILE E 367 -48.67 1.17 -31.82
N ALA E 368 -48.84 2.04 -32.82
CA ALA E 368 -50.13 2.68 -33.06
C ALA E 368 -50.90 1.97 -34.18
N VAL E 369 -52.03 1.35 -33.85
CA VAL E 369 -52.86 0.66 -34.83
C VAL E 369 -53.95 1.60 -35.29
N THR E 370 -53.99 1.89 -36.59
CA THR E 370 -54.98 2.80 -37.14
C THR E 370 -55.52 2.33 -38.49
N ARG E 371 -56.76 2.70 -38.79
CA ARG E 371 -57.35 2.45 -40.11
C ARG E 371 -57.06 3.62 -41.07
N SER E 372 -56.69 4.80 -40.54
CA SER E 372 -56.41 5.95 -41.36
C SER E 372 -55.01 5.85 -41.95
N ALA E 373 -54.91 5.70 -43.29
CA ALA E 373 -53.63 5.63 -43.98
C ALA E 373 -52.84 6.95 -43.77
N GLN E 374 -53.55 8.08 -43.77
CA GLN E 374 -52.92 9.36 -43.56
C GLN E 374 -52.37 9.50 -42.12
N ALA E 375 -53.15 9.09 -41.09
CA ALA E 375 -52.68 9.17 -39.70
C ALA E 375 -51.46 8.27 -39.52
N ALA E 376 -51.44 7.09 -40.18
CA ALA E 376 -50.30 6.17 -40.12
C ALA E 376 -49.04 6.83 -40.67
N ARG E 377 -49.16 7.60 -41.76
CA ARG E 377 -48.01 8.31 -42.33
C ARG E 377 -47.59 9.47 -41.44
N GLN E 378 -48.55 10.26 -40.95
CA GLN E 378 -48.28 11.44 -40.14
C GLN E 378 -47.69 11.17 -38.73
N VAL E 379 -48.01 10.02 -38.10
CA VAL E 379 -47.47 9.74 -36.76
C VAL E 379 -45.96 9.50 -36.76
N HIS E 380 -45.31 9.38 -37.94
CA HIS E 380 -43.87 9.31 -38.04
C HIS E 380 -43.24 10.61 -37.49
N LEU E 381 -44.02 11.72 -37.42
CA LEU E 381 -43.53 12.96 -36.84
C LEU E 381 -43.26 12.84 -35.33
N CYS E 382 -43.91 11.87 -34.63
CA CYS E 382 -43.80 11.69 -33.18
C CYS E 382 -42.81 10.62 -32.82
N ARG E 383 -41.78 10.98 -32.02
CA ARG E 383 -40.76 9.99 -31.64
C ARG E 383 -41.33 8.75 -30.95
N GLY E 384 -40.86 7.60 -31.35
CA GLY E 384 -41.23 6.35 -30.72
C GLY E 384 -42.56 5.78 -31.14
N VAL E 385 -43.22 6.36 -32.16
CA VAL E 385 -44.49 5.83 -32.65
C VAL E 385 -44.24 5.01 -33.91
N PHE E 386 -44.64 3.74 -33.87
CA PHE E 386 -44.50 2.78 -34.96
C PHE E 386 -45.90 2.49 -35.51
N PRO E 387 -46.23 3.12 -36.66
CA PRO E 387 -47.59 2.98 -37.19
C PRO E 387 -47.87 1.66 -37.89
N LEU E 388 -49.04 1.09 -37.61
CA LEU E 388 -49.49 -0.12 -38.27
C LEU E 388 -50.81 0.20 -38.93
N LEU E 389 -50.87 0.07 -40.27
CA LEU E 389 -52.11 0.34 -41.00
C LEU E 389 -52.98 -0.92 -41.05
N TYR E 390 -54.15 -0.87 -40.41
CA TYR E 390 -55.09 -1.98 -40.34
C TYR E 390 -56.05 -1.85 -41.53
N ARG E 391 -56.13 -2.89 -42.38
CA ARG E 391 -56.96 -2.80 -43.59
C ARG E 391 -58.26 -3.62 -43.55
N GLU E 392 -58.48 -4.42 -42.51
CA GLU E 392 -59.68 -5.27 -42.42
C GLU E 392 -60.96 -4.49 -42.23
N PRO E 393 -62.06 -4.96 -42.83
CA PRO E 393 -63.35 -4.29 -42.62
C PRO E 393 -63.84 -4.50 -41.18
N PRO E 394 -64.67 -3.59 -40.68
CA PRO E 394 -65.13 -3.70 -39.29
C PRO E 394 -65.94 -4.94 -38.94
N GLU E 395 -65.70 -5.48 -37.73
CA GLU E 395 -66.45 -6.60 -37.18
C GLU E 395 -67.85 -6.10 -36.78
N ALA E 396 -68.83 -7.01 -36.70
CA ALA E 396 -70.19 -6.63 -36.31
C ALA E 396 -70.24 -6.10 -34.87
N ILE E 397 -69.53 -6.77 -33.96
CA ILE E 397 -69.47 -6.33 -32.57
C ILE E 397 -68.22 -5.44 -32.40
N TRP E 398 -68.42 -4.18 -32.00
CA TRP E 398 -67.32 -3.22 -31.82
C TRP E 398 -66.22 -3.72 -30.87
N ALA E 399 -66.57 -4.35 -29.74
CA ALA E 399 -65.59 -4.90 -28.83
C ALA E 399 -64.68 -5.95 -29.50
N ASP E 400 -65.23 -6.76 -30.42
CA ASP E 400 -64.45 -7.77 -31.17
C ASP E 400 -63.51 -7.09 -32.16
N ASP E 401 -63.95 -5.97 -32.77
CA ASP E 401 -63.11 -5.21 -33.72
C ASP E 401 -61.92 -4.60 -32.98
N VAL E 402 -62.16 -4.09 -31.76
CA VAL E 402 -61.11 -3.52 -30.91
C VAL E 402 -60.08 -4.61 -30.58
N ASP E 403 -60.56 -5.80 -30.15
CA ASP E 403 -59.70 -6.94 -29.84
C ASP E 403 -58.88 -7.42 -31.04
N ARG E 404 -59.49 -7.42 -32.23
CA ARG E 404 -58.78 -7.83 -33.45
C ARG E 404 -57.64 -6.88 -33.78
N ARG E 405 -57.86 -5.58 -33.55
CA ARG E 405 -56.82 -4.60 -33.81
C ARG E 405 -55.68 -4.71 -32.80
N VAL E 406 -55.98 -5.04 -31.54
CA VAL E 406 -54.96 -5.25 -30.51
C VAL E 406 -54.13 -6.48 -30.86
N GLN E 407 -54.79 -7.57 -31.31
CA GLN E 407 -54.10 -8.79 -31.73
C GLN E 407 -53.25 -8.56 -32.97
N PHE E 408 -53.70 -7.69 -33.88
CA PHE E 408 -52.93 -7.32 -35.07
C PHE E 408 -51.64 -6.60 -34.65
N GLY E 409 -51.71 -5.75 -33.62
CA GLY E 409 -50.56 -5.06 -33.09
C GLY E 409 -49.58 -6.02 -32.46
N ILE E 410 -50.07 -7.02 -31.71
CA ILE E 410 -49.23 -8.05 -31.08
C ILE E 410 -48.55 -8.93 -32.11
N GLU E 411 -49.31 -9.43 -33.09
CA GLU E 411 -48.76 -10.27 -34.14
C GLU E 411 -47.78 -9.52 -35.02
N SER E 412 -48.03 -8.22 -35.31
CA SER E 412 -47.07 -7.41 -36.08
C SER E 412 -45.81 -7.09 -35.25
N GLY E 413 -45.99 -6.94 -33.94
CA GLY E 413 -44.88 -6.69 -33.04
C GLY E 413 -43.98 -7.91 -32.97
N LYS E 414 -44.57 -9.11 -32.92
CA LYS E 414 -43.80 -10.36 -32.89
C LYS E 414 -43.02 -10.53 -34.18
N LEU E 415 -43.68 -10.30 -35.33
CA LEU E 415 -43.08 -10.44 -36.65
C LEU E 415 -41.90 -9.50 -36.81
N ARG E 416 -42.04 -8.25 -36.36
CA ARG E 416 -40.97 -7.25 -36.53
C ARG E 416 -39.87 -7.30 -35.45
N GLY E 417 -40.02 -8.16 -34.44
CA GLY E 417 -39.00 -8.28 -33.40
C GLY E 417 -39.20 -7.42 -32.18
N PHE E 418 -40.29 -6.64 -32.12
CA PHE E 418 -40.59 -5.80 -30.96
C PHE E 418 -40.99 -6.62 -29.75
N LEU E 419 -41.72 -7.72 -29.97
CA LEU E 419 -42.28 -8.52 -28.89
C LEU E 419 -41.92 -9.97 -28.99
N ARG E 420 -41.83 -10.63 -27.84
CA ARG E 420 -41.62 -12.06 -27.75
C ARG E 420 -42.56 -12.62 -26.67
N VAL E 421 -42.79 -13.93 -26.68
CA VAL E 421 -43.61 -14.60 -25.67
C VAL E 421 -42.99 -14.39 -24.28
N GLY E 422 -43.80 -14.00 -23.32
CA GLY E 422 -43.30 -13.71 -21.98
C GLY E 422 -43.17 -12.22 -21.70
N ASP E 423 -43.13 -11.38 -22.75
CA ASP E 423 -43.05 -9.93 -22.58
C ASP E 423 -44.36 -9.37 -22.00
N LEU E 424 -44.28 -8.21 -21.35
CA LEU E 424 -45.46 -7.51 -20.89
C LEU E 424 -45.69 -6.35 -21.84
N VAL E 425 -46.94 -6.06 -22.16
CA VAL E 425 -47.31 -4.92 -22.99
C VAL E 425 -48.40 -4.14 -22.29
N ILE E 426 -48.46 -2.84 -22.56
CA ILE E 426 -49.51 -1.99 -22.04
C ILE E 426 -50.43 -1.72 -23.24
N VAL E 427 -51.73 -1.93 -23.09
CA VAL E 427 -52.68 -1.72 -24.19
C VAL E 427 -53.59 -0.53 -23.86
N VAL E 428 -53.63 0.46 -24.75
CA VAL E 428 -54.41 1.68 -24.58
C VAL E 428 -55.57 1.74 -25.60
N THR E 429 -56.82 1.74 -25.11
CA THR E 429 -58.05 1.77 -25.91
C THR E 429 -59.07 2.80 -25.31
N GLY E 430 -60.24 2.95 -25.94
CA GLY E 430 -61.31 3.83 -25.50
C GLY E 430 -62.60 3.09 -25.21
N TRP E 431 -63.60 3.80 -24.65
CA TRP E 431 -64.87 3.20 -24.24
C TRP E 431 -65.97 3.22 -25.35
N ARG E 432 -65.76 3.97 -26.43
CA ARG E 432 -66.71 4.03 -27.55
C ARG E 432 -65.99 4.34 -28.87
N PRO E 433 -66.62 4.03 -30.04
CA PRO E 433 -65.96 4.35 -31.32
C PRO E 433 -65.78 5.86 -31.52
N GLY E 434 -64.91 6.21 -32.45
CA GLY E 434 -64.63 7.60 -32.75
C GLY E 434 -63.43 8.12 -31.98
N SER E 435 -62.85 9.21 -32.47
CA SER E 435 -61.71 9.89 -31.87
C SER E 435 -62.08 10.64 -30.58
N GLY E 436 -61.16 10.68 -29.63
CA GLY E 436 -61.34 11.46 -28.41
C GLY E 436 -61.82 10.72 -27.17
N TYR E 437 -62.02 9.40 -27.25
CA TYR E 437 -62.56 8.66 -26.11
C TYR E 437 -61.62 7.64 -25.50
N THR E 438 -60.30 7.75 -25.73
CA THR E 438 -59.32 6.86 -25.09
C THR E 438 -59.41 7.04 -23.56
N ASN E 439 -59.55 5.94 -22.81
CA ASN E 439 -59.68 6.04 -21.35
C ASN E 439 -59.27 4.75 -20.62
N ILE E 440 -58.75 3.75 -21.33
CA ILE E 440 -58.44 2.46 -20.73
C ILE E 440 -56.98 2.05 -20.94
N MET E 441 -56.37 1.54 -19.87
CA MET E 441 -55.02 1.00 -19.94
CA MET E 441 -54.99 1.03 -19.87
C MET E 441 -55.05 -0.41 -19.33
N ARG E 442 -54.47 -1.37 -20.05
CA ARG E 442 -54.45 -2.76 -19.60
C ARG E 442 -53.06 -3.34 -19.63
N VAL E 443 -52.73 -4.19 -18.64
CA VAL E 443 -51.42 -4.85 -18.63
C VAL E 443 -51.61 -6.28 -19.13
N LEU E 444 -50.97 -6.61 -20.24
CA LEU E 444 -51.14 -7.90 -20.90
C LEU E 444 -49.83 -8.68 -21.04
N SER E 445 -49.89 -10.00 -20.80
CA SER E 445 -48.71 -10.84 -20.98
CA SER E 445 -48.73 -10.88 -20.97
C SER E 445 -48.77 -11.44 -22.38
N ILE E 446 -47.67 -11.39 -23.12
CA ILE E 446 -47.63 -11.93 -24.48
C ILE E 446 -47.55 -13.46 -24.46
N SER E 447 -48.52 -14.13 -25.09
CA SER E 447 -48.53 -15.59 -25.15
C SER E 447 -48.28 -16.10 -26.59
N ALA F 13 -48.28 27.50 -14.43
CA ALA F 13 -48.59 26.99 -15.76
C ALA F 13 -49.06 25.53 -15.72
N ASP F 14 -48.49 24.74 -14.79
CA ASP F 14 -48.86 23.34 -14.62
C ASP F 14 -50.25 23.14 -13.97
N VAL F 15 -50.85 24.21 -13.42
CA VAL F 15 -52.18 24.12 -12.79
C VAL F 15 -53.16 25.17 -13.34
N ALA F 16 -52.77 25.98 -14.36
CA ALA F 16 -53.61 27.07 -14.87
C ALA F 16 -54.96 26.63 -15.50
N GLN F 17 -54.96 25.61 -16.35
CA GLN F 17 -56.20 25.12 -16.97
C GLN F 17 -57.11 24.50 -15.92
N LEU F 18 -56.54 23.70 -15.00
CA LEU F 18 -57.33 23.11 -13.94
C LEU F 18 -57.85 24.13 -12.94
N THR F 19 -57.15 25.26 -12.76
CA THR F 19 -57.59 26.33 -11.86
C THR F 19 -58.80 27.05 -12.46
N GLN F 20 -58.82 27.25 -13.78
CA GLN F 20 -59.95 27.90 -14.44
C GLN F 20 -61.19 26.99 -14.35
N GLU F 21 -60.99 25.67 -14.56
CA GLU F 21 -62.07 24.67 -14.54
C GLU F 21 -62.63 24.39 -13.15
N LEU F 22 -61.76 24.07 -12.18
CA LEU F 22 -62.17 23.73 -10.81
C LEU F 22 -62.34 24.94 -9.88
N GLY F 23 -61.71 26.05 -10.24
CA GLY F 23 -61.80 27.28 -9.47
C GLY F 23 -60.66 27.50 -8.49
N THR F 24 -60.44 28.77 -8.10
CA THR F 24 -59.38 29.10 -7.14
C THR F 24 -59.72 28.58 -5.76
N ALA F 25 -61.01 28.54 -5.38
CA ALA F 25 -61.38 28.04 -4.05
C ALA F 25 -60.99 26.58 -3.88
N PHE F 26 -61.08 25.77 -4.95
CA PHE F 26 -60.68 24.36 -4.91
C PHE F 26 -59.19 24.24 -4.57
N PHE F 27 -58.35 25.06 -5.23
CA PHE F 27 -56.91 25.00 -5.04
C PHE F 27 -56.41 25.70 -3.77
N GLN F 28 -57.31 26.28 -2.96
CA GLN F 28 -56.92 26.88 -1.68
C GLN F 28 -57.11 25.85 -0.53
N GLN F 29 -58.08 24.91 -0.67
CA GLN F 29 -58.39 23.88 0.29
C GLN F 29 -57.38 22.76 0.31
N GLN F 30 -57.49 21.87 1.31
CA GLN F 30 -56.70 20.66 1.51
C GLN F 30 -55.19 20.84 1.33
N GLN F 31 -54.67 21.98 1.74
CA GLN F 31 -53.26 22.34 1.63
C GLN F 31 -52.71 22.19 0.22
N LEU F 32 -53.53 22.48 -0.82
CA LEU F 32 -53.07 22.37 -2.20
C LEU F 32 -51.93 23.35 -2.54
N PRO F 33 -51.87 24.62 -2.04
CA PRO F 33 -50.69 25.45 -2.35
C PRO F 33 -49.42 24.79 -1.80
N ALA F 34 -49.47 24.23 -0.58
CA ALA F 34 -48.32 23.54 0.01
C ALA F 34 -47.98 22.25 -0.75
N ALA F 35 -49.00 21.57 -1.30
CA ALA F 35 -48.82 20.35 -2.08
C ALA F 35 -48.09 20.62 -3.39
N MET F 36 -48.32 21.80 -4.01
CA MET F 36 -47.68 22.13 -5.29
C MET F 36 -46.27 22.71 -5.13
N ALA F 37 -45.75 22.86 -3.90
CA ALA F 37 -44.43 23.45 -3.69
C ALA F 37 -43.31 22.63 -4.28
N ASP F 38 -42.24 23.31 -4.72
CA ASP F 38 -41.10 22.68 -5.38
C ASP F 38 -40.08 22.09 -4.43
N THR F 39 -40.05 22.53 -3.16
CA THR F 39 -39.15 21.99 -2.14
C THR F 39 -39.94 21.72 -0.85
N PHE F 40 -39.42 20.86 0.04
CA PHE F 40 -40.08 20.59 1.32
C PHE F 40 -40.13 21.87 2.17
N LEU F 41 -39.06 22.68 2.15
CA LEU F 41 -39.03 23.93 2.93
C LEU F 41 -40.14 24.89 2.47
N GLU F 42 -40.31 25.05 1.14
CA GLU F 42 -41.39 25.89 0.61
C GLU F 42 -42.76 25.30 0.94
N HIS F 43 -42.88 23.96 0.97
CA HIS F 43 -44.10 23.26 1.36
C HIS F 43 -44.48 23.65 2.79
N LEU F 44 -43.51 23.65 3.72
CA LEU F 44 -43.77 24.05 5.13
C LEU F 44 -44.25 25.50 5.17
N CYS F 45 -43.54 26.41 4.46
CA CYS F 45 -43.88 27.83 4.42
C CYS F 45 -45.29 28.10 3.90
N LEU F 46 -45.82 27.21 3.06
CA LEU F 46 -47.15 27.36 2.47
C LEU F 46 -48.28 26.69 3.25
N LEU F 47 -48.01 25.98 4.36
CA LEU F 47 -49.06 25.36 5.15
C LEU F 47 -49.96 26.46 5.73
N ASP F 48 -51.28 26.27 5.65
CA ASP F 48 -52.23 27.31 6.02
C ASP F 48 -53.30 26.79 6.95
N ILE F 49 -53.44 27.40 8.14
CA ILE F 49 -54.47 27.00 9.09
C ILE F 49 -55.91 27.26 8.55
N ASP F 50 -56.06 28.15 7.57
CA ASP F 50 -57.36 28.44 6.95
C ASP F 50 -57.68 27.51 5.76
N SER F 51 -56.75 26.62 5.38
CA SER F 51 -56.97 25.68 4.30
C SER F 51 -57.62 24.45 4.91
N GLU F 52 -58.93 24.30 4.69
CA GLU F 52 -59.71 23.21 5.28
C GLU F 52 -59.55 21.85 4.59
N PRO F 53 -59.47 20.79 5.38
CA PRO F 53 -59.38 19.44 4.79
C PRO F 53 -60.67 19.11 4.05
N VAL F 54 -60.55 18.45 2.90
CA VAL F 54 -61.72 18.07 2.11
C VAL F 54 -61.92 16.54 2.13
N ALA F 55 -60.82 15.80 1.94
CA ALA F 55 -60.88 14.35 1.83
C ALA F 55 -61.32 13.62 3.11
N ALA F 56 -61.88 12.41 2.96
CA ALA F 56 -62.26 11.59 4.11
C ALA F 56 -60.97 11.17 4.83
N ARG F 57 -61.08 10.94 6.13
CA ARG F 57 -59.94 10.59 6.96
C ARG F 57 -59.42 9.22 6.57
N SER F 58 -58.16 9.17 6.18
CA SER F 58 -57.55 7.95 5.68
C SER F 58 -56.79 7.09 6.70
N THR F 59 -56.27 7.67 7.80
CA THR F 59 -55.54 6.90 8.83
C THR F 59 -56.55 6.27 9.76
N SER F 60 -56.57 4.92 9.87
CA SER F 60 -57.52 4.26 10.75
C SER F 60 -57.27 4.48 12.22
N ILE F 61 -58.35 4.49 12.98
CA ILE F 61 -58.27 4.66 14.42
C ILE F 61 -58.58 3.33 15.09
N ILE F 62 -57.65 2.90 15.94
CA ILE F 62 -57.83 1.68 16.74
C ILE F 62 -58.20 2.13 18.14
N ALA F 63 -59.34 1.68 18.66
CA ALA F 63 -59.76 2.04 20.00
C ALA F 63 -59.78 0.80 20.89
N THR F 64 -59.18 0.90 22.07
CA THR F 64 -59.15 -0.21 23.00
C THR F 64 -60.47 -0.27 23.74
N ILE F 65 -61.08 -1.47 23.78
CA ILE F 65 -62.36 -1.63 24.46
C ILE F 65 -62.15 -1.96 25.93
N GLY F 66 -62.89 -1.31 26.80
CA GLY F 66 -62.84 -1.54 28.23
C GLY F 66 -64.10 -1.06 28.91
N PRO F 67 -64.06 -0.89 30.25
CA PRO F 67 -65.27 -0.42 30.96
C PRO F 67 -65.88 0.89 30.46
N ALA F 68 -65.06 1.81 29.94
CA ALA F 68 -65.59 3.09 29.44
C ALA F 68 -66.18 3.00 28.04
N SER F 69 -65.97 1.89 27.32
CA SER F 69 -66.40 1.78 25.94
C SER F 69 -66.96 0.39 25.61
N ARG F 70 -67.60 -0.26 26.58
CA ARG F 70 -68.11 -1.61 26.41
C ARG F 70 -69.60 -1.73 26.04
N SER F 71 -70.46 -0.80 26.52
CA SER F 71 -71.88 -0.85 26.21
C SER F 71 -72.17 -0.64 24.72
N VAL F 72 -73.24 -1.27 24.23
CA VAL F 72 -73.62 -1.20 22.82
C VAL F 72 -73.89 0.23 22.40
N GLU F 73 -74.52 1.02 23.28
CA GLU F 73 -74.82 2.42 22.98
C GLU F 73 -73.55 3.27 22.88
N ARG F 74 -72.57 3.02 23.76
CA ARG F 74 -71.31 3.75 23.73
C ARG F 74 -70.51 3.36 22.47
N LEU F 75 -70.53 2.07 22.12
CA LEU F 75 -69.87 1.57 20.93
C LEU F 75 -70.45 2.16 19.63
N LYS F 76 -71.78 2.41 19.59
CA LYS F 76 -72.38 3.03 18.41
C LYS F 76 -71.86 4.45 18.24
N GLU F 77 -71.70 5.18 19.35
CA GLU F 77 -71.16 6.54 19.33
CA GLU F 77 -71.17 6.54 19.28
C GLU F 77 -69.70 6.52 18.84
N MET F 78 -68.93 5.53 19.26
CA MET F 78 -67.53 5.42 18.87
CA MET F 78 -67.53 5.42 18.87
C MET F 78 -67.37 5.09 17.39
N ILE F 79 -68.31 4.28 16.85
CA ILE F 79 -68.28 3.94 15.43
C ILE F 79 -68.59 5.21 14.63
N LYS F 80 -69.59 6.00 15.07
CA LYS F 80 -69.97 7.26 14.44
C LYS F 80 -68.83 8.28 14.52
N ALA F 81 -68.09 8.30 15.64
CA ALA F 81 -66.94 9.21 15.82
C ALA F 81 -65.73 8.86 14.93
N GLY F 82 -65.67 7.60 14.46
CA GLY F 82 -64.60 7.17 13.56
C GLY F 82 -63.79 5.94 13.90
N MET F 83 -64.14 5.20 14.96
CA MET F 83 -63.41 3.98 15.31
C MET F 83 -63.50 2.95 14.17
N ASN F 84 -62.34 2.45 13.69
CA ASN F 84 -62.33 1.48 12.60
C ASN F 84 -61.96 0.08 13.07
N ILE F 85 -61.16 -0.02 14.16
CA ILE F 85 -60.66 -1.28 14.70
C ILE F 85 -60.86 -1.27 16.20
N ALA F 86 -61.47 -2.32 16.76
CA ALA F 86 -61.69 -2.45 18.20
C ALA F 86 -60.60 -3.38 18.73
N ARG F 87 -59.83 -2.92 19.73
CA ARG F 87 -58.75 -3.70 20.30
C ARG F 87 -59.15 -4.33 21.63
N LEU F 88 -58.99 -5.64 21.76
CA LEU F 88 -59.28 -6.35 23.00
C LEU F 88 -57.95 -6.64 23.66
N ASN F 89 -57.69 -6.06 24.82
CA ASN F 89 -56.42 -6.28 25.51
C ASN F 89 -56.50 -7.52 26.41
N PHE F 90 -55.93 -8.64 25.96
CA PHE F 90 -55.96 -9.89 26.72
C PHE F 90 -55.00 -9.91 27.92
N SER F 91 -54.32 -8.78 28.23
CA SER F 91 -53.52 -8.70 29.45
C SER F 91 -54.44 -8.62 30.70
N HIS F 92 -55.72 -8.23 30.51
CA HIS F 92 -56.71 -8.14 31.58
C HIS F 92 -58.03 -8.78 31.10
N GLY F 93 -58.85 -9.22 32.04
CA GLY F 93 -60.15 -9.79 31.72
C GLY F 93 -60.15 -11.24 31.31
N SER F 94 -61.25 -11.92 31.60
CA SER F 94 -61.42 -13.33 31.28
C SER F 94 -61.90 -13.52 29.82
N HIS F 95 -61.93 -14.77 29.35
CA HIS F 95 -62.47 -15.10 28.04
C HIS F 95 -63.96 -14.71 27.97
N GLU F 96 -64.70 -14.84 29.08
CA GLU F 96 -66.11 -14.48 29.14
C GLU F 96 -66.28 -12.97 28.96
N TYR F 97 -65.40 -12.18 29.59
CA TYR F 97 -65.42 -10.72 29.50
C TYR F 97 -65.18 -10.29 28.04
N HIS F 98 -64.15 -10.86 27.39
CA HIS F 98 -63.82 -10.52 26.01
C HIS F 98 -64.87 -11.00 25.01
N ALA F 99 -65.51 -12.16 25.25
CA ALA F 99 -66.58 -12.64 24.36
C ALA F 99 -67.76 -11.67 24.41
N GLU F 100 -68.07 -11.12 25.58
CA GLU F 100 -69.15 -10.15 25.71
C GLU F 100 -68.79 -8.83 24.99
N SER F 101 -67.51 -8.40 25.07
CA SER F 101 -67.04 -7.20 24.38
C SER F 101 -67.19 -7.40 22.86
N ILE F 102 -66.79 -8.58 22.33
CA ILE F 102 -66.92 -8.91 20.91
C ILE F 102 -68.39 -8.87 20.48
N ALA F 103 -69.28 -9.48 21.27
CA ALA F 103 -70.70 -9.52 20.96
C ALA F 103 -71.28 -8.10 20.94
N ASN F 104 -70.86 -7.24 21.88
CA ASN F 104 -71.33 -5.85 21.92
C ASN F 104 -70.83 -5.04 20.73
N VAL F 105 -69.59 -5.28 20.30
CA VAL F 105 -69.03 -4.60 19.13
C VAL F 105 -69.83 -5.00 17.89
N ARG F 106 -70.02 -6.32 17.70
CA ARG F 106 -70.80 -6.82 16.57
C ARG F 106 -72.25 -6.34 16.56
N GLU F 107 -72.88 -6.24 17.73
CA GLU F 107 -74.25 -5.73 17.81
C GLU F 107 -74.30 -4.25 17.39
N ALA F 108 -73.33 -3.45 17.86
CA ALA F 108 -73.25 -2.02 17.52
C ALA F 108 -72.97 -1.85 16.02
N VAL F 109 -72.08 -2.70 15.46
CA VAL F 109 -71.70 -2.68 14.06
C VAL F 109 -72.91 -3.01 13.17
N GLU F 110 -73.59 -4.11 13.48
CA GLU F 110 -74.74 -4.55 12.68
C GLU F 110 -75.95 -3.66 12.82
N SER F 111 -76.00 -2.73 13.81
CA SER F 111 -77.10 -1.76 13.88
C SER F 111 -77.09 -0.77 12.68
N PHE F 112 -75.96 -0.65 11.97
CA PHE F 112 -75.85 0.23 10.81
C PHE F 112 -75.91 -0.53 9.47
N ALA F 113 -76.16 -1.86 9.51
CA ALA F 113 -76.17 -2.74 8.33
C ALA F 113 -77.36 -2.59 7.40
N GLY F 114 -78.38 -1.85 7.80
CA GLY F 114 -79.57 -1.67 6.97
C GLY F 114 -79.27 -1.06 5.61
N SER F 115 -78.33 -0.11 5.60
CA SER F 115 -77.95 0.53 4.36
C SER F 115 -76.56 0.12 4.01
N PRO F 116 -76.41 -0.81 3.05
CA PRO F 116 -75.06 -1.21 2.63
C PRO F 116 -74.22 -0.02 2.14
N LEU F 117 -74.87 1.10 1.85
CA LEU F 117 -74.24 2.35 1.42
C LEU F 117 -73.77 3.22 2.62
N SER F 118 -74.03 2.83 3.88
CA SER F 118 -73.59 3.59 5.09
C SER F 118 -73.38 2.71 6.38
N TYR F 119 -72.98 1.48 6.17
CA TYR F 119 -72.62 0.51 7.19
C TYR F 119 -71.10 0.68 7.39
N ARG F 120 -70.58 0.51 8.61
CA ARG F 120 -69.14 0.63 8.84
C ARG F 120 -68.53 -0.68 9.31
N PRO F 121 -67.79 -1.38 8.44
CA PRO F 121 -67.09 -2.59 8.90
C PRO F 121 -66.08 -2.20 9.97
N VAL F 122 -66.10 -2.90 11.08
CA VAL F 122 -65.17 -2.60 12.17
C VAL F 122 -64.40 -3.87 12.43
N ALA F 123 -63.07 -3.83 12.33
CA ALA F 123 -62.26 -5.00 12.58
C ALA F 123 -62.13 -5.27 14.09
N ILE F 124 -61.92 -6.54 14.46
CA ILE F 124 -61.72 -6.90 15.87
C ILE F 124 -60.33 -7.46 15.99
N ALA F 125 -59.51 -6.83 16.83
CA ALA F 125 -58.12 -7.20 17.02
C ALA F 125 -57.88 -7.73 18.43
N LEU F 126 -57.17 -8.85 18.55
CA LEU F 126 -56.85 -9.45 19.84
C LEU F 126 -55.41 -9.10 20.17
N ASP F 127 -55.19 -8.39 21.28
CA ASP F 127 -53.83 -8.02 21.69
C ASP F 127 -53.40 -9.00 22.78
N THR F 128 -52.38 -9.82 22.51
CA THR F 128 -51.95 -10.85 23.46
C THR F 128 -51.25 -10.33 24.71
N LYS F 129 -51.32 -11.11 25.80
CA LYS F 129 -50.67 -10.82 27.07
C LYS F 129 -49.14 -10.80 26.90
N GLY F 130 -48.62 -11.74 26.14
CA GLY F 130 -47.19 -11.80 25.87
C GLY F 130 -46.46 -12.93 26.56
N PRO F 131 -45.15 -13.04 26.28
CA PRO F 131 -44.36 -14.12 26.87
C PRO F 131 -44.04 -13.95 28.35
N PRO F 135 -39.31 -17.07 27.18
CA PRO F 135 -38.50 -17.25 25.97
C PRO F 135 -39.31 -17.20 24.67
N GLY F 136 -40.53 -17.76 24.69
CA GLY F 136 -41.38 -17.78 23.51
C GLY F 136 -42.86 -17.74 23.84
N LEU F 137 -43.68 -18.37 22.99
CA LEU F 137 -45.14 -18.39 23.16
C LEU F 137 -45.60 -19.00 24.49
N SER F 138 -46.26 -18.21 25.32
CA SER F 138 -46.75 -18.67 26.62
C SER F 138 -47.99 -19.56 26.48
N GLU F 139 -48.30 -20.35 27.53
CA GLU F 139 -49.47 -21.22 27.52
C GLU F 139 -50.76 -20.42 27.50
N GLN F 140 -50.80 -19.26 28.17
CA GLN F 140 -51.98 -18.41 28.16
C GLN F 140 -52.20 -17.85 26.76
N ASP F 141 -51.13 -17.46 26.06
CA ASP F 141 -51.24 -16.95 24.68
C ASP F 141 -51.78 -18.02 23.75
N VAL F 142 -51.39 -19.29 23.91
CA VAL F 142 -51.91 -20.38 23.09
C VAL F 142 -53.44 -20.49 23.26
N ARG F 143 -53.92 -20.40 24.50
CA ARG F 143 -55.34 -20.45 24.79
C ARG F 143 -56.11 -19.22 24.29
N ASP F 144 -55.53 -18.03 24.43
CA ASP F 144 -56.13 -16.79 23.97
C ASP F 144 -56.19 -16.74 22.45
N LEU F 145 -55.15 -17.24 21.76
CA LEU F 145 -55.14 -17.29 20.32
C LEU F 145 -56.19 -18.26 19.79
N ARG F 146 -56.40 -19.40 20.50
CA ARG F 146 -57.43 -20.38 20.15
C ARG F 146 -58.81 -19.72 20.31
N PHE F 147 -59.00 -18.93 21.39
CA PHE F 147 -60.23 -18.18 21.63
C PHE F 147 -60.49 -17.23 20.46
N GLY F 148 -59.45 -16.54 19.99
CA GLY F 148 -59.55 -15.61 18.86
C GLY F 148 -60.05 -16.26 17.60
N VAL F 149 -59.49 -17.44 17.27
CA VAL F 149 -59.92 -18.20 16.09
C VAL F 149 -61.38 -18.63 16.24
N GLU F 150 -61.76 -19.13 17.42
CA GLU F 150 -63.13 -19.58 17.67
C GLU F 150 -64.13 -18.44 17.61
N HIS F 151 -63.71 -17.22 18.01
CA HIS F 151 -64.60 -16.07 17.97
C HIS F 151 -64.48 -15.20 16.70
N GLY F 152 -63.74 -15.67 15.70
CA GLY F 152 -63.58 -15.01 14.42
C GLY F 152 -62.93 -13.64 14.41
N VAL F 153 -61.88 -13.43 15.24
CA VAL F 153 -61.16 -12.16 15.23
C VAL F 153 -60.45 -11.95 13.88
N ASP F 154 -60.26 -10.69 13.49
CA ASP F 154 -59.64 -10.38 12.19
C ASP F 154 -58.14 -10.23 12.27
N ILE F 155 -57.65 -9.74 13.41
CA ILE F 155 -56.24 -9.38 13.58
C ILE F 155 -55.72 -9.81 14.94
N VAL F 156 -54.44 -10.12 15.00
CA VAL F 156 -53.78 -10.39 16.27
C VAL F 156 -52.64 -9.36 16.39
N PHE F 157 -52.59 -8.64 17.51
CA PHE F 157 -51.48 -7.75 17.81
C PHE F 157 -50.63 -8.62 18.74
N ALA F 158 -49.54 -9.20 18.22
CA ALA F 158 -48.71 -10.12 19.00
C ALA F 158 -47.69 -9.37 19.86
N SER F 159 -47.84 -9.44 21.18
CA SER F 159 -46.95 -8.76 22.11
C SER F 159 -45.55 -9.32 22.16
N PHE F 160 -44.57 -8.41 22.39
CA PHE F 160 -43.16 -8.70 22.55
C PHE F 160 -42.55 -9.64 21.50
N VAL F 161 -42.76 -9.33 20.21
CA VAL F 161 -42.16 -10.13 19.15
C VAL F 161 -40.68 -9.75 19.08
N ARG F 162 -39.78 -10.74 19.24
CA ARG F 162 -38.34 -10.52 19.26
C ARG F 162 -37.59 -11.09 18.06
N LYS F 163 -38.22 -12.03 17.34
CA LYS F 163 -37.60 -12.73 16.21
C LYS F 163 -38.67 -13.38 15.32
N ALA F 164 -38.29 -13.82 14.11
CA ALA F 164 -39.20 -14.45 13.16
C ALA F 164 -39.90 -15.68 13.70
N SER F 165 -39.20 -16.49 14.53
CA SER F 165 -39.79 -17.69 15.11
C SER F 165 -40.95 -17.39 16.05
N ASP F 166 -40.98 -16.19 16.66
CA ASP F 166 -42.10 -15.80 17.52
C ASP F 166 -43.37 -15.65 16.67
N VAL F 167 -43.24 -15.10 15.44
CA VAL F 167 -44.37 -14.93 14.53
C VAL F 167 -44.85 -16.32 14.05
N ALA F 168 -43.91 -17.22 13.71
CA ALA F 168 -44.26 -18.58 13.28
C ALA F 168 -45.01 -19.32 14.38
N ALA F 169 -44.63 -19.12 15.65
CA ALA F 169 -45.32 -19.75 16.78
C ALA F 169 -46.75 -19.23 16.90
N VAL F 170 -46.97 -17.91 16.71
CA VAL F 170 -48.30 -17.33 16.77
C VAL F 170 -49.16 -17.90 15.62
N ARG F 171 -48.57 -17.99 14.42
CA ARG F 171 -49.23 -18.52 13.24
CA ARG F 171 -49.24 -18.52 13.24
C ARG F 171 -49.65 -19.97 13.47
N ALA F 172 -48.76 -20.79 14.06
CA ALA F 172 -49.04 -22.20 14.36
C ALA F 172 -50.16 -22.32 15.39
N ALA F 173 -50.14 -21.47 16.44
CA ALA F 173 -51.18 -21.48 17.48
C ALA F 173 -52.56 -21.08 16.94
N LEU F 174 -52.62 -20.35 15.83
CA LEU F 174 -53.90 -19.99 15.22
C LEU F 174 -54.51 -21.20 14.46
N GLY F 175 -53.70 -22.21 14.13
CA GLY F 175 -54.15 -23.42 13.48
C GLY F 175 -54.57 -23.26 12.03
N PRO F 176 -55.14 -24.32 11.44
CA PRO F 176 -55.56 -24.24 10.03
C PRO F 176 -56.77 -23.35 9.81
N GLU F 177 -57.65 -23.19 10.82
CA GLU F 177 -58.83 -22.33 10.67
C GLU F 177 -58.52 -20.82 10.80
N GLY F 178 -57.33 -20.46 11.27
CA GLY F 178 -56.95 -19.06 11.44
C GLY F 178 -55.93 -18.56 10.43
N HIS F 179 -55.89 -19.17 9.26
CA HIS F 179 -54.95 -18.80 8.20
C HIS F 179 -55.18 -17.38 7.64
N GLY F 180 -56.43 -16.92 7.68
CA GLY F 180 -56.79 -15.60 7.17
C GLY F 180 -56.59 -14.45 8.14
N ILE F 181 -56.29 -14.75 9.42
CA ILE F 181 -56.08 -13.72 10.43
C ILE F 181 -54.77 -12.97 10.18
N LYS F 182 -54.79 -11.62 10.26
CA LYS F 182 -53.58 -10.83 10.06
C LYS F 182 -52.77 -10.80 11.35
N ILE F 183 -51.46 -11.00 11.26
CA ILE F 183 -50.60 -10.93 12.43
C ILE F 183 -49.79 -9.65 12.35
N ILE F 184 -50.03 -8.76 13.31
CA ILE F 184 -49.33 -7.48 13.43
C ILE F 184 -48.37 -7.66 14.59
N SER F 185 -47.06 -7.66 14.31
CA SER F 185 -46.07 -7.88 15.37
C SER F 185 -45.78 -6.60 16.16
N LYS F 186 -45.91 -6.65 17.48
CA LYS F 186 -45.61 -5.51 18.33
C LYS F 186 -44.11 -5.50 18.65
N ILE F 187 -43.41 -4.40 18.31
CA ILE F 187 -41.98 -4.25 18.59
C ILE F 187 -41.89 -3.45 19.87
N GLU F 188 -41.46 -4.10 20.96
CA GLU F 188 -41.46 -3.49 22.29
C GLU F 188 -40.12 -3.50 23.01
N ASN F 189 -39.05 -3.98 22.40
CA ASN F 189 -37.74 -4.01 23.07
C ASN F 189 -36.57 -3.89 22.10
N HIS F 190 -35.33 -3.82 22.62
CA HIS F 190 -34.13 -3.69 21.79
C HIS F 190 -33.99 -4.81 20.77
N GLU F 191 -34.22 -6.06 21.17
CA GLU F 191 -34.09 -7.19 20.24
C GLU F 191 -35.08 -7.09 19.07
N GLY F 192 -36.33 -6.73 19.35
CA GLY F 192 -37.33 -6.54 18.30
C GLY F 192 -36.93 -5.48 17.29
N VAL F 193 -36.30 -4.38 17.78
CA VAL F 193 -35.82 -3.32 16.88
C VAL F 193 -34.64 -3.81 16.04
N LYS F 194 -33.67 -4.49 16.68
CA LYS F 194 -32.50 -5.00 15.96
C LYS F 194 -32.83 -6.11 14.96
N ARG F 195 -33.80 -6.95 15.29
CA ARG F 195 -34.23 -8.02 14.38
C ARG F 195 -35.44 -7.63 13.53
N PHE F 196 -35.75 -6.32 13.42
CA PHE F 196 -36.92 -5.82 12.70
C PHE F 196 -37.11 -6.41 11.30
N ASP F 197 -36.06 -6.44 10.48
CA ASP F 197 -36.17 -6.91 9.11
C ASP F 197 -36.69 -8.35 9.01
N GLU F 198 -36.20 -9.26 9.86
CA GLU F 198 -36.67 -10.64 9.82
C GLU F 198 -38.10 -10.77 10.36
N ILE F 199 -38.50 -9.90 11.30
CA ILE F 199 -39.85 -9.92 11.84
C ILE F 199 -40.87 -9.40 10.81
N LEU F 200 -40.55 -8.27 10.16
CA LEU F 200 -41.45 -7.67 9.15
C LEU F 200 -41.66 -8.63 7.98
N GLU F 201 -40.59 -9.31 7.54
CA GLU F 201 -40.65 -10.26 6.43
C GLU F 201 -41.75 -11.32 6.60
N VAL F 202 -41.92 -11.85 7.80
CA VAL F 202 -42.93 -12.88 8.07
C VAL F 202 -44.23 -12.36 8.71
N SER F 203 -44.31 -11.06 9.01
CA SER F 203 -45.53 -10.49 9.61
C SER F 203 -46.39 -9.83 8.54
N ASP F 204 -47.67 -9.62 8.86
CA ASP F 204 -48.55 -8.86 7.95
C ASP F 204 -48.34 -7.33 8.13
N GLY F 205 -47.85 -6.93 9.29
CA GLY F 205 -47.60 -5.54 9.65
C GLY F 205 -46.93 -5.42 11.00
N ILE F 206 -46.76 -4.18 11.47
CA ILE F 206 -46.06 -3.90 12.73
C ILE F 206 -46.80 -2.90 13.59
N MET F 207 -46.63 -3.00 14.91
CA MET F 207 -47.11 -2.00 15.83
C MET F 207 -45.89 -1.45 16.58
N VAL F 208 -45.72 -0.12 16.58
CA VAL F 208 -44.65 0.51 17.36
C VAL F 208 -45.27 0.67 18.74
N ALA F 209 -45.00 -0.30 19.63
CA ALA F 209 -45.60 -0.33 20.96
C ALA F 209 -44.73 0.48 21.88
N ARG F 210 -44.96 1.81 21.87
CA ARG F 210 -44.12 2.79 22.56
C ARG F 210 -44.08 2.71 24.07
N GLY F 211 -45.11 2.16 24.69
CA GLY F 211 -45.16 2.01 26.15
C GLY F 211 -44.02 1.17 26.68
N ASP F 212 -43.96 -0.11 26.29
CA ASP F 212 -42.87 -0.98 26.69
C ASP F 212 -41.56 -0.57 26.03
N LEU F 213 -41.60 -0.14 24.76
CA LEU F 213 -40.37 0.29 24.08
C LEU F 213 -39.66 1.43 24.84
N GLY F 214 -40.42 2.37 25.39
CA GLY F 214 -39.90 3.49 26.17
C GLY F 214 -39.34 3.14 27.54
N ILE F 215 -39.55 1.91 27.99
CA ILE F 215 -39.03 1.36 29.25
C ILE F 215 -37.82 0.44 28.94
N GLU F 216 -37.86 -0.29 27.81
CA GLU F 216 -36.82 -1.22 27.38
C GLU F 216 -35.61 -0.52 26.77
N ILE F 217 -35.83 0.61 26.09
CA ILE F 217 -34.75 1.41 25.53
C ILE F 217 -34.86 2.83 26.12
N PRO F 218 -33.81 3.67 26.08
CA PRO F 218 -33.93 5.04 26.62
C PRO F 218 -35.12 5.80 25.98
N ALA F 219 -35.88 6.52 26.79
CA ALA F 219 -37.07 7.23 26.33
C ALA F 219 -36.77 8.20 25.18
N GLU F 220 -35.60 8.82 25.21
CA GLU F 220 -35.19 9.77 24.17
C GLU F 220 -34.83 9.11 22.83
N LYS F 221 -34.83 7.77 22.74
CA LYS F 221 -34.55 7.06 21.50
C LYS F 221 -35.82 6.48 20.82
N VAL F 222 -36.97 6.51 21.49
CA VAL F 222 -38.20 5.93 20.93
C VAL F 222 -38.59 6.53 19.60
N PHE F 223 -38.46 7.86 19.44
CA PHE F 223 -38.83 8.50 18.18
C PHE F 223 -38.00 7.96 17.00
N LEU F 224 -36.71 7.59 17.24
CA LEU F 224 -35.85 7.05 16.17
C LEU F 224 -36.37 5.69 15.75
N ALA F 225 -36.73 4.83 16.71
CA ALA F 225 -37.28 3.51 16.44
C ALA F 225 -38.62 3.66 15.70
N GLN F 226 -39.49 4.57 16.14
CA GLN F 226 -40.78 4.80 15.49
C GLN F 226 -40.61 5.23 14.03
N LYS F 227 -39.77 6.25 13.78
CA LYS F 227 -39.56 6.76 12.44
C LYS F 227 -38.90 5.73 11.50
N MET F 228 -37.97 4.94 12.04
CA MET F 228 -37.29 3.90 11.27
C MET F 228 -38.30 2.79 10.87
N MET F 229 -39.10 2.31 11.82
CA MET F 229 -40.04 1.22 11.56
C MET F 229 -41.15 1.64 10.64
N ILE F 230 -41.62 2.89 10.77
CA ILE F 230 -42.65 3.39 9.87
C ILE F 230 -42.10 3.48 8.44
N GLY F 231 -40.87 4.00 8.30
CA GLY F 231 -40.21 4.10 7.00
C GLY F 231 -40.02 2.75 6.33
N ARG F 232 -39.55 1.74 7.10
CA ARG F 232 -39.36 0.41 6.54
C ARG F 232 -40.67 -0.27 6.17
N CYS F 233 -41.74 -0.04 6.95
CA CYS F 233 -43.07 -0.60 6.63
C CYS F 233 -43.62 0.05 5.38
N ASN F 234 -43.43 1.37 5.23
CA ASN F 234 -43.87 2.10 4.04
C ASN F 234 -43.13 1.55 2.80
N LEU F 235 -41.82 1.31 2.93
CA LEU F 235 -40.99 0.76 1.85
C LEU F 235 -41.49 -0.65 1.47
N ALA F 236 -41.81 -1.49 2.46
CA ALA F 236 -42.32 -2.85 2.23
C ALA F 236 -43.78 -2.90 1.77
N GLY F 237 -44.52 -1.81 1.91
CA GLY F 237 -45.94 -1.78 1.57
C GLY F 237 -46.79 -2.56 2.57
N LYS F 238 -46.35 -2.62 3.86
CA LYS F 238 -47.10 -3.31 4.90
C LYS F 238 -47.60 -2.35 5.98
N PRO F 239 -48.80 -2.59 6.54
CA PRO F 239 -49.33 -1.66 7.56
C PRO F 239 -48.49 -1.48 8.82
N VAL F 240 -48.45 -0.24 9.32
CA VAL F 240 -47.74 0.07 10.55
C VAL F 240 -48.66 0.89 11.46
N VAL F 241 -48.71 0.53 12.74
CA VAL F 241 -49.54 1.19 13.73
C VAL F 241 -48.66 2.00 14.69
N CYS F 242 -49.04 3.23 15.00
CA CYS F 242 -48.36 3.99 16.06
C CYS F 242 -49.24 3.87 17.27
N ALA F 243 -48.67 3.50 18.42
CA ALA F 243 -49.47 3.26 19.61
C ALA F 243 -48.90 3.86 20.89
N THR F 244 -49.79 4.09 21.90
CA THR F 244 -49.56 4.40 23.32
C THR F 244 -49.24 5.84 23.67
N GLN F 245 -50.07 6.38 24.59
CA GLN F 245 -50.02 7.73 25.17
C GLN F 245 -50.15 8.84 24.16
N MET F 246 -50.79 8.56 23.00
CA MET F 246 -50.97 9.59 21.97
C MET F 246 -51.81 10.76 22.47
N LEU F 247 -52.89 10.47 23.24
CA LEU F 247 -53.76 11.53 23.80
C LEU F 247 -54.00 11.22 25.30
N GLU F 248 -52.97 10.75 26.00
CA GLU F 248 -53.04 10.32 27.40
C GLU F 248 -53.84 11.22 28.34
N SER F 249 -53.60 12.55 28.32
CA SER F 249 -54.31 13.47 29.20
C SER F 249 -55.83 13.48 29.02
N MET F 250 -56.32 13.03 27.83
CA MET F 250 -57.76 12.94 27.60
C MET F 250 -58.43 11.81 28.41
N ILE F 251 -57.67 11.06 29.22
CA ILE F 251 -58.25 10.06 30.13
C ILE F 251 -59.11 10.84 31.17
N THR F 252 -58.67 12.04 31.61
CA THR F 252 -59.42 12.83 32.57
C THR F 252 -59.83 14.20 32.06
N LYS F 253 -59.16 14.72 31.02
CA LYS F 253 -59.47 16.06 30.51
C LYS F 253 -60.18 16.04 29.16
N PRO F 254 -61.13 16.97 28.92
CA PRO F 254 -61.84 16.96 27.64
C PRO F 254 -61.01 17.41 26.43
N ARG F 255 -59.86 18.08 26.65
CA ARG F 255 -58.97 18.56 25.60
C ARG F 255 -57.55 18.05 25.85
N PRO F 256 -56.82 17.69 24.79
CA PRO F 256 -55.45 17.17 24.98
C PRO F 256 -54.39 18.28 25.15
N THR F 257 -53.15 17.88 25.46
CA THR F 257 -52.06 18.86 25.57
C THR F 257 -51.54 19.21 24.14
N ARG F 258 -50.69 20.24 24.03
CA ARG F 258 -50.11 20.64 22.76
C ARG F 258 -49.14 19.56 22.24
N ALA F 259 -48.44 18.85 23.15
CA ALA F 259 -47.54 17.77 22.75
C ALA F 259 -48.35 16.57 22.18
N GLU F 260 -49.52 16.30 22.75
CA GLU F 260 -50.37 15.19 22.30
C GLU F 260 -50.93 15.39 20.90
N THR F 261 -51.44 16.58 20.58
CA THR F 261 -51.95 16.83 19.21
C THR F 261 -50.81 16.75 18.21
N SER F 262 -49.62 17.26 18.59
CA SER F 262 -48.44 17.23 17.75
C SER F 262 -48.02 15.77 17.51
N ASP F 263 -48.05 14.94 18.55
CA ASP F 263 -47.69 13.53 18.43
C ASP F 263 -48.59 12.78 17.42
N VAL F 264 -49.90 13.00 17.48
CA VAL F 264 -50.84 12.38 16.55
C VAL F 264 -50.55 12.85 15.13
N ALA F 265 -50.39 14.17 14.93
CA ALA F 265 -50.10 14.71 13.61
C ALA F 265 -48.79 14.18 13.05
N ASN F 266 -47.75 14.10 13.89
CA ASN F 266 -46.45 13.62 13.44
C ASN F 266 -46.43 12.13 13.16
N ALA F 267 -47.27 11.32 13.83
CA ALA F 267 -47.36 9.89 13.51
C ALA F 267 -47.91 9.73 12.07
N VAL F 268 -48.91 10.53 11.71
CA VAL F 268 -49.49 10.53 10.37
C VAL F 268 -48.46 11.01 9.35
N LEU F 269 -47.77 12.13 9.65
CA LEU F 269 -46.74 12.65 8.75
C LEU F 269 -45.54 11.70 8.60
N ASP F 270 -45.25 10.92 9.64
CA ASP F 270 -44.17 9.91 9.59
C ASP F 270 -44.53 8.83 8.54
N GLY F 271 -45.83 8.51 8.40
CA GLY F 271 -46.34 7.52 7.46
C GLY F 271 -47.14 6.40 8.08
N ALA F 272 -47.60 6.56 9.34
CA ALA F 272 -48.37 5.49 10.00
C ALA F 272 -49.71 5.23 9.31
N ASP F 273 -50.04 3.94 9.13
CA ASP F 273 -51.33 3.56 8.52
C ASP F 273 -52.43 3.69 9.56
N CYS F 274 -52.13 3.39 10.83
CA CYS F 274 -53.10 3.43 11.93
C CYS F 274 -52.53 4.16 13.11
N ILE F 275 -53.42 4.76 13.90
CA ILE F 275 -53.11 5.39 15.19
C ILE F 275 -54.00 4.73 16.25
N MET F 276 -53.55 4.69 17.49
CA MET F 276 -54.25 3.94 18.53
C MET F 276 -54.53 4.73 19.78
N LEU F 277 -55.61 4.33 20.49
CA LEU F 277 -56.02 4.83 21.78
C LEU F 277 -56.08 3.61 22.71
N SER F 278 -55.52 3.74 23.92
CA SER F 278 -55.51 2.66 24.91
C SER F 278 -56.40 3.07 26.10
N GLY F 279 -55.83 3.61 27.20
CA GLY F 279 -56.61 4.09 28.34
C GLY F 279 -57.61 5.18 27.98
N GLU F 280 -57.30 5.98 26.94
CA GLU F 280 -58.18 7.05 26.48
C GLU F 280 -59.60 6.54 26.14
N THR F 281 -59.71 5.35 25.57
CA THR F 281 -61.02 4.77 25.26
C THR F 281 -61.40 3.62 26.22
N ALA F 282 -60.41 2.87 26.72
CA ALA F 282 -60.68 1.73 27.59
C ALA F 282 -61.21 2.12 28.96
N LYS F 283 -60.67 3.16 29.58
CA LYS F 283 -61.06 3.55 30.93
C LYS F 283 -61.32 5.03 31.18
N GLY F 284 -61.00 5.89 30.22
CA GLY F 284 -61.13 7.33 30.41
C GLY F 284 -62.54 7.88 30.48
N ASN F 285 -62.65 9.17 30.83
CA ASN F 285 -63.94 9.85 30.92
C ASN F 285 -64.42 10.40 29.57
N PHE F 286 -63.56 10.43 28.54
CA PHE F 286 -63.93 10.99 27.25
C PHE F 286 -63.59 10.04 26.08
N PRO F 287 -64.03 8.76 26.09
CA PRO F 287 -63.66 7.86 24.99
C PRO F 287 -64.09 8.33 23.59
N VAL F 288 -65.31 8.85 23.48
CA VAL F 288 -65.82 9.33 22.20
C VAL F 288 -65.07 10.58 21.75
N GLU F 289 -64.82 11.51 22.66
CA GLU F 289 -64.09 12.74 22.36
C GLU F 289 -62.64 12.45 21.95
N ALA F 290 -62.01 11.40 22.52
CA ALA F 290 -60.65 11.00 22.15
C ALA F 290 -60.62 10.49 20.71
N VAL F 291 -61.65 9.73 20.30
CA VAL F 291 -61.75 9.24 18.93
C VAL F 291 -61.98 10.44 17.99
N LYS F 292 -62.87 11.36 18.38
CA LYS F 292 -63.14 12.57 17.57
C LYS F 292 -61.88 13.44 17.40
N MET F 293 -61.04 13.53 18.45
CA MET F 293 -59.81 14.31 18.39
C MET F 293 -58.79 13.67 17.45
N GLN F 294 -58.61 12.33 17.53
CA GLN F 294 -57.71 11.65 16.59
C GLN F 294 -58.20 11.81 15.16
N HIS F 295 -59.53 11.75 14.96
CA HIS F 295 -60.12 11.92 13.63
C HIS F 295 -59.79 13.33 13.09
N ALA F 296 -60.02 14.36 13.90
CA ALA F 296 -59.80 15.75 13.48
C ALA F 296 -58.33 16.03 13.15
N ILE F 297 -57.40 15.54 13.99
CA ILE F 297 -55.98 15.76 13.75
C ILE F 297 -55.50 15.00 12.53
N ALA F 298 -55.89 13.71 12.40
CA ALA F 298 -55.47 12.90 11.25
C ALA F 298 -55.89 13.51 9.93
N ARG F 299 -57.11 14.09 9.84
CA ARG F 299 -57.55 14.73 8.60
C ARG F 299 -56.68 15.96 8.25
N GLU F 300 -56.33 16.75 9.26
CA GLU F 300 -55.48 17.92 9.03
C GLU F 300 -54.09 17.49 8.58
N ALA F 301 -53.53 16.45 9.24
CA ALA F 301 -52.19 15.98 8.95
C ALA F 301 -52.08 15.30 7.60
N GLU F 302 -53.12 14.59 7.17
CA GLU F 302 -53.11 13.92 5.86
C GLU F 302 -53.04 14.92 4.73
N ALA F 303 -53.74 16.05 4.86
CA ALA F 303 -53.69 17.08 3.83
C ALA F 303 -52.31 17.76 3.79
N ALA F 304 -51.58 17.79 4.93
CA ALA F 304 -50.25 18.40 5.04
C ALA F 304 -49.11 17.48 4.57
N VAL F 305 -49.41 16.26 4.13
CA VAL F 305 -48.41 15.33 3.63
C VAL F 305 -47.82 15.90 2.31
N TYR F 306 -46.49 15.83 2.14
CA TYR F 306 -45.86 16.36 0.93
C TYR F 306 -45.81 15.25 -0.13
N HIS F 307 -46.94 15.00 -0.79
CA HIS F 307 -47.08 13.93 -1.78
C HIS F 307 -46.09 13.99 -2.92
N ARG F 308 -45.70 15.19 -3.37
CA ARG F 308 -44.74 15.35 -4.47
C ARG F 308 -43.45 14.57 -4.22
N GLN F 309 -42.86 14.70 -3.01
CA GLN F 309 -41.63 13.97 -2.71
C GLN F 309 -41.92 12.55 -2.28
N LEU F 310 -42.97 12.36 -1.47
CA LEU F 310 -43.32 11.03 -0.97
C LEU F 310 -43.59 10.04 -2.12
N PHE F 311 -44.42 10.43 -3.11
CA PHE F 311 -44.73 9.57 -4.25
C PHE F 311 -43.49 9.29 -5.07
N GLU F 312 -42.67 10.32 -5.33
CA GLU F 312 -41.42 10.18 -6.08
C GLU F 312 -40.49 9.17 -5.39
N GLU F 313 -40.36 9.24 -4.06
CA GLU F 313 -39.49 8.34 -3.33
C GLU F 313 -40.05 6.92 -3.24
N LEU F 314 -41.37 6.77 -3.07
CA LEU F 314 -41.99 5.45 -3.01
C LEU F 314 -41.83 4.76 -4.38
N ARG F 315 -42.03 5.50 -5.46
CA ARG F 315 -41.86 4.98 -6.81
C ARG F 315 -40.38 4.60 -7.08
N ARG F 316 -39.44 5.47 -6.74
CA ARG F 316 -38.01 5.23 -6.95
C ARG F 316 -37.47 4.07 -6.10
N ALA F 317 -37.98 3.91 -4.88
CA ALA F 317 -37.51 2.84 -4.00
C ALA F 317 -38.17 1.49 -4.29
N ALA F 318 -39.38 1.50 -4.87
CA ALA F 318 -40.09 0.28 -5.19
C ALA F 318 -39.38 -0.38 -6.38
N PRO F 319 -39.04 -1.67 -6.22
CA PRO F 319 -38.36 -2.36 -7.33
C PRO F 319 -39.27 -2.55 -8.54
N LEU F 320 -38.65 -2.83 -9.71
CA LEU F 320 -39.41 -3.11 -10.92
C LEU F 320 -40.24 -4.38 -10.71
N SER F 321 -41.43 -4.43 -11.31
CA SER F 321 -42.29 -5.58 -11.09
C SER F 321 -42.92 -6.05 -12.34
N ARG F 322 -43.07 -7.37 -12.46
CA ARG F 322 -43.81 -7.95 -13.57
C ARG F 322 -45.18 -8.47 -13.12
N ASP F 323 -45.62 -8.16 -11.89
CA ASP F 323 -46.91 -8.54 -11.37
C ASP F 323 -47.92 -7.50 -11.87
N PRO F 324 -48.93 -7.92 -12.64
CA PRO F 324 -49.88 -6.94 -13.20
C PRO F 324 -50.66 -6.13 -12.17
N THR F 325 -50.91 -6.66 -10.96
CA THR F 325 -51.61 -5.90 -9.93
C THR F 325 -50.74 -4.72 -9.48
N GLU F 326 -49.44 -4.97 -9.30
CA GLU F 326 -48.44 -3.97 -8.89
C GLU F 326 -48.30 -2.91 -10.00
N VAL F 327 -48.23 -3.34 -11.27
CA VAL F 327 -48.09 -2.44 -12.41
C VAL F 327 -49.32 -1.56 -12.59
N THR F 328 -50.52 -2.16 -12.46
CA THR F 328 -51.77 -1.42 -12.57
C THR F 328 -51.89 -0.42 -11.44
N ALA F 329 -51.51 -0.82 -10.21
CA ALA F 329 -51.58 0.07 -9.05
C ALA F 329 -50.78 1.37 -9.23
N ILE F 330 -49.53 1.30 -9.69
CA ILE F 330 -48.73 2.51 -9.88
C ILE F 330 -49.29 3.37 -11.03
N GLY F 331 -49.78 2.72 -12.09
CA GLY F 331 -50.41 3.44 -13.19
C GLY F 331 -51.66 4.16 -12.75
N ALA F 332 -52.48 3.52 -11.89
CA ALA F 332 -53.70 4.10 -11.36
C ALA F 332 -53.42 5.29 -10.42
N VAL F 333 -52.42 5.16 -9.54
CA VAL F 333 -52.08 6.26 -8.62
C VAL F 333 -51.52 7.45 -9.41
N GLU F 334 -50.71 7.19 -10.44
CA GLU F 334 -50.15 8.24 -11.30
CA GLU F 334 -50.14 8.23 -11.30
C GLU F 334 -51.28 8.97 -12.02
N ALA F 335 -52.25 8.20 -12.56
CA ALA F 335 -53.41 8.76 -13.25
C ALA F 335 -54.25 9.61 -12.27
N ALA F 336 -54.45 9.13 -11.04
CA ALA F 336 -55.20 9.85 -10.03
C ALA F 336 -54.56 11.22 -9.71
N PHE F 337 -53.22 11.29 -9.58
CA PHE F 337 -52.54 12.56 -9.32
C PHE F 337 -52.64 13.51 -10.52
N LYS F 338 -52.60 12.98 -11.73
CA LYS F 338 -52.67 13.78 -12.96
C LYS F 338 -53.97 14.57 -13.10
N CYS F 339 -55.09 13.97 -12.68
CA CYS F 339 -56.39 14.63 -12.82
C CYS F 339 -57.00 15.07 -11.51
N CYS F 340 -56.28 14.96 -10.37
CA CYS F 340 -56.83 15.26 -9.03
C CYS F 340 -58.08 14.41 -8.78
N ALA F 341 -58.02 13.10 -9.14
CA ALA F 341 -59.18 12.20 -9.02
C ALA F 341 -59.72 12.18 -7.62
N ALA F 342 -61.04 12.19 -7.50
CA ALA F 342 -61.68 12.17 -6.18
C ALA F 342 -61.47 10.80 -5.50
N ALA F 343 -61.45 9.72 -6.29
CA ALA F 343 -61.31 8.37 -5.74
C ALA F 343 -60.75 7.38 -6.77
N ILE F 344 -60.21 6.27 -6.26
CA ILE F 344 -59.78 5.13 -7.03
C ILE F 344 -60.70 4.01 -6.55
N ILE F 345 -61.59 3.52 -7.42
CA ILE F 345 -62.50 2.44 -7.06
C ILE F 345 -61.85 1.14 -7.48
N VAL F 346 -61.67 0.21 -6.56
CA VAL F 346 -61.01 -1.05 -6.86
C VAL F 346 -61.86 -2.25 -6.41
N LEU F 347 -61.92 -3.29 -7.26
CA LEU F 347 -62.61 -4.52 -6.90
C LEU F 347 -61.54 -5.43 -6.29
N THR F 348 -61.83 -6.04 -5.12
CA THR F 348 -60.84 -6.88 -4.47
C THR F 348 -61.48 -8.01 -3.69
N THR F 349 -60.86 -9.19 -3.73
CA THR F 349 -61.37 -10.36 -3.02
C THR F 349 -60.70 -10.47 -1.64
N THR F 350 -59.37 -10.36 -1.61
CA THR F 350 -58.60 -10.48 -0.36
C THR F 350 -58.16 -9.14 0.25
N GLY F 351 -58.33 -8.05 -0.49
CA GLY F 351 -57.85 -6.73 -0.08
C GLY F 351 -56.52 -6.37 -0.74
N ARG F 352 -55.81 -7.34 -1.37
CA ARG F 352 -54.48 -7.11 -1.92
C ARG F 352 -54.40 -6.00 -2.99
N SER F 353 -55.35 -5.94 -3.95
CA SER F 353 -55.31 -4.87 -4.96
C SER F 353 -55.43 -3.47 -4.31
N ALA F 354 -56.21 -3.35 -3.23
CA ALA F 354 -56.37 -2.07 -2.52
C ALA F 354 -55.08 -1.74 -1.73
N GLN F 355 -54.41 -2.77 -1.14
CA GLN F 355 -53.17 -2.60 -0.40
C GLN F 355 -52.06 -2.08 -1.32
N LEU F 356 -51.98 -2.60 -2.55
CA LEU F 356 -50.97 -2.16 -3.51
C LEU F 356 -51.22 -0.73 -4.01
N LEU F 357 -52.48 -0.26 -3.98
CA LEU F 357 -52.78 1.12 -4.34
C LEU F 357 -52.34 2.00 -3.14
N SER F 358 -52.72 1.60 -1.91
CA SER F 358 -52.42 2.27 -0.65
C SER F 358 -50.91 2.50 -0.42
N ARG F 359 -50.06 1.57 -0.86
CA ARG F 359 -48.62 1.69 -0.65
C ARG F 359 -48.01 2.90 -1.37
N TYR F 360 -48.64 3.41 -2.43
CA TYR F 360 -48.14 4.60 -3.14
C TYR F 360 -48.67 5.90 -2.57
N ARG F 361 -49.47 5.84 -1.50
CA ARG F 361 -50.04 6.96 -0.78
C ARG F 361 -50.75 7.95 -1.69
N PRO F 362 -51.77 7.51 -2.45
CA PRO F 362 -52.52 8.48 -3.26
C PRO F 362 -53.27 9.47 -2.38
N ARG F 363 -53.51 10.67 -2.89
CA ARG F 363 -54.37 11.65 -2.20
C ARG F 363 -55.84 11.16 -2.37
N ALA F 364 -56.19 10.57 -3.54
CA ALA F 364 -57.52 10.03 -3.84
C ALA F 364 -57.88 8.89 -2.88
N ALA F 365 -59.11 8.87 -2.37
CA ALA F 365 -59.60 7.79 -1.50
C ALA F 365 -59.63 6.48 -2.29
N VAL F 366 -59.24 5.36 -1.68
CA VAL F 366 -59.27 4.07 -2.36
C VAL F 366 -60.54 3.38 -1.87
N ILE F 367 -61.58 3.36 -2.71
CA ILE F 367 -62.85 2.73 -2.38
C ILE F 367 -62.78 1.26 -2.81
N ALA F 368 -62.69 0.37 -1.84
CA ALA F 368 -62.50 -1.05 -2.14
C ALA F 368 -63.84 -1.81 -2.05
N VAL F 369 -64.34 -2.31 -3.20
CA VAL F 369 -65.60 -3.06 -3.23
C VAL F 369 -65.28 -4.53 -3.11
N THR F 370 -65.79 -5.18 -2.06
CA THR F 370 -65.49 -6.59 -1.81
C THR F 370 -66.70 -7.34 -1.32
N ARG F 371 -66.76 -8.64 -1.63
CA ARG F 371 -67.81 -9.53 -1.10
C ARG F 371 -67.37 -10.17 0.24
N SER F 372 -66.05 -10.15 0.55
CA SER F 372 -65.53 -10.73 1.78
C SER F 372 -65.71 -9.79 2.95
N ALA F 373 -66.55 -10.18 3.93
CA ALA F 373 -66.77 -9.38 5.13
C ALA F 373 -65.45 -9.25 5.94
N GLN F 374 -64.64 -10.31 5.99
CA GLN F 374 -63.36 -10.27 6.69
C GLN F 374 -62.35 -9.34 5.99
N ALA F 375 -62.24 -9.39 4.64
CA ALA F 375 -61.33 -8.50 3.91
C ALA F 375 -61.78 -7.04 4.11
N ALA F 376 -63.10 -6.78 4.16
CA ALA F 376 -63.63 -5.43 4.38
C ALA F 376 -63.18 -4.90 5.76
N ARG F 377 -63.17 -5.77 6.80
CA ARG F 377 -62.72 -5.36 8.12
C ARG F 377 -61.19 -5.17 8.15
N GLN F 378 -60.45 -6.10 7.55
CA GLN F 378 -58.98 -6.09 7.58
C GLN F 378 -58.33 -4.96 6.78
N VAL F 379 -58.95 -4.49 5.67
CA VAL F 379 -58.33 -3.42 4.87
C VAL F 379 -58.26 -2.08 5.62
N HIS F 380 -58.91 -1.96 6.80
CA HIS F 380 -58.77 -0.78 7.64
C HIS F 380 -57.29 -0.63 8.09
N LEU F 381 -56.47 -1.70 8.04
CA LEU F 381 -55.07 -1.61 8.38
C LEU F 381 -54.28 -0.77 7.37
N CYS F 382 -54.77 -0.62 6.12
CA CYS F 382 -54.10 0.09 5.05
C CYS F 382 -54.61 1.50 4.89
N ARG F 383 -53.71 2.49 5.03
CA ARG F 383 -54.11 3.88 4.91
C ARG F 383 -54.84 4.22 3.63
N GLY F 384 -55.96 4.91 3.77
CA GLY F 384 -56.70 5.41 2.63
C GLY F 384 -57.64 4.43 1.96
N VAL F 385 -57.84 3.25 2.57
CA VAL F 385 -58.75 2.26 1.99
C VAL F 385 -60.08 2.31 2.74
N PHE F 386 -61.16 2.54 1.98
CA PHE F 386 -62.53 2.66 2.46
C PHE F 386 -63.30 1.44 1.96
N PRO F 387 -63.53 0.47 2.85
CA PRO F 387 -64.18 -0.78 2.42
C PRO F 387 -65.69 -0.68 2.23
N LEU F 388 -66.19 -1.22 1.12
CA LEU F 388 -67.62 -1.30 0.83
C LEU F 388 -67.97 -2.77 0.70
N LEU F 389 -68.82 -3.27 1.60
CA LEU F 389 -69.21 -4.67 1.54
C LEU F 389 -70.40 -4.84 0.58
N TYR F 390 -70.18 -5.56 -0.53
CA TYR F 390 -71.18 -5.83 -1.56
C TYR F 390 -71.91 -7.12 -1.19
N ARG F 391 -73.24 -7.07 -1.04
CA ARG F 391 -73.98 -8.27 -0.61
C ARG F 391 -74.83 -8.96 -1.68
N GLU F 392 -74.96 -8.36 -2.87
CA GLU F 392 -75.78 -8.93 -3.94
C GLU F 392 -75.25 -10.24 -4.49
N PRO F 393 -76.15 -11.19 -4.83
CA PRO F 393 -75.71 -12.44 -5.46
C PRO F 393 -75.16 -12.19 -6.86
N PRO F 394 -74.24 -13.04 -7.32
CA PRO F 394 -73.62 -12.80 -8.63
C PRO F 394 -74.58 -12.80 -9.82
N GLU F 395 -74.33 -11.89 -10.78
CA GLU F 395 -75.05 -11.81 -12.04
C GLU F 395 -74.66 -13.03 -12.89
N ALA F 396 -75.49 -13.41 -13.87
CA ALA F 396 -75.19 -14.55 -14.75
C ALA F 396 -73.93 -14.27 -15.59
N ILE F 397 -73.83 -13.06 -16.15
CA ILE F 397 -72.68 -12.69 -16.95
C ILE F 397 -71.67 -11.97 -16.03
N TRP F 398 -70.45 -12.52 -15.91
CA TRP F 398 -69.40 -11.96 -15.07
C TRP F 398 -69.11 -10.48 -15.36
N ALA F 399 -69.00 -10.07 -16.63
CA ALA F 399 -68.77 -8.67 -17.01
C ALA F 399 -69.84 -7.74 -16.43
N ASP F 400 -71.12 -8.19 -16.43
CA ASP F 400 -72.22 -7.41 -15.87
C ASP F 400 -72.08 -7.32 -14.35
N ASP F 401 -71.60 -8.38 -13.70
CA ASP F 401 -71.42 -8.40 -12.27
C ASP F 401 -70.32 -7.42 -11.83
N VAL F 402 -69.23 -7.35 -12.61
CA VAL F 402 -68.11 -6.44 -12.40
C VAL F 402 -68.64 -5.00 -12.54
N ASP F 403 -69.42 -4.73 -13.62
CA ASP F 403 -70.00 -3.40 -13.83
C ASP F 403 -70.92 -2.99 -12.71
N ARG F 404 -71.72 -3.93 -12.16
CA ARG F 404 -72.63 -3.65 -11.05
C ARG F 404 -71.88 -3.25 -9.80
N ARG F 405 -70.74 -3.89 -9.55
CA ARG F 405 -69.93 -3.57 -8.39
C ARG F 405 -69.26 -2.20 -8.53
N VAL F 406 -68.84 -1.84 -9.75
CA VAL F 406 -68.23 -0.53 -10.01
C VAL F 406 -69.29 0.55 -9.81
N GLN F 407 -70.52 0.31 -10.34
CA GLN F 407 -71.64 1.24 -10.19
C GLN F 407 -72.06 1.36 -8.73
N PHE F 408 -72.00 0.27 -7.94
CA PHE F 408 -72.28 0.28 -6.49
C PHE F 408 -71.26 1.21 -5.81
N GLY F 409 -69.99 1.14 -6.24
CA GLY F 409 -68.92 1.99 -5.72
C GLY F 409 -69.17 3.45 -6.04
N ILE F 410 -69.49 3.76 -7.32
CA ILE F 410 -69.78 5.12 -7.78
C ILE F 410 -71.01 5.71 -7.06
N GLU F 411 -72.10 4.93 -6.96
CA GLU F 411 -73.32 5.41 -6.30
C GLU F 411 -73.14 5.61 -4.81
N SER F 412 -72.55 4.65 -4.10
CA SER F 412 -72.29 4.81 -2.67
C SER F 412 -71.36 6.00 -2.41
N GLY F 413 -70.35 6.16 -3.25
CA GLY F 413 -69.40 7.26 -3.16
C GLY F 413 -70.09 8.60 -3.33
N LYS F 414 -71.02 8.72 -4.28
CA LYS F 414 -71.75 9.96 -4.51
C LYS F 414 -72.68 10.25 -3.36
N LEU F 415 -73.38 9.21 -2.88
CA LEU F 415 -74.32 9.38 -1.77
C LEU F 415 -73.62 9.68 -0.42
N ARG F 416 -72.30 9.41 -0.33
CA ARG F 416 -71.51 9.67 0.87
C ARG F 416 -70.59 10.92 0.73
N GLY F 417 -70.70 11.67 -0.37
CA GLY F 417 -69.88 12.86 -0.56
C GLY F 417 -68.45 12.61 -1.00
N PHE F 418 -68.06 11.33 -1.19
CA PHE F 418 -66.73 11.00 -1.69
C PHE F 418 -66.60 11.44 -3.16
N LEU F 419 -67.70 11.34 -3.92
CA LEU F 419 -67.72 11.68 -5.34
C LEU F 419 -68.81 12.70 -5.64
N ARG F 420 -68.56 13.49 -6.66
CA ARG F 420 -69.46 14.53 -7.10
C ARG F 420 -69.56 14.46 -8.62
N VAL F 421 -70.73 14.86 -9.22
CA VAL F 421 -70.87 14.90 -10.68
C VAL F 421 -69.82 15.84 -11.26
N GLY F 422 -69.13 15.40 -12.31
CA GLY F 422 -68.04 16.17 -12.88
C GLY F 422 -66.67 15.67 -12.45
N ASP F 423 -66.59 14.92 -11.35
CA ASP F 423 -65.33 14.39 -10.86
C ASP F 423 -64.80 13.31 -11.78
N LEU F 424 -63.49 13.07 -11.72
CA LEU F 424 -62.89 11.96 -12.43
C LEU F 424 -62.56 10.91 -11.37
N VAL F 425 -62.77 9.65 -11.73
CA VAL F 425 -62.44 8.53 -10.85
C VAL F 425 -61.61 7.54 -11.67
N ILE F 426 -60.71 6.85 -10.98
CA ILE F 426 -59.90 5.82 -11.61
C ILE F 426 -60.51 4.51 -11.15
N VAL F 427 -60.81 3.59 -12.08
CA VAL F 427 -61.42 2.30 -11.72
C VAL F 427 -60.44 1.18 -12.02
N VAL F 428 -60.18 0.33 -11.02
CA VAL F 428 -59.22 -0.77 -11.10
C VAL F 428 -59.94 -2.12 -10.98
N THR F 429 -59.86 -2.93 -12.04
CA THR F 429 -60.50 -4.25 -12.14
C THR F 429 -59.50 -5.28 -12.77
N GLY F 430 -59.94 -6.54 -12.92
CA GLY F 430 -59.15 -7.62 -13.52
C GLY F 430 -59.83 -8.23 -14.76
N TRP F 431 -59.11 -9.10 -15.47
CA TRP F 431 -59.57 -9.69 -16.73
C TRP F 431 -60.36 -11.00 -16.58
N ARG F 432 -60.26 -11.66 -15.43
CA ARG F 432 -61.00 -12.90 -15.17
C ARG F 432 -61.39 -12.99 -13.67
N PRO F 433 -62.40 -13.80 -13.30
CA PRO F 433 -62.77 -13.91 -11.87
C PRO F 433 -61.65 -14.42 -10.95
N GLY F 434 -61.80 -14.28 -9.64
CA GLY F 434 -60.83 -14.75 -8.67
C GLY F 434 -59.70 -13.78 -8.36
N SER F 435 -59.06 -13.95 -7.19
CA SER F 435 -57.94 -13.12 -6.75
C SER F 435 -56.70 -13.24 -7.64
N GLY F 436 -55.93 -12.16 -7.75
CA GLY F 436 -54.65 -12.19 -8.47
C GLY F 436 -54.63 -11.75 -9.92
N TYR F 437 -55.78 -11.36 -10.48
CA TYR F 437 -55.82 -11.01 -11.90
C TYR F 437 -56.12 -9.54 -12.22
N THR F 438 -55.94 -8.63 -11.24
CA THR F 438 -56.14 -7.19 -11.48
C THR F 438 -55.15 -6.73 -12.56
N ASN F 439 -55.64 -6.08 -13.62
CA ASN F 439 -54.76 -5.64 -14.70
C ASN F 439 -55.32 -4.47 -15.51
N ILE F 440 -56.45 -3.89 -15.08
CA ILE F 440 -57.10 -2.83 -15.85
C ILE F 440 -57.29 -1.55 -15.04
N MET F 441 -57.00 -0.42 -15.67
CA MET F 441 -57.23 0.87 -15.07
CA MET F 441 -57.17 0.90 -15.10
C MET F 441 -58.03 1.70 -16.08
N ARG F 442 -59.15 2.28 -15.61
CA ARG F 442 -60.00 3.07 -16.47
C ARG F 442 -60.23 4.46 -15.88
N VAL F 443 -60.30 5.48 -16.74
CA VAL F 443 -60.56 6.84 -16.31
C VAL F 443 -62.04 7.10 -16.63
N LEU F 444 -62.85 7.34 -15.59
CA LEU F 444 -64.28 7.59 -15.78
CA LEU F 444 -64.28 7.58 -15.75
C LEU F 444 -64.70 8.96 -15.26
N SER F 445 -65.62 9.61 -16.00
CA SER F 445 -66.16 10.91 -15.61
C SER F 445 -67.47 10.61 -14.90
N ILE F 446 -67.65 11.16 -13.70
CA ILE F 446 -68.87 10.90 -12.92
CA ILE F 446 -68.86 10.91 -12.91
C ILE F 446 -70.06 11.72 -13.43
N SER F 447 -71.15 11.02 -13.77
CA SER F 447 -72.35 11.70 -14.27
C SER F 447 -73.50 11.59 -13.27
N ALA G 25 -30.89 44.42 -16.39
CA ALA G 25 -30.04 44.17 -17.56
C ALA G 25 -28.97 43.11 -17.25
N PHE G 26 -28.42 43.14 -16.02
CA PHE G 26 -27.42 42.16 -15.59
C PHE G 26 -27.99 40.75 -15.63
N PHE G 27 -29.21 40.57 -15.12
CA PHE G 27 -29.86 39.26 -15.07
C PHE G 27 -30.46 38.79 -16.39
N GLN G 28 -30.33 39.58 -17.48
CA GLN G 28 -30.81 39.15 -18.79
C GLN G 28 -29.64 38.55 -19.62
N GLN G 29 -28.40 39.03 -19.38
CA GLN G 29 -27.17 38.58 -20.04
C GLN G 29 -26.71 37.20 -19.53
N GLN G 30 -25.65 36.62 -20.16
CA GLN G 30 -25.00 35.34 -19.84
C GLN G 30 -25.98 34.21 -19.49
N GLN G 31 -27.13 34.14 -20.19
CA GLN G 31 -28.17 33.14 -20.00
C GLN G 31 -28.61 33.01 -18.54
N LEU G 32 -28.66 34.12 -17.79
CA LEU G 32 -29.03 34.07 -16.38
C LEU G 32 -30.48 33.61 -16.15
N PRO G 33 -31.51 33.95 -16.96
CA PRO G 33 -32.84 33.36 -16.74
C PRO G 33 -32.80 31.82 -16.87
N ALA G 34 -32.05 31.29 -17.85
CA ALA G 34 -31.90 29.83 -18.03
C ALA G 34 -31.10 29.21 -16.86
N ALA G 35 -30.14 29.96 -16.32
CA ALA G 35 -29.33 29.51 -15.19
C ALA G 35 -30.15 29.37 -13.91
N MET G 36 -31.16 30.24 -13.72
CA MET G 36 -32.00 30.20 -12.52
C MET G 36 -33.16 29.18 -12.60
N ALA G 37 -33.30 28.44 -13.71
CA ALA G 37 -34.38 27.48 -13.88
C ALA G 37 -34.32 26.33 -12.88
N ASP G 38 -35.49 25.81 -12.50
CA ASP G 38 -35.60 24.74 -11.52
C ASP G 38 -35.40 23.34 -12.07
N THR G 39 -35.56 23.16 -13.39
CA THR G 39 -35.33 21.87 -14.05
C THR G 39 -34.47 22.07 -15.31
N PHE G 40 -33.84 21.00 -15.80
CA PHE G 40 -33.04 21.09 -17.03
C PHE G 40 -33.95 21.43 -18.23
N LEU G 41 -35.15 20.87 -18.29
CA LEU G 41 -36.10 21.15 -19.36
C LEU G 41 -36.45 22.63 -19.42
N GLU G 42 -36.75 23.24 -18.25
CA GLU G 42 -37.05 24.68 -18.17
CA GLU G 42 -37.06 24.68 -18.19
C GLU G 42 -35.82 25.50 -18.55
N HIS G 43 -34.62 25.02 -18.20
CA HIS G 43 -33.36 25.68 -18.53
C HIS G 43 -33.23 25.77 -20.06
N LEU G 44 -33.51 24.67 -20.79
CA LEU G 44 -33.48 24.65 -22.26
C LEU G 44 -34.49 25.66 -22.82
N CYS G 45 -35.74 25.64 -22.32
CA CYS G 45 -36.81 26.53 -22.76
C CYS G 45 -36.47 28.01 -22.57
N LEU G 46 -35.61 28.33 -21.59
CA LEU G 46 -35.23 29.70 -21.32
C LEU G 46 -33.96 30.18 -22.02
N LEU G 47 -33.30 29.33 -22.83
CA LEU G 47 -32.10 29.77 -23.57
C LEU G 47 -32.49 30.85 -24.58
N ASP G 48 -31.73 31.93 -24.63
CA ASP G 48 -32.08 33.09 -25.43
C ASP G 48 -30.92 33.52 -26.34
N ILE G 49 -31.14 33.56 -27.67
CA ILE G 49 -30.13 34.00 -28.62
C ILE G 49 -29.75 35.49 -28.44
N ASP G 50 -30.62 36.29 -27.79
CA ASP G 50 -30.34 37.70 -27.52
C ASP G 50 -29.60 37.92 -26.19
N SER G 51 -29.40 36.86 -25.40
CA SER G 51 -28.68 36.95 -24.14
C SER G 51 -27.18 36.84 -24.46
N GLU G 52 -26.47 37.95 -24.41
CA GLU G 52 -25.08 38.00 -24.79
C GLU G 52 -24.12 37.49 -23.71
N PRO G 53 -23.09 36.74 -24.12
CA PRO G 53 -22.12 36.27 -23.13
C PRO G 53 -21.32 37.45 -22.60
N VAL G 54 -21.03 37.43 -21.31
CA VAL G 54 -20.25 38.50 -20.70
C VAL G 54 -18.94 37.96 -20.14
N ALA G 55 -18.96 36.74 -19.59
CA ALA G 55 -17.78 36.09 -19.05
C ALA G 55 -16.72 35.80 -20.11
N ALA G 56 -15.46 35.78 -19.69
CA ALA G 56 -14.38 35.45 -20.61
C ALA G 56 -14.49 33.95 -20.98
N ARG G 57 -14.04 33.61 -22.18
CA ARG G 57 -14.10 32.23 -22.69
C ARG G 57 -13.22 31.33 -21.84
N SER G 58 -13.80 30.32 -21.23
CA SER G 58 -13.13 29.43 -20.30
C SER G 58 -12.55 28.13 -20.87
N THR G 59 -13.09 27.62 -21.98
CA THR G 59 -12.58 26.38 -22.59
C THR G 59 -11.36 26.71 -23.43
N SER G 60 -10.18 26.16 -23.09
CA SER G 60 -8.98 26.47 -23.86
C SER G 60 -9.01 25.94 -25.27
N ILE G 61 -8.32 26.65 -26.15
CA ILE G 61 -8.24 26.24 -27.54
C ILE G 61 -6.83 25.76 -27.83
N ILE G 62 -6.73 24.53 -28.33
CA ILE G 62 -5.45 24.00 -28.76
C ILE G 62 -5.40 24.12 -30.27
N ALA G 63 -4.38 24.78 -30.82
CA ALA G 63 -4.22 24.89 -32.27
C ALA G 63 -2.98 24.15 -32.72
N THR G 64 -3.10 23.33 -33.76
CA THR G 64 -1.94 22.60 -34.29
C THR G 64 -1.11 23.49 -35.20
N ILE G 65 0.20 23.56 -34.97
CA ILE G 65 1.08 24.40 -35.75
C ILE G 65 1.61 23.66 -36.97
N GLY G 66 1.57 24.30 -38.11
CA GLY G 66 2.04 23.72 -39.36
C GLY G 66 2.33 24.80 -40.39
N PRO G 67 2.43 24.41 -41.68
CA PRO G 67 2.72 25.42 -42.73
C PRO G 67 1.77 26.62 -42.77
N ALA G 68 0.48 26.42 -42.44
CA ALA G 68 -0.49 27.52 -42.44
C ALA G 68 -0.39 28.46 -41.22
N SER G 69 0.35 28.05 -40.17
CA SER G 69 0.35 28.79 -38.92
C SER G 69 1.72 28.86 -38.27
N ARG G 70 2.78 28.88 -39.06
CA ARG G 70 4.14 28.82 -38.54
C ARG G 70 4.86 30.16 -38.41
N SER G 71 4.52 31.14 -39.25
CA SER G 71 5.19 32.43 -39.21
C SER G 71 4.88 33.18 -37.92
N VAL G 72 5.83 34.01 -37.46
CA VAL G 72 5.70 34.80 -36.25
C VAL G 72 4.50 35.74 -36.32
N GLU G 73 4.28 36.35 -37.48
CA GLU G 73 3.15 37.27 -37.65
C GLU G 73 1.80 36.56 -37.61
N ARG G 74 1.72 35.38 -38.21
CA ARG G 74 0.49 34.58 -38.21
C ARG G 74 0.20 34.10 -36.77
N LEU G 75 1.25 33.67 -36.05
CA LEU G 75 1.15 33.22 -34.66
C LEU G 75 0.67 34.32 -33.72
N LYS G 76 1.08 35.59 -33.97
CA LYS G 76 0.61 36.72 -33.15
C LYS G 76 -0.90 36.90 -33.33
N GLU G 77 -1.40 36.73 -34.56
CA GLU G 77 -2.83 36.81 -34.84
C GLU G 77 -3.58 35.67 -34.18
N MET G 78 -3.00 34.46 -34.16
CA MET G 78 -3.64 33.31 -33.53
CA MET G 78 -3.65 33.32 -33.52
C MET G 78 -3.71 33.46 -32.01
N ILE G 79 -2.69 34.09 -31.41
CA ILE G 79 -2.69 34.35 -29.96
C ILE G 79 -3.81 35.35 -29.66
N LYS G 80 -3.93 36.41 -30.47
CA LYS G 80 -4.98 37.43 -30.34
C LYS G 80 -6.37 36.84 -30.55
N ALA G 81 -6.50 35.87 -31.48
CA ALA G 81 -7.78 35.21 -31.74
C ALA G 81 -8.21 34.25 -30.60
N GLY G 82 -7.26 33.82 -29.76
CA GLY G 82 -7.60 32.98 -28.62
C GLY G 82 -6.85 31.67 -28.43
N MET G 83 -5.80 31.40 -29.23
CA MET G 83 -5.05 30.15 -29.09
C MET G 83 -4.35 30.14 -27.72
N ASN G 84 -4.57 29.08 -26.94
CA ASN G 84 -3.95 28.98 -25.61
C ASN G 84 -2.81 27.97 -25.57
N ILE G 85 -2.91 26.92 -26.40
CA ILE G 85 -1.95 25.83 -26.45
C ILE G 85 -1.58 25.57 -27.91
N ALA G 86 -0.29 25.53 -28.21
CA ALA G 86 0.22 25.24 -29.54
C ALA G 86 0.60 23.77 -29.60
N ARG G 87 -0.01 23.00 -30.50
CA ARG G 87 0.27 21.56 -30.63
C ARG G 87 1.28 21.30 -31.76
N LEU G 88 2.35 20.57 -31.46
CA LEU G 88 3.32 20.17 -32.49
C LEU G 88 3.04 18.69 -32.78
N ASN G 89 2.63 18.37 -34.00
CA ASN G 89 2.34 16.99 -34.37
C ASN G 89 3.60 16.30 -34.89
N PHE G 90 4.20 15.46 -34.04
CA PHE G 90 5.42 14.77 -34.40
C PHE G 90 5.21 13.58 -35.37
N SER G 91 3.99 13.37 -35.87
CA SER G 91 3.76 12.39 -36.93
C SER G 91 4.39 12.88 -38.26
N HIS G 92 4.64 14.19 -38.41
CA HIS G 92 5.24 14.79 -39.60
C HIS G 92 6.32 15.78 -39.17
N GLY G 93 7.29 16.04 -40.04
CA GLY G 93 8.33 17.03 -39.79
C GLY G 93 9.49 16.55 -38.95
N SER G 94 10.66 17.12 -39.20
CA SER G 94 11.88 16.77 -38.50
C SER G 94 11.99 17.53 -37.16
N HIS G 95 12.98 17.17 -36.34
CA HIS G 95 13.26 17.88 -35.09
C HIS G 95 13.64 19.34 -35.38
N GLU G 96 14.35 19.59 -36.49
CA GLU G 96 14.74 20.95 -36.88
C GLU G 96 13.50 21.78 -37.22
N TYR G 97 12.54 21.18 -37.92
CA TYR G 97 11.29 21.84 -38.30
C TYR G 97 10.51 22.23 -37.03
N HIS G 98 10.33 21.29 -36.09
CA HIS G 98 9.61 21.55 -34.84
C HIS G 98 10.33 22.54 -33.93
N ALA G 99 11.69 22.53 -33.89
CA ALA G 99 12.42 23.49 -33.08
C ALA G 99 12.17 24.91 -33.60
N GLU G 100 12.08 25.07 -34.94
CA GLU G 100 11.81 26.38 -35.56
CA GLU G 100 11.80 26.39 -35.53
C GLU G 100 10.38 26.82 -35.19
N SER G 101 9.42 25.89 -35.22
CA SER G 101 8.02 26.18 -34.85
C SER G 101 7.95 26.67 -33.38
N ILE G 102 8.68 25.99 -32.47
CA ILE G 102 8.73 26.35 -31.04
C ILE G 102 9.32 27.75 -30.87
N ALA G 103 10.43 28.04 -31.59
CA ALA G 103 11.08 29.35 -31.52
C ALA G 103 10.16 30.46 -32.01
N ASN G 104 9.40 30.19 -33.10
CA ASN G 104 8.45 31.17 -33.63
C ASN G 104 7.29 31.40 -32.68
N VAL G 105 6.78 30.34 -32.03
CA VAL G 105 5.69 30.48 -31.04
C VAL G 105 6.20 31.36 -29.88
N ARG G 106 7.38 31.04 -29.33
CA ARG G 106 7.94 31.81 -28.23
C ARG G 106 8.20 33.27 -28.61
N GLU G 107 8.66 33.53 -29.83
CA GLU G 107 8.90 34.91 -30.28
C GLU G 107 7.57 35.67 -30.35
N ALA G 108 6.52 35.02 -30.90
CA ALA G 108 5.20 35.65 -30.98
C ALA G 108 4.61 35.90 -29.56
N VAL G 109 4.73 34.93 -28.65
CA VAL G 109 4.21 35.06 -27.28
C VAL G 109 4.94 36.17 -26.51
N GLU G 110 6.27 36.18 -26.58
CA GLU G 110 7.06 37.19 -25.87
C GLU G 110 6.99 38.58 -26.46
N SER G 111 6.42 38.74 -27.67
CA SER G 111 6.24 40.07 -28.26
C SER G 111 5.23 40.90 -27.42
N PHE G 112 4.38 40.26 -26.62
CA PHE G 112 3.40 40.94 -25.77
C PHE G 112 3.86 41.10 -24.30
N ALA G 113 5.04 40.57 -23.94
CA ALA G 113 5.55 40.61 -22.56
C ALA G 113 5.83 42.02 -21.99
N GLY G 114 5.91 43.02 -22.86
CA GLY G 114 6.10 44.41 -22.46
C GLY G 114 4.94 45.00 -21.68
N SER G 115 3.76 44.37 -21.76
CA SER G 115 2.60 44.80 -20.99
C SER G 115 2.19 43.62 -20.08
N PRO G 116 2.77 43.57 -18.86
CA PRO G 116 2.49 42.42 -17.96
C PRO G 116 1.04 42.25 -17.53
N LEU G 117 0.25 43.34 -17.48
CA LEU G 117 -1.18 43.23 -17.11
C LEU G 117 -2.05 42.55 -18.18
N SER G 118 -1.54 42.42 -19.41
CA SER G 118 -2.32 41.77 -20.48
C SER G 118 -1.59 40.57 -21.13
N TYR G 119 -0.34 40.28 -20.72
CA TYR G 119 0.44 39.17 -21.29
C TYR G 119 -0.29 37.84 -21.15
N ARG G 120 -0.39 37.10 -22.25
CA ARG G 120 -1.02 35.79 -22.29
C ARG G 120 -0.04 34.64 -22.47
N PRO G 121 0.12 33.79 -21.43
CA PRO G 121 0.97 32.60 -21.59
C PRO G 121 0.41 31.66 -22.64
N VAL G 122 1.27 30.94 -23.39
CA VAL G 122 0.81 29.96 -24.39
C VAL G 122 1.62 28.68 -24.17
N ALA G 123 0.93 27.56 -23.89
CA ALA G 123 1.59 26.29 -23.66
C ALA G 123 2.06 25.65 -24.97
N ILE G 124 3.08 24.81 -24.88
CA ILE G 124 3.57 24.07 -26.04
C ILE G 124 3.39 22.60 -25.75
N ALA G 125 2.60 21.92 -26.58
CA ALA G 125 2.29 20.51 -26.40
C ALA G 125 2.92 19.67 -27.55
N LEU G 126 3.54 18.54 -27.19
CA LEU G 126 4.14 17.66 -28.18
C LEU G 126 3.22 16.47 -28.36
N ASP G 127 2.72 16.24 -29.57
CA ASP G 127 1.85 15.11 -29.85
C ASP G 127 2.70 14.02 -30.52
N THR G 128 2.85 12.87 -29.87
CA THR G 128 3.71 11.81 -30.39
C THR G 128 3.15 11.06 -31.63
N LYS G 129 4.08 10.51 -32.42
CA LYS G 129 3.75 9.71 -33.60
C LYS G 129 2.98 8.45 -33.22
N GLY G 130 3.38 7.80 -32.13
CA GLY G 130 2.69 6.62 -31.64
C GLY G 130 3.44 5.32 -31.86
N PRO G 131 2.87 4.21 -31.38
CA PRO G 131 3.56 2.91 -31.45
C PRO G 131 3.67 2.27 -32.83
N GLY G 134 3.50 -1.65 -33.58
CA GLY G 134 4.38 -2.23 -32.58
C GLY G 134 3.80 -2.26 -31.19
N PRO G 135 4.51 -2.94 -30.25
CA PRO G 135 4.03 -3.02 -28.86
C PRO G 135 4.70 -2.00 -27.93
N GLY G 136 3.90 -1.07 -27.41
CA GLY G 136 4.43 -0.07 -26.50
C GLY G 136 5.26 1.02 -27.15
N LEU G 137 5.99 1.77 -26.31
CA LEU G 137 6.77 2.92 -26.72
C LEU G 137 7.78 2.66 -27.86
N SER G 138 7.58 3.34 -28.99
CA SER G 138 8.46 3.20 -30.14
C SER G 138 9.79 3.94 -29.93
N GLU G 139 10.79 3.59 -30.76
CA GLU G 139 12.11 4.23 -30.68
C GLU G 139 12.02 5.70 -31.08
N GLN G 140 11.17 6.02 -32.07
CA GLN G 140 11.02 7.40 -32.51
C GLN G 140 10.38 8.22 -31.40
N ASP G 141 9.39 7.66 -30.69
CA ASP G 141 8.75 8.35 -29.56
C ASP G 141 9.74 8.65 -28.45
N VAL G 142 10.67 7.72 -28.16
CA VAL G 142 11.69 7.96 -27.13
C VAL G 142 12.54 9.18 -27.51
N ARG G 143 12.93 9.27 -28.78
CA ARG G 143 13.73 10.39 -29.26
C ARG G 143 12.94 11.71 -29.28
N ASP G 144 11.67 11.67 -29.68
CA ASP G 144 10.82 12.84 -29.74
C ASP G 144 10.50 13.36 -28.32
N LEU G 145 10.28 12.46 -27.34
CA LEU G 145 10.04 12.86 -25.95
C LEU G 145 11.28 13.50 -25.36
N ARG G 146 12.49 12.99 -25.75
CA ARG G 146 13.76 13.57 -25.30
C ARG G 146 13.91 14.98 -25.90
N PHE G 147 13.52 15.16 -27.17
CA PHE G 147 13.52 16.47 -27.82
C PHE G 147 12.59 17.43 -27.04
N GLY G 148 11.42 16.95 -26.65
CA GLY G 148 10.46 17.74 -25.88
C GLY G 148 11.02 18.24 -24.56
N VAL G 149 11.71 17.36 -23.82
CA VAL G 149 12.35 17.74 -22.57
C VAL G 149 13.43 18.77 -22.81
N GLU G 150 14.27 18.56 -23.85
CA GLU G 150 15.35 19.51 -24.15
C GLU G 150 14.83 20.86 -24.60
N HIS G 151 13.68 20.89 -25.27
CA HIS G 151 13.12 22.16 -25.73
C HIS G 151 12.08 22.77 -24.76
N GLY G 152 11.94 22.20 -23.57
CA GLY G 152 11.06 22.73 -22.54
C GLY G 152 9.57 22.72 -22.85
N VAL G 153 9.05 21.66 -23.48
CA VAL G 153 7.62 21.57 -23.74
C VAL G 153 6.86 21.43 -22.41
N ASP G 154 5.59 21.85 -22.42
CA ASP G 154 4.79 21.83 -21.19
C ASP G 154 3.94 20.57 -21.08
N ILE G 155 3.49 20.04 -22.21
CA ILE G 155 2.55 18.92 -22.25
C ILE G 155 2.94 17.90 -23.32
N VAL G 156 2.61 16.63 -23.08
CA VAL G 156 2.77 15.58 -24.07
C VAL G 156 1.38 14.99 -24.30
N PHE G 157 0.95 14.94 -25.56
CA PHE G 157 -0.28 14.25 -25.93
C PHE G 157 0.24 12.88 -26.41
N ALA G 158 0.12 11.84 -25.58
CA ALA G 158 0.68 10.51 -25.92
C ALA G 158 -0.28 9.70 -26.77
N SER G 159 0.11 9.45 -28.03
CA SER G 159 -0.73 8.70 -28.98
C SER G 159 -0.90 7.23 -28.63
N PHE G 160 -2.09 6.70 -28.94
CA PHE G 160 -2.49 5.30 -28.78
C PHE G 160 -2.16 4.69 -27.42
N VAL G 161 -2.59 5.35 -26.34
CA VAL G 161 -2.41 4.78 -25.01
C VAL G 161 -3.46 3.67 -24.85
N ARG G 162 -3.02 2.45 -24.54
CA ARG G 162 -3.91 1.30 -24.42
C ARG G 162 -4.03 0.75 -23.00
N LYS G 163 -3.05 1.04 -22.14
CA LYS G 163 -2.98 0.52 -20.76
C LYS G 163 -2.07 1.40 -19.90
N ALA G 164 -2.11 1.23 -18.57
CA ALA G 164 -1.31 2.01 -17.61
C ALA G 164 0.17 1.92 -17.87
N SER G 165 0.68 0.74 -18.32
CA SER G 165 2.12 0.60 -18.59
C SER G 165 2.60 1.47 -19.74
N ASP G 166 1.71 1.84 -20.68
CA ASP G 166 2.07 2.74 -21.77
C ASP G 166 2.39 4.13 -21.19
N VAL G 167 1.60 4.58 -20.19
CA VAL G 167 1.81 5.88 -19.54
C VAL G 167 3.10 5.85 -18.72
N ALA G 168 3.36 4.75 -18.00
CA ALA G 168 4.59 4.61 -17.22
C ALA G 168 5.82 4.66 -18.15
N ALA G 169 5.72 4.09 -19.35
CA ALA G 169 6.83 4.13 -20.32
C ALA G 169 7.08 5.57 -20.78
N VAL G 170 6.01 6.34 -21.04
CA VAL G 170 6.15 7.76 -21.41
C VAL G 170 6.77 8.55 -20.25
N ARG G 171 6.31 8.33 -19.00
CA ARG G 171 6.83 8.99 -17.78
C ARG G 171 8.32 8.73 -17.61
N ALA G 172 8.71 7.44 -17.75
CA ALA G 172 10.11 7.04 -17.63
C ALA G 172 10.97 7.73 -18.69
N ALA G 173 10.43 7.86 -19.91
CA ALA G 173 11.10 8.49 -21.03
C ALA G 173 11.25 10.01 -20.90
N LEU G 174 10.49 10.64 -19.98
CA LEU G 174 10.67 12.08 -19.78
C LEU G 174 11.94 12.39 -18.94
N GLY G 175 12.94 11.49 -19.08
CA GLY G 175 14.30 11.53 -18.55
C GLY G 175 14.33 12.01 -17.14
N PRO G 176 15.49 12.51 -16.68
CA PRO G 176 15.52 13.04 -15.31
C PRO G 176 14.93 14.46 -15.20
N GLU G 177 14.90 15.24 -16.30
CA GLU G 177 14.50 16.62 -16.20
C GLU G 177 13.08 17.00 -16.70
N GLY G 178 12.25 16.04 -17.09
CA GLY G 178 10.91 16.34 -17.58
C GLY G 178 9.74 15.81 -16.78
N HIS G 179 9.93 15.55 -15.48
CA HIS G 179 8.87 15.02 -14.63
C HIS G 179 7.71 16.00 -14.40
N GLY G 180 7.95 17.30 -14.59
CA GLY G 180 6.90 18.29 -14.44
C GLY G 180 6.01 18.43 -15.68
N ILE G 181 6.37 17.79 -16.78
CA ILE G 181 5.58 17.82 -18.02
C ILE G 181 4.27 17.04 -17.82
N LYS G 182 3.14 17.61 -18.26
CA LYS G 182 1.85 16.94 -18.10
C LYS G 182 1.68 15.89 -19.18
N ILE G 183 1.22 14.70 -18.82
CA ILE G 183 0.98 13.64 -19.80
C ILE G 183 -0.50 13.51 -19.99
N ILE G 184 -0.97 13.83 -21.17
CA ILE G 184 -2.37 13.71 -21.55
C ILE G 184 -2.45 12.46 -22.44
N SER G 185 -3.12 11.40 -21.97
CA SER G 185 -3.20 10.15 -22.74
C SER G 185 -4.27 10.21 -23.81
N LYS G 186 -3.91 9.94 -25.06
CA LYS G 186 -4.88 9.92 -26.16
C LYS G 186 -5.53 8.55 -26.22
N ILE G 187 -6.86 8.48 -26.11
CA ILE G 187 -7.61 7.24 -26.19
C ILE G 187 -8.12 7.14 -27.62
N GLU G 188 -7.56 6.19 -28.39
CA GLU G 188 -7.83 6.08 -29.83
C GLU G 188 -8.32 4.73 -30.31
N ASN G 189 -8.55 3.77 -29.41
CA ASN G 189 -9.01 2.45 -29.84
C ASN G 189 -9.87 1.76 -28.76
N HIS G 190 -10.42 0.58 -29.08
CA HIS G 190 -11.26 -0.18 -28.16
C HIS G 190 -10.57 -0.52 -26.84
N GLU G 191 -9.30 -0.95 -26.88
CA GLU G 191 -8.58 -1.28 -25.65
C GLU G 191 -8.40 -0.06 -24.73
N GLY G 192 -8.08 1.10 -25.30
CA GLY G 192 -7.95 2.33 -24.53
C GLY G 192 -9.24 2.70 -23.82
N VAL G 193 -10.38 2.51 -24.51
CA VAL G 193 -11.69 2.80 -23.92
C VAL G 193 -11.99 1.81 -22.79
N LYS G 194 -11.75 0.50 -23.03
CA LYS G 194 -12.03 -0.52 -22.03
C LYS G 194 -11.13 -0.42 -20.79
N ARG G 195 -9.89 -0.02 -20.99
CA ARG G 195 -8.95 0.14 -19.88
C ARG G 195 -8.83 1.60 -19.43
N PHE G 196 -9.84 2.43 -19.73
CA PHE G 196 -9.85 3.86 -19.40
C PHE G 196 -9.52 4.17 -17.92
N ASP G 197 -10.17 3.49 -16.98
CA ASP G 197 -9.95 3.77 -15.57
C ASP G 197 -8.49 3.63 -15.14
N GLU G 198 -7.80 2.57 -15.58
CA GLU G 198 -6.40 2.39 -15.19
C GLU G 198 -5.49 3.42 -15.88
N ILE G 199 -5.87 3.86 -17.09
CA ILE G 199 -5.09 4.86 -17.82
C ILE G 199 -5.25 6.26 -17.14
N LEU G 200 -6.49 6.65 -16.83
CA LEU G 200 -6.76 7.95 -16.21
C LEU G 200 -6.07 8.08 -14.85
N GLU G 201 -6.07 7.00 -14.07
CA GLU G 201 -5.43 6.96 -12.76
C GLU G 201 -3.97 7.40 -12.77
N VAL G 202 -3.20 6.99 -13.79
CA VAL G 202 -1.79 7.35 -13.89
C VAL G 202 -1.49 8.52 -14.85
N SER G 203 -2.49 9.05 -15.55
CA SER G 203 -2.29 10.16 -16.46
C SER G 203 -2.63 11.48 -15.79
N ASP G 204 -2.14 12.59 -16.36
CA ASP G 204 -2.56 13.92 -15.88
C ASP G 204 -3.92 14.34 -16.47
N GLY G 205 -4.30 13.74 -17.59
CA GLY G 205 -5.54 14.01 -18.29
C GLY G 205 -5.71 13.12 -19.50
N ILE G 206 -6.77 13.38 -20.30
CA ILE G 206 -7.12 12.53 -21.44
C ILE G 206 -7.46 13.36 -22.68
N MET G 207 -7.19 12.80 -23.86
CA MET G 207 -7.64 13.39 -25.09
C MET G 207 -8.54 12.36 -25.77
N VAL G 208 -9.75 12.77 -26.15
CA VAL G 208 -10.66 11.89 -26.90
C VAL G 208 -10.21 12.10 -28.36
N ALA G 209 -9.35 11.21 -28.85
CA ALA G 209 -8.77 11.35 -30.19
C ALA G 209 -9.72 10.68 -31.17
N ARG G 210 -10.73 11.43 -31.60
CA ARG G 210 -11.85 10.91 -32.39
C ARG G 210 -11.50 10.43 -33.79
N GLY G 211 -10.41 10.91 -34.37
CA GLY G 211 -10.00 10.47 -35.71
C GLY G 211 -9.74 8.99 -35.77
N ASP G 212 -8.74 8.52 -35.02
CA ASP G 212 -8.45 7.09 -34.94
C ASP G 212 -9.56 6.33 -34.24
N LEU G 213 -10.16 6.91 -33.19
CA LEU G 213 -11.24 6.23 -32.47
C LEU G 213 -12.41 5.87 -33.41
N GLY G 214 -12.74 6.77 -34.33
CA GLY G 214 -13.82 6.58 -35.29
C GLY G 214 -13.54 5.56 -36.40
N ILE G 215 -12.29 5.10 -36.50
CA ILE G 215 -11.84 4.08 -37.44
C ILE G 215 -11.68 2.74 -36.69
N GLU G 216 -11.22 2.78 -35.41
CA GLU G 216 -11.02 1.62 -34.56
C GLU G 216 -12.31 1.04 -34.00
N ILE G 217 -13.30 1.88 -33.74
CA ILE G 217 -14.61 1.44 -33.26
C ILE G 217 -15.68 1.96 -34.26
N PRO G 218 -16.92 1.43 -34.27
CA PRO G 218 -17.93 1.96 -35.20
C PRO G 218 -18.13 3.47 -35.04
N ALA G 219 -18.21 4.20 -36.16
CA ALA G 219 -18.35 5.66 -36.14
C ALA G 219 -19.53 6.14 -35.30
N GLU G 220 -20.63 5.38 -35.31
CA GLU G 220 -21.83 5.72 -34.56
C GLU G 220 -21.69 5.52 -33.03
N LYS G 221 -20.57 4.98 -32.55
CA LYS G 221 -20.35 4.80 -31.11
C LYS G 221 -19.37 5.83 -30.53
N VAL G 222 -18.71 6.66 -31.36
CA VAL G 222 -17.71 7.61 -30.86
C VAL G 222 -18.29 8.57 -29.84
N PHE G 223 -19.53 9.06 -30.06
CA PHE G 223 -20.14 10.00 -29.12
C PHE G 223 -20.30 9.38 -27.71
N LEU G 224 -20.53 8.05 -27.62
CA LEU G 224 -20.69 7.39 -26.32
C LEU G 224 -19.35 7.38 -25.60
N ALA G 225 -18.25 7.06 -26.33
CA ALA G 225 -16.91 7.05 -25.75
C ALA G 225 -16.53 8.49 -25.31
N GLN G 226 -16.82 9.50 -26.15
CA GLN G 226 -16.53 10.89 -25.82
C GLN G 226 -17.25 11.32 -24.53
N LYS G 227 -18.58 11.10 -24.47
CA LYS G 227 -19.38 11.50 -23.32
C LYS G 227 -18.98 10.76 -22.04
N MET G 228 -18.63 9.48 -22.15
CA MET G 228 -18.21 8.69 -21.01
C MET G 228 -16.87 9.19 -20.46
N MET G 229 -15.89 9.39 -21.34
CA MET G 229 -14.57 9.84 -20.93
C MET G 229 -14.58 11.24 -20.35
N ILE G 230 -15.39 12.13 -20.92
CA ILE G 230 -15.51 13.48 -20.40
C ILE G 230 -16.14 13.44 -18.98
N GLY G 231 -17.18 12.64 -18.81
CA GLY G 231 -17.83 12.47 -17.52
C GLY G 231 -16.87 11.93 -16.46
N ARG G 232 -16.09 10.88 -16.81
CA ARG G 232 -15.13 10.32 -15.86
C ARG G 232 -14.00 11.27 -15.51
N CYS G 233 -13.53 12.07 -16.49
CA CYS G 233 -12.49 13.06 -16.23
C CYS G 233 -13.01 14.17 -15.33
N ASN G 234 -14.25 14.61 -15.56
CA ASN G 234 -14.88 15.63 -14.72
C ASN G 234 -15.02 15.10 -13.27
N LEU G 235 -15.41 13.83 -13.11
CA LEU G 235 -15.53 13.18 -11.80
C LEU G 235 -14.14 13.13 -11.12
N ALA G 236 -13.09 12.78 -11.87
CA ALA G 236 -11.73 12.70 -11.32
C ALA G 236 -11.04 14.07 -11.11
N GLY G 237 -11.60 15.12 -11.67
CA GLY G 237 -10.99 16.45 -11.59
C GLY G 237 -9.72 16.57 -12.42
N LYS G 238 -9.70 15.87 -13.57
CA LYS G 238 -8.53 15.90 -14.45
C LYS G 238 -8.92 16.41 -15.83
N PRO G 239 -8.04 17.19 -16.49
CA PRO G 239 -8.41 17.76 -17.80
C PRO G 239 -8.76 16.74 -18.91
N VAL G 240 -9.74 17.09 -19.73
CA VAL G 240 -10.12 16.26 -20.85
C VAL G 240 -10.21 17.16 -22.11
N VAL G 241 -9.62 16.71 -23.22
CA VAL G 241 -9.61 17.43 -24.47
C VAL G 241 -10.53 16.74 -25.47
N CYS G 242 -11.37 17.50 -26.19
CA CYS G 242 -12.13 16.93 -27.29
C CYS G 242 -11.36 17.30 -28.56
N ALA G 243 -11.06 16.31 -29.41
CA ALA G 243 -10.24 16.58 -30.59
C ALA G 243 -10.78 15.96 -31.87
N THR G 244 -10.35 16.53 -33.01
CA THR G 244 -10.44 16.05 -34.39
C THR G 244 -11.76 16.25 -35.10
N GLN G 245 -11.66 16.93 -36.26
CA GLN G 245 -12.74 17.22 -37.20
C GLN G 245 -13.83 18.10 -36.61
N MET G 246 -13.51 18.90 -35.57
CA MET G 246 -14.51 19.79 -34.96
C MET G 246 -14.98 20.86 -35.93
N LEU G 247 -14.07 21.42 -36.73
CA LEU G 247 -14.41 22.43 -37.74
C LEU G 247 -13.75 22.04 -39.09
N GLU G 248 -13.74 20.73 -39.42
CA GLU G 248 -13.08 20.15 -40.58
C GLU G 248 -13.24 20.92 -41.90
N SER G 249 -14.48 21.31 -42.24
CA SER G 249 -14.75 22.03 -43.48
C SER G 249 -14.00 23.35 -43.58
N MET G 250 -13.61 23.95 -42.44
CA MET G 250 -12.85 25.20 -42.44
C MET G 250 -11.40 25.03 -42.93
N ILE G 251 -10.98 23.80 -43.28
CA ILE G 251 -9.66 23.61 -43.89
C ILE G 251 -9.69 24.30 -45.30
N THR G 252 -10.83 24.23 -46.01
CA THR G 252 -10.95 24.90 -47.32
C THR G 252 -11.99 26.01 -47.35
N LYS G 253 -12.98 26.01 -46.45
CA LYS G 253 -14.06 27.01 -46.47
C LYS G 253 -13.97 28.04 -45.33
N PRO G 254 -14.36 29.31 -45.59
CA PRO G 254 -14.25 30.33 -44.52
C PRO G 254 -15.30 30.24 -43.41
N ARG G 255 -16.36 29.45 -43.62
CA ARG G 255 -17.40 29.27 -42.61
C ARG G 255 -17.63 27.78 -42.40
N PRO G 256 -17.91 27.37 -41.14
CA PRO G 256 -18.14 25.95 -40.88
C PRO G 256 -19.56 25.50 -41.16
N THR G 257 -19.80 24.18 -41.12
CA THR G 257 -21.14 23.65 -41.32
C THR G 257 -21.95 23.77 -40.00
N ARG G 258 -23.27 23.54 -40.08
CA ARG G 258 -24.14 23.58 -38.91
C ARG G 258 -23.81 22.43 -37.94
N ALA G 259 -23.34 21.28 -38.45
CA ALA G 259 -22.96 20.17 -37.59
C ALA G 259 -21.66 20.48 -36.83
N GLU G 260 -20.74 21.21 -37.46
CA GLU G 260 -19.47 21.60 -36.86
C GLU G 260 -19.63 22.58 -35.70
N THR G 261 -20.48 23.61 -35.85
CA THR G 261 -20.71 24.55 -34.74
C THR G 261 -21.40 23.82 -33.57
N SER G 262 -22.34 22.93 -33.89
CA SER G 262 -23.04 22.14 -32.90
C SER G 262 -22.05 21.24 -32.16
N ASP G 263 -21.10 20.60 -32.87
CA ASP G 263 -20.10 19.73 -32.28
C ASP G 263 -19.22 20.48 -31.24
N VAL G 264 -18.79 21.69 -31.58
CA VAL G 264 -17.97 22.49 -30.67
C VAL G 264 -18.79 22.85 -29.43
N ALA G 265 -20.04 23.32 -29.62
CA ALA G 265 -20.90 23.68 -28.51
C ALA G 265 -21.19 22.49 -27.60
N ASN G 266 -21.46 21.32 -28.20
CA ASN G 266 -21.77 20.11 -27.43
C ASN G 266 -20.55 19.54 -26.71
N ALA G 267 -19.33 19.74 -27.23
CA ALA G 267 -18.13 19.28 -26.52
C ALA G 267 -18.00 20.10 -25.20
N VAL G 268 -18.28 21.43 -25.26
CA VAL G 268 -18.27 22.30 -24.09
C VAL G 268 -19.38 21.89 -23.11
N LEU G 269 -20.61 21.67 -23.62
CA LEU G 269 -21.73 21.25 -22.78
C LEU G 269 -21.52 19.87 -22.19
N ASP G 270 -20.76 18.98 -22.85
CA ASP G 270 -20.42 17.65 -22.33
C ASP G 270 -19.55 17.79 -21.08
N GLY G 271 -18.65 18.80 -21.07
CA GLY G 271 -17.76 19.07 -19.95
C GLY G 271 -16.29 19.11 -20.32
N ALA G 272 -15.97 19.25 -21.63
CA ALA G 272 -14.57 19.26 -22.05
C ALA G 272 -13.83 20.48 -21.52
N ASP G 273 -12.59 20.27 -21.03
CA ASP G 273 -11.76 21.38 -20.58
C ASP G 273 -11.17 22.13 -21.76
N CYS G 274 -10.79 21.39 -22.81
CA CYS G 274 -10.16 21.96 -24.00
C CYS G 274 -10.84 21.44 -25.25
N ILE G 275 -10.78 22.25 -26.30
CA ILE G 275 -11.21 21.88 -27.64
C ILE G 275 -10.01 22.08 -28.57
N MET G 276 -9.95 21.31 -29.65
CA MET G 276 -8.75 21.31 -30.50
C MET G 276 -9.06 21.53 -31.97
N LEU G 277 -8.05 22.06 -32.66
CA LEU G 277 -8.01 22.24 -34.11
C LEU G 277 -6.75 21.53 -34.59
N SER G 278 -6.91 20.72 -35.64
CA SER G 278 -5.80 19.99 -36.20
CA SER G 278 -5.78 19.98 -36.20
C SER G 278 -5.48 20.49 -37.62
N GLY G 279 -6.05 19.86 -38.67
CA GLY G 279 -5.82 20.30 -40.04
C GLY G 279 -6.27 21.72 -40.28
N GLU G 280 -7.33 22.15 -39.54
CA GLU G 280 -7.90 23.49 -39.60
C GLU G 280 -6.87 24.60 -39.40
N THR G 281 -5.88 24.41 -38.50
CA THR G 281 -4.86 25.43 -38.31
C THR G 281 -3.50 25.05 -38.86
N ALA G 282 -3.21 23.73 -38.92
CA ALA G 282 -1.90 23.28 -39.38
C ALA G 282 -1.72 23.48 -40.88
N LYS G 283 -2.75 23.19 -41.65
CA LYS G 283 -2.65 23.26 -43.11
C LYS G 283 -3.85 23.93 -43.76
N GLY G 284 -4.78 24.51 -42.99
CA GLY G 284 -5.98 25.10 -43.55
C GLY G 284 -5.77 26.43 -44.21
N ASN G 285 -6.76 26.87 -44.99
CA ASN G 285 -6.72 28.18 -45.64
C ASN G 285 -7.17 29.31 -44.66
N PHE G 286 -7.83 28.97 -43.54
CA PHE G 286 -8.35 29.98 -42.62
C PHE G 286 -7.99 29.67 -41.14
N PRO G 287 -6.70 29.54 -40.80
CA PRO G 287 -6.33 29.17 -39.42
C PRO G 287 -6.82 30.13 -38.35
N VAL G 288 -6.70 31.45 -38.60
CA VAL G 288 -7.12 32.46 -37.63
C VAL G 288 -8.63 32.45 -37.44
N GLU G 289 -9.36 32.31 -38.55
CA GLU G 289 -10.83 32.26 -38.52
C GLU G 289 -11.33 31.02 -37.79
N ALA G 290 -10.61 29.88 -37.89
CA ALA G 290 -10.98 28.65 -37.19
C ALA G 290 -10.86 28.85 -35.66
N VAL G 291 -9.79 29.55 -35.23
CA VAL G 291 -9.60 29.84 -33.81
C VAL G 291 -10.71 30.79 -33.34
N LYS G 292 -11.01 31.83 -34.14
CA LYS G 292 -12.07 32.80 -33.82
C LYS G 292 -13.43 32.13 -33.70
N MET G 293 -13.70 31.14 -34.57
CA MET G 293 -14.97 30.42 -34.54
C MET G 293 -15.10 29.57 -33.27
N GLN G 294 -14.03 28.83 -32.89
CA GLN G 294 -14.06 28.04 -31.66
C GLN G 294 -14.25 28.94 -30.44
N HIS G 295 -13.60 30.12 -30.47
CA HIS G 295 -13.73 31.10 -29.38
C HIS G 295 -15.19 31.55 -29.25
N ALA G 296 -15.79 31.96 -30.37
CA ALA G 296 -17.18 32.46 -30.37
C ALA G 296 -18.19 31.43 -29.88
N ILE G 297 -18.08 30.19 -30.37
CA ILE G 297 -18.99 29.12 -29.96
C ILE G 297 -18.80 28.76 -28.49
N ALA G 298 -17.55 28.58 -28.05
CA ALA G 298 -17.27 28.19 -26.66
C ALA G 298 -17.85 29.19 -25.67
N ARG G 299 -17.71 30.50 -25.94
CA ARG G 299 -18.27 31.55 -25.09
C ARG G 299 -19.79 31.41 -24.93
N GLU G 300 -20.49 31.17 -26.05
CA GLU G 300 -21.94 31.00 -26.05
C GLU G 300 -22.33 29.75 -25.27
N ALA G 301 -21.60 28.63 -25.49
CA ALA G 301 -21.92 27.35 -24.86
C ALA G 301 -21.65 27.36 -23.36
N GLU G 302 -20.62 28.07 -22.93
CA GLU G 302 -20.28 28.16 -21.50
C GLU G 302 -21.36 28.87 -20.70
N ALA G 303 -21.98 29.90 -21.29
CA ALA G 303 -23.08 30.60 -20.63
C ALA G 303 -24.34 29.72 -20.56
N ALA G 304 -24.49 28.77 -21.51
CA ALA G 304 -25.62 27.84 -21.55
C ALA G 304 -25.46 26.61 -20.65
N VAL G 305 -24.35 26.51 -19.91
CA VAL G 305 -24.14 25.39 -18.98
C VAL G 305 -25.14 25.51 -17.82
N TYR G 306 -25.78 24.40 -17.40
CA TYR G 306 -26.73 24.37 -16.31
C TYR G 306 -25.99 24.13 -14.99
N HIS G 307 -25.33 25.17 -14.48
CA HIS G 307 -24.54 25.09 -13.27
C HIS G 307 -25.29 24.59 -12.04
N ARG G 308 -26.58 24.89 -11.92
CA ARG G 308 -27.38 24.45 -10.77
C ARG G 308 -27.29 22.93 -10.55
N GLN G 309 -27.47 22.14 -11.62
CA GLN G 309 -27.36 20.69 -11.47
C GLN G 309 -25.91 20.20 -11.54
N LEU G 310 -25.11 20.79 -12.43
CA LEU G 310 -23.72 20.39 -12.58
C LEU G 310 -22.93 20.54 -11.25
N PHE G 311 -23.04 21.71 -10.59
CA PHE G 311 -22.34 21.91 -9.32
C PHE G 311 -22.83 20.95 -8.25
N GLU G 312 -24.16 20.75 -8.17
CA GLU G 312 -24.77 19.83 -7.21
C GLU G 312 -24.22 18.41 -7.39
N GLU G 313 -24.10 17.95 -8.65
CA GLU G 313 -23.62 16.61 -8.91
C GLU G 313 -22.11 16.46 -8.68
N LEU G 314 -21.33 17.48 -9.06
CA LEU G 314 -19.87 17.44 -8.83
C LEU G 314 -19.60 17.42 -7.32
N ARG G 315 -20.35 18.25 -6.57
CA ARG G 315 -20.26 18.37 -5.13
C ARG G 315 -20.61 17.03 -4.47
N ARG G 316 -21.73 16.42 -4.87
CA ARG G 316 -22.21 15.16 -4.31
C ARG G 316 -21.29 13.97 -4.63
N ALA G 317 -20.71 13.96 -5.83
CA ALA G 317 -19.83 12.86 -6.25
C ALA G 317 -18.42 12.94 -5.68
N ALA G 318 -17.94 14.16 -5.42
CA ALA G 318 -16.60 14.35 -4.86
C ALA G 318 -16.59 13.84 -3.42
N PRO G 319 -15.62 12.98 -3.09
CA PRO G 319 -15.58 12.45 -1.71
C PRO G 319 -15.18 13.48 -0.68
N LEU G 320 -15.43 13.15 0.61
CA LEU G 320 -15.01 14.01 1.71
C LEU G 320 -13.47 14.11 1.71
N SER G 321 -12.94 15.24 2.12
CA SER G 321 -11.51 15.43 2.10
C SER G 321 -11.01 16.15 3.31
N ARG G 322 -9.82 15.78 3.77
CA ARG G 322 -9.15 16.49 4.83
C ARG G 322 -7.98 17.36 4.28
N ASP G 323 -7.84 17.47 2.95
CA ASP G 323 -6.82 18.30 2.33
C ASP G 323 -7.36 19.75 2.33
N PRO G 324 -6.63 20.68 2.98
CA PRO G 324 -7.12 22.07 3.04
C PRO G 324 -7.30 22.76 1.70
N THR G 325 -6.51 22.39 0.66
CA THR G 325 -6.68 23.00 -0.66
C THR G 325 -8.03 22.59 -1.24
N GLU G 326 -8.38 21.31 -1.11
CA GLU G 326 -9.65 20.78 -1.61
CA GLU G 326 -9.65 20.77 -1.61
C GLU G 326 -10.84 21.39 -0.83
N VAL G 327 -10.70 21.53 0.50
CA VAL G 327 -11.75 22.11 1.35
C VAL G 327 -11.96 23.60 1.02
N THR G 328 -10.85 24.35 0.86
CA THR G 328 -10.93 25.76 0.54
C THR G 328 -11.55 25.93 -0.86
N ALA G 329 -11.19 25.07 -1.81
CA ALA G 329 -11.71 25.16 -3.17
C ALA G 329 -13.23 25.07 -3.23
N ILE G 330 -13.85 24.08 -2.56
CA ILE G 330 -15.30 23.95 -2.61
C ILE G 330 -15.99 25.10 -1.87
N GLY G 331 -15.38 25.56 -0.77
CA GLY G 331 -15.89 26.72 -0.04
C GLY G 331 -15.87 27.96 -0.89
N ALA G 332 -14.77 28.17 -1.66
CA ALA G 332 -14.62 29.33 -2.54
C ALA G 332 -15.60 29.30 -3.70
N VAL G 333 -15.81 28.14 -4.32
CA VAL G 333 -16.75 28.03 -5.46
C VAL G 333 -18.20 28.27 -4.95
N GLU G 334 -18.54 27.73 -3.77
CA GLU G 334 -19.86 27.94 -3.17
CA GLU G 334 -19.85 27.94 -3.16
C GLU G 334 -20.07 29.44 -2.88
N ALA G 335 -19.04 30.10 -2.33
CA ALA G 335 -19.09 31.54 -2.05
C ALA G 335 -19.26 32.33 -3.35
N ALA G 336 -18.52 31.94 -4.42
CA ALA G 336 -18.61 32.63 -5.71
C ALA G 336 -20.04 32.57 -6.29
N PHE G 337 -20.70 31.42 -6.19
CA PHE G 337 -22.08 31.28 -6.69
C PHE G 337 -23.05 32.14 -5.87
N LYS G 338 -22.85 32.21 -4.54
CA LYS G 338 -23.71 32.98 -3.66
C LYS G 338 -23.77 34.46 -4.00
N CYS G 339 -22.64 35.05 -4.39
CA CYS G 339 -22.60 36.48 -4.68
C CYS G 339 -22.47 36.82 -6.15
N CYS G 340 -22.53 35.82 -7.07
CA CYS G 340 -22.30 36.05 -8.50
C CYS G 340 -20.94 36.70 -8.71
N ALA G 341 -19.90 36.20 -7.98
CA ALA G 341 -18.57 36.77 -8.07
C ALA G 341 -18.07 36.85 -9.49
N ALA G 342 -17.44 37.96 -9.85
CA ALA G 342 -16.91 38.09 -11.19
C ALA G 342 -15.69 37.15 -11.39
N ALA G 343 -14.93 36.87 -10.31
CA ALA G 343 -13.75 36.02 -10.42
C ALA G 343 -13.34 35.42 -9.06
N ILE G 344 -12.57 34.33 -9.11
CA ILE G 344 -11.90 33.74 -7.97
C ILE G 344 -10.42 33.94 -8.27
N ILE G 345 -9.73 34.78 -7.51
CA ILE G 345 -8.31 35.01 -7.72
C ILE G 345 -7.55 34.04 -6.81
N VAL G 346 -6.67 33.21 -7.38
CA VAL G 346 -5.94 32.22 -6.61
C VAL G 346 -4.45 32.36 -6.84
N LEU G 347 -3.66 32.29 -5.77
CA LEU G 347 -2.22 32.27 -5.89
C LEU G 347 -1.84 30.79 -5.96
N THR G 348 -0.94 30.46 -6.90
CA THR G 348 -0.55 29.06 -7.12
C THR G 348 0.88 28.98 -7.66
N THR G 349 1.66 28.01 -7.18
CA THR G 349 3.00 27.84 -7.69
C THR G 349 3.03 26.70 -8.73
N THR G 350 2.32 25.62 -8.46
CA THR G 350 2.28 24.47 -9.36
C THR G 350 1.03 24.44 -10.25
N GLY G 351 0.02 25.24 -9.94
CA GLY G 351 -1.25 25.20 -10.67
C GLY G 351 -2.31 24.38 -9.94
N ARG G 352 -1.92 23.59 -8.92
CA ARG G 352 -2.84 22.68 -8.24
C ARG G 352 -4.05 23.36 -7.56
N SER G 353 -3.84 24.49 -6.84
CA SER G 353 -4.97 25.18 -6.19
C SER G 353 -5.99 25.66 -7.23
N ALA G 354 -5.53 26.08 -8.42
CA ALA G 354 -6.43 26.51 -9.50
C ALA G 354 -7.19 25.33 -10.09
N GLN G 355 -6.51 24.17 -10.22
CA GLN G 355 -7.13 22.95 -10.77
C GLN G 355 -8.25 22.46 -9.86
N LEU G 356 -8.04 22.52 -8.54
CA LEU G 356 -9.07 22.08 -7.60
C LEU G 356 -10.29 23.03 -7.59
N LEU G 357 -10.10 24.31 -7.95
CA LEU G 357 -11.23 25.24 -8.08
C LEU G 357 -11.99 24.89 -9.38
N SER G 358 -11.24 24.70 -10.48
CA SER G 358 -11.75 24.37 -11.80
C SER G 358 -12.63 23.13 -11.82
N ARG G 359 -12.29 22.10 -11.02
CA ARG G 359 -13.03 20.85 -10.99
C ARG G 359 -14.52 21.01 -10.58
N TYR G 360 -14.85 22.07 -9.82
CA TYR G 360 -16.22 22.35 -9.41
C TYR G 360 -17.00 23.19 -10.39
N ARG G 361 -16.39 23.55 -11.52
CA ARG G 361 -16.97 24.32 -12.59
C ARG G 361 -17.67 25.59 -12.14
N PRO G 362 -16.93 26.51 -11.48
CA PRO G 362 -17.56 27.78 -11.12
C PRO G 362 -17.87 28.60 -12.38
N ARG G 363 -18.88 29.45 -12.29
CA ARG G 363 -19.18 30.40 -13.35
C ARG G 363 -18.13 31.52 -13.33
N ALA G 364 -17.67 31.90 -12.12
CA ALA G 364 -16.65 32.92 -11.96
C ALA G 364 -15.35 32.45 -12.60
N ALA G 365 -14.66 33.35 -13.30
CA ALA G 365 -13.37 33.06 -13.90
C ALA G 365 -12.35 32.77 -12.78
N VAL G 366 -11.49 31.76 -12.94
CA VAL G 366 -10.44 31.49 -11.95
C VAL G 366 -9.18 32.18 -12.43
N ILE G 367 -8.82 33.31 -11.83
CA ILE G 367 -7.63 34.05 -12.22
C ILE G 367 -6.48 33.50 -11.39
N ALA G 368 -5.55 32.79 -12.01
CA ALA G 368 -4.44 32.17 -11.29
C ALA G 368 -3.16 33.00 -11.43
N VAL G 369 -2.68 33.56 -10.33
CA VAL G 369 -1.46 34.35 -10.33
C VAL G 369 -0.31 33.47 -9.90
N THR G 370 0.72 33.39 -10.76
CA THR G 370 1.85 32.53 -10.46
C THR G 370 3.17 33.14 -10.92
N ARG G 371 4.25 32.77 -10.25
CA ARG G 371 5.61 33.15 -10.64
C ARG G 371 6.23 32.08 -11.59
N SER G 372 5.64 30.87 -11.64
CA SER G 372 6.13 29.80 -12.50
C SER G 372 5.59 29.97 -13.91
N ALA G 373 6.48 30.24 -14.86
CA ALA G 373 6.09 30.38 -16.26
C ALA G 373 5.50 29.06 -16.79
N GLN G 374 6.06 27.91 -16.37
CA GLN G 374 5.53 26.61 -16.78
C GLN G 374 4.11 26.35 -16.23
N ALA G 375 3.87 26.65 -14.94
CA ALA G 375 2.54 26.45 -14.37
C ALA G 375 1.51 27.34 -15.08
N ALA G 376 1.92 28.58 -15.42
CA ALA G 376 1.05 29.52 -16.14
C ALA G 376 0.63 28.93 -17.50
N ARG G 377 1.58 28.28 -18.20
CA ARG G 377 1.24 27.66 -19.48
C ARG G 377 0.37 26.40 -19.27
N GLN G 378 0.73 25.56 -18.31
CA GLN G 378 0.03 24.29 -18.09
C GLN G 378 -1.41 24.39 -17.57
N VAL G 379 -1.75 25.45 -16.79
CA VAL G 379 -3.11 25.58 -16.26
C VAL G 379 -4.13 25.85 -17.34
N HIS G 380 -3.71 26.16 -18.60
CA HIS G 380 -4.65 26.28 -19.72
C HIS G 380 -5.38 24.94 -19.95
N LEU G 381 -4.85 23.81 -19.44
CA LEU G 381 -5.54 22.51 -19.57
C LEU G 381 -6.84 22.49 -18.75
N CYS G 382 -6.95 23.32 -17.70
CA CYS G 382 -8.11 23.32 -16.79
C CYS G 382 -9.12 24.37 -17.16
N ARG G 383 -10.37 23.97 -17.40
CA ARG G 383 -11.41 24.93 -17.79
C ARG G 383 -11.60 26.06 -16.81
N GLY G 384 -11.68 27.27 -17.34
CA GLY G 384 -11.95 28.45 -16.55
C GLY G 384 -10.77 29.01 -15.82
N VAL G 385 -9.54 28.53 -16.07
CA VAL G 385 -8.36 29.08 -15.41
C VAL G 385 -7.67 30.04 -16.37
N PHE G 386 -7.51 31.29 -15.93
CA PHE G 386 -6.88 32.38 -16.68
C PHE G 386 -5.56 32.69 -16.00
N PRO G 387 -4.45 32.22 -16.57
CA PRO G 387 -3.15 32.40 -15.91
C PRO G 387 -2.54 33.77 -16.10
N LEU G 388 -1.95 34.29 -15.01
CA LEU G 388 -1.26 35.56 -15.04
C LEU G 388 0.14 35.32 -14.54
N LEU G 389 1.16 35.61 -15.35
CA LEU G 389 2.54 35.40 -14.93
C LEU G 389 3.06 36.66 -14.22
N TYR G 390 3.40 36.53 -12.94
CA TYR G 390 3.89 37.63 -12.12
C TYR G 390 5.42 37.68 -12.19
N ARG G 391 5.98 38.80 -12.64
CA ARG G 391 7.43 38.96 -12.78
C ARG G 391 8.03 40.07 -11.93
N GLU G 392 7.25 40.69 -11.04
CA GLU G 392 7.75 41.75 -10.20
C GLU G 392 8.78 41.25 -9.18
N PRO G 393 9.73 42.11 -8.79
CA PRO G 393 10.68 41.74 -7.75
C PRO G 393 9.97 41.54 -6.39
N PRO G 394 10.57 40.73 -5.51
CA PRO G 394 9.89 40.38 -4.27
C PRO G 394 9.76 41.49 -3.24
N GLU G 395 8.66 41.42 -2.45
CA GLU G 395 8.52 42.32 -1.32
C GLU G 395 9.26 41.66 -0.15
N ALA G 396 9.80 42.47 0.76
CA ALA G 396 10.52 41.96 1.94
C ALA G 396 9.58 41.20 2.88
N ILE G 397 8.35 41.70 3.06
CA ILE G 397 7.37 41.08 3.92
C ILE G 397 6.46 40.19 3.09
N TRP G 398 6.38 38.90 3.45
CA TRP G 398 5.58 37.91 2.71
C TRP G 398 4.11 38.32 2.54
N ALA G 399 3.42 38.78 3.60
CA ALA G 399 2.00 39.19 3.47
C ALA G 399 1.85 40.33 2.47
N ASP G 400 2.82 41.25 2.38
CA ASP G 400 2.76 42.37 1.42
C ASP G 400 2.95 41.87 -0.02
N ASP G 401 3.81 40.86 -0.19
CA ASP G 401 4.06 40.22 -1.47
C ASP G 401 2.82 39.46 -1.97
N VAL G 402 2.08 38.82 -1.03
CA VAL G 402 0.82 38.15 -1.34
C VAL G 402 -0.22 39.20 -1.80
N ASP G 403 -0.32 40.32 -1.07
CA ASP G 403 -1.27 41.36 -1.41
C ASP G 403 -0.97 41.96 -2.77
N ARG G 404 0.32 42.13 -3.09
CA ARG G 404 0.70 42.69 -4.40
C ARG G 404 0.27 41.76 -5.54
N ARG G 405 0.37 40.44 -5.33
CA ARG G 405 -0.05 39.47 -6.32
C ARG G 405 -1.56 39.42 -6.47
N VAL G 406 -2.29 39.50 -5.36
CA VAL G 406 -3.77 39.56 -5.41
C VAL G 406 -4.19 40.86 -6.19
N GLN G 407 -3.55 41.99 -5.90
CA GLN G 407 -3.85 43.24 -6.59
C GLN G 407 -3.43 43.20 -8.07
N PHE G 408 -2.37 42.45 -8.40
CA PHE G 408 -1.98 42.23 -9.80
C PHE G 408 -3.09 41.46 -10.54
N GLY G 409 -3.73 40.52 -9.86
CA GLY G 409 -4.86 39.80 -10.44
C GLY G 409 -6.04 40.71 -10.67
N ILE G 410 -6.34 41.59 -9.71
CA ILE G 410 -7.44 42.56 -9.83
C ILE G 410 -7.19 43.57 -10.95
N GLU G 411 -6.00 44.18 -11.00
CA GLU G 411 -5.64 45.16 -12.02
C GLU G 411 -5.62 44.52 -13.41
N SER G 412 -5.13 43.28 -13.55
CA SER G 412 -5.16 42.58 -14.84
C SER G 412 -6.62 42.29 -15.23
N GLY G 413 -7.43 41.88 -14.25
CA GLY G 413 -8.85 41.60 -14.46
C GLY G 413 -9.63 42.81 -14.92
N LYS G 414 -9.33 43.99 -14.35
CA LYS G 414 -9.99 45.23 -14.76
C LYS G 414 -9.57 45.60 -16.18
N LEU G 415 -8.26 45.53 -16.49
CA LEU G 415 -7.75 45.87 -17.81
C LEU G 415 -8.35 44.98 -18.89
N ARG G 416 -8.47 43.67 -18.61
CA ARG G 416 -8.99 42.70 -19.58
C ARG G 416 -10.53 42.62 -19.67
N GLY G 417 -11.24 43.33 -18.80
CA GLY G 417 -12.69 43.31 -18.82
C GLY G 417 -13.39 42.30 -17.93
N PHE G 418 -12.64 41.52 -17.16
CA PHE G 418 -13.22 40.53 -16.24
C PHE G 418 -13.91 41.21 -15.04
N LEU G 419 -13.34 42.32 -14.55
CA LEU G 419 -13.78 42.95 -13.31
C LEU G 419 -14.01 44.42 -13.46
N ARG G 420 -14.87 44.94 -12.58
CA ARG G 420 -15.19 46.36 -12.52
C ARG G 420 -15.31 46.74 -11.03
N VAL G 421 -15.16 48.03 -10.72
CA VAL G 421 -15.34 48.55 -9.37
C VAL G 421 -16.77 48.23 -8.92
N GLY G 422 -16.93 47.72 -7.70
CA GLY G 422 -18.24 47.30 -7.23
C GLY G 422 -18.46 45.80 -7.31
N ASP G 423 -17.68 45.09 -8.13
CA ASP G 423 -17.80 43.62 -8.21
C ASP G 423 -17.32 42.96 -6.91
N LEU G 424 -17.76 41.73 -6.65
CA LEU G 424 -17.22 40.94 -5.57
C LEU G 424 -16.29 39.89 -6.18
N VAL G 425 -15.19 39.60 -5.51
CA VAL G 425 -14.27 38.55 -5.93
C VAL G 425 -13.98 37.68 -4.72
N ILE G 426 -13.65 36.42 -4.97
CA ILE G 426 -13.23 35.49 -3.93
C ILE G 426 -11.73 35.37 -4.10
N VAL G 427 -10.95 35.47 -3.03
CA VAL G 427 -9.49 35.36 -3.10
C VAL G 427 -9.04 34.14 -2.34
N VAL G 428 -8.27 33.26 -2.98
CA VAL G 428 -7.77 32.03 -2.40
C VAL G 428 -6.24 32.05 -2.24
N THR G 429 -5.76 31.90 -1.00
CA THR G 429 -4.32 31.92 -0.66
C THR G 429 -4.05 30.86 0.44
N GLY G 430 -2.79 30.73 0.88
CA GLY G 430 -2.42 29.83 1.95
C GLY G 430 -1.85 30.57 3.13
N TRP G 431 -1.54 29.87 4.22
CA TRP G 431 -1.09 30.51 5.45
C TRP G 431 0.43 30.74 5.55
N ARG G 432 1.20 30.12 4.67
CA ARG G 432 2.65 30.26 4.65
C ARG G 432 3.16 30.11 3.22
N PRO G 433 4.39 30.61 2.94
CA PRO G 433 4.96 30.46 1.58
C PRO G 433 5.18 29.00 1.21
N GLY G 434 5.23 28.75 -0.09
CA GLY G 434 5.44 27.42 -0.62
C GLY G 434 4.16 26.77 -1.07
N SER G 435 4.27 25.93 -2.06
CA SER G 435 3.15 25.16 -2.58
C SER G 435 2.67 24.15 -1.53
N GLY G 436 1.38 23.82 -1.56
CA GLY G 436 0.77 22.82 -0.68
C GLY G 436 0.02 23.27 0.55
N TYR G 437 -0.02 24.57 0.83
CA TYR G 437 -0.63 25.13 2.03
C TYR G 437 -1.86 26.00 1.82
N THR G 438 -2.52 25.96 0.65
CA THR G 438 -3.74 26.75 0.43
C THR G 438 -4.80 26.38 1.46
N ASN G 439 -5.29 27.35 2.20
CA ASN G 439 -6.28 27.07 3.25
C ASN G 439 -7.15 28.30 3.59
N ILE G 440 -7.04 29.39 2.81
CA ILE G 440 -7.76 30.63 3.07
C ILE G 440 -8.66 31.05 1.87
N MET G 441 -9.89 31.49 2.20
CA MET G 441 -10.83 32.04 1.23
C MET G 441 -11.28 33.41 1.79
N ARG G 442 -11.20 34.47 0.99
CA ARG G 442 -11.62 35.79 1.40
C ARG G 442 -12.62 36.39 0.41
N VAL G 443 -13.54 37.21 0.89
CA VAL G 443 -14.53 37.89 0.04
C VAL G 443 -14.10 39.35 -0.04
N LEU G 444 -13.79 39.82 -1.24
CA LEU G 444 -13.29 41.15 -1.44
C LEU G 444 -14.20 41.97 -2.37
N SER G 445 -14.42 43.23 -2.02
CA SER G 445 -15.19 44.14 -2.86
C SER G 445 -14.15 44.90 -3.72
N ILE G 446 -14.33 44.94 -5.03
CA ILE G 446 -13.38 45.61 -5.91
C ILE G 446 -13.51 47.14 -5.78
N SER G 447 -12.41 47.82 -5.42
CA SER G 447 -12.38 49.27 -5.31
C SER G 447 -11.50 49.90 -6.42
N GLY H 23 -11.90 6.06 10.45
CA GLY H 23 -12.32 4.78 10.98
C GLY H 23 -13.79 4.47 10.76
N THR H 24 -14.14 3.18 10.76
CA THR H 24 -15.52 2.73 10.58
C THR H 24 -16.40 3.09 11.78
N ALA H 25 -15.82 3.09 12.99
CA ALA H 25 -16.55 3.44 14.20
C ALA H 25 -17.05 4.88 14.14
N PHE H 26 -16.26 5.78 13.55
CA PHE H 26 -16.65 7.19 13.38
C PHE H 26 -17.91 7.29 12.52
N PHE H 27 -17.95 6.55 11.40
CA PHE H 27 -19.07 6.59 10.47
C PHE H 27 -20.29 5.77 10.91
N GLN H 28 -20.25 5.14 12.09
CA GLN H 28 -21.42 4.43 12.62
C GLN H 28 -22.19 5.31 13.64
N GLN H 29 -21.48 6.23 14.33
CA GLN H 29 -22.02 7.17 15.30
C GLN H 29 -22.78 8.34 14.60
N GLN H 30 -23.44 9.22 15.41
CA GLN H 30 -24.18 10.42 15.00
C GLN H 30 -25.06 10.22 13.75
N GLN H 31 -25.69 9.04 13.64
CA GLN H 31 -26.57 8.67 12.52
C GLN H 31 -25.92 8.90 11.14
N LEU H 32 -24.61 8.66 11.02
CA LEU H 32 -23.91 8.89 9.76
C LEU H 32 -24.40 7.97 8.61
N PRO H 33 -24.75 6.67 8.82
CA PRO H 33 -25.34 5.90 7.70
C PRO H 33 -26.65 6.55 7.19
N ALA H 34 -27.51 7.04 8.11
CA ALA H 34 -28.76 7.72 7.73
C ALA H 34 -28.47 9.07 7.05
N ALA H 35 -27.38 9.74 7.46
CA ALA H 35 -26.98 11.02 6.87
C ALA H 35 -26.51 10.86 5.43
N MET H 36 -25.89 9.73 5.09
CA MET H 36 -25.39 9.50 3.73
C MET H 36 -26.46 8.97 2.76
N ALA H 37 -27.71 8.76 3.22
CA ALA H 37 -28.76 8.23 2.34
C ALA H 37 -29.13 9.14 1.20
N ASP H 38 -29.54 8.54 0.06
CA ASP H 38 -29.86 9.30 -1.15
C ASP H 38 -31.28 9.83 -1.20
N THR H 39 -32.18 9.27 -0.39
CA THR H 39 -33.55 9.78 -0.30
C THR H 39 -33.95 9.95 1.18
N PHE H 40 -34.99 10.75 1.47
CA PHE H 40 -35.46 10.91 2.85
C PHE H 40 -36.01 9.58 3.37
N LEU H 41 -36.70 8.81 2.52
CA LEU H 41 -37.26 7.51 2.94
C LEU H 41 -36.14 6.55 3.37
N GLU H 42 -35.05 6.48 2.59
CA GLU H 42 -33.90 5.62 2.94
C GLU H 42 -33.22 6.15 4.22
N HIS H 43 -33.20 7.47 4.40
CA HIS H 43 -32.66 8.11 5.60
C HIS H 43 -33.42 7.60 6.83
N LEU H 44 -34.77 7.58 6.77
CA LEU H 44 -35.59 7.08 7.88
C LEU H 44 -35.28 5.60 8.16
N CYS H 45 -35.24 4.76 7.09
CA CYS H 45 -34.95 3.33 7.19
C CYS H 45 -33.59 3.05 7.85
N LEU H 46 -32.62 3.97 7.72
CA LEU H 46 -31.29 3.81 8.28
C LEU H 46 -31.08 4.40 9.68
N LEU H 47 -32.11 5.03 10.29
CA LEU H 47 -31.99 5.56 11.66
C LEU H 47 -31.74 4.41 12.63
N ASP H 48 -30.75 4.57 13.50
CA ASP H 48 -30.31 3.49 14.38
C ASP H 48 -30.30 3.92 15.84
N ILE H 49 -31.06 3.21 16.70
CA ILE H 49 -31.07 3.52 18.13
C ILE H 49 -29.71 3.28 18.82
N ASP H 50 -28.85 2.46 18.21
CA ASP H 50 -27.51 2.18 18.75
C ASP H 50 -26.46 3.18 18.26
N SER H 51 -26.82 4.11 17.35
CA SER H 51 -25.91 5.10 16.86
C SER H 51 -25.94 6.27 17.85
N GLU H 52 -24.88 6.41 18.67
CA GLU H 52 -24.83 7.42 19.70
C GLU H 52 -24.48 8.80 19.22
N PRO H 53 -25.14 9.83 19.78
CA PRO H 53 -24.81 11.21 19.39
C PRO H 53 -23.40 11.58 19.86
N VAL H 54 -22.66 12.32 19.05
CA VAL H 54 -21.31 12.73 19.38
C VAL H 54 -21.24 14.27 19.49
N ALA H 55 -21.92 14.97 18.61
CA ALA H 55 -21.95 16.43 18.59
C ALA H 55 -22.56 17.03 19.86
N ALA H 56 -22.14 18.26 20.19
CA ALA H 56 -22.72 18.97 21.32
C ALA H 56 -24.17 19.35 20.95
N ARG H 57 -25.05 19.42 21.96
CA ARG H 57 -26.45 19.75 21.75
C ARG H 57 -26.61 21.19 21.26
N SER H 58 -27.21 21.36 20.11
CA SER H 58 -27.30 22.66 19.45
C SER H 58 -28.59 23.45 19.67
N THR H 59 -29.72 22.78 19.97
CA THR H 59 -30.98 23.50 20.21
C THR H 59 -30.99 24.05 21.60
N SER H 60 -31.12 25.40 21.78
CA SER H 60 -31.09 25.97 23.13
C SER H 60 -32.33 25.63 23.95
N ILE H 61 -32.14 25.56 25.25
CA ILE H 61 -33.22 25.30 26.17
C ILE H 61 -33.54 26.55 26.94
N ILE H 62 -34.81 26.97 26.89
CA ILE H 62 -35.29 28.09 27.67
C ILE H 62 -36.05 27.52 28.88
N ALA H 63 -35.64 27.89 30.10
CA ALA H 63 -36.32 27.42 31.31
C ALA H 63 -37.00 28.63 31.99
N THR H 64 -38.29 28.53 32.28
CA THR H 64 -39.03 29.56 33.00
C THR H 64 -38.67 29.47 34.50
N ILE H 65 -38.33 30.63 35.08
CA ILE H 65 -37.93 30.76 36.48
C ILE H 65 -39.17 30.94 37.32
N GLY H 66 -39.20 30.26 38.45
CA GLY H 66 -40.30 30.34 39.40
C GLY H 66 -39.86 29.79 40.74
N PRO H 67 -40.83 29.54 41.65
CA PRO H 67 -40.49 28.95 42.96
C PRO H 67 -39.69 27.66 42.94
N ALA H 68 -39.83 26.83 41.89
CA ALA H 68 -39.05 25.57 41.82
C ALA H 68 -37.60 25.79 41.32
N SER H 69 -37.27 26.97 40.80
CA SER H 69 -35.98 27.20 40.17
C SER H 69 -35.35 28.56 40.51
N ARG H 70 -35.64 29.12 41.67
CA ARG H 70 -35.09 30.41 42.07
C ARG H 70 -33.84 30.30 42.91
N SER H 71 -33.68 29.20 43.61
CA SER H 71 -32.52 28.99 44.46
C SER H 71 -31.22 29.10 43.66
N VAL H 72 -30.22 29.88 44.16
CA VAL H 72 -28.94 30.00 43.48
C VAL H 72 -28.29 28.61 43.25
N GLU H 73 -28.43 27.72 44.25
CA GLU H 73 -27.86 26.37 44.14
C GLU H 73 -28.57 25.52 43.11
N ARG H 74 -29.90 25.63 43.05
CA ARG H 74 -30.63 24.88 42.04
C ARG H 74 -30.29 25.47 40.63
N LEU H 75 -30.20 26.80 40.52
CA LEU H 75 -29.86 27.43 39.24
C LEU H 75 -28.49 26.96 38.71
N LYS H 76 -27.53 26.69 39.60
CA LYS H 76 -26.23 26.18 39.19
C LYS H 76 -26.39 24.77 38.59
N GLU H 77 -27.27 23.94 39.18
CA GLU H 77 -27.54 22.62 38.64
C GLU H 77 -28.28 22.72 37.27
N MET H 78 -29.16 23.70 37.10
CA MET H 78 -29.88 23.86 35.84
CA MET H 78 -29.88 23.86 35.84
C MET H 78 -28.94 24.33 34.72
N ILE H 79 -27.93 25.16 35.06
CA ILE H 79 -26.95 25.61 34.10
C ILE H 79 -26.13 24.40 33.65
N LYS H 80 -25.71 23.56 34.60
CA LYS H 80 -24.95 22.35 34.32
C LYS H 80 -25.78 21.34 33.50
N ALA H 81 -27.09 21.26 33.74
CA ALA H 81 -27.98 20.34 33.01
C ALA H 81 -28.21 20.80 31.55
N GLY H 82 -28.01 22.09 31.26
CA GLY H 82 -28.15 22.59 29.91
C GLY H 82 -29.02 23.83 29.68
N MET H 83 -29.52 24.50 30.73
CA MET H 83 -30.33 25.71 30.56
C MET H 83 -29.50 26.81 29.91
N ASN H 84 -29.99 27.39 28.83
CA ASN H 84 -29.26 28.46 28.14
C ASN H 84 -29.89 29.81 28.32
N ILE H 85 -31.24 29.86 28.46
CA ILE H 85 -32.00 31.10 28.58
C ILE H 85 -32.96 30.97 29.76
N ALA H 86 -32.97 31.95 30.65
CA ALA H 86 -33.88 31.98 31.80
C ALA H 86 -35.04 32.91 31.43
N ARG H 87 -36.26 32.39 31.48
CA ARG H 87 -37.44 33.16 31.11
C ARG H 87 -38.17 33.68 32.38
N LEU H 88 -38.41 35.00 32.44
CA LEU H 88 -39.16 35.61 33.55
C LEU H 88 -40.55 35.88 33.02
N ASN H 89 -41.57 35.21 33.56
CA ASN H 89 -42.94 35.40 33.10
C ASN H 89 -43.59 36.53 33.86
N PHE H 90 -43.71 37.69 33.24
CA PHE H 90 -44.30 38.87 33.90
C PHE H 90 -45.83 38.81 34.03
N SER H 91 -46.46 37.68 33.64
CA SER H 91 -47.90 37.47 33.88
C SER H 91 -48.15 37.24 35.39
N HIS H 92 -47.11 36.82 36.15
CA HIS H 92 -47.17 36.55 37.59
C HIS H 92 -45.99 37.25 38.30
N GLY H 93 -46.13 37.57 39.57
CA GLY H 93 -45.07 38.18 40.34
C GLY H 93 -44.88 39.68 40.17
N SER H 94 -44.36 40.31 41.19
CA SER H 94 -44.11 41.76 41.18
C SER H 94 -42.73 42.06 40.56
N HIS H 95 -42.41 43.36 40.38
CA HIS H 95 -41.08 43.79 39.92
C HIS H 95 -40.02 43.37 40.92
N GLU H 96 -40.33 43.38 42.23
CA GLU H 96 -39.40 42.96 43.27
C GLU H 96 -39.09 41.47 43.14
N TYR H 97 -40.10 40.67 42.84
CA TYR H 97 -39.93 39.23 42.68
C TYR H 97 -39.00 38.96 41.46
N HIS H 98 -39.26 39.59 40.33
CA HIS H 98 -38.44 39.40 39.13
C HIS H 98 -37.02 39.96 39.27
N ALA H 99 -36.83 41.06 40.01
CA ALA H 99 -35.47 41.57 40.26
C ALA H 99 -34.66 40.54 41.07
N GLU H 100 -35.31 39.84 42.02
CA GLU H 100 -34.65 38.80 42.82
C GLU H 100 -34.30 37.61 41.93
N SER H 101 -35.19 37.25 40.98
CA SER H 101 -34.94 36.15 40.04
C SER H 101 -33.70 36.47 39.19
N ILE H 102 -33.61 37.70 38.70
CA ILE H 102 -32.48 38.15 37.89
C ILE H 102 -31.18 38.10 38.68
N ALA H 103 -31.21 38.61 39.92
CA ALA H 103 -30.04 38.60 40.79
C ALA H 103 -29.57 37.18 41.08
N ASN H 104 -30.50 36.25 41.33
CA ASN H 104 -30.13 34.85 41.61
C ASN H 104 -29.58 34.15 40.37
N VAL H 105 -30.15 34.44 39.19
CA VAL H 105 -29.65 33.86 37.93
C VAL H 105 -28.22 34.34 37.72
N ARG H 106 -28.00 35.66 37.80
CA ARG H 106 -26.67 36.22 37.62
C ARG H 106 -25.67 35.71 38.62
N GLU H 107 -26.08 35.53 39.90
CA GLU H 107 -25.15 34.98 40.90
C GLU H 107 -24.77 33.54 40.53
N ALA H 108 -25.73 32.72 40.09
CA ALA H 108 -25.44 31.34 39.71
C ALA H 108 -24.53 31.30 38.45
N VAL H 109 -24.82 32.13 37.45
CA VAL H 109 -24.02 32.17 36.22
C VAL H 109 -22.59 32.64 36.52
N GLU H 110 -22.45 33.74 37.29
CA GLU H 110 -21.11 34.27 37.59
C GLU H 110 -20.31 33.41 38.55
N SER H 111 -20.93 32.41 39.21
CA SER H 111 -20.18 31.51 40.07
C SER H 111 -19.19 30.64 39.26
N PHE H 112 -19.39 30.51 37.94
CA PHE H 112 -18.49 29.74 37.10
C PHE H 112 -17.47 30.64 36.34
N ALA H 113 -17.52 31.96 36.52
CA ALA H 113 -16.65 32.90 35.81
C ALA H 113 -15.15 32.80 36.15
N GLY H 114 -14.82 32.16 37.28
CA GLY H 114 -13.44 31.96 37.70
C GLY H 114 -12.67 31.00 36.82
N SER H 115 -13.39 30.18 36.02
CA SER H 115 -12.79 29.28 35.03
C SER H 115 -13.28 29.74 33.64
N PRO H 116 -12.59 30.67 32.98
CA PRO H 116 -13.10 31.21 31.70
C PRO H 116 -13.25 30.23 30.54
N LEU H 117 -12.47 29.15 30.51
CA LEU H 117 -12.56 28.17 29.43
C LEU H 117 -13.84 27.33 29.45
N SER H 118 -14.55 27.30 30.60
CA SER H 118 -15.77 26.51 30.71
C SER H 118 -17.02 27.35 31.08
N TYR H 119 -16.85 28.66 31.36
CA TYR H 119 -17.94 29.58 31.69
C TYR H 119 -19.06 29.54 30.62
N ARG H 120 -20.31 29.39 31.06
CA ARG H 120 -21.45 29.36 30.17
C ARG H 120 -22.33 30.57 30.37
N PRO H 121 -22.41 31.46 29.38
CA PRO H 121 -23.36 32.58 29.46
C PRO H 121 -24.80 32.07 29.47
N VAL H 122 -25.68 32.77 30.18
CA VAL H 122 -27.09 32.43 30.23
C VAL H 122 -27.86 33.70 29.98
N ALA H 123 -28.73 33.69 28.97
CA ALA H 123 -29.52 34.88 28.67
C ALA H 123 -30.71 35.03 29.62
N ILE H 124 -31.18 36.28 29.78
CA ILE H 124 -32.36 36.57 30.59
C ILE H 124 -33.41 37.17 29.67
N ALA H 125 -34.55 36.51 29.57
CA ALA H 125 -35.64 36.93 28.70
C ALA H 125 -36.85 37.36 29.51
N LEU H 126 -37.46 38.49 29.16
CA LEU H 126 -38.64 39.00 29.85
C LEU H 126 -39.85 38.67 29.00
N ASP H 127 -40.79 37.89 29.52
CA ASP H 127 -41.99 37.53 28.79
C ASP H 127 -43.13 38.44 29.30
N THR H 128 -43.67 39.30 28.44
CA THR H 128 -44.69 40.27 28.86
C THR H 128 -46.07 39.68 29.15
N LYS H 129 -46.83 40.37 30.02
CA LYS H 129 -48.19 39.99 30.39
C LYS H 129 -49.11 40.04 29.17
N GLY H 130 -48.95 41.07 28.35
CA GLY H 130 -49.73 41.17 27.12
C GLY H 130 -50.78 42.27 27.15
N PRO H 131 -51.47 42.42 26.01
CA PRO H 131 -52.46 43.50 25.90
C PRO H 131 -53.77 43.27 26.65
N GLY H 132 -54.09 42.01 26.94
CA GLY H 132 -55.34 41.66 27.61
C GLY H 132 -56.50 41.99 26.70
N SER H 133 -57.48 42.75 27.22
CA SER H 133 -58.63 43.16 26.42
C SER H 133 -58.36 44.42 25.54
N GLY H 134 -57.19 45.02 25.69
CA GLY H 134 -56.83 46.23 24.95
C GLY H 134 -56.39 45.99 23.53
N PRO H 135 -56.34 47.07 22.74
CA PRO H 135 -55.99 46.92 21.31
C PRO H 135 -54.49 46.85 21.00
N GLY H 136 -53.67 47.37 21.89
CA GLY H 136 -52.23 47.41 21.68
C GLY H 136 -51.44 47.34 22.97
N LEU H 137 -50.30 48.06 23.06
CA LEU H 137 -49.45 48.02 24.25
C LEU H 137 -50.12 48.52 25.52
N SER H 138 -50.23 47.65 26.52
CA SER H 138 -50.85 48.00 27.79
C SER H 138 -49.94 48.87 28.67
N GLU H 139 -50.52 49.56 29.67
CA GLU H 139 -49.73 50.38 30.58
C GLU H 139 -48.83 49.56 31.47
N GLN H 140 -49.26 48.34 31.84
CA GLN H 140 -48.42 47.46 32.64
C GLN H 140 -47.21 47.00 31.80
N ASP H 141 -47.42 46.72 30.50
CA ASP H 141 -46.32 46.31 29.63
C ASP H 141 -45.31 47.43 29.47
N VAL H 142 -45.74 48.69 29.38
CA VAL H 142 -44.81 49.83 29.31
C VAL H 142 -43.92 49.87 30.55
N ARG H 143 -44.49 49.67 31.74
CA ARG H 143 -43.74 49.65 32.97
C ARG H 143 -42.80 48.43 33.09
N ASP H 144 -43.26 47.26 32.65
CA ASP H 144 -42.45 46.04 32.69
C ASP H 144 -41.30 46.11 31.70
N LEU H 145 -41.52 46.69 30.53
CA LEU H 145 -40.47 46.86 29.53
C LEU H 145 -39.41 47.85 30.01
N ARG H 146 -39.83 48.89 30.73
CA ARG H 146 -38.89 49.86 31.31
C ARG H 146 -38.05 49.18 32.38
N PHE H 147 -38.69 48.30 33.20
CA PHE H 147 -38.00 47.52 34.22
C PHE H 147 -36.93 46.63 33.53
N GLY H 148 -37.27 46.02 32.41
CA GLY H 148 -36.35 45.15 31.66
C GLY H 148 -35.11 45.89 31.21
N VAL H 149 -35.28 47.10 30.67
CA VAL H 149 -34.16 47.92 30.24
C VAL H 149 -33.28 48.30 31.44
N GLU H 150 -33.91 48.71 32.55
CA GLU H 150 -33.17 49.10 33.75
C GLU H 150 -32.41 47.93 34.37
N HIS H 151 -32.93 46.71 34.24
CA HIS H 151 -32.26 45.53 34.79
C HIS H 151 -31.40 44.77 33.78
N GLY H 152 -31.21 45.32 32.59
CA GLY H 152 -30.34 44.75 31.57
C GLY H 152 -30.77 43.39 31.01
N VAL H 153 -32.08 43.17 30.78
CA VAL H 153 -32.51 41.90 30.15
C VAL H 153 -31.99 41.83 28.70
N ASP H 154 -31.82 40.62 28.19
CA ASP H 154 -31.27 40.44 26.83
C ASP H 154 -32.31 40.32 25.75
N ILE H 155 -33.47 39.76 26.11
CA ILE H 155 -34.52 39.43 25.17
C ILE H 155 -35.87 39.77 25.74
N VAL H 156 -36.81 40.16 24.89
CA VAL H 156 -38.19 40.32 25.28
C VAL H 156 -39.00 39.32 24.45
N PHE H 157 -39.83 38.49 25.10
CA PHE H 157 -40.79 37.63 24.43
C PHE H 157 -42.08 38.45 24.52
N ALA H 158 -42.48 39.10 23.44
CA ALA H 158 -43.65 39.98 23.44
C ALA H 158 -44.95 39.20 23.22
N SER H 159 -45.80 39.15 24.24
CA SER H 159 -47.07 38.42 24.18
C SER H 159 -48.11 39.02 23.23
N PHE H 160 -48.89 38.13 22.61
CA PHE H 160 -49.99 38.43 21.69
C PHE H 160 -49.67 39.47 20.61
N VAL H 161 -48.57 39.27 19.86
CA VAL H 161 -48.23 40.18 18.77
C VAL H 161 -49.17 39.86 17.63
N ARG H 162 -49.90 40.85 17.14
CA ARG H 162 -50.89 40.67 16.09
C ARG H 162 -50.57 41.38 14.77
N LYS H 163 -49.66 42.35 14.81
CA LYS H 163 -49.30 43.14 13.64
C LYS H 163 -47.95 43.83 13.86
N ALA H 164 -47.35 44.36 12.80
CA ALA H 164 -46.06 45.04 12.86
C ALA H 164 -46.04 46.23 13.83
N SER H 165 -47.14 46.99 13.94
CA SER H 165 -47.21 48.13 14.85
C SER H 165 -47.11 47.72 16.32
N ASP H 166 -47.48 46.48 16.67
CA ASP H 166 -47.33 45.99 18.05
C ASP H 166 -45.83 45.89 18.37
N VAL H 167 -45.00 45.44 17.39
CA VAL H 167 -43.56 45.31 17.58
C VAL H 167 -42.93 46.69 17.73
N ALA H 168 -43.35 47.65 16.88
CA ALA H 168 -42.85 49.02 16.94
C ALA H 168 -43.17 49.66 18.29
N ALA H 169 -44.35 49.37 18.86
CA ALA H 169 -44.72 49.88 20.19
C ALA H 169 -43.81 49.29 21.28
N VAL H 170 -43.48 47.98 21.19
CA VAL H 170 -42.58 47.35 22.17
C VAL H 170 -41.19 48.00 22.04
N ARG H 171 -40.72 48.20 20.81
N ARG H 171 -40.72 48.20 20.81
CA ARG H 171 -39.43 48.82 20.53
CA ARG H 171 -39.43 48.81 20.56
C ARG H 171 -39.36 50.24 21.08
C ARG H 171 -39.37 50.23 21.13
N ALA H 172 -40.44 51.02 20.95
CA ALA H 172 -40.49 52.39 21.46
C ALA H 172 -40.49 52.39 23.00
N ALA H 173 -41.21 51.44 23.61
CA ALA H 173 -41.25 51.34 25.07
C ALA H 173 -39.90 50.96 25.67
N LEU H 174 -39.03 50.29 24.90
CA LEU H 174 -37.69 49.96 25.38
C LEU H 174 -36.76 51.22 25.40
N GLY H 175 -37.11 52.25 24.64
CA GLY H 175 -36.39 53.52 24.63
C GLY H 175 -35.05 53.48 23.95
N PRO H 176 -34.27 54.57 24.08
CA PRO H 176 -32.95 54.60 23.41
C PRO H 176 -31.92 53.70 24.07
N GLU H 177 -32.05 53.42 25.37
CA GLU H 177 -31.11 52.55 26.07
C GLU H 177 -31.36 51.04 25.83
N GLY H 178 -32.50 50.69 25.22
CA GLY H 178 -32.82 49.29 24.97
C GLY H 178 -32.76 48.88 23.50
N HIS H 179 -31.97 49.60 22.68
CA HIS H 179 -31.83 49.32 21.24
CA HIS H 179 -31.86 49.30 21.24
C HIS H 179 -31.22 47.94 20.96
N GLY H 180 -30.37 47.46 21.87
CA GLY H 180 -29.70 46.16 21.70
C GLY H 180 -30.51 44.94 22.13
N ILE H 181 -31.66 45.15 22.79
CA ILE H 181 -32.50 44.03 23.27
C ILE H 181 -33.20 43.36 22.09
N LYS H 182 -33.20 42.02 22.04
CA LYS H 182 -33.84 41.29 20.95
C LYS H 182 -35.32 41.16 21.23
N ILE H 183 -36.16 41.41 20.24
CA ILE H 183 -37.61 41.28 20.41
C ILE H 183 -38.05 40.03 19.66
N ILE H 184 -38.54 39.05 20.41
CA ILE H 184 -39.07 37.81 19.87
C ILE H 184 -40.59 37.92 19.99
N SER H 185 -41.28 37.97 18.84
CA SER H 185 -42.73 38.13 18.86
C SER H 185 -43.44 36.80 19.10
N LYS H 186 -44.31 36.74 20.12
CA LYS H 186 -45.09 35.53 20.39
C LYS H 186 -46.35 35.56 19.50
N ILE H 187 -46.55 34.49 18.71
CA ILE H 187 -47.71 34.37 17.85
C ILE H 187 -48.66 33.47 18.61
N GLU H 188 -49.78 34.02 19.07
CA GLU H 188 -50.72 33.31 19.94
C GLU H 188 -52.16 33.29 19.46
N ASN H 189 -52.46 33.86 18.28
CA ASN H 189 -53.84 33.88 17.80
C ASN H 189 -53.91 33.88 16.28
N HIS H 190 -55.13 33.80 15.73
CA HIS H 190 -55.37 33.78 14.30
C HIS H 190 -54.76 34.98 13.57
N GLU H 191 -54.94 36.19 14.10
CA GLU H 191 -54.41 37.40 13.45
C GLU H 191 -52.89 37.37 13.35
N GLY H 192 -52.21 36.95 14.42
CA GLY H 192 -50.76 36.82 14.43
C GLY H 192 -50.27 35.87 13.36
N VAL H 193 -50.99 34.74 13.16
CA VAL H 193 -50.64 33.77 12.13
C VAL H 193 -50.86 34.37 10.73
N LYS H 194 -52.01 35.01 10.51
CA LYS H 194 -52.32 35.61 9.21
C LYS H 194 -51.42 36.77 8.84
N ARG H 195 -50.99 37.57 9.82
CA ARG H 195 -50.07 38.68 9.57
C ARG H 195 -48.62 38.32 9.91
N PHE H 196 -48.28 37.03 9.91
CA PHE H 196 -46.94 36.53 10.23
C PHE H 196 -45.81 37.23 9.46
N ASP H 197 -45.94 37.34 8.13
CA ASP H 197 -44.87 37.94 7.33
C ASP H 197 -44.52 39.37 7.75
N GLU H 198 -45.52 40.22 8.01
CA GLU H 198 -45.23 41.59 8.43
C GLU H 198 -44.64 41.64 9.85
N ILE H 199 -45.02 40.68 10.71
CA ILE H 199 -44.49 40.62 12.08
C ILE H 199 -43.03 40.16 12.07
N LEU H 200 -42.72 39.08 11.33
CA LEU H 200 -41.36 38.55 11.26
C LEU H 200 -40.39 39.58 10.69
N GLU H 201 -40.84 40.35 9.67
CA GLU H 201 -40.01 41.37 9.04
C GLU H 201 -39.44 42.39 10.01
N VAL H 202 -40.21 42.80 11.02
CA VAL H 202 -39.76 43.78 12.01
C VAL H 202 -39.30 43.18 13.35
N SER H 203 -39.41 41.85 13.51
CA SER H 203 -39.02 41.20 14.76
C SER H 203 -37.61 40.60 14.60
N ASP H 204 -36.95 40.33 15.73
CA ASP H 204 -35.69 39.61 15.69
C ASP H 204 -35.92 38.07 15.54
N GLY H 205 -37.08 37.60 15.95
CA GLY H 205 -37.46 36.20 15.90
C GLY H 205 -38.89 35.99 16.35
N ILE H 206 -39.30 34.70 16.46
CA ILE H 206 -40.68 34.34 16.77
C ILE H 206 -40.76 33.27 17.84
N MET H 207 -41.82 33.28 18.64
CA MET H 207 -42.12 32.19 19.54
C MET H 207 -43.48 31.61 19.12
N VAL H 208 -43.56 30.30 18.91
CA VAL H 208 -44.83 29.62 18.62
C VAL H 208 -45.42 29.36 20.00
N ALA H 209 -46.28 30.27 20.47
CA ALA H 209 -46.83 30.18 21.82
C ALA H 209 -48.07 29.31 21.75
N ARG H 210 -47.87 27.98 21.81
CA ARG H 210 -48.92 26.99 21.60
C ARG H 210 -50.04 26.94 22.62
N GLY H 211 -49.80 27.44 23.83
CA GLY H 211 -50.82 27.46 24.88
C GLY H 211 -52.04 28.28 24.46
N ASP H 212 -51.82 29.59 24.25
CA ASP H 212 -52.90 30.46 23.79
C ASP H 212 -53.30 30.14 22.35
N LEU H 213 -52.34 29.79 21.49
CA LEU H 213 -52.65 29.46 20.10
C LEU H 213 -53.67 28.30 20.01
N GLY H 214 -53.52 27.32 20.88
CA GLY H 214 -54.39 26.14 20.93
C GLY H 214 -55.79 26.40 21.48
N ILE H 215 -56.03 27.59 22.07
CA ILE H 215 -57.39 27.96 22.49
C ILE H 215 -57.97 29.07 21.53
N GLU H 216 -57.11 29.82 20.82
CA GLU H 216 -57.53 30.82 19.85
C GLU H 216 -57.89 30.21 18.50
N ILE H 217 -57.21 29.13 18.11
CA ILE H 217 -57.51 28.40 16.87
C ILE H 217 -57.81 26.93 17.27
N PRO H 218 -58.48 26.13 16.41
CA PRO H 218 -58.73 24.72 16.78
C PRO H 218 -57.43 23.99 17.14
N ALA H 219 -57.45 23.22 18.21
CA ALA H 219 -56.29 22.49 18.73
C ALA H 219 -55.61 21.63 17.65
N GLU H 220 -56.41 21.02 16.77
CA GLU H 220 -55.92 20.15 15.70
C GLU H 220 -55.22 20.91 14.58
N LYS H 221 -55.19 22.26 14.61
CA LYS H 221 -54.49 23.04 13.57
C LYS H 221 -53.15 23.62 14.08
N VAL H 222 -52.85 23.53 15.39
CA VAL H 222 -51.63 24.12 15.94
C VAL H 222 -50.36 23.62 15.27
N PHE H 223 -50.28 22.29 14.99
CA PHE H 223 -49.09 21.75 14.31
C PHE H 223 -48.83 22.40 12.94
N LEU H 224 -49.90 22.82 12.22
CA LEU H 224 -49.73 23.45 10.91
C LEU H 224 -49.10 24.85 11.10
N ALA H 225 -49.58 25.60 12.11
CA ALA H 225 -49.08 26.93 12.39
C ALA H 225 -47.62 26.81 12.86
N GLN H 226 -47.31 25.84 13.72
CA GLN H 226 -45.95 25.60 14.21
C GLN H 226 -44.99 25.29 13.05
N LYS H 227 -45.35 24.32 12.19
CA LYS H 227 -44.49 23.92 11.08
C LYS H 227 -44.30 25.04 10.05
N MET H 228 -45.36 25.83 9.80
CA MET H 228 -45.28 26.94 8.86
C MET H 228 -44.34 28.04 9.41
N MET H 229 -44.52 28.42 10.67
CA MET H 229 -43.73 29.49 11.26
C MET H 229 -42.29 29.10 11.40
N ILE H 230 -42.02 27.84 11.76
CA ILE H 230 -40.64 27.36 11.84
C ILE H 230 -39.97 27.41 10.46
N GLY H 231 -40.69 26.92 9.43
CA GLY H 231 -40.20 26.94 8.04
C GLY H 231 -39.89 28.34 7.57
N ARG H 232 -40.79 29.31 7.82
CA ARG H 232 -40.55 30.70 7.41
C ARG H 232 -39.42 31.36 8.16
N CYS H 233 -39.26 31.04 9.45
CA CYS H 233 -38.15 31.59 10.24
C CYS H 233 -36.83 31.01 9.75
N ASN H 234 -36.79 29.71 9.42
CA ASN H 234 -35.60 29.07 8.86
C ASN H 234 -35.23 29.73 7.52
N LEU H 235 -36.23 29.99 6.68
CA LEU H 235 -36.04 30.65 5.38
C LEU H 235 -35.47 32.10 5.58
N ALA H 236 -36.02 32.83 6.54
CA ALA H 236 -35.57 34.19 6.88
C ALA H 236 -34.25 34.25 7.66
N GLY H 237 -33.78 33.13 8.19
CA GLY H 237 -32.57 33.10 9.00
C GLY H 237 -32.75 33.79 10.34
N LYS H 238 -33.96 33.71 10.91
CA LYS H 238 -34.26 34.34 12.20
C LYS H 238 -34.67 33.29 13.22
N PRO H 239 -34.29 33.45 14.49
CA PRO H 239 -34.63 32.42 15.49
C PRO H 239 -36.11 32.15 15.72
N VAL H 240 -36.44 30.88 15.94
CA VAL H 240 -37.82 30.49 16.23
C VAL H 240 -37.81 29.57 17.45
N VAL H 241 -38.72 29.83 18.39
CA VAL H 241 -38.84 29.07 19.64
C VAL H 241 -40.12 28.24 19.61
N CYS H 242 -40.04 26.95 19.97
CA CYS H 242 -41.24 26.14 20.13
C CYS H 242 -41.53 26.13 21.64
N ALA H 243 -42.77 26.46 22.03
CA ALA H 243 -43.09 26.58 23.44
C ALA H 243 -44.38 25.90 23.86
N THR H 244 -44.48 25.56 25.18
CA THR H 244 -45.67 25.16 25.95
C THR H 244 -46.09 23.71 25.85
N GLN H 245 -46.17 23.07 27.03
CA GLN H 245 -46.60 21.71 27.29
C GLN H 245 -45.73 20.64 26.63
N MET H 246 -44.45 20.97 26.33
CA MET H 246 -43.55 20.03 25.67
C MET H 246 -43.28 18.82 26.55
N LEU H 247 -43.11 19.01 27.85
CA LEU H 247 -42.88 17.90 28.81
C LEU H 247 -43.82 18.10 30.03
N GLU H 248 -45.06 18.56 29.79
CA GLU H 248 -46.05 18.90 30.81
C GLU H 248 -46.18 17.91 31.98
N SER H 249 -46.26 16.61 31.69
CA SER H 249 -46.41 15.60 32.73
C SER H 249 -45.24 15.58 33.72
N MET H 250 -44.05 16.09 33.32
CA MET H 250 -42.89 16.16 34.24
C MET H 250 -43.04 17.23 35.32
N ILE H 251 -44.16 17.98 35.34
CA ILE H 251 -44.44 18.90 36.45
C ILE H 251 -44.64 18.05 37.74
N THR H 252 -45.24 16.85 37.59
CA THR H 252 -45.58 15.96 38.70
C THR H 252 -44.88 14.62 38.63
N LYS H 253 -44.49 14.18 37.43
CA LYS H 253 -43.88 12.85 37.25
C LYS H 253 -42.40 12.88 36.83
N PRO H 254 -41.64 11.86 37.30
CA PRO H 254 -40.20 11.80 36.99
C PRO H 254 -39.83 11.55 35.52
N ARG H 255 -40.75 10.95 34.76
CA ARG H 255 -40.52 10.62 33.36
C ARG H 255 -41.66 11.16 32.51
N PRO H 256 -41.35 11.61 31.28
CA PRO H 256 -42.42 12.15 30.43
C PRO H 256 -43.19 11.07 29.65
N THR H 257 -44.30 11.47 29.00
CA THR H 257 -45.07 10.53 28.21
C THR H 257 -44.41 10.32 26.85
N ARG H 258 -44.87 9.31 26.07
CA ARG H 258 -44.35 9.03 24.75
C ARG H 258 -44.67 10.15 23.76
N ALA H 259 -45.81 10.83 23.93
CA ALA H 259 -46.16 11.96 23.07
C ALA H 259 -45.24 13.16 23.36
N GLU H 260 -44.87 13.37 24.63
CA GLU H 260 -43.98 14.46 25.03
C GLU H 260 -42.57 14.34 24.49
N THR H 261 -41.96 13.15 24.53
CA THR H 261 -40.61 12.99 23.95
C THR H 261 -40.66 13.17 22.44
N SER H 262 -41.72 12.66 21.81
CA SER H 262 -41.92 12.80 20.39
C SER H 262 -42.07 14.28 20.01
N ASP H 263 -42.83 15.05 20.80
CA ASP H 263 -43.06 16.49 20.56
C ASP H 263 -41.73 17.27 20.59
N VAL H 264 -40.86 16.96 21.58
CA VAL H 264 -39.57 17.63 21.66
C VAL H 264 -38.72 17.27 20.43
N ALA H 265 -38.65 15.96 20.09
CA ALA H 265 -37.85 15.53 18.95
C ALA H 265 -38.36 16.13 17.64
N ASN H 266 -39.69 16.18 17.46
CA ASN H 266 -40.27 16.74 16.25
C ASN H 266 -40.12 18.27 16.15
N ALA H 267 -40.06 18.99 17.27
CA ALA H 267 -39.83 20.45 17.23
C ALA H 267 -38.40 20.71 16.69
N VAL H 268 -37.42 19.89 17.10
CA VAL H 268 -36.04 19.96 16.61
C VAL H 268 -35.99 19.58 15.12
N LEU H 269 -36.64 18.48 14.73
CA LEU H 269 -36.67 18.04 13.33
C LEU H 269 -37.43 19.04 12.45
N ASP H 270 -38.42 19.77 12.99
CA ASP H 270 -39.13 20.84 12.26
C ASP H 270 -38.16 21.98 11.89
N GLY H 271 -37.20 22.26 12.77
CA GLY H 271 -36.19 23.29 12.57
C GLY H 271 -36.14 24.35 13.66
N ALA H 272 -36.75 24.09 14.83
CA ALA H 272 -36.76 25.08 15.90
C ALA H 272 -35.36 25.37 16.42
N ASP H 273 -35.06 26.66 16.61
CA ASP H 273 -33.77 27.04 17.18
C ASP H 273 -33.76 26.76 18.67
N CYS H 274 -34.90 26.99 19.35
CA CYS H 274 -35.01 26.85 20.80
C CYS H 274 -36.24 26.04 21.15
N ILE H 275 -36.17 25.36 22.28
CA ILE H 275 -37.29 24.65 22.88
C ILE H 275 -37.47 25.22 24.30
N MET H 276 -38.70 25.16 24.83
CA MET H 276 -38.97 25.82 26.10
C MET H 276 -39.65 24.92 27.12
N LEU H 277 -39.43 25.25 28.37
CA LEU H 277 -40.05 24.66 29.54
C LEU H 277 -40.74 25.81 30.32
N SER H 278 -41.99 25.61 30.73
CA SER H 278 -42.74 26.61 31.49
C SER H 278 -42.97 26.08 32.92
N GLY H 279 -44.12 25.49 33.21
CA GLY H 279 -44.38 24.93 34.53
C GLY H 279 -43.37 23.87 34.94
N GLU H 280 -42.83 23.13 33.95
CA GLU H 280 -41.84 22.08 34.17
C GLU H 280 -40.64 22.57 34.97
N THR H 281 -40.19 23.82 34.76
CA THR H 281 -39.09 24.40 35.54
C THR H 281 -39.55 25.47 36.51
N ALA H 282 -40.67 26.15 36.22
CA ALA H 282 -41.12 27.23 37.11
C ALA H 282 -41.74 26.75 38.40
N LYS H 283 -42.55 25.69 38.37
CA LYS H 283 -43.25 25.26 39.57
C LYS H 283 -43.25 23.78 39.85
N GLY H 284 -42.78 22.96 38.93
CA GLY H 284 -42.85 21.51 39.11
C GLY H 284 -41.87 20.92 40.09
N ASN H 285 -41.95 19.61 40.27
CA ASN H 285 -41.06 18.90 41.19
C ASN H 285 -39.79 18.34 40.49
N PHE H 286 -39.68 18.50 39.15
CA PHE H 286 -38.52 17.97 38.44
C PHE H 286 -37.84 19.03 37.51
N PRO H 287 -37.53 20.25 37.98
CA PRO H 287 -36.96 21.25 37.07
C PRO H 287 -35.66 20.82 36.40
N VAL H 288 -34.71 20.26 37.17
CA VAL H 288 -33.43 19.85 36.64
C VAL H 288 -33.59 18.67 35.68
N GLU H 289 -34.43 17.68 36.05
CA GLU H 289 -34.67 16.52 35.21
C GLU H 289 -35.38 16.89 33.90
N ALA H 290 -36.24 17.93 33.93
CA ALA H 290 -36.93 18.37 32.71
C ALA H 290 -35.91 18.98 31.74
N VAL H 291 -34.93 19.72 32.26
CA VAL H 291 -33.86 20.31 31.43
C VAL H 291 -33.01 19.17 30.86
N LYS H 292 -32.64 18.20 31.71
CA LYS H 292 -31.85 17.05 31.26
C LYS H 292 -32.57 16.23 30.17
N MET H 293 -33.90 16.09 30.28
CA MET H 293 -34.69 15.34 29.28
C MET H 293 -34.73 16.08 27.94
N GLN H 294 -34.94 17.40 27.96
CA GLN H 294 -34.91 18.18 26.71
C GLN H 294 -33.53 18.11 26.08
N HIS H 295 -32.47 18.15 26.91
CA HIS H 295 -31.09 18.03 26.42
C HIS H 295 -30.87 16.68 25.71
N ALA H 296 -31.25 15.58 26.38
CA ALA H 296 -31.07 14.23 25.83
C ALA H 296 -31.83 14.03 24.52
N ILE H 297 -33.10 14.46 24.46
CA ILE H 297 -33.90 14.30 23.24
C ILE H 297 -33.34 15.15 22.10
N ALA H 298 -33.06 16.43 22.37
CA ALA H 298 -32.54 17.34 21.35
C ALA H 298 -31.26 16.81 20.71
N ARG H 299 -30.33 16.25 21.50
CA ARG H 299 -29.08 15.70 20.98
C ARG H 299 -29.38 14.55 20.00
N GLU H 300 -30.31 13.65 20.37
CA GLU H 300 -30.67 12.52 19.51
C GLU H 300 -31.31 13.04 18.21
N ALA H 301 -32.22 14.01 18.31
CA ALA H 301 -32.96 14.51 17.16
C ALA H 301 -32.08 15.31 16.22
N GLU H 302 -31.05 16.03 16.75
CA GLU H 302 -30.13 16.79 15.90
C GLU H 302 -29.28 15.87 15.03
N ALA H 303 -28.88 14.72 15.55
CA ALA H 303 -28.13 13.75 14.75
C ALA H 303 -29.01 13.12 13.65
N ALA H 304 -30.33 13.03 13.88
CA ALA H 304 -31.29 12.49 12.93
C ALA H 304 -31.74 13.48 11.84
N VAL H 305 -31.22 14.72 11.87
CA VAL H 305 -31.56 15.72 10.85
C VAL H 305 -30.95 15.27 9.50
N TYR H 306 -31.72 15.37 8.41
CA TYR H 306 -31.27 14.97 7.08
C TYR H 306 -30.60 16.17 6.42
N HIS H 307 -29.35 16.45 6.82
CA HIS H 307 -28.58 17.59 6.33
C HIS H 307 -28.44 17.65 4.83
N ARG H 308 -28.35 16.50 4.16
CA ARG H 308 -28.23 16.45 2.70
C ARG H 308 -29.32 17.25 1.99
N GLN H 309 -30.59 17.04 2.37
CA GLN H 309 -31.68 17.81 1.75
C GLN H 309 -31.87 19.17 2.39
N LEU H 310 -31.75 19.26 3.71
CA LEU H 310 -31.91 20.53 4.42
C LEU H 310 -30.92 21.60 3.91
N PHE H 311 -29.62 21.28 3.82
CA PHE H 311 -28.61 22.24 3.35
C PHE H 311 -28.88 22.63 1.91
N GLU H 312 -29.23 21.66 1.05
CA GLU H 312 -29.56 21.90 -0.36
C GLU H 312 -30.74 22.86 -0.49
N GLU H 313 -31.79 22.67 0.32
CA GLU H 313 -32.96 23.54 0.27
C GLU H 313 -32.70 24.92 0.87
N LEU H 314 -31.93 25.02 1.96
CA LEU H 314 -31.59 26.31 2.55
C LEU H 314 -30.75 27.11 1.57
N ARG H 315 -29.77 26.45 0.86
CA ARG H 315 -28.95 27.22 -0.08
C ARG H 315 -29.73 27.58 -1.34
N ARG H 316 -30.63 26.71 -1.80
CA ARG H 316 -31.47 27.02 -2.98
C ARG H 316 -32.49 28.12 -2.68
N ALA H 317 -33.06 28.14 -1.48
CA ALA H 317 -34.06 29.15 -1.11
C ALA H 317 -33.46 30.49 -0.74
N ALA H 318 -32.24 30.50 -0.17
CA ALA H 318 -31.59 31.75 0.22
C ALA H 318 -31.25 32.54 -1.04
N PRO H 319 -31.67 33.81 -1.10
CA PRO H 319 -31.38 34.62 -2.31
C PRO H 319 -29.88 34.91 -2.46
N LEU H 320 -29.48 35.38 -3.65
CA LEU H 320 -28.11 35.82 -3.89
C LEU H 320 -27.79 36.99 -2.95
N SER H 321 -26.56 37.08 -2.47
CA SER H 321 -26.21 38.15 -1.57
C SER H 321 -24.89 38.76 -1.92
N ARG H 322 -24.80 40.06 -1.76
CA ARG H 322 -23.57 40.79 -1.94
C ARG H 322 -22.94 41.19 -0.58
N ASP H 323 -23.49 40.69 0.54
CA ASP H 323 -22.96 40.99 1.86
C ASP H 323 -21.83 39.99 2.14
N PRO H 324 -20.62 40.47 2.37
CA PRO H 324 -19.49 39.54 2.59
C PRO H 324 -19.63 38.60 3.79
N THR H 325 -20.37 39.01 4.83
CA THR H 325 -20.59 38.13 5.99
C THR H 325 -21.42 36.93 5.55
N GLU H 326 -22.47 37.18 4.78
CA GLU H 326 -23.39 36.16 4.24
C GLU H 326 -22.63 35.21 3.28
N VAL H 327 -21.77 35.78 2.40
CA VAL H 327 -21.00 35.01 1.44
C VAL H 327 -19.95 34.14 2.15
N THR H 328 -19.26 34.70 3.17
CA THR H 328 -18.28 33.93 3.94
C THR H 328 -18.98 32.81 4.70
N ALA H 329 -20.16 33.08 5.28
CA ALA H 329 -20.91 32.09 6.03
C ALA H 329 -21.27 30.83 5.19
N ILE H 330 -21.78 30.99 3.98
CA ILE H 330 -22.12 29.83 3.15
C ILE H 330 -20.85 29.08 2.72
N GLY H 331 -19.77 29.80 2.45
CA GLY H 331 -18.52 29.19 2.09
C GLY H 331 -17.94 28.37 3.24
N ALA H 332 -18.06 28.90 4.48
CA ALA H 332 -17.57 28.23 5.67
C ALA H 332 -18.38 26.99 5.99
N VAL H 333 -19.71 27.04 5.83
CA VAL H 333 -20.57 25.86 6.10
C VAL H 333 -20.31 24.77 5.05
N GLU H 334 -20.12 25.15 3.78
CA GLU H 334 -19.78 24.20 2.72
C GLU H 334 -18.42 23.55 3.02
N ALA H 335 -17.43 24.35 3.43
CA ALA H 335 -16.11 23.83 3.80
C ALA H 335 -16.21 22.88 5.00
N ALA H 336 -17.01 23.22 6.02
CA ALA H 336 -17.19 22.38 7.19
C ALA H 336 -17.76 20.99 6.82
N PHE H 337 -18.76 20.95 5.93
CA PHE H 337 -19.35 19.68 5.51
C PHE H 337 -18.33 18.85 4.70
N LYS H 338 -17.49 19.50 3.88
CA LYS H 338 -16.51 18.82 3.04
C LYS H 338 -15.50 18.01 3.84
N CYS H 339 -15.05 18.55 4.98
CA CYS H 339 -14.02 17.92 5.77
C CYS H 339 -14.51 17.31 7.06
N CYS H 340 -15.84 17.30 7.33
CA CYS H 340 -16.41 16.83 8.61
C CYS H 340 -15.77 17.62 9.76
N ALA H 341 -15.67 18.96 9.60
CA ALA H 341 -15.06 19.81 10.61
C ALA H 341 -15.75 19.62 11.97
N ALA H 342 -14.97 19.56 13.05
CA ALA H 342 -15.53 19.44 14.38
C ALA H 342 -16.25 20.75 14.80
N ALA H 343 -15.78 21.91 14.27
CA ALA H 343 -16.36 23.19 14.64
C ALA H 343 -16.04 24.29 13.60
N ILE H 344 -16.83 25.37 13.64
CA ILE H 344 -16.58 26.61 12.93
C ILE H 344 -16.36 27.63 14.06
N ILE H 345 -15.15 28.15 14.20
CA ILE H 345 -14.87 29.14 15.23
C ILE H 345 -15.04 30.51 14.59
N VAL H 346 -15.90 31.36 15.13
CA VAL H 346 -16.18 32.66 14.55
C VAL H 346 -16.01 33.77 15.58
N LEU H 347 -15.39 34.88 15.17
CA LEU H 347 -15.26 36.03 16.03
C LEU H 347 -16.47 36.92 15.70
N THR H 348 -17.14 37.43 16.73
CA THR H 348 -18.32 38.25 16.53
C THR H 348 -18.48 39.29 17.63
N THR H 349 -18.90 40.50 17.23
CA THR H 349 -19.11 41.59 18.17
C THR H 349 -20.59 41.63 18.57
N THR H 350 -21.50 41.53 17.59
CA THR H 350 -22.93 41.61 17.83
C THR H 350 -23.63 40.24 17.83
N GLY H 351 -22.95 39.20 17.37
CA GLY H 351 -23.53 37.87 17.20
C GLY H 351 -23.94 37.59 15.75
N ARG H 352 -24.01 38.64 14.90
CA ARG H 352 -24.49 38.49 13.52
C ARG H 352 -23.70 37.48 12.65
N SER H 353 -22.35 37.46 12.71
CA SER H 353 -21.59 36.49 11.88
C SER H 353 -21.93 35.04 12.29
N ALA H 354 -22.19 34.81 13.59
CA ALA H 354 -22.56 33.46 14.06
C ALA H 354 -23.99 33.11 13.60
N GLN H 355 -24.91 34.09 13.61
CA GLN H 355 -26.30 33.88 13.18
C GLN H 355 -26.36 33.48 11.70
N LEU H 356 -25.53 34.12 10.86
CA LEU H 356 -25.50 33.79 9.44
C LEU H 356 -24.90 32.42 9.17
N LEU H 357 -24.03 31.91 10.05
CA LEU H 357 -23.51 30.55 9.93
C LEU H 357 -24.62 29.57 10.31
N SER H 358 -25.29 29.84 11.43
CA SER H 358 -26.38 29.05 12.00
C SER H 358 -27.56 28.84 11.03
N ARG H 359 -27.87 29.83 10.21
CA ARG H 359 -28.99 29.74 9.27
C ARG H 359 -28.83 28.60 8.22
N TYR H 360 -27.59 28.18 7.94
CA TYR H 360 -27.35 27.08 7.01
C TYR H 360 -27.34 25.71 7.66
N ARG H 361 -27.59 25.66 8.98
CA ARG H 361 -27.66 24.44 9.77
C ARG H 361 -26.45 23.52 9.57
N PRO H 362 -25.23 24.00 9.83
CA PRO H 362 -24.07 23.10 9.74
C PRO H 362 -24.16 22.02 10.81
N ARG H 363 -23.54 20.87 10.53
CA ARG H 363 -23.41 19.82 11.54
C ARG H 363 -22.31 20.26 12.54
N ALA H 364 -21.27 20.97 12.07
CA ALA H 364 -20.19 21.45 12.93
C ALA H 364 -20.75 22.47 13.93
N ALA H 365 -20.29 22.42 15.17
CA ALA H 365 -20.68 23.39 16.20
C ALA H 365 -20.14 24.78 15.80
N VAL H 366 -20.90 25.84 16.02
CA VAL H 366 -20.42 27.20 15.73
C VAL H 366 -19.97 27.80 17.06
N ILE H 367 -18.66 27.85 17.30
CA ILE H 367 -18.10 28.37 18.53
C ILE H 367 -17.88 29.86 18.33
N ALA H 368 -18.68 30.69 18.98
CA ALA H 368 -18.63 32.12 18.77
C ALA H 368 -17.87 32.81 19.89
N VAL H 369 -16.75 33.46 19.56
CA VAL H 369 -15.93 34.13 20.55
C VAL H 369 -16.26 35.61 20.51
N THR H 370 -16.69 36.17 21.63
CA THR H 370 -17.07 37.57 21.70
C THR H 370 -16.65 38.23 22.98
N ARG H 371 -16.43 39.56 22.95
CA ARG H 371 -16.17 40.35 24.16
C ARG H 371 -17.46 40.92 24.74
N SER H 372 -18.55 40.93 23.95
CA SER H 372 -19.81 41.47 24.42
C SER H 372 -20.53 40.41 25.24
N ALA H 373 -20.70 40.67 26.55
CA ALA H 373 -21.40 39.74 27.43
C ALA H 373 -22.87 39.59 26.95
N GLN H 374 -23.49 40.69 26.48
CA GLN H 374 -24.86 40.63 25.98
C GLN H 374 -24.98 39.80 24.68
N ALA H 375 -24.06 39.97 23.71
CA ALA H 375 -24.09 39.17 22.49
C ALA H 375 -23.89 37.70 22.81
N ALA H 376 -23.02 37.38 23.76
CA ALA H 376 -22.78 36.00 24.18
C ALA H 376 -24.07 35.37 24.72
N ARG H 377 -24.87 36.12 25.48
CA ARG H 377 -26.14 35.62 25.99
C ARG H 377 -27.18 35.49 24.86
N GLN H 378 -27.29 36.52 24.00
CA GLN H 378 -28.28 36.54 22.92
C GLN H 378 -28.09 35.49 21.83
N VAL H 379 -26.85 35.10 21.51
CA VAL H 379 -26.64 34.12 20.44
C VAL H 379 -27.18 32.72 20.75
N HIS H 380 -27.57 32.46 22.02
CA HIS H 380 -28.23 31.21 22.38
C HIS H 380 -29.56 31.07 21.60
N LEU H 381 -30.13 32.18 21.07
CA LEU H 381 -31.35 32.11 20.27
C LEU H 381 -31.11 31.38 18.94
N CYS H 382 -29.85 31.32 18.45
CA CYS H 382 -29.51 30.70 17.16
C CYS H 382 -29.00 29.29 17.32
N ARG H 383 -29.66 28.31 16.68
CA ARG H 383 -29.26 26.92 16.80
C ARG H 383 -27.80 26.66 16.45
N GLY H 384 -27.13 25.91 17.28
CA GLY H 384 -25.76 25.49 17.01
C GLY H 384 -24.70 26.49 17.33
N VAL H 385 -25.05 27.60 17.99
CA VAL H 385 -24.07 28.60 18.39
C VAL H 385 -23.72 28.42 19.86
N PHE H 386 -22.44 28.20 20.14
CA PHE H 386 -21.90 28.00 21.49
C PHE H 386 -21.05 29.23 21.83
N PRO H 387 -21.61 30.15 22.63
CA PRO H 387 -20.90 31.40 22.91
C PRO H 387 -19.80 31.27 23.95
N LEU H 388 -18.67 31.93 23.69
CA LEU H 388 -17.56 31.98 24.62
C LEU H 388 -17.29 33.45 24.89
N LEU H 389 -17.34 33.84 26.16
CA LEU H 389 -17.09 35.23 26.53
C LEU H 389 -15.58 35.42 26.78
N TYR H 390 -14.93 36.24 25.96
CA TYR H 390 -13.51 36.55 26.08
C TYR H 390 -13.35 37.77 26.95
N ARG H 391 -12.54 37.71 28.01
CA ARG H 391 -12.47 38.82 28.96
C ARG H 391 -11.18 39.65 28.92
N GLU H 392 -10.15 39.18 28.20
CA GLU H 392 -8.87 39.89 28.13
C GLU H 392 -8.96 41.20 27.39
N PRO H 393 -8.25 42.25 27.87
CA PRO H 393 -8.27 43.53 27.12
C PRO H 393 -7.56 43.35 25.75
N PRO H 394 -7.93 44.13 24.71
CA PRO H 394 -7.29 43.94 23.40
C PRO H 394 -5.78 44.10 23.39
N GLU H 395 -5.09 43.23 22.65
CA GLU H 395 -3.66 43.26 22.40
C GLU H 395 -3.34 44.53 21.56
N ALA H 396 -2.09 44.98 21.61
CA ALA H 396 -1.65 46.16 20.84
C ALA H 396 -1.68 45.88 19.32
N ILE H 397 -1.29 44.67 18.91
CA ILE H 397 -1.33 44.29 17.50
C ILE H 397 -2.67 43.57 17.24
N TRP H 398 -3.50 44.13 16.36
CA TRP H 398 -4.83 43.57 16.10
C TRP H 398 -4.80 42.12 15.60
N ALA H 399 -3.88 41.77 14.69
CA ALA H 399 -3.75 40.39 14.23
C ALA H 399 -3.45 39.42 15.40
N ASP H 400 -2.68 39.86 16.41
CA ASP H 400 -2.40 39.05 17.59
C ASP H 400 -3.67 38.93 18.46
N ASP H 401 -4.43 40.03 18.63
CA ASP H 401 -5.69 39.99 19.39
C ASP H 401 -6.68 38.98 18.72
N VAL H 402 -6.74 38.97 17.40
CA VAL H 402 -7.57 38.03 16.66
C VAL H 402 -7.10 36.58 16.96
N ASP H 403 -5.78 36.28 16.77
CA ASP H 403 -5.21 34.96 17.03
C ASP H 403 -5.44 34.48 18.47
N ARG H 404 -5.32 35.38 19.47
CA ARG H 404 -5.54 34.98 20.87
C ARG H 404 -6.97 34.53 21.10
N ARG H 405 -7.93 35.19 20.45
CA ARG H 405 -9.33 34.82 20.58
C ARG H 405 -9.62 33.49 19.90
N VAL H 406 -8.99 33.23 18.75
CA VAL H 406 -9.12 31.97 18.03
C VAL H 406 -8.56 30.84 18.91
N GLN H 407 -7.39 31.06 19.54
CA GLN H 407 -6.78 30.08 20.43
C GLN H 407 -7.64 29.85 21.68
N PHE H 408 -8.29 30.89 22.17
CA PHE H 408 -9.21 30.78 23.29
C PHE H 408 -10.42 29.86 22.91
N GLY H 409 -10.90 29.98 21.66
CA GLY H 409 -11.97 29.14 21.15
C GLY H 409 -11.53 27.69 21.07
N ILE H 410 -10.30 27.46 20.60
CA ILE H 410 -9.72 26.12 20.51
C ILE H 410 -9.51 25.47 21.89
N GLU H 411 -8.92 26.19 22.83
CA GLU H 411 -8.67 25.68 24.17
C GLU H 411 -9.96 25.42 24.94
N SER H 412 -10.99 26.29 24.76
CA SER H 412 -12.31 26.06 25.36
C SER H 412 -12.95 24.82 24.73
N GLY H 413 -12.84 24.69 23.41
CA GLY H 413 -13.36 23.56 22.66
C GLY H 413 -12.74 22.24 23.08
N LYS H 414 -11.43 22.23 23.35
CA LYS H 414 -10.74 21.03 23.81
C LYS H 414 -11.22 20.65 25.20
N LEU H 415 -11.28 21.61 26.13
CA LEU H 415 -11.72 21.38 27.49
C LEU H 415 -13.15 20.85 27.53
N ARG H 416 -14.05 21.41 26.69
CA ARG H 416 -15.46 21.02 26.70
C ARG H 416 -15.78 19.76 25.89
N GLY H 417 -14.80 19.20 25.18
CA GLY H 417 -15.01 17.99 24.39
C GLY H 417 -15.43 18.22 22.95
N PHE H 418 -15.49 19.47 22.48
CA PHE H 418 -15.84 19.75 21.07
C PHE H 418 -14.71 19.37 20.14
N LEU H 419 -13.46 19.53 20.58
CA LEU H 419 -12.30 19.38 19.72
C LEU H 419 -11.25 18.51 20.33
N ARG H 420 -10.49 17.88 19.46
CA ARG H 420 -9.36 17.04 19.82
C ARG H 420 -8.25 17.31 18.82
N VAL H 421 -7.00 17.00 19.20
CA VAL H 421 -5.84 17.10 18.31
C VAL H 421 -6.10 16.23 17.07
N GLY H 422 -5.85 16.79 15.89
CA GLY H 422 -6.11 16.08 14.65
C GLY H 422 -7.39 16.51 13.96
N ASP H 423 -8.31 17.16 14.70
CA ASP H 423 -9.55 17.65 14.10
C ASP H 423 -9.27 18.81 13.14
N LEU H 424 -10.18 19.03 12.20
CA LEU H 424 -10.11 20.21 11.34
C LEU H 424 -11.19 21.17 11.83
N VAL H 425 -10.89 22.46 11.83
CA VAL H 425 -11.85 23.50 12.17
C VAL H 425 -11.84 24.54 11.06
N ILE H 426 -12.96 25.23 10.89
CA ILE H 426 -13.07 26.33 9.96
C ILE H 426 -13.05 27.58 10.85
N VAL H 427 -12.20 28.57 10.56
CA VAL H 427 -12.11 29.79 11.37
C VAL H 427 -12.61 30.97 10.53
N VAL H 428 -13.61 31.71 11.07
CA VAL H 428 -14.26 32.83 10.40
C VAL H 428 -13.93 34.15 11.11
N THR H 429 -13.25 35.05 10.38
CA THR H 429 -12.84 36.36 10.91
C THR H 429 -13.14 37.48 9.84
N GLY H 430 -12.77 38.74 10.16
CA GLY H 430 -12.91 39.87 9.27
C GLY H 430 -11.58 40.54 8.95
N TRP H 431 -11.61 41.54 8.09
CA TRP H 431 -10.41 42.23 7.62
C TRP H 431 -10.03 43.46 8.45
N ARG H 432 -10.94 43.97 9.31
CA ARG H 432 -10.61 45.11 10.18
C ARG H 432 -11.38 44.99 11.50
N PRO H 433 -10.99 45.74 12.55
CA PRO H 433 -11.79 45.72 13.79
C PRO H 433 -13.18 46.33 13.61
N GLY H 434 -14.09 46.00 14.51
CA GLY H 434 -15.45 46.50 14.45
C GLY H 434 -16.38 45.53 13.77
N SER H 435 -17.65 45.59 14.15
CA SER H 435 -18.74 44.78 13.60
C SER H 435 -19.00 45.06 12.10
N GLY H 436 -19.44 44.04 11.35
CA GLY H 436 -19.84 44.15 9.95
C GLY H 436 -18.78 43.87 8.89
N TYR H 437 -17.56 43.48 9.28
CA TYR H 437 -16.49 43.26 8.30
C TYR H 437 -16.00 41.82 8.18
N THR H 438 -16.81 40.83 8.58
CA THR H 438 -16.44 39.42 8.39
C THR H 438 -16.30 39.13 6.90
N ASN H 439 -15.17 38.52 6.49
CA ASN H 439 -14.97 38.22 5.09
C ASN H 439 -13.96 37.10 4.84
N ILE H 440 -13.48 36.42 5.89
CA ILE H 440 -12.44 35.41 5.73
C ILE H 440 -12.80 34.10 6.39
N MET H 441 -12.56 33.00 5.67
CA MET H 441 -12.67 31.68 6.24
C MET H 441 -11.32 30.93 6.02
N ARG H 442 -10.83 30.23 7.05
CA ARG H 442 -9.58 29.48 7.00
CA ARG H 442 -9.61 29.46 6.92
C ARG H 442 -9.77 28.05 7.48
N VAL H 443 -9.06 27.10 6.90
CA VAL H 443 -9.10 25.70 7.32
C VAL H 443 -7.89 25.45 8.21
N LEU H 444 -8.12 25.07 9.47
CA LEU H 444 -7.07 24.90 10.46
C LEU H 444 -7.05 23.49 11.05
N SER H 445 -5.86 22.94 11.25
CA SER H 445 -5.71 21.63 11.86
C SER H 445 -5.46 21.86 13.35
N ILE H 446 -6.17 21.15 14.23
CA ILE H 446 -5.99 21.30 15.67
C ILE H 446 -4.72 20.58 16.14
N SER H 447 -3.81 21.31 16.80
CA SER H 447 -2.57 20.74 17.32
C SER H 447 -2.55 20.75 18.88
#